data_3GZT
#
_entry.id   3GZT
#
_cell.length_a   1.000
_cell.length_b   1.000
_cell.length_c   1.000
_cell.angle_alpha   90.00
_cell.angle_beta   90.01
_cell.angle_gamma   90.00
#
_symmetry.space_group_name_H-M   'P 1'
#
loop_
_entity.id
_entity.type
_entity.pdbx_description
1 polymer 'Outer capsid glycoprotein VP7'
2 branched 2-acetamido-2-deoxy-beta-D-glucopyranose-(1-4)-2-acetamido-2-deoxy-beta-D-glucopyranose
3 non-polymer 'CALCIUM ION'
#
_entity_poly.entity_id   1
_entity_poly.type   'polypeptide(L)'
_entity_poly.pdbx_seq_one_letter_code
;PITGSMDTAYANSTQEETFLTSTLCLYYPTEAATEINDNSWKDTLSQLFLTKGWPTGSVYFKEYTDIASFSVDPQLYCDY
NVVLMKYDATLQLDMSELADLILNEWLCNPMDITLYYYQQTDEANKWISMGSSCTIKVCPLNTQTLGIGCLTTDTATFEE
VATAEKLVITDVVDGVNHKLDVTTATCTIRNCKKLGPRENVAVIQVGGSDVLDITADPTTAPQTERMMRINWKKWWQVFY
TVVDYVNQIIQAMSK
;
_entity_poly.pdbx_strand_id   B,F,G,H,I,J,K,L,M,N,O,P,Q
#
# COMPACT_ATOMS: atom_id res chain seq x y z
N PRO A 1 -53.89 -38.18 93.19
CA PRO A 1 -54.03 -38.65 91.81
C PRO A 1 -54.65 -37.60 90.90
N ILE A 2 -53.49 -38.04 90.01
CA ILE A 2 -53.89 -37.42 88.72
C ILE A 2 -54.30 -38.49 87.71
N THR A 3 -55.24 -38.11 86.86
CA THR A 3 -55.57 -38.83 85.62
C THR A 3 -54.30 -38.99 84.78
N GLY A 4 -54.14 -40.17 84.18
CA GLY A 4 -52.89 -40.50 83.49
C GLY A 4 -52.94 -40.38 81.96
N SER A 5 -54.07 -39.88 81.41
CA SER A 5 -54.17 -39.82 79.95
C SER A 5 -53.10 -38.90 79.38
N MET A 6 -52.45 -39.53 78.18
CA MET A 6 -51.33 -38.98 77.40
C MET A 6 -51.86 -38.07 76.32
N ASP A 7 -52.23 -36.89 76.79
CA ASP A 7 -52.79 -35.88 75.86
C ASP A 7 -51.75 -35.32 74.90
N THR A 8 -50.59 -35.46 75.52
CA THR A 8 -49.32 -35.24 74.94
C THR A 8 -49.10 -33.83 74.59
N ALA A 9 -49.54 -32.92 75.40
CA ALA A 9 -49.37 -31.54 75.03
C ALA A 9 -48.44 -30.76 75.94
N TYR A 10 -47.17 -30.79 75.63
CA TYR A 10 -46.36 -30.00 76.51
C TYR A 10 -46.65 -28.51 76.35
N ALA A 11 -46.86 -27.85 77.52
CA ALA A 11 -47.09 -26.41 77.60
C ALA A 11 -45.74 -25.74 77.61
N ASN A 12 -45.36 -25.34 76.40
CA ASN A 12 -44.09 -24.71 76.08
C ASN A 12 -43.43 -23.86 77.14
N SER A 13 -42.11 -23.68 76.96
CA SER A 13 -41.27 -22.89 77.83
C SER A 13 -41.01 -23.48 79.20
N THR A 14 -41.47 -22.73 80.21
CA THR A 14 -41.32 -23.08 81.61
C THR A 14 -40.41 -22.00 82.19
N GLN A 15 -39.33 -21.69 81.47
CA GLN A 15 -38.39 -20.66 81.97
C GLN A 15 -39.01 -19.27 81.94
N GLU A 16 -40.14 -19.12 81.17
CA GLU A 16 -40.74 -17.77 81.02
C GLU A 16 -41.76 -17.47 82.07
N GLU A 17 -41.92 -18.32 83.06
CA GLU A 17 -42.76 -18.07 84.21
C GLU A 17 -41.85 -17.80 85.38
N THR A 18 -40.72 -18.49 85.37
CA THR A 18 -39.74 -18.35 86.43
C THR A 18 -38.99 -17.02 86.31
N PHE A 19 -38.76 -16.59 85.08
CA PHE A 19 -38.14 -15.27 84.91
C PHE A 19 -39.03 -14.16 85.46
N LEU A 20 -40.31 -14.31 85.21
CA LEU A 20 -41.24 -13.26 85.68
C LEU A 20 -41.52 -13.34 87.18
N THR A 21 -41.83 -14.53 87.64
CA THR A 21 -42.30 -14.62 89.03
C THR A 21 -41.31 -15.04 90.09
N SER A 22 -40.14 -15.57 89.77
CA SER A 22 -39.25 -16.01 90.87
C SER A 22 -38.03 -15.11 91.21
N THR A 23 -37.41 -15.29 92.44
CA THR A 23 -36.20 -14.58 92.95
C THR A 23 -35.03 -15.57 93.01
N LEU A 24 -33.84 -15.05 92.71
CA LEU A 24 -32.61 -15.84 92.71
C LEU A 24 -31.65 -15.23 93.74
N CYS A 25 -31.20 -16.05 94.68
CA CYS A 25 -30.29 -15.62 95.76
C CYS A 25 -28.97 -16.35 95.64
N LEU A 26 -27.89 -15.58 95.43
CA LEU A 26 -26.54 -16.12 95.29
C LEU A 26 -25.75 -16.03 96.57
N TYR A 27 -25.28 -17.16 97.07
CA TYR A 27 -24.50 -17.16 98.29
C TYR A 27 -23.04 -17.42 97.94
N TYR A 28 -22.19 -16.59 98.43
CA TYR A 28 -20.77 -16.76 98.20
C TYR A 28 -20.06 -16.44 99.50
N PRO A 29 -18.78 -16.79 99.59
CA PRO A 29 -17.89 -16.49 100.71
C PRO A 29 -17.27 -15.12 100.54
N THR A 30 -16.77 -14.54 101.63
CA THR A 30 -16.15 -13.22 101.56
C THR A 30 -15.01 -13.25 100.56
N GLU A 31 -14.06 -14.15 100.75
CA GLU A 31 -12.93 -14.22 99.84
C GLU A 31 -13.32 -14.03 98.38
N ALA A 32 -14.48 -14.57 98.00
CA ALA A 32 -14.97 -14.47 96.63
C ALA A 32 -15.11 -13.01 96.21
N ALA A 33 -15.86 -12.25 97.01
CA ALA A 33 -16.07 -10.85 96.71
C ALA A 33 -14.79 -10.05 96.86
N THR A 34 -13.99 -10.31 97.89
CA THR A 34 -12.74 -9.57 98.08
C THR A 34 -11.84 -9.65 96.84
N GLU A 35 -11.79 -10.82 96.21
CA GLU A 35 -10.96 -10.99 95.04
C GLU A 35 -11.46 -10.20 93.85
N ILE A 36 -12.75 -9.86 93.88
CA ILE A 36 -13.35 -9.14 92.78
C ILE A 36 -13.04 -7.64 92.75
N ASN A 37 -12.89 -7.10 93.96
CA ASN A 37 -12.43 -5.78 94.29
C ASN A 37 -13.13 -4.56 93.66
N ASP A 38 -14.41 -4.71 93.38
CA ASP A 38 -15.17 -3.64 92.74
C ASP A 38 -16.35 -3.26 93.65
N ASN A 39 -16.70 -1.99 93.66
CA ASN A 39 -17.80 -1.49 94.45
C ASN A 39 -19.08 -1.73 93.66
N SER A 40 -18.96 -2.09 92.40
CA SER A 40 -20.16 -2.29 91.60
C SER A 40 -20.33 -3.67 91.01
N TRP A 41 -19.64 -4.65 91.55
CA TRP A 41 -19.73 -5.98 90.98
C TRP A 41 -21.14 -6.54 91.09
N LYS A 42 -21.79 -6.34 92.23
CA LYS A 42 -23.14 -6.84 92.38
C LYS A 42 -24.02 -6.21 91.30
N ASP A 43 -23.79 -4.93 91.03
CA ASP A 43 -24.55 -4.20 90.02
C ASP A 43 -24.28 -4.67 88.58
N THR A 44 -23.00 -4.74 88.20
CA THR A 44 -22.63 -5.18 86.86
C THR A 44 -23.27 -6.55 86.57
N LEU A 45 -23.08 -7.49 87.48
CA LEU A 45 -23.66 -8.82 87.29
C LEU A 45 -25.17 -8.79 87.12
N SER A 46 -25.81 -7.84 87.78
CA SER A 46 -27.27 -7.71 87.72
C SER A 46 -27.78 -7.31 86.34
N GLN A 47 -27.03 -6.41 85.68
CA GLN A 47 -27.40 -6.00 84.34
C GLN A 47 -27.16 -7.21 83.45
N LEU A 48 -26.08 -7.93 83.73
CA LEU A 48 -25.77 -9.11 82.96
C LEU A 48 -26.87 -10.16 83.15
N PHE A 49 -27.52 -10.12 84.31
CA PHE A 49 -28.58 -11.07 84.60
C PHE A 49 -29.85 -10.77 83.80
N LEU A 50 -29.98 -9.55 83.29
CA LEU A 50 -31.16 -9.23 82.49
C LEU A 50 -31.07 -10.03 81.21
N THR A 51 -29.84 -10.21 80.72
CA THR A 51 -29.59 -10.99 79.50
C THR A 51 -30.21 -12.37 79.60
N LYS A 52 -29.87 -13.07 80.67
CA LYS A 52 -30.40 -14.40 80.92
C LYS A 52 -31.88 -14.37 81.27
N GLY A 53 -32.43 -13.16 81.38
CA GLY A 53 -33.85 -13.01 81.65
C GLY A 53 -34.39 -12.78 83.05
N TRP A 54 -33.65 -12.10 83.91
CA TRP A 54 -34.11 -11.83 85.27
C TRP A 54 -34.19 -10.33 85.49
N PRO A 55 -35.42 -9.81 85.62
CA PRO A 55 -35.71 -8.39 85.82
C PRO A 55 -34.88 -7.79 86.93
N THR A 56 -34.52 -6.53 86.79
CA THR A 56 -33.69 -5.84 87.76
C THR A 56 -33.86 -6.23 89.23
N GLY A 57 -35.01 -5.92 89.83
CA GLY A 57 -35.19 -6.24 91.25
C GLY A 57 -35.23 -7.72 91.67
N SER A 58 -34.95 -8.59 90.71
CA SER A 58 -34.99 -10.03 90.92
C SER A 58 -33.88 -10.75 91.67
N VAL A 59 -32.62 -10.49 91.32
CA VAL A 59 -31.49 -11.19 91.95
C VAL A 59 -30.85 -10.57 93.18
N TYR A 60 -30.65 -11.36 94.24
CA TYR A 60 -30.02 -10.90 95.50
C TYR A 60 -28.66 -11.56 95.79
N PHE A 61 -27.73 -10.79 96.36
CA PHE A 61 -26.38 -11.29 96.67
C PHE A 61 -26.07 -11.35 98.18
N LYS A 62 -26.13 -12.61 98.83
CA LYS A 62 -25.85 -12.82 100.29
C LYS A 62 -24.41 -13.39 100.46
N GLU A 63 -23.67 -12.72 101.35
CA GLU A 63 -22.26 -12.95 101.74
C GLU A 63 -22.01 -13.81 103.00
N TYR A 64 -21.73 -15.11 102.88
CA TYR A 64 -21.48 -15.82 104.13
C TYR A 64 -20.02 -15.66 104.50
N THR A 65 -19.40 -15.36 105.51
CA THR A 65 -17.92 -15.29 105.43
C THR A 65 -17.23 -16.60 105.72
N ASP A 66 -17.95 -17.60 106.16
CA ASP A 66 -17.32 -18.88 106.39
C ASP A 66 -18.34 -20.00 106.20
N ILE A 67 -17.86 -21.19 105.94
CA ILE A 67 -18.80 -22.31 105.88
C ILE A 67 -19.44 -22.59 107.23
N ALA A 68 -18.77 -22.33 108.33
CA ALA A 68 -19.31 -22.58 109.67
C ALA A 68 -20.43 -21.63 110.02
N SER A 69 -20.19 -20.25 109.72
CA SER A 69 -21.29 -19.33 110.06
C SER A 69 -22.49 -19.54 109.15
N PHE A 70 -22.23 -19.66 107.86
CA PHE A 70 -23.26 -19.88 106.86
C PHE A 70 -24.09 -21.11 107.23
N SER A 71 -23.41 -22.16 107.67
CA SER A 71 -24.06 -23.40 108.05
C SER A 71 -25.10 -23.20 109.15
N VAL A 72 -24.83 -22.26 110.04
CA VAL A 72 -25.74 -21.98 111.15
C VAL A 72 -27.01 -21.24 110.71
N ASP A 73 -26.55 -19.81 110.31
CA ASP A 73 -27.35 -18.62 110.08
C ASP A 73 -28.05 -18.52 108.73
N PRO A 74 -27.72 -19.47 107.85
CA PRO A 74 -28.29 -19.84 106.53
C PRO A 74 -29.81 -20.00 106.42
N GLN A 75 -30.54 -18.98 106.78
CA GLN A 75 -31.93 -18.89 106.35
C GLN A 75 -32.01 -18.35 104.92
N LEU A 76 -32.34 -19.22 104.17
CA LEU A 76 -32.47 -19.08 102.69
C LEU A 76 -33.50 -18.04 102.40
N TYR A 77 -33.12 -16.96 101.78
CA TYR A 77 -34.05 -15.84 101.57
C TYR A 77 -34.93 -15.91 100.32
N CYS A 78 -34.40 -16.39 99.22
CA CYS A 78 -35.13 -16.35 98.00
C CYS A 78 -35.65 -17.68 97.57
N ASP A 79 -36.54 -17.61 96.57
CA ASP A 79 -37.23 -18.73 95.89
C ASP A 79 -36.19 -19.77 95.48
N TYR A 80 -35.16 -19.28 94.75
CA TYR A 80 -34.06 -20.14 94.27
C TYR A 80 -32.76 -19.73 94.92
N ASN A 81 -32.09 -20.69 95.54
CA ASN A 81 -30.83 -20.39 96.18
C ASN A 81 -29.72 -21.23 95.56
N VAL A 82 -28.67 -20.57 95.08
CA VAL A 82 -27.54 -21.30 94.53
C VAL A 82 -26.37 -20.80 95.36
N VAL A 83 -25.79 -21.72 96.12
CA VAL A 83 -24.69 -21.41 97.03
C VAL A 83 -23.33 -21.88 96.51
N LEU A 84 -22.38 -20.94 96.48
CA LEU A 84 -21.03 -21.18 96.00
C LEU A 84 -20.11 -21.58 97.15
N MET A 85 -19.51 -22.77 97.04
CA MET A 85 -18.61 -23.31 98.06
C MET A 85 -17.27 -23.65 97.42
N LYS A 86 -16.19 -23.01 97.87
CA LYS A 86 -14.85 -23.27 97.31
C LYS A 86 -14.00 -24.17 98.20
N TYR A 87 -13.56 -25.28 97.64
CA TYR A 87 -12.83 -26.25 98.41
C TYR A 87 -11.64 -25.72 99.22
N ASP A 88 -11.89 -26.06 100.54
CA ASP A 88 -11.12 -25.94 101.78
C ASP A 88 -11.09 -27.39 102.29
N ALA A 89 -9.94 -28.02 102.14
CA ALA A 89 -9.80 -29.43 102.47
C ALA A 89 -9.88 -29.80 103.92
N THR A 90 -9.62 -28.89 104.83
CA THR A 90 -9.69 -29.25 106.28
C THR A 90 -11.11 -29.17 106.76
N LEU A 91 -12.00 -28.40 106.10
CA LEU A 91 -13.42 -28.20 106.51
C LEU A 91 -14.47 -29.09 105.85
N GLN A 92 -13.99 -30.04 105.04
CA GLN A 92 -14.77 -31.03 104.27
C GLN A 92 -16.06 -31.49 104.98
N LEU A 93 -15.91 -32.02 106.18
CA LEU A 93 -17.09 -32.49 106.91
C LEU A 93 -17.98 -31.31 107.33
N ASP A 94 -17.38 -30.14 107.47
CA ASP A 94 -18.16 -28.95 107.89
C ASP A 94 -19.19 -28.55 106.83
N MET A 95 -18.50 -28.74 105.56
CA MET A 95 -19.12 -28.57 104.26
C MET A 95 -20.19 -29.64 103.97
N SER A 96 -19.92 -30.88 104.32
CA SER A 96 -20.80 -32.04 104.13
C SER A 96 -22.07 -31.90 104.97
N GLU A 97 -21.86 -31.49 106.22
CA GLU A 97 -22.92 -31.25 107.20
C GLU A 97 -23.76 -30.06 106.70
N LEU A 98 -23.13 -29.03 106.14
CA LEU A 98 -23.88 -27.89 105.62
C LEU A 98 -24.66 -28.25 104.36
N ALA A 99 -24.06 -29.07 103.49
CA ALA A 99 -24.74 -29.48 102.27
C ALA A 99 -25.96 -30.30 102.66
N ASP A 100 -25.75 -31.27 103.53
CA ASP A 100 -26.79 -32.17 104.01
C ASP A 100 -28.01 -31.38 104.52
N LEU A 101 -27.76 -30.18 105.05
CA LEU A 101 -28.85 -29.37 105.54
C LEU A 101 -29.58 -28.57 104.44
N ILE A 102 -28.85 -27.92 103.55
CA ILE A 102 -29.49 -27.13 102.48
C ILE A 102 -30.13 -27.99 101.41
N LEU A 103 -29.36 -28.94 100.90
CA LEU A 103 -29.83 -29.83 99.85
C LEU A 103 -31.03 -30.69 100.22
N ASN A 104 -31.31 -30.81 101.52
CA ASN A 104 -32.42 -31.63 101.97
C ASN A 104 -33.52 -30.90 102.69
N GLU A 105 -34.64 -31.57 102.82
CA GLU A 105 -35.84 -31.07 103.50
C GLU A 105 -35.84 -31.57 104.96
N TRP A 106 -35.93 -30.81 106.01
CA TRP A 106 -35.69 -31.23 107.40
C TRP A 106 -36.93 -30.90 108.24
N LEU A 107 -37.18 -31.76 109.22
CA LEU A 107 -38.33 -31.55 110.12
C LEU A 107 -37.59 -31.69 111.45
N CYS A 108 -37.68 -30.69 112.35
CA CYS A 108 -37.13 -30.77 113.70
C CYS A 108 -38.06 -30.36 114.85
N ASN A 109 -37.72 -30.87 116.03
CA ASN A 109 -38.42 -30.61 117.29
C ASN A 109 -37.30 -30.27 118.24
N PRO A 110 -37.62 -29.62 119.37
CA PRO A 110 -36.59 -29.25 120.33
C PRO A 110 -36.31 -30.37 121.33
N MET A 111 -35.08 -30.44 121.81
CA MET A 111 -34.66 -31.47 122.75
C MET A 111 -34.24 -30.86 124.10
N ASP A 112 -34.66 -31.47 125.20
CA ASP A 112 -34.25 -30.95 126.49
C ASP A 112 -33.24 -31.92 127.06
N ILE A 113 -31.98 -31.66 126.78
CA ILE A 113 -30.88 -32.48 127.25
C ILE A 113 -30.87 -32.66 128.75
N THR A 114 -31.38 -31.65 129.47
CA THR A 114 -31.44 -31.63 130.93
C THR A 114 -32.34 -32.69 131.56
N LEU A 115 -33.62 -32.66 131.24
CA LEU A 115 -34.60 -33.57 131.83
C LEU A 115 -34.79 -34.91 131.09
N TYR A 116 -34.46 -35.47 129.77
CA TYR A 116 -34.98 -36.67 129.06
C TYR A 116 -33.79 -37.11 128.13
N TYR A 117 -33.51 -38.39 128.30
CA TYR A 117 -32.40 -38.93 127.59
C TYR A 117 -32.98 -39.40 126.36
N TYR A 118 -32.49 -39.03 125.14
CA TYR A 118 -33.23 -39.53 123.92
C TYR A 118 -32.61 -40.76 123.15
N GLN A 119 -33.23 -41.09 121.94
CA GLN A 119 -32.88 -42.22 120.99
C GLN A 119 -33.37 -41.91 119.54
N GLN A 120 -32.59 -42.29 118.51
CA GLN A 120 -33.00 -42.01 117.15
C GLN A 120 -33.78 -43.24 116.73
N THR A 121 -34.75 -43.06 115.84
CA THR A 121 -35.60 -44.17 115.43
C THR A 121 -35.26 -44.93 114.15
N ASP A 122 -35.01 -44.22 113.05
CA ASP A 122 -34.72 -44.84 111.77
C ASP A 122 -33.53 -44.20 111.06
N GLU A 123 -33.20 -44.68 109.86
CA GLU A 123 -32.08 -44.10 109.14
C GLU A 123 -32.35 -42.64 108.81
N ALA A 124 -33.50 -42.12 109.26
CA ALA A 124 -33.85 -40.73 108.96
C ALA A 124 -34.01 -39.84 110.18
N ASN A 125 -33.75 -40.37 111.36
CA ASN A 125 -33.86 -39.59 112.58
C ASN A 125 -32.43 -39.24 112.97
N LYS A 126 -32.07 -37.96 112.86
CA LYS A 126 -30.71 -37.49 113.20
C LYS A 126 -30.77 -36.32 114.15
N TRP A 127 -29.68 -36.07 114.86
CA TRP A 127 -29.65 -34.92 115.79
C TRP A 127 -28.82 -33.78 115.22
N ILE A 128 -29.49 -32.76 114.71
CA ILE A 128 -28.78 -31.62 114.15
C ILE A 128 -28.66 -30.48 115.15
N SER A 129 -27.43 -30.24 115.58
CA SER A 129 -27.10 -29.21 116.54
C SER A 129 -26.21 -28.17 115.86
N MET A 130 -26.35 -26.90 116.23
CA MET A 130 -25.52 -25.83 115.65
C MET A 130 -25.45 -24.54 116.51
N GLY A 131 -24.33 -23.84 116.43
CA GLY A 131 -24.16 -22.62 117.21
C GLY A 131 -22.72 -22.14 117.30
N SER A 132 -22.43 -21.33 118.32
CA SER A 132 -21.08 -20.79 118.54
C SER A 132 -20.05 -21.89 118.59
N SER A 133 -20.18 -22.74 119.59
CA SER A 133 -19.26 -23.86 119.78
C SER A 133 -20.05 -25.07 120.24
N CYS A 134 -20.26 -26.00 119.33
CA CYS A 134 -21.02 -27.19 119.66
C CYS A 134 -20.16 -28.40 120.11
N THR A 135 -20.23 -28.74 121.39
CA THR A 135 -19.47 -29.87 121.92
C THR A 135 -20.43 -30.90 122.55
N ILE A 136 -20.63 -32.02 121.86
CA ILE A 136 -21.54 -33.07 122.28
C ILE A 136 -20.91 -34.38 122.79
N LYS A 137 -21.20 -34.74 124.04
CA LYS A 137 -20.71 -35.97 124.64
C LYS A 137 -21.94 -36.86 124.85
N VAL A 138 -21.83 -38.16 124.60
CA VAL A 138 -22.97 -39.05 124.71
C VAL A 138 -22.74 -40.24 125.63
N CYS A 139 -23.84 -40.76 126.20
CA CYS A 139 -23.77 -41.94 127.08
C CYS A 139 -24.97 -42.88 126.86
N PRO A 140 -24.73 -43.98 126.12
CA PRO A 140 -25.73 -45.01 125.80
C PRO A 140 -26.30 -45.69 127.03
N LEU A 141 -27.60 -45.85 127.05
CA LEU A 141 -28.28 -46.46 128.18
C LEU A 141 -28.80 -47.85 127.86
N ASN A 142 -28.64 -48.78 128.79
CA ASN A 142 -29.16 -50.12 128.59
C ASN A 142 -30.62 -49.95 129.01
N THR A 143 -31.42 -51.02 128.90
CA THR A 143 -32.84 -50.94 129.24
C THR A 143 -33.18 -50.68 130.70
N GLN A 144 -32.26 -50.08 131.44
CA GLN A 144 -32.48 -49.79 132.86
C GLN A 144 -32.24 -48.33 133.19
N THR A 145 -31.74 -47.59 132.21
CA THR A 145 -31.41 -46.18 132.38
C THR A 145 -30.01 -46.14 133.02
N LEU A 146 -29.25 -47.19 132.78
CA LEU A 146 -27.90 -47.29 133.32
C LEU A 146 -26.89 -47.13 132.19
N GLY A 147 -25.72 -46.57 132.49
CA GLY A 147 -24.74 -46.39 131.44
C GLY A 147 -24.17 -47.69 130.89
N ILE A 148 -23.58 -47.61 129.71
CA ILE A 148 -22.93 -48.76 129.09
C ILE A 148 -21.58 -48.18 128.70
N GLY A 149 -20.61 -48.32 129.58
CA GLY A 149 -19.30 -47.76 129.32
C GLY A 149 -19.27 -46.35 129.88
N CYS A 150 -20.26 -46.05 130.72
CA CYS A 150 -20.36 -44.73 131.34
C CYS A 150 -21.27 -44.68 132.56
N LEU A 151 -21.08 -43.66 133.38
CA LEU A 151 -21.89 -43.44 134.55
C LEU A 151 -22.75 -42.23 134.26
N THR A 152 -24.04 -42.45 134.14
CA THR A 152 -24.96 -41.37 133.86
C THR A 152 -24.77 -40.22 134.84
N THR A 153 -23.85 -40.36 135.79
CA THR A 153 -23.61 -39.33 136.80
C THR A 153 -22.42 -38.41 136.53
N ASP A 154 -21.31 -38.95 136.01
CA ASP A 154 -20.11 -38.15 135.72
C ASP A 154 -19.80 -38.11 134.22
N THR A 155 -20.00 -36.95 133.61
CA THR A 155 -19.77 -36.72 132.19
C THR A 155 -18.32 -36.90 131.76
N ALA A 156 -17.45 -37.24 132.71
CA ALA A 156 -16.06 -37.44 132.37
C ALA A 156 -15.92 -38.85 131.79
N THR A 157 -17.01 -39.63 131.87
CA THR A 157 -17.00 -40.98 131.34
C THR A 157 -17.79 -41.07 130.05
N PHE A 158 -18.38 -39.95 129.63
CA PHE A 158 -19.17 -39.92 128.40
C PHE A 158 -18.29 -40.13 127.19
N GLU A 159 -18.91 -40.25 126.02
CA GLU A 159 -18.16 -40.45 124.80
C GLU A 159 -18.33 -39.18 123.96
N GLU A 160 -17.22 -38.48 123.70
CA GLU A 160 -17.26 -37.24 122.92
C GLU A 160 -17.39 -37.52 121.43
N VAL A 161 -18.40 -36.95 120.79
CA VAL A 161 -18.66 -37.16 119.36
C VAL A 161 -18.67 -35.87 118.51
N ALA A 162 -18.22 -34.77 119.11
CA ALA A 162 -18.18 -33.48 118.44
C ALA A 162 -17.44 -32.51 119.34
N THR A 163 -16.34 -31.95 118.86
CA THR A 163 -15.60 -31.02 119.70
C THR A 163 -15.58 -29.61 119.14
N ALA A 164 -16.54 -28.81 119.58
CA ALA A 164 -16.65 -27.41 119.16
C ALA A 164 -16.89 -27.13 117.68
N GLU A 165 -17.95 -27.70 117.11
CA GLU A 165 -18.25 -27.45 115.71
C GLU A 165 -19.35 -26.38 115.68
N LYS A 166 -19.53 -25.84 114.46
CA LYS A 166 -20.49 -24.76 114.15
C LYS A 166 -21.79 -25.30 113.60
N LEU A 167 -21.76 -26.56 113.12
CA LEU A 167 -22.88 -27.32 112.56
C LEU A 167 -22.52 -28.78 112.69
N VAL A 168 -23.41 -29.56 113.30
CA VAL A 168 -23.18 -30.99 113.51
C VAL A 168 -24.42 -31.86 113.38
N ILE A 169 -24.34 -32.87 112.53
CA ILE A 169 -25.44 -33.83 112.36
C ILE A 169 -24.93 -35.12 113.00
N THR A 170 -25.36 -35.36 114.23
CA THR A 170 -24.93 -36.53 115.00
C THR A 170 -25.78 -37.77 114.75
N ASP A 171 -25.11 -38.90 114.69
CA ASP A 171 -25.77 -40.18 114.42
C ASP A 171 -25.34 -41.20 115.45
N VAL A 172 -26.32 -41.83 116.12
CA VAL A 172 -26.04 -42.87 117.11
C VAL A 172 -26.74 -44.16 116.73
N VAL A 173 -26.29 -45.27 117.32
CA VAL A 173 -26.89 -46.57 117.02
C VAL A 173 -28.41 -46.50 117.26
N ASP A 174 -29.18 -46.68 116.19
CA ASP A 174 -30.64 -46.61 116.24
C ASP A 174 -31.28 -47.51 117.28
N GLY A 175 -32.28 -46.96 117.97
CA GLY A 175 -33.00 -47.72 118.98
C GLY A 175 -32.30 -47.89 120.30
N VAL A 176 -31.58 -46.88 120.75
CA VAL A 176 -30.86 -46.95 122.02
C VAL A 176 -30.98 -45.60 122.70
N ASN A 177 -31.30 -45.60 123.98
CA ASN A 177 -31.43 -44.32 124.67
C ASN A 177 -30.07 -43.81 125.07
N HIS A 178 -29.93 -42.48 125.05
CA HIS A 178 -28.66 -41.83 125.38
C HIS A 178 -28.81 -40.62 126.28
N LYS A 179 -28.03 -40.52 127.41
CA LYS A 179 -28.06 -39.27 128.19
C LYS A 179 -27.13 -38.38 127.43
N LEU A 180 -27.58 -37.18 127.09
CA LEU A 180 -26.78 -36.30 126.24
C LEU A 180 -26.18 -35.20 127.06
N ASP A 181 -24.98 -34.77 126.68
CA ASP A 181 -24.35 -33.66 127.36
C ASP A 181 -23.80 -32.67 126.37
N VAL A 182 -24.64 -31.73 125.95
CA VAL A 182 -24.21 -30.72 125.01
C VAL A 182 -23.84 -29.49 125.83
N THR A 183 -23.15 -28.54 125.21
CA THR A 183 -22.75 -27.31 125.87
C THR A 183 -23.78 -26.27 125.44
N THR A 184 -25.03 -26.52 125.83
CA THR A 184 -26.18 -25.67 125.52
C THR A 184 -25.97 -24.15 125.63
N ALA A 185 -24.93 -23.76 126.36
CA ALA A 185 -24.63 -22.34 126.51
C ALA A 185 -24.36 -21.70 125.13
N THR A 186 -23.47 -22.34 124.40
CA THR A 186 -23.13 -21.93 123.03
C THR A 186 -23.80 -22.86 121.98
N CYS A 187 -24.45 -23.93 122.33
CA CYS A 187 -25.04 -24.78 121.31
C CYS A 187 -26.55 -24.97 121.50
N THR A 188 -27.13 -25.38 120.35
CA THR A 188 -28.57 -25.70 120.40
C THR A 188 -28.68 -27.08 119.73
N ILE A 189 -29.26 -28.09 120.35
CA ILE A 189 -29.37 -29.40 119.67
C ILE A 189 -30.87 -29.71 119.55
N ARG A 190 -31.25 -30.12 118.25
CA ARG A 190 -32.66 -30.39 117.96
C ARG A 190 -32.77 -31.76 117.27
N ASN A 191 -33.88 -32.44 117.53
CA ASN A 191 -34.15 -33.76 116.97
C ASN A 191 -34.88 -33.72 115.62
N CYS A 192 -34.14 -33.97 114.53
CA CYS A 192 -34.73 -33.90 113.20
C CYS A 192 -34.97 -35.22 112.44
N LYS A 193 -36.09 -35.24 111.73
CA LYS A 193 -36.46 -36.35 110.86
C LYS A 193 -36.25 -35.89 109.41
N LYS A 194 -35.51 -36.62 108.56
CA LYS A 194 -35.18 -36.16 107.19
C LYS A 194 -36.18 -36.48 106.10
N LEU A 195 -35.80 -36.26 104.84
CA LEU A 195 -36.84 -36.51 103.87
C LEU A 195 -36.69 -35.86 102.53
N GLY A 196 -37.72 -35.07 102.38
CA GLY A 196 -37.86 -34.24 101.27
C GLY A 196 -36.53 -33.60 101.10
N PRO A 197 -36.23 -33.50 99.82
CA PRO A 197 -35.05 -32.90 99.33
C PRO A 197 -35.41 -31.52 98.91
N ARG A 198 -34.39 -30.88 98.46
CA ARG A 198 -34.64 -29.57 98.12
C ARG A 198 -34.59 -29.30 96.68
N GLU A 199 -35.72 -28.77 96.30
CA GLU A 199 -35.97 -28.35 94.97
C GLU A 199 -35.50 -26.91 94.80
N ASN A 200 -34.40 -26.53 95.47
CA ASN A 200 -33.85 -25.16 95.33
C ASN A 200 -32.29 -25.20 95.23
N VAL A 201 -31.57 -24.95 96.34
CA VAL A 201 -30.12 -25.02 96.32
C VAL A 201 -29.68 -25.85 95.14
N ALA A 202 -28.25 -25.30 95.10
CA ALA A 202 -27.62 -25.98 94.02
C ALA A 202 -26.23 -25.73 94.41
N VAL A 203 -25.83 -26.49 95.38
CA VAL A 203 -24.51 -26.24 95.82
C VAL A 203 -23.55 -26.34 94.66
N ILE A 204 -22.90 -25.25 94.30
CA ILE A 204 -21.91 -25.34 93.23
C ILE A 204 -20.57 -25.36 93.93
N GLN A 205 -19.82 -26.40 93.71
CA GLN A 205 -18.54 -26.57 94.31
C GLN A 205 -17.37 -26.05 93.49
N VAL A 206 -16.60 -25.16 94.14
CA VAL A 206 -15.33 -24.76 93.60
C VAL A 206 -14.34 -25.48 94.46
N GLY A 207 -13.48 -25.97 93.50
CA GLY A 207 -12.28 -26.73 93.51
C GLY A 207 -12.37 -28.19 93.86
N GLY A 208 -11.09 -28.64 93.82
CA GLY A 208 -10.58 -30.00 94.17
C GLY A 208 -10.49 -31.01 93.07
N SER A 209 -11.28 -31.98 93.29
CA SER A 209 -11.64 -33.07 92.50
C SER A 209 -12.78 -33.30 93.43
N ASP A 210 -13.97 -33.59 93.01
CA ASP A 210 -14.80 -34.04 94.08
C ASP A 210 -15.53 -35.26 93.54
N VAL A 211 -16.17 -35.78 94.49
CA VAL A 211 -17.06 -36.86 94.57
C VAL A 211 -17.39 -36.38 95.96
N LEU A 212 -18.59 -36.54 96.37
CA LEU A 212 -19.07 -36.05 97.65
C LEU A 212 -19.85 -37.21 98.26
N ASP A 213 -19.53 -37.65 99.47
CA ASP A 213 -20.27 -38.70 100.14
C ASP A 213 -21.08 -37.98 101.22
N ILE A 214 -22.35 -37.70 100.92
CA ILE A 214 -23.20 -36.99 101.85
C ILE A 214 -24.14 -37.96 102.61
N THR A 215 -23.87 -39.27 102.71
CA THR A 215 -24.76 -40.15 103.50
C THR A 215 -24.11 -40.44 104.83
N ALA A 216 -24.91 -40.80 105.82
CA ALA A 216 -24.36 -41.14 107.14
C ALA A 216 -23.92 -42.55 107.10
N ASP A 217 -24.51 -43.33 106.21
CA ASP A 217 -24.15 -44.76 106.16
C ASP A 217 -22.89 -44.98 105.26
N PRO A 218 -22.59 -46.20 104.90
CA PRO A 218 -21.43 -46.49 104.10
C PRO A 218 -21.93 -47.14 102.90
N THR A 219 -23.20 -47.42 102.99
CA THR A 219 -23.64 -48.24 101.85
C THR A 219 -24.01 -47.50 100.64
N THR A 220 -24.63 -46.34 100.83
CA THR A 220 -25.15 -45.48 99.74
C THR A 220 -24.30 -44.26 99.46
N ALA A 221 -24.39 -43.83 98.24
CA ALA A 221 -23.78 -42.58 97.83
C ALA A 221 -24.73 -41.89 96.88
N PRO A 222 -25.43 -40.79 97.30
CA PRO A 222 -26.31 -40.10 96.39
C PRO A 222 -25.73 -38.80 95.88
N GLN A 223 -25.88 -38.79 94.55
CA GLN A 223 -25.48 -37.80 93.59
C GLN A 223 -26.74 -37.20 92.98
N THR A 224 -27.04 -35.96 93.37
CA THR A 224 -28.23 -35.28 92.86
C THR A 224 -27.88 -34.17 91.87
N GLU A 225 -28.88 -33.66 91.16
CA GLU A 225 -28.70 -32.59 90.17
C GLU A 225 -28.40 -31.28 90.88
N ARG A 226 -28.95 -31.11 92.10
CA ARG A 226 -28.75 -29.89 92.90
C ARG A 226 -27.39 -29.90 93.60
N MET A 227 -26.45 -30.62 92.99
CA MET A 227 -25.08 -30.74 93.51
C MET A 227 -24.13 -30.61 92.31
N MET A 228 -23.85 -29.36 91.91
CA MET A 228 -22.99 -29.10 90.75
C MET A 228 -21.55 -28.76 91.07
N ARG A 229 -20.65 -28.79 90.06
CA ARG A 229 -19.21 -28.48 90.30
C ARG A 229 -18.60 -27.64 89.13
N ILE A 230 -17.81 -26.62 89.50
CA ILE A 230 -17.15 -25.69 88.57
C ILE A 230 -15.63 -25.68 88.76
N ASN A 231 -14.89 -25.57 87.65
CA ASN A 231 -13.42 -25.55 87.70
C ASN A 231 -12.90 -24.13 87.96
N TRP A 232 -12.24 -23.97 89.10
CA TRP A 232 -11.69 -22.69 89.51
C TRP A 232 -10.59 -22.10 88.64
N LYS A 233 -10.72 -20.81 88.40
CA LYS A 233 -9.74 -20.05 87.64
C LYS A 233 -9.64 -18.80 88.48
N LYS A 234 -10.63 -17.94 88.33
CA LYS A 234 -10.71 -16.70 89.05
C LYS A 234 -12.17 -16.56 89.46
N TRP A 235 -12.45 -15.76 90.49
CA TRP A 235 -13.82 -15.61 90.92
C TRP A 235 -14.67 -14.90 89.89
N TRP A 236 -14.13 -13.91 89.20
CA TRP A 236 -14.95 -13.23 88.19
C TRP A 236 -15.47 -14.26 87.19
N GLN A 237 -14.63 -15.20 86.82
CA GLN A 237 -15.01 -16.26 85.87
C GLN A 237 -16.13 -17.11 86.43
N VAL A 238 -16.03 -17.48 87.70
CA VAL A 238 -17.06 -18.29 88.34
C VAL A 238 -18.41 -17.62 88.17
N PHE A 239 -18.51 -16.35 88.58
CA PHE A 239 -19.76 -15.63 88.47
C PHE A 239 -20.22 -15.49 87.03
N TYR A 240 -19.30 -15.21 86.10
CA TYR A 240 -19.72 -15.11 84.71
C TYR A 240 -20.42 -16.39 84.31
N THR A 241 -19.83 -17.54 84.64
CA THR A 241 -20.43 -18.83 84.31
C THR A 241 -21.78 -19.02 84.99
N VAL A 242 -21.86 -18.70 86.27
CA VAL A 242 -23.12 -18.83 86.99
C VAL A 242 -24.20 -18.03 86.26
N VAL A 243 -23.84 -16.83 85.79
CA VAL A 243 -24.78 -15.98 85.05
C VAL A 243 -25.03 -16.59 83.68
N ASP A 244 -23.97 -16.89 82.93
CA ASP A 244 -24.14 -17.42 81.59
C ASP A 244 -25.01 -18.72 81.54
N TYR A 245 -25.16 -19.39 82.70
CA TYR A 245 -25.92 -20.67 82.84
C TYR A 245 -26.91 -20.69 83.99
N VAL A 246 -27.49 -19.53 84.29
CA VAL A 246 -28.49 -19.38 85.33
C VAL A 246 -29.66 -20.31 85.17
N ASN A 247 -30.22 -20.36 83.97
CA ASN A 247 -31.39 -21.16 83.70
C ASN A 247 -31.09 -22.65 83.82
N GLN A 248 -29.94 -23.04 83.35
CA GLN A 248 -29.52 -24.40 83.39
C GLN A 248 -29.45 -24.83 84.86
N ILE A 249 -28.88 -23.95 85.68
CA ILE A 249 -28.75 -24.17 87.12
C ILE A 249 -30.12 -24.13 87.80
N ILE A 250 -30.97 -23.20 87.40
CA ILE A 250 -32.30 -23.09 87.97
C ILE A 250 -33.12 -24.32 87.60
N GLN A 251 -33.01 -24.74 86.34
CA GLN A 251 -33.74 -25.90 85.85
C GLN A 251 -33.40 -27.19 86.60
N ALA A 252 -32.20 -27.23 87.16
CA ALA A 252 -31.79 -28.40 87.94
C ALA A 252 -32.39 -28.40 89.37
N MET A 253 -33.14 -27.32 89.76
CA MET A 253 -33.81 -27.10 91.07
C MET A 253 -35.38 -27.13 90.91
N SER A 254 -36.03 -25.94 91.11
CA SER A 254 -37.49 -25.66 90.84
C SER A 254 -38.56 -25.88 91.90
N LYS A 255 -39.13 -24.71 92.33
CA LYS A 255 -40.18 -24.69 93.28
C LYS A 255 -39.64 -24.58 94.67
N PRO B 1 19.10 -59.49 -43.18
CA PRO B 1 18.42 -60.73 -42.82
C PRO B 1 18.65 -61.85 -43.82
N ILE B 2 18.91 -62.64 -42.53
CA ILE B 2 18.89 -64.02 -43.05
C ILE B 2 17.66 -64.77 -42.57
N THR B 3 17.20 -65.68 -43.43
CA THR B 3 16.23 -66.73 -43.06
C THR B 3 16.77 -67.52 -41.87
N GLY B 4 15.87 -67.85 -40.94
CA GLY B 4 16.29 -68.46 -39.67
C GLY B 4 16.09 -69.98 -39.59
N SER B 5 15.66 -70.62 -40.69
CA SER B 5 15.40 -72.05 -40.61
C SER B 5 16.68 -72.82 -40.26
N MET B 6 16.39 -73.85 -39.22
CA MET B 6 17.39 -74.74 -38.58
C MET B 6 17.55 -75.98 -39.41
N ASP B 7 18.30 -75.79 -40.49
CA ASP B 7 18.54 -76.91 -41.42
C ASP B 7 19.45 -77.97 -40.83
N THR B 8 19.97 -77.07 -40.11
CA THR B 8 20.84 -77.73 -39.16
C THR B 8 22.05 -78.46 -39.61
N ALA B 9 22.76 -77.91 -40.68
CA ALA B 9 23.85 -78.76 -41.38
C ALA B 9 25.37 -78.51 -41.28
N TYR B 10 25.81 -77.94 -40.20
CA TYR B 10 27.19 -77.50 -40.16
C TYR B 10 28.07 -78.09 -41.21
N ALA B 11 28.60 -77.14 -41.99
CA ALA B 11 29.58 -77.31 -43.06
C ALA B 11 30.96 -77.45 -42.45
N ASN B 12 31.49 -78.65 -42.66
CA ASN B 12 32.75 -79.17 -42.09
C ASN B 12 34.07 -78.42 -42.15
N SER B 13 34.79 -78.50 -41.04
CA SER B 13 36.10 -77.88 -40.92
C SER B 13 36.19 -76.43 -40.46
N THR B 14 36.33 -75.54 -41.43
CA THR B 14 36.46 -74.11 -41.20
C THR B 14 37.96 -73.80 -41.23
N GLN B 15 38.74 -74.58 -40.50
CA GLN B 15 40.20 -74.35 -40.47
C GLN B 15 40.85 -74.68 -41.81
N GLU B 16 40.18 -75.43 -42.71
CA GLU B 16 40.79 -75.84 -44.01
C GLU B 16 40.55 -74.81 -45.11
N GLU B 17 39.90 -73.72 -44.78
CA GLU B 17 39.76 -72.70 -45.76
C GLU B 17 40.76 -71.62 -45.38
N THR B 18 40.92 -71.49 -44.06
CA THR B 18 41.85 -70.48 -43.55
C THR B 18 43.28 -70.87 -43.82
N PHE B 19 43.57 -72.19 -43.68
CA PHE B 19 44.94 -72.65 -44.01
C PHE B 19 45.30 -72.34 -45.46
N LEU B 20 44.33 -72.55 -46.32
CA LEU B 20 44.63 -72.32 -47.75
C LEU B 20 44.65 -70.84 -48.12
N THR B 21 43.62 -70.13 -47.69
CA THR B 21 43.48 -68.76 -48.22
C THR B 21 43.98 -67.65 -47.33
N SER B 22 44.20 -67.80 -46.03
CA SER B 22 44.63 -66.62 -45.24
C SER B 22 46.15 -66.51 -44.95
N THR B 23 46.64 -65.33 -44.44
CA THR B 23 48.03 -64.96 -44.02
C THR B 23 48.06 -64.71 -42.51
N LEU B 24 49.15 -65.10 -41.85
CA LEU B 24 49.33 -64.94 -40.42
C LEU B 24 50.58 -64.07 -40.19
N CYS B 25 50.40 -62.96 -39.46
CA CYS B 25 51.49 -62.02 -39.16
C CYS B 25 51.76 -61.98 -37.66
N LEU B 26 52.98 -62.36 -37.28
CA LEU B 26 53.40 -62.39 -35.88
C LEU B 26 54.18 -61.16 -35.50
N TYR B 27 53.71 -60.42 -34.50
CA TYR B 27 54.42 -59.24 -34.06
C TYR B 27 55.08 -59.53 -32.72
N TYR B 28 56.34 -59.24 -32.63
CA TYR B 28 57.07 -59.43 -31.41
C TYR B 28 57.97 -58.24 -31.22
N PRO B 29 58.54 -58.08 -30.03
CA PRO B 29 59.53 -57.06 -29.67
C PRO B 29 60.92 -57.52 -30.02
N THR B 30 61.86 -56.59 -30.14
CA THR B 30 63.23 -56.95 -30.46
C THR B 30 63.76 -57.92 -29.42
N GLU B 31 63.71 -57.54 -28.15
CA GLU B 31 64.23 -58.43 -27.11
C GLU B 31 63.86 -59.89 -27.33
N ALA B 32 62.66 -60.13 -27.86
CA ALA B 32 62.19 -61.49 -28.12
C ALA B 32 63.13 -62.21 -29.06
N ALA B 33 63.38 -61.61 -30.22
CA ALA B 33 64.25 -62.19 -31.21
C ALA B 33 65.69 -62.23 -30.73
N THR B 34 66.17 -61.17 -30.08
CA THR B 34 67.55 -61.15 -29.61
C THR B 34 67.85 -62.35 -28.69
N GLU B 35 66.89 -62.71 -27.84
CA GLU B 35 67.08 -63.83 -26.93
C GLU B 35 67.16 -65.16 -27.65
N ILE B 36 66.61 -65.19 -28.86
CA ILE B 36 66.58 -66.42 -29.63
C ILE B 36 67.90 -66.78 -30.31
N ASN B 37 68.61 -65.72 -30.68
CA ASN B 37 69.96 -65.69 -31.20
C ASN B 37 70.33 -66.56 -32.40
N ASP B 38 69.36 -66.79 -33.26
CA ASP B 38 69.59 -67.65 -34.42
C ASP B 38 69.28 -66.84 -35.70
N ASN B 39 70.02 -67.11 -36.75
CA ASN B 39 69.83 -66.43 -38.02
C ASN B 39 68.71 -67.14 -38.76
N SER B 40 68.29 -68.30 -38.28
CA SER B 40 67.25 -69.03 -38.98
C SER B 40 66.00 -69.31 -38.18
N TRP B 41 65.78 -68.56 -37.10
CA TRP B 41 64.63 -68.84 -36.28
C TRP B 41 63.33 -68.60 -37.04
N LYS B 42 63.27 -67.53 -37.82
CA LYS B 42 62.06 -67.27 -38.58
C LYS B 42 61.80 -68.45 -39.51
N ASP B 43 62.87 -69.00 -40.08
CA ASP B 43 62.77 -70.14 -40.98
C ASP B 43 62.34 -71.44 -40.30
N THR B 44 63.02 -71.80 -39.22
CA THR B 44 62.69 -73.02 -38.47
C THR B 44 61.20 -73.00 -38.08
N LEU B 45 60.76 -71.91 -37.47
CA LEU B 45 59.37 -71.80 -37.07
C LEU B 45 58.40 -71.97 -38.24
N SER B 46 58.83 -71.52 -39.42
CA SER B 46 58.00 -71.61 -40.62
C SER B 46 57.76 -73.04 -41.07
N GLN B 47 58.77 -73.87 -40.96
CA GLN B 47 58.62 -75.28 -41.33
C GLN B 47 57.70 -75.88 -40.27
N LEU B 48 57.89 -75.45 -39.03
CA LEU B 48 57.06 -75.95 -37.95
C LEU B 48 55.62 -75.53 -38.17
N PHE B 49 55.43 -74.41 -38.86
CA PHE B 49 54.10 -73.90 -39.15
C PHE B 49 53.39 -74.74 -40.20
N LEU B 50 54.13 -75.51 -40.99
CA LEU B 50 53.49 -76.36 -42.00
C LEU B 50 52.72 -77.43 -41.25
N THR B 51 53.28 -77.88 -40.13
CA THR B 51 52.64 -78.90 -39.29
C THR B 51 51.22 -78.49 -38.95
N LYS B 52 51.09 -77.30 -38.38
CA LYS B 52 49.79 -76.76 -38.00
C LYS B 52 48.94 -76.42 -39.21
N GLY B 53 49.52 -76.58 -40.40
CA GLY B 53 48.79 -76.34 -41.63
C GLY B 53 48.87 -75.02 -42.39
N TRP B 54 50.00 -74.33 -42.34
CA TRP B 54 50.14 -73.06 -43.05
C TRP B 54 51.26 -73.18 -44.08
N PRO B 55 50.90 -73.16 -45.36
CA PRO B 55 51.82 -73.27 -46.49
C PRO B 55 53.00 -72.32 -46.35
N THR B 56 54.15 -72.74 -46.85
CA THR B 56 55.36 -71.94 -46.76
C THR B 56 55.21 -70.43 -46.85
N GLY B 57 54.82 -69.89 -48.00
CA GLY B 57 54.71 -68.45 -48.14
C GLY B 57 53.64 -67.72 -47.32
N SER B 58 53.00 -68.45 -46.43
CA SER B 58 51.92 -67.94 -45.60
C SER B 58 52.20 -67.06 -44.40
N VAL B 59 53.13 -67.46 -43.53
CA VAL B 59 53.43 -66.70 -42.31
C VAL B 59 54.52 -65.63 -42.36
N TYR B 60 54.22 -64.43 -41.86
CA TYR B 60 55.18 -63.31 -41.83
C TYR B 60 55.60 -62.88 -40.41
N PHE B 61 56.87 -62.50 -40.23
CA PHE B 61 57.38 -62.09 -38.92
C PHE B 61 57.80 -60.62 -38.84
N LYS B 62 56.93 -59.71 -38.20
CA LYS B 62 57.19 -58.24 -38.05
C LYS B 62 57.70 -57.95 -36.61
N GLU B 63 58.82 -57.23 -36.56
CA GLU B 63 59.62 -56.79 -35.39
C GLU B 63 59.34 -55.38 -34.84
N TYR B 64 58.51 -55.22 -33.79
CA TYR B 64 58.34 -53.85 -33.33
C TYR B 64 59.45 -53.53 -32.34
N THR B 65 60.25 -52.61 -32.18
CA THR B 65 61.22 -52.71 -31.06
C THR B 65 60.72 -52.15 -29.76
N ASP B 66 59.58 -51.49 -29.76
CA ASP B 66 59.05 -50.99 -28.52
C ASP B 66 57.53 -50.93 -28.59
N ILE B 67 56.88 -50.93 -27.45
CA ILE B 67 55.43 -50.74 -27.47
C ILE B 67 55.04 -49.35 -27.98
N ALA B 68 55.86 -48.34 -27.77
CA ALA B 68 55.56 -46.97 -28.22
C ALA B 68 55.64 -46.83 -29.72
N SER B 69 56.78 -47.42 -30.34
CA SER B 69 56.83 -47.29 -31.81
C SER B 69 55.76 -48.12 -32.50
N PHE B 70 55.61 -49.36 -32.04
CA PHE B 70 54.62 -50.29 -32.57
C PHE B 70 53.23 -49.65 -32.51
N SER B 71 52.95 -49.00 -31.39
CA SER B 71 51.66 -48.35 -31.17
C SER B 71 51.35 -47.32 -32.24
N VAL B 72 52.38 -46.65 -32.75
CA VAL B 72 52.21 -45.63 -33.77
C VAL B 72 51.88 -46.22 -35.15
N ASP B 73 53.19 -46.92 -35.63
CA ASP B 73 53.55 -47.40 -36.95
C ASP B 73 52.95 -48.74 -37.38
N PRO B 74 52.29 -49.39 -36.41
CA PRO B 74 51.42 -50.59 -36.46
C PRO B 74 50.31 -50.66 -37.51
N GLN B 75 50.69 -50.53 -38.75
CA GLN B 75 49.81 -50.96 -39.84
C GLN B 75 49.92 -52.46 -40.03
N LEU B 76 48.91 -53.01 -39.65
CA LEU B 76 48.69 -54.49 -39.64
C LEU B 76 48.77 -55.00 -41.05
N TYR B 77 49.73 -55.84 -41.33
CA TYR B 77 49.95 -56.29 -42.72
C TYR B 77 49.13 -57.49 -43.19
N CYS B 78 48.91 -58.45 -42.33
CA CYS B 78 48.27 -59.65 -42.77
C CYS B 78 46.86 -59.77 -42.28
N ASP B 79 46.18 -60.75 -42.89
CA ASP B 79 44.78 -61.17 -42.63
C ASP B 79 44.58 -61.36 -41.13
N TYR B 80 45.48 -62.19 -40.53
CA TYR B 80 45.44 -62.47 -39.09
C TYR B 80 46.68 -61.94 -38.42
N ASN B 81 46.49 -61.12 -37.40
CA ASN B 81 47.63 -60.57 -36.69
C ASN B 81 47.59 -60.99 -35.23
N VAL B 82 48.66 -61.60 -34.75
CA VAL B 82 48.73 -62.00 -33.36
C VAL B 82 49.99 -61.29 -32.88
N VAL B 83 49.79 -60.35 -31.95
CA VAL B 83 50.87 -59.54 -31.41
C VAL B 83 51.29 -59.95 -30.00
N LEU B 84 52.59 -60.20 -29.84
CA LEU B 84 53.19 -60.62 -28.57
C LEU B 84 53.65 -59.40 -27.78
N MET B 85 53.12 -59.26 -26.56
CA MET B 85 53.46 -58.15 -25.66
C MET B 85 53.94 -58.70 -24.33
N LYS B 86 55.18 -58.41 -23.94
CA LYS B 86 55.73 -58.91 -22.69
C LYS B 86 55.73 -57.85 -21.59
N TYR B 87 55.06 -58.19 -20.50
CA TYR B 87 54.97 -57.27 -19.42
C TYR B 87 56.30 -56.67 -18.98
N ASP B 88 56.07 -55.33 -19.03
CA ASP B 88 56.81 -54.08 -18.73
C ASP B 88 55.81 -53.22 -17.92
N ALA B 89 56.07 -53.18 -16.61
CA ALA B 89 55.15 -52.55 -15.66
C ALA B 89 55.08 -51.06 -15.68
N THR B 90 56.08 -50.37 -16.16
CA THR B 90 56.01 -48.87 -16.19
C THR B 90 55.25 -48.41 -17.40
N LEU B 91 55.23 -49.24 -18.42
CA LEU B 91 54.54 -48.91 -19.70
C LEU B 91 53.12 -49.38 -19.84
N GLN B 92 52.54 -49.92 -18.79
CA GLN B 92 51.15 -50.43 -18.75
C GLN B 92 50.08 -49.65 -19.58
N LEU B 93 49.97 -48.34 -19.29
CA LEU B 93 49.00 -47.52 -20.01
C LEU B 93 49.39 -47.37 -21.48
N ASP B 94 50.69 -47.48 -21.77
CA ASP B 94 51.16 -47.33 -23.16
C ASP B 94 50.64 -48.44 -24.06
N MET B 95 50.71 -49.65 -23.24
CA MET B 95 50.23 -50.96 -23.64
C MET B 95 48.69 -50.99 -23.77
N SER B 96 47.97 -50.39 -22.85
CA SER B 96 46.52 -50.31 -22.79
C SER B 96 45.97 -49.52 -23.98
N GLU B 97 46.63 -48.38 -24.24
CA GLU B 97 46.30 -47.48 -25.33
C GLU B 97 46.59 -48.22 -26.65
N LEU B 98 47.67 -48.99 -26.73
CA LEU B 98 47.97 -49.75 -27.94
C LEU B 98 46.98 -50.90 -28.16
N ALA B 99 46.59 -51.56 -27.07
CA ALA B 99 45.65 -52.66 -27.17
C ALA B 99 44.33 -52.10 -27.67
N ASP B 100 43.87 -51.04 -27.02
CA ASP B 100 42.62 -50.36 -27.34
C ASP B 100 42.53 -50.04 -28.84
N LEU B 101 43.68 -49.78 -29.46
CA LEU B 101 43.70 -49.49 -30.87
C LEU B 101 43.64 -50.72 -31.78
N ILE B 102 44.46 -51.74 -31.49
CA ILE B 102 44.45 -52.95 -32.33
C ILE B 102 43.21 -53.80 -32.16
N LEU B 103 42.89 -54.10 -30.91
CA LEU B 103 41.74 -54.93 -30.57
C LEU B 103 40.40 -54.37 -31.03
N ASN B 104 40.35 -53.08 -31.34
CA ASN B 104 39.11 -52.46 -31.76
C ASN B 104 39.10 -51.90 -33.16
N GLU B 105 37.90 -51.62 -33.63
CA GLU B 105 37.64 -51.07 -34.95
C GLU B 105 37.51 -49.54 -34.85
N TRP B 106 38.22 -48.67 -35.52
CA TRP B 106 38.28 -47.23 -35.27
C TRP B 106 37.90 -46.46 -36.54
N LEU B 107 37.26 -45.32 -36.35
CA LEU B 107 36.85 -44.49 -37.49
C LEU B 107 37.44 -43.16 -37.01
N CYS B 108 38.29 -42.50 -37.80
CA CYS B 108 38.81 -41.18 -37.52
C CYS B 108 38.72 -40.13 -38.64
N ASN B 109 38.76 -38.87 -38.22
CA ASN B 109 38.74 -37.70 -39.09
C ASN B 109 39.86 -36.85 -38.57
N PRO B 110 40.34 -35.90 -39.37
CA PRO B 110 41.44 -35.04 -38.93
C PRO B 110 40.94 -33.81 -38.16
N MET B 111 41.75 -33.35 -37.21
CA MET B 111 41.40 -32.19 -36.39
C MET B 111 42.35 -31.02 -36.61
N ASP B 112 41.82 -29.81 -36.72
CA ASP B 112 42.69 -28.67 -36.88
C ASP B 112 42.69 -27.88 -35.59
N ILE B 113 43.64 -28.24 -34.73
CA ILE B 113 43.80 -27.61 -33.44
C ILE B 113 43.92 -26.10 -33.53
N THR B 114 44.49 -25.62 -34.63
CA THR B 114 44.72 -24.19 -34.90
C THR B 114 43.46 -23.34 -35.02
N LEU B 115 42.62 -23.67 -35.99
CA LEU B 115 41.41 -22.87 -36.25
C LEU B 115 40.14 -23.30 -35.48
N TYR B 116 39.71 -24.47 -34.70
CA TYR B 116 38.35 -24.90 -34.27
C TYR B 116 38.60 -25.72 -32.96
N TYR B 117 37.85 -25.28 -31.96
CA TYR B 117 38.02 -25.85 -30.68
C TYR B 117 37.09 -26.95 -30.68
N TYR B 118 37.41 -28.23 -30.30
CA TYR B 118 36.34 -29.27 -30.38
C TYR B 118 35.62 -29.75 -29.08
N GLN B 119 34.87 -30.91 -29.19
CA GLN B 119 34.07 -31.59 -28.11
C GLN B 119 33.76 -33.07 -28.49
N GLN B 120 33.79 -33.98 -27.53
CA GLN B 120 33.52 -35.37 -27.83
C GLN B 120 32.01 -35.51 -27.63
N THR B 121 31.39 -36.40 -28.37
CA THR B 121 29.94 -36.57 -28.29
C THR B 121 29.37 -37.65 -27.38
N ASP B 122 29.87 -38.88 -27.49
CA ASP B 122 29.35 -40.00 -26.71
C ASP B 122 30.48 -40.83 -26.07
N GLU B 123 30.12 -41.91 -25.38
CA GLU B 123 31.13 -42.74 -24.76
C GLU B 123 32.02 -43.37 -25.83
N ALA B 124 31.76 -43.05 -27.10
CA ALA B 124 32.53 -43.63 -28.19
C ALA B 124 33.31 -42.64 -29.03
N ASN B 125 33.28 -41.38 -28.65
CA ASN B 125 34.01 -40.36 -29.39
C ASN B 125 35.25 -40.05 -28.55
N LYS B 126 36.42 -40.44 -29.05
CA LYS B 126 37.68 -40.23 -28.33
C LYS B 126 38.71 -39.55 -29.22
N TRP B 127 39.72 -38.91 -28.63
CA TRP B 127 40.75 -38.26 -29.43
C TRP B 127 42.04 -39.08 -29.43
N ILE B 128 42.31 -39.79 -30.50
CA ILE B 128 43.52 -40.59 -30.59
C ILE B 128 44.63 -39.86 -31.32
N SER B 129 45.66 -39.49 -30.57
CA SER B 129 46.82 -38.78 -31.09
C SER B 129 48.04 -39.67 -30.95
N MET B 130 48.99 -39.59 -31.89
CA MET B 130 50.22 -40.40 -31.83
C MET B 130 51.37 -39.85 -32.69
N GLY B 131 52.60 -40.08 -32.23
CA GLY B 131 53.76 -39.59 -32.96
C GLY B 131 55.05 -39.61 -32.16
N SER B 132 56.02 -38.80 -32.56
CA SER B 132 57.33 -38.70 -31.89
C SER B 132 57.15 -38.42 -30.41
N SER B 133 56.60 -37.25 -30.11
CA SER B 133 56.37 -36.83 -28.74
C SER B 133 55.04 -36.11 -28.67
N CYS B 134 54.04 -36.80 -28.13
CA CYS B 134 52.72 -36.21 -28.03
C CYS B 134 52.43 -35.52 -26.69
N THR B 135 52.34 -34.19 -26.70
CA THR B 135 52.05 -33.42 -25.48
C THR B 135 50.78 -32.58 -25.67
N ILE B 136 49.69 -33.02 -25.04
CA ILE B 136 48.38 -32.36 -25.16
C ILE B 136 47.89 -31.59 -23.94
N LYS B 137 47.64 -30.29 -24.10
CA LYS B 137 47.12 -29.43 -23.05
C LYS B 137 45.71 -29.03 -23.48
N VAL B 138 44.76 -29.00 -22.56
CA VAL B 138 43.38 -28.68 -22.91
C VAL B 138 42.79 -27.53 -22.13
N CYS B 139 41.81 -26.85 -22.73
CA CYS B 139 41.11 -25.75 -22.07
C CYS B 139 39.59 -25.75 -22.37
N PRO B 140 38.79 -26.23 -21.42
CA PRO B 140 37.33 -26.31 -21.51
C PRO B 140 36.66 -24.96 -21.70
N LEU B 141 35.72 -24.90 -22.62
CA LEU B 141 35.03 -23.66 -22.91
C LEU B 141 33.60 -23.67 -22.42
N ASN B 142 33.16 -22.55 -21.84
CA ASN B 142 31.78 -22.46 -21.40
C ASN B 142 31.05 -22.08 -22.68
N THR B 143 29.73 -21.95 -22.63
CA THR B 143 28.94 -21.63 -23.83
C THR B 143 29.18 -20.26 -24.45
N GLN B 144 30.34 -19.66 -24.21
CA GLN B 144 30.66 -18.35 -24.75
C GLN B 144 31.97 -18.35 -25.50
N THR B 145 32.68 -19.46 -25.45
CA THR B 145 34.00 -19.61 -26.08
C THR B 145 35.02 -19.00 -25.12
N LEU B 146 34.66 -18.99 -23.84
CA LEU B 146 35.53 -18.47 -22.80
C LEU B 146 36.09 -19.62 -21.96
N GLY B 147 37.30 -19.44 -21.44
CA GLY B 147 37.88 -20.51 -20.65
C GLY B 147 37.16 -20.76 -19.35
N ILE B 148 37.39 -21.93 -18.77
CA ILE B 148 36.83 -22.30 -17.47
C ILE B 148 38.06 -22.81 -16.73
N GLY B 149 38.70 -21.91 -16.01
CA GLY B 149 39.92 -22.31 -15.31
C GLY B 149 41.09 -22.06 -16.23
N CYS B 150 40.85 -21.31 -17.30
CA CYS B 150 41.88 -21.00 -18.26
C CYS B 150 41.54 -19.81 -19.17
N LEU B 151 42.59 -19.24 -19.76
CA LEU B 151 42.44 -18.14 -20.68
C LEU B 151 42.77 -18.68 -22.06
N THR B 152 41.76 -18.74 -22.91
CA THR B 152 41.95 -19.24 -24.25
C THR B 152 43.11 -18.54 -24.95
N THR B 153 43.75 -17.59 -24.27
CA THR B 153 44.85 -16.83 -24.86
C THR B 153 46.25 -17.29 -24.46
N ASP B 154 46.45 -17.69 -23.20
CA ASP B 154 47.77 -18.15 -22.72
C ASP B 154 47.74 -19.63 -22.29
N THR B 155 48.39 -20.46 -23.10
CA THR B 155 48.45 -21.90 -22.86
C THR B 155 49.17 -22.30 -21.57
N ALA B 156 49.62 -21.30 -20.82
CA ALA B 156 50.29 -21.60 -19.57
C ALA B 156 49.20 -21.85 -18.52
N THR B 157 47.96 -21.60 -18.89
CA THR B 157 46.84 -21.82 -17.98
C THR B 157 46.06 -23.06 -18.37
N PHE B 158 46.45 -23.71 -19.45
CA PHE B 158 45.77 -24.91 -19.92
C PHE B 158 45.95 -26.05 -18.95
N GLU B 159 45.27 -27.16 -19.20
CA GLU B 159 45.38 -28.32 -18.32
C GLU B 159 46.09 -29.41 -19.13
N GLU B 160 47.27 -29.83 -18.66
CA GLU B 160 48.05 -30.85 -19.36
C GLU B 160 47.49 -32.25 -19.08
N VAL B 161 47.19 -33.00 -20.15
CA VAL B 161 46.62 -34.34 -20.02
C VAL B 161 47.44 -35.45 -20.70
N ALA B 162 48.66 -35.11 -21.11
CA ALA B 162 49.55 -36.04 -21.78
C ALA B 162 50.90 -35.38 -21.94
N THR B 163 51.94 -35.97 -21.37
CA THR B 163 53.25 -35.37 -21.48
C THR B 163 54.23 -36.22 -22.26
N ALA B 164 54.31 -35.97 -23.55
CA ALA B 164 55.23 -36.66 -24.44
C ALA B 164 55.02 -38.18 -24.61
N GLU B 165 53.83 -38.60 -25.01
CA GLU B 165 53.58 -40.02 -25.21
C GLU B 165 53.70 -40.29 -26.70
N LYS B 166 53.78 -41.60 -27.02
CA LYS B 166 53.94 -42.12 -28.39
C LYS B 166 52.61 -42.53 -28.99
N LEU B 167 51.59 -42.74 -28.13
CA LEU B 167 50.22 -43.11 -28.45
C LEU B 167 49.37 -42.65 -27.28
N VAL B 168 48.31 -41.89 -27.58
CA VAL B 168 47.42 -41.37 -26.54
C VAL B 168 45.95 -41.30 -26.95
N ILE B 169 45.09 -41.92 -26.14
CA ILE B 169 43.65 -41.86 -26.39
C ILE B 169 43.10 -40.97 -25.28
N THR B 170 42.86 -39.70 -25.62
CA THR B 170 42.38 -38.70 -24.68
C THR B 170 40.86 -38.67 -24.54
N ASP B 171 40.41 -38.48 -23.31
CA ASP B 171 39.00 -38.47 -23.00
C ASP B 171 38.67 -37.24 -22.17
N VAL B 172 37.69 -36.45 -22.63
CA VAL B 172 37.25 -35.26 -21.91
C VAL B 172 35.77 -35.34 -21.60
N VAL B 173 35.31 -34.53 -20.65
CA VAL B 173 33.90 -34.53 -20.27
C VAL B 173 33.04 -34.31 -21.52
N ASP B 174 32.23 -35.32 -21.86
CA ASP B 174 31.37 -35.27 -23.04
C ASP B 174 30.46 -34.06 -23.13
N GLY B 175 30.38 -33.49 -24.33
CA GLY B 175 29.51 -32.35 -24.57
C GLY B 175 30.05 -31.01 -24.09
N VAL B 176 31.35 -30.80 -24.21
CA VAL B 176 31.96 -29.55 -23.79
C VAL B 176 33.03 -29.17 -24.81
N ASN B 177 33.05 -27.92 -25.23
CA ASN B 177 34.05 -27.54 -26.21
C ASN B 177 35.38 -27.27 -25.52
N HIS B 178 36.46 -27.57 -26.22
CA HIS B 178 37.81 -27.40 -25.69
C HIS B 178 38.78 -26.78 -26.68
N LYS B 179 39.55 -25.71 -26.27
CA LYS B 179 40.61 -25.22 -27.18
C LYS B 179 41.73 -26.17 -26.91
N LEU B 180 42.30 -26.76 -27.95
CA LEU B 180 43.33 -27.77 -27.76
C LEU B 180 44.68 -27.22 -28.08
N ASP B 181 45.69 -27.69 -27.37
CA ASP B 181 47.05 -27.27 -27.66
C ASP B 181 47.97 -28.46 -27.71
N VAL B 182 48.08 -29.06 -28.89
CA VAL B 182 48.96 -30.20 -29.06
C VAL B 182 50.26 -29.67 -29.65
N THR B 183 51.31 -30.49 -29.59
CA THR B 183 52.60 -30.12 -30.14
C THR B 183 52.67 -30.76 -31.52
N THR B 184 51.75 -30.32 -32.39
CA THR B 184 51.62 -30.81 -33.76
C THR B 184 52.91 -31.02 -34.54
N ALA B 185 54.00 -30.41 -34.08
CA ALA B 185 55.28 -30.56 -34.74
C ALA B 185 55.70 -32.04 -34.74
N THR B 186 55.65 -32.63 -33.57
CA THR B 186 55.94 -34.05 -33.37
C THR B 186 54.63 -34.89 -33.17
N CYS B 187 53.47 -34.31 -33.07
CA CYS B 187 52.28 -35.11 -32.87
C CYS B 187 51.21 -34.87 -33.94
N THR B 188 50.34 -35.90 -33.98
CA THR B 188 49.19 -35.78 -34.91
C THR B 188 47.98 -36.14 -34.05
N ILE B 189 46.95 -35.30 -33.96
CA ILE B 189 45.77 -35.67 -33.16
C ILE B 189 44.56 -35.73 -34.10
N ARG B 190 43.80 -36.90 -33.97
CA ARG B 190 42.65 -37.11 -34.85
C ARG B 190 41.42 -37.49 -34.00
N ASN B 191 40.26 -37.08 -34.48
CA ASN B 191 38.99 -37.34 -33.80
C ASN B 191 38.34 -38.66 -34.21
N CYS B 192 38.42 -39.67 -33.34
CA CYS B 192 37.86 -40.99 -33.65
C CYS B 192 36.59 -41.44 -32.93
N LYS B 193 35.74 -42.13 -33.68
CA LYS B 193 34.52 -42.73 -33.17
C LYS B 193 34.77 -44.24 -33.09
N LYS B 194 34.52 -44.91 -31.95
CA LYS B 194 34.84 -46.36 -31.81
C LYS B 194 33.78 -47.35 -32.23
N LEU B 195 33.97 -48.63 -31.91
CA LEU B 195 32.96 -49.50 -32.43
C LEU B 195 33.32 -50.96 -32.53
N GLY B 196 33.23 -51.28 -33.81
CA GLY B 196 33.58 -52.54 -34.28
C GLY B 196 34.88 -52.85 -33.62
N PRO B 197 34.92 -54.13 -33.27
CA PRO B 197 36.04 -54.74 -32.66
C PRO B 197 36.78 -55.45 -33.74
N ARG B 198 37.83 -56.03 -33.28
CA ARG B 198 38.61 -56.65 -34.23
C ARG B 198 38.60 -58.11 -34.17
N GLU B 199 38.22 -58.60 -35.33
CA GLU B 199 38.14 -59.98 -35.59
C GLU B 199 39.51 -60.46 -36.10
N ASN B 200 40.60 -59.91 -35.56
CA ASN B 200 41.96 -60.34 -35.97
C ASN B 200 42.90 -60.43 -34.73
N VAL B 201 43.72 -59.40 -34.47
CA VAL B 201 44.60 -59.43 -33.31
C VAL B 201 44.04 -60.39 -32.28
N ALA B 202 45.36 -60.56 -31.51
CA ALA B 202 45.06 -61.46 -30.47
C ALA B 202 46.19 -61.15 -29.58
N VAL B 203 46.03 -60.04 -28.95
CA VAL B 203 47.12 -59.67 -28.13
C VAL B 203 47.45 -60.78 -27.17
N ILE B 204 48.62 -61.38 -27.28
CA ILE B 204 49.00 -62.40 -26.32
C ILE B 204 49.97 -61.73 -25.36
N GLN B 205 49.61 -61.72 -24.12
CA GLN B 205 50.38 -61.09 -23.09
C GLN B 205 51.37 -62.02 -22.40
N VAL B 206 52.65 -61.58 -22.43
CA VAL B 206 53.67 -62.21 -21.63
C VAL B 206 53.90 -61.21 -20.53
N GLY B 207 53.90 -62.04 -19.44
CA GLY B 207 54.08 -61.88 -18.04
C GLY B 207 52.99 -61.21 -17.25
N GLY B 208 53.45 -61.15 -15.97
CA GLY B 208 52.81 -60.53 -14.80
C GLY B 208 51.90 -61.38 -13.95
N SER B 209 50.70 -60.95 -13.99
CA SER B 209 49.52 -61.48 -13.50
C SER B 209 48.79 -60.53 -14.36
N ASP B 210 47.74 -60.86 -15.04
CA ASP B 210 47.07 -59.71 -15.55
C ASP B 210 45.59 -59.97 -15.29
N VAL B 211 44.96 -58.93 -15.59
CA VAL B 211 43.59 -58.60 -15.63
C VAL B 211 43.98 -57.35 -16.38
N LEU B 212 43.17 -56.91 -17.26
CA LEU B 212 43.46 -55.77 -18.09
C LEU B 212 42.20 -54.91 -18.07
N ASP B 213 42.28 -53.65 -17.72
CA ASP B 213 41.14 -52.76 -17.74
C ASP B 213 41.34 -51.85 -18.95
N ILE B 214 40.70 -52.20 -20.07
CA ILE B 214 40.87 -51.45 -21.29
C ILE B 214 39.68 -50.48 -21.53
N THR B 215 38.87 -50.10 -20.52
CA THR B 215 37.79 -49.13 -20.77
C THR B 215 38.19 -47.78 -20.27
N ALA B 216 37.58 -46.73 -20.79
CA ALA B 216 37.91 -45.38 -20.34
C ALA B 216 37.12 -45.10 -19.12
N ASP B 217 35.99 -45.80 -18.97
CA ASP B 217 35.14 -45.53 -17.80
C ASP B 217 35.61 -46.37 -16.57
N PRO B 218 34.82 -46.46 -15.54
CA PRO B 218 35.19 -47.18 -14.35
C PRO B 218 34.17 -48.21 -14.18
N THR B 219 33.18 -48.07 -15.00
CA THR B 219 32.09 -48.99 -14.68
C THR B 219 32.21 -50.33 -15.27
N THR B 220 32.72 -50.38 -16.49
CA THR B 220 32.84 -51.63 -17.27
C THR B 220 34.26 -52.18 -17.33
N ALA B 221 34.33 -53.47 -17.50
CA ALA B 221 35.57 -54.15 -17.74
C ALA B 221 35.35 -55.23 -18.78
N PRO B 222 35.79 -55.05 -20.06
CA PRO B 222 35.61 -56.08 -21.05
C PRO B 222 36.87 -56.88 -21.33
N GLN B 223 36.56 -58.16 -21.27
CA GLN B 223 37.39 -59.32 -21.45
C GLN B 223 36.94 -60.04 -22.72
N THR B 224 37.76 -59.94 -23.76
CA THR B 224 37.44 -60.57 -25.04
C THR B 224 38.33 -61.77 -25.32
N GLU B 225 37.96 -62.58 -26.32
CA GLU B 225 38.70 -63.78 -26.70
C GLU B 225 40.02 -63.37 -27.37
N ARG B 226 40.00 -62.21 -28.07
CA ARG B 226 41.19 -61.70 -28.78
C ARG B 226 42.16 -61.03 -27.80
N MET B 227 42.10 -61.47 -26.55
CA MET B 227 42.96 -60.93 -25.49
C MET B 227 43.46 -62.14 -24.67
N MET B 228 44.51 -62.81 -25.16
CA MET B 228 45.05 -64.00 -24.50
C MET B 228 46.28 -63.77 -23.64
N ARG B 229 46.65 -64.75 -22.79
CA ARG B 229 47.84 -64.60 -21.89
C ARG B 229 48.65 -65.92 -21.79
N ILE B 230 49.99 -65.78 -21.85
CA ILE B 230 50.94 -66.90 -21.79
C ILE B 230 51.94 -66.72 -20.64
N ASN B 231 52.30 -67.83 -19.98
CA ASN B 231 53.26 -67.80 -18.87
C ASN B 231 54.70 -67.86 -19.37
N TRP B 232 55.44 -66.79 -19.11
CA TRP B 232 56.83 -66.66 -19.53
C TRP B 232 57.81 -67.64 -18.93
N LYS B 233 58.66 -68.16 -19.80
CA LYS B 233 59.72 -69.07 -19.40
C LYS B 233 60.89 -68.52 -20.21
N LYS B 234 60.88 -68.86 -21.49
CA LYS B 234 61.90 -68.42 -22.42
C LYS B 234 61.15 -68.05 -23.68
N TRP B 235 61.75 -67.21 -24.53
CA TRP B 235 61.08 -66.82 -25.75
C TRP B 235 60.90 -67.98 -26.71
N TRP B 236 61.86 -68.87 -26.81
CA TRP B 236 61.68 -69.99 -27.72
C TRP B 236 60.41 -70.75 -27.37
N GLN B 237 60.16 -70.90 -26.07
CA GLN B 237 58.97 -71.61 -25.59
C GLN B 237 57.70 -70.86 -26.02
N VAL B 238 57.71 -69.54 -25.87
CA VAL B 238 56.56 -68.74 -26.26
C VAL B 238 56.18 -69.05 -27.70
N PHE B 239 57.15 -68.91 -28.61
CA PHE B 239 56.89 -69.18 -30.01
C PHE B 239 56.45 -70.61 -30.26
N TYR B 240 57.08 -71.58 -29.60
CA TYR B 240 56.66 -72.97 -29.79
C TYR B 240 55.17 -73.07 -29.49
N THR B 241 54.74 -72.50 -28.37
CA THR B 241 53.33 -72.54 -28.00
C THR B 241 52.45 -71.83 -29.01
N VAL B 242 52.86 -70.64 -29.44
CA VAL B 242 52.09 -69.91 -30.44
C VAL B 242 51.89 -70.79 -31.67
N VAL B 243 52.95 -71.51 -32.07
CA VAL B 243 52.85 -72.42 -33.22
C VAL B 243 52.01 -73.62 -32.86
N ASP B 244 52.33 -74.29 -31.76
CA ASP B 244 51.58 -75.48 -31.38
C ASP B 244 50.04 -75.25 -31.24
N TYR B 245 49.63 -73.96 -31.10
CA TYR B 245 48.21 -73.54 -30.93
C TYR B 245 47.76 -72.41 -31.83
N VAL B 246 48.33 -72.38 -33.03
CA VAL B 246 47.99 -71.38 -34.04
C VAL B 246 46.52 -71.33 -34.36
N ASN B 247 45.93 -72.49 -34.58
CA ASN B 247 44.54 -72.58 -34.96
C ASN B 247 43.62 -72.13 -33.83
N GLN B 248 43.97 -72.52 -32.65
CA GLN B 248 43.20 -72.17 -31.48
C GLN B 248 43.19 -70.65 -31.35
N ILE B 249 44.35 -70.05 -31.58
CA ILE B 249 44.52 -68.59 -31.53
C ILE B 249 43.79 -67.93 -32.71
N ILE B 250 43.90 -68.52 -33.88
CA ILE B 250 43.24 -67.98 -35.06
C ILE B 250 41.71 -68.07 -34.88
N GLN B 251 41.26 -69.20 -34.37
CA GLN B 251 39.84 -69.42 -34.16
C GLN B 251 39.22 -68.41 -33.20
N ALA B 252 40.02 -67.85 -32.32
CA ALA B 252 39.54 -66.85 -31.38
C ALA B 252 39.40 -65.45 -32.04
N MET B 253 39.82 -65.31 -33.34
CA MET B 253 39.78 -64.07 -34.17
C MET B 253 38.75 -64.22 -35.35
N SER B 254 39.27 -64.28 -36.62
CA SER B 254 38.51 -64.59 -37.89
C SER B 254 37.85 -63.51 -38.72
N LYS B 255 38.45 -63.34 -39.93
CA LYS B 255 37.96 -62.41 -40.90
C LYS B 255 38.63 -61.09 -40.73
N PRO C 1 7.13 -57.06 3.22
CA PRO C 1 6.45 -57.44 1.99
C PRO C 1 5.62 -56.29 1.40
N ILE C 2 6.34 -56.74 0.13
CA ILE C 2 5.55 -56.03 -0.90
C ILE C 2 4.71 -57.00 -1.73
N THR C 3 3.55 -56.50 -2.15
CA THR C 3 2.75 -57.12 -3.21
C THR C 3 3.61 -57.31 -4.47
N GLY C 4 3.43 -58.45 -5.12
CA GLY C 4 4.30 -58.82 -6.25
C GLY C 4 3.71 -58.60 -7.64
N SER C 5 2.51 -57.99 -7.71
CA SER C 5 1.89 -57.83 -9.03
C SER C 5 2.75 -56.96 -9.93
N MET C 6 2.86 -57.54 -11.29
CA MET C 6 3.67 -57.02 -12.42
C MET C 6 2.86 -56.01 -13.18
N ASP C 7 2.78 -54.84 -12.57
CA ASP C 7 2.01 -53.74 -13.19
C ASP C 7 2.67 -53.19 -14.45
N THR C 8 3.78 -53.56 -13.97
CA THR C 8 4.77 -53.40 -15.02
C THR C 8 5.11 -52.03 -15.54
N ALA C 9 5.15 -51.03 -14.70
CA ALA C 9 5.36 -49.59 -14.96
C ALA C 9 6.72 -48.87 -14.71
N TYR C 10 7.51 -49.04 -15.31
CA TYR C 10 8.69 -48.36 -14.73
C TYR C 10 8.48 -46.85 -14.76
N ALA C 11 8.74 -46.26 -13.62
CA ALA C 11 8.71 -44.82 -13.36
C ALA C 11 10.04 -44.22 -13.82
N ASN C 12 9.89 -43.37 -14.83
CA ASN C 12 10.96 -42.73 -15.59
C ASN C 12 12.12 -41.97 -14.96
N SER C 13 13.29 -42.16 -15.55
CA SER C 13 14.50 -41.50 -15.11
C SER C 13 15.32 -42.15 -14.00
N THR C 14 15.12 -41.65 -12.79
CA THR C 14 15.84 -42.11 -11.60
C THR C 14 16.98 -41.14 -11.38
N GLN C 15 17.74 -40.85 -12.44
CA GLN C 15 18.87 -39.91 -12.30
C GLN C 15 18.40 -38.48 -12.05
N GLU C 16 17.13 -38.18 -12.35
CA GLU C 16 16.61 -36.79 -12.18
C GLU C 16 16.17 -36.47 -10.79
N GLU C 17 16.17 -37.46 -9.92
CA GLU C 17 15.84 -37.23 -8.50
C GLU C 17 17.15 -37.06 -7.75
N THR C 18 18.14 -37.85 -8.19
CA THR C 18 19.47 -37.80 -7.58
C THR C 18 20.20 -36.53 -7.91
N PHE C 19 20.01 -36.05 -9.12
CA PHE C 19 20.64 -34.75 -9.46
C PHE C 19 20.10 -33.63 -8.57
N LEU C 20 18.80 -33.67 -8.35
CA LEU C 20 18.20 -32.60 -7.53
C LEU C 20 18.48 -32.75 -6.04
N THR C 21 18.27 -33.95 -5.53
CA THR C 21 18.28 -34.09 -4.07
C THR C 21 19.60 -34.65 -3.53
N SER C 22 20.37 -35.25 -4.12
CA SER C 22 21.60 -35.80 -3.51
C SER C 22 22.81 -34.89 -3.76
N THR C 23 24.08 -35.19 -2.68
CA THR C 23 25.44 -34.72 -2.67
C THR C 23 26.45 -35.77 -3.09
N LEU C 24 27.48 -35.32 -3.79
CA LEU C 24 28.55 -36.18 -4.27
C LEU C 24 29.87 -35.70 -3.65
N CYS C 25 30.56 -36.61 -2.96
CA CYS C 25 31.84 -36.32 -2.30
C CYS C 25 32.96 -37.12 -2.92
N LEU C 26 33.95 -36.40 -3.47
CA LEU C 26 35.10 -37.03 -4.13
C LEU C 26 36.30 -37.07 -3.22
N TYR C 27 36.82 -38.26 -2.97
CA TYR C 27 38.00 -38.39 -2.13
C TYR C 27 39.20 -38.72 -3.00
N TYR C 28 40.25 -37.97 -2.83
CA TYR C 28 41.46 -38.21 -3.58
C TYR C 28 42.62 -38.03 -2.62
N PRO C 29 43.82 -38.46 -3.02
CA PRO C 29 45.07 -38.30 -2.30
C PRO C 29 45.70 -36.97 -2.64
N THR C 30 46.60 -36.49 -1.78
CA THR C 30 47.27 -35.22 -2.03
C THR C 30 47.96 -35.25 -3.38
N GLU C 31 48.83 -36.23 -3.59
CA GLU C 31 49.55 -36.31 -4.85
C GLU C 31 48.66 -36.00 -6.06
N ALA C 32 47.41 -36.44 -6.00
CA ALA C 32 46.46 -36.22 -7.09
C ALA C 32 46.30 -34.73 -7.37
N ALA C 33 45.96 -33.98 -6.34
CA ALA C 33 45.78 -32.54 -6.48
C ALA C 33 47.09 -31.83 -6.79
N THR C 34 48.18 -32.23 -6.14
CA THR C 34 49.47 -31.58 -6.39
C THR C 34 49.85 -31.63 -7.87
N GLU C 35 49.56 -32.76 -8.52
CA GLU C 35 49.89 -32.91 -9.93
C GLU C 35 49.06 -32.01 -10.82
N ILE C 36 47.91 -31.61 -10.30
CA ILE C 36 47.00 -30.76 -11.08
C ILE C 36 47.41 -29.29 -11.16
N ASN C 37 48.04 -28.85 -10.09
CA ASN C 37 48.69 -27.58 -9.89
C ASN C 37 47.91 -26.28 -10.17
N ASP C 38 46.62 -26.33 -9.98
CA ASP C 38 45.78 -25.17 -10.25
C ASP C 38 45.03 -24.78 -8.95
N ASN C 39 44.83 -23.48 -8.77
CA ASN C 39 44.13 -22.98 -7.61
C ASN C 39 42.64 -23.08 -7.88
N SER C 40 42.25 -23.37 -9.10
CA SER C 40 40.84 -23.42 -9.41
C SER C 40 40.36 -24.75 -9.96
N TRP C 41 41.11 -25.82 -9.74
CA TRP C 41 40.70 -27.10 -10.29
C TRP C 41 39.38 -27.57 -9.68
N LYS C 42 39.22 -27.40 -8.38
CA LYS C 42 37.98 -27.81 -7.76
C LYS C 42 36.82 -27.06 -8.41
N ASP C 43 37.05 -25.78 -8.70
CA ASP C 43 36.02 -24.94 -9.34
C ASP C 43 35.73 -25.34 -10.78
N THR C 44 36.76 -25.46 -11.61
CA THR C 44 36.58 -25.84 -13.00
C THR C 44 35.76 -27.15 -13.09
N LEU C 45 36.19 -28.16 -12.36
CA LEU C 45 35.48 -29.43 -12.36
C LEU C 45 34.01 -29.29 -11.96
N SER C 46 33.73 -28.34 -11.07
CA SER C 46 32.38 -28.11 -10.60
C SER C 46 31.44 -27.59 -11.67
N GLN C 47 31.95 -26.71 -12.53
CA GLN C 47 31.16 -26.19 -13.62
C GLN C 47 30.95 -27.35 -14.58
N LEU C 48 32.00 -28.15 -14.74
CA LEU C 48 31.90 -29.31 -15.62
C LEU C 48 30.88 -30.29 -15.07
N PHE C 49 30.70 -30.27 -13.75
CA PHE C 49 29.74 -31.17 -13.12
C PHE C 49 28.30 -30.74 -13.39
N LEU C 50 28.09 -29.49 -13.77
CA LEU C 50 26.72 -29.04 -14.06
C LEU C 50 26.28 -29.76 -15.31
N THR C 51 27.22 -29.98 -16.24
CA THR C 51 26.94 -30.70 -17.49
C THR C 51 26.29 -32.03 -17.21
N LYS C 52 26.93 -32.82 -16.37
CA LYS C 52 26.43 -34.14 -15.99
C LYS C 52 25.18 -34.03 -15.11
N GLY C 53 24.81 -32.79 -14.78
CA GLY C 53 23.61 -32.56 -13.99
C GLY C 53 23.64 -32.40 -12.48
N TRP C 54 24.70 -31.82 -11.93
CA TRP C 54 24.79 -31.61 -10.49
C TRP C 54 24.92 -30.12 -10.20
N PRO C 55 23.87 -29.54 -9.61
CA PRO C 55 23.79 -28.12 -9.26
C PRO C 55 25.03 -27.65 -8.52
N THR C 56 25.41 -26.40 -8.74
CA THR C 56 26.59 -25.83 -8.11
C THR C 56 26.94 -26.30 -6.70
N GLY C 57 26.12 -25.97 -5.71
CA GLY C 57 26.44 -26.36 -4.34
C GLY C 57 26.43 -27.85 -3.99
N SER C 58 26.27 -28.68 -5.02
CA SER C 58 26.19 -30.12 -4.85
C SER C 58 27.43 -30.97 -4.60
N VAL C 59 28.49 -30.77 -5.37
CA VAL C 59 29.71 -31.58 -5.23
C VAL C 59 30.81 -31.08 -4.29
N TYR C 60 31.32 -31.96 -3.42
CA TYR C 60 32.39 -31.61 -2.47
C TYR C 60 33.71 -32.37 -2.72
N PHE C 61 34.84 -31.71 -2.50
CA PHE C 61 36.16 -32.33 -2.73
C PHE C 61 37.00 -32.50 -1.46
N LYS C 62 37.08 -33.78 -0.87
CA LYS C 62 37.84 -34.10 0.37
C LYS C 62 39.20 -34.78 -0.01
N GLU C 63 40.26 -34.21 0.56
CA GLU C 63 41.69 -34.55 0.41
C GLU C 63 42.31 -35.51 1.45
N TYR C 64 42.42 -36.82 1.18
CA TYR C 64 43.05 -37.62 2.22
C TYR C 64 44.55 -37.58 2.04
N THR C 65 45.52 -37.39 2.76
CA THR C 65 46.87 -37.41 2.14
C THR C 65 47.50 -38.77 2.10
N ASP C 66 46.91 -39.75 2.75
CA ASP C 66 47.48 -41.09 2.69
C ASP C 66 46.36 -42.12 2.85
N ILE C 67 46.61 -43.32 2.38
CA ILE C 67 45.63 -44.37 2.63
C ILE C 67 45.49 -44.70 4.12
N ALA C 68 46.54 -44.55 4.90
CA ALA C 68 46.50 -44.85 6.33
C ALA C 68 45.68 -43.85 7.10
N SER C 69 45.91 -42.47 6.80
CA SER C 69 45.09 -41.51 7.55
C SER C 69 43.62 -41.57 7.14
N PHE C 70 43.39 -41.64 5.82
CA PHE C 70 42.05 -41.72 5.28
C PHE C 70 41.32 -42.92 5.88
N SER C 71 42.02 -44.03 6.01
CA SER C 71 41.45 -45.26 6.55
C SER C 71 40.90 -45.06 7.96
N VAL C 72 41.56 -44.19 8.73
CA VAL C 72 41.14 -43.93 10.10
C VAL C 72 39.85 -43.08 10.18
N ASP C 73 40.27 -41.66 9.69
CA ASP C 73 39.54 -40.40 9.83
C ASP C 73 38.41 -40.17 8.82
N PRO C 74 38.31 -41.09 7.86
CA PRO C 74 37.27 -41.33 6.83
C PRO C 74 35.81 -41.39 7.28
N GLN C 75 35.35 -40.35 7.92
CA GLN C 75 33.91 -40.13 8.04
C GLN C 75 33.37 -39.50 6.76
N LEU C 76 32.70 -40.31 6.15
CA LEU C 76 32.05 -40.06 4.83
C LEU C 76 31.08 -38.94 4.97
N TYR C 77 31.29 -37.84 4.30
CA TYR C 77 30.45 -36.65 4.48
C TYR C 77 29.18 -36.58 3.64
N CYS C 78 29.23 -37.03 2.41
CA CYS C 78 28.10 -36.86 1.55
C CYS C 78 27.36 -38.13 1.30
N ASP C 79 26.18 -37.94 0.71
CA ASP C 79 25.20 -38.96 0.28
C ASP C 79 25.92 -40.04 -0.52
N TYR C 80 26.64 -39.57 -1.57
CA TYR C 80 27.42 -40.47 -2.45
C TYR C 80 28.90 -40.19 -2.31
N ASN C 81 29.66 -41.22 -2.02
CA ASN C 81 31.09 -41.05 -1.87
C ASN C 81 31.83 -41.91 -2.89
N VAL C 82 32.68 -41.30 -3.70
CA VAL C 82 33.46 -42.06 -4.66
C VAL C 82 34.89 -41.70 -4.29
N VAL C 83 35.63 -42.71 -3.83
CA VAL C 83 37.00 -42.52 -3.38
C VAL C 83 38.04 -43.04 -4.39
N LEU C 84 38.99 -42.17 -4.73
CA LEU C 84 40.05 -42.47 -5.69
C LEU C 84 41.28 -43.00 -4.96
N MET C 85 41.70 -44.21 -5.33
CA MET C 85 42.86 -44.88 -4.74
C MET C 85 43.84 -45.27 -5.84
N LYS C 86 45.06 -44.73 -5.79
CA LYS C 86 46.07 -45.03 -6.82
C LYS C 86 47.11 -46.04 -6.34
N TYR C 87 47.13 -47.17 -7.04
CA TYR C 87 48.02 -48.23 -6.63
C TYR C 87 49.43 -47.83 -6.19
N ASP C 88 49.63 -48.22 -4.90
CA ASP C 88 50.87 -48.21 -4.10
C ASP C 88 51.01 -49.70 -3.70
N ALA C 89 51.97 -50.36 -4.28
CA ALA C 89 52.12 -51.82 -4.13
C ALA C 89 52.55 -52.31 -2.77
N THR C 90 53.20 -51.45 -1.96
CA THR C 90 53.63 -51.90 -0.60
C THR C 90 52.50 -51.77 0.37
N LEU C 91 51.55 -50.86 0.06
CA LEU C 91 50.38 -50.56 0.94
C LEU C 91 49.09 -51.34 0.70
N GLN C 92 49.16 -52.33 -0.21
CA GLN C 92 48.04 -53.19 -0.64
C GLN C 92 47.07 -53.63 0.46
N LEU C 93 47.59 -54.26 1.50
CA LEU C 93 46.72 -54.68 2.60
C LEU C 93 46.15 -53.49 3.35
N ASP C 94 46.85 -52.36 3.31
CA ASP C 94 46.39 -51.16 4.02
C ASP C 94 45.09 -50.62 3.45
N MET C 95 45.25 -50.77 2.00
CA MET C 95 44.22 -50.48 1.01
C MET C 95 43.03 -51.46 1.12
N SER C 96 43.29 -52.73 1.29
CA SER C 96 42.32 -53.81 1.39
C SER C 96 41.44 -53.64 2.65
N GLU C 97 42.13 -53.33 3.76
CA GLU C 97 41.53 -53.10 5.05
C GLU C 97 40.68 -51.82 4.94
N LEU C 98 41.14 -50.79 4.23
CA LEU C 98 40.35 -49.58 4.07
C LEU C 98 39.13 -49.81 3.18
N ALA C 99 39.30 -50.61 2.12
CA ALA C 99 38.20 -50.89 1.22
C ALA C 99 37.14 -51.65 1.99
N ASP C 100 37.57 -52.69 2.70
CA ASP C 100 36.70 -53.54 3.50
C ASP C 100 35.82 -52.71 4.45
N LEU C 101 36.34 -51.58 4.88
CA LEU C 101 35.59 -50.72 5.77
C LEU C 101 34.57 -49.81 5.05
N ILE C 102 34.99 -49.14 3.97
CA ILE C 102 34.07 -48.26 3.24
C ILE C 102 33.01 -49.00 2.46
N LEU C 103 33.46 -49.96 1.67
CA LEU C 103 32.57 -50.76 0.83
C LEU C 103 31.51 -51.55 1.59
N ASN C 104 31.72 -51.75 2.89
CA ASN C 104 30.78 -52.51 3.69
C ASN C 104 30.09 -51.76 4.80
N GLU C 105 29.03 -52.37 5.31
CA GLU C 105 28.22 -51.83 6.38
C GLU C 105 28.70 -52.42 7.73
N TRP C 106 29.08 -51.72 8.77
CA TRP C 106 29.76 -52.26 9.95
C TRP C 106 28.96 -51.90 11.21
N LEU C 107 29.00 -52.79 12.19
CA LEU C 107 28.28 -52.57 13.44
C LEU C 107 29.44 -52.84 14.41
N CYS C 108 29.77 -51.90 15.31
CA CYS C 108 30.76 -52.10 16.35
C CYS C 108 30.36 -51.72 17.78
N ASN C 109 31.06 -52.31 18.73
CA ASN C 109 30.90 -52.09 20.17
C ASN C 109 32.31 -51.89 20.66
N PRO C 110 32.47 -51.29 21.84
CA PRO C 110 33.82 -51.04 22.36
C PRO C 110 34.34 -52.24 23.16
N MET C 111 35.66 -52.43 23.13
CA MET C 111 36.30 -53.54 23.84
C MET C 111 37.23 -53.05 24.95
N ASP C 112 37.20 -53.70 26.10
CA ASP C 112 38.10 -53.30 27.16
C ASP C 112 39.15 -54.36 27.30
N ILE C 113 40.25 -54.16 26.57
CA ILE C 113 41.36 -55.08 26.58
C ILE C 113 41.90 -55.35 27.96
N THR C 114 41.78 -54.36 28.84
CA THR C 114 42.26 -54.44 30.23
C THR C 114 41.58 -55.46 31.11
N LEU C 115 40.27 -55.33 31.28
CA LEU C 115 39.50 -56.21 32.16
C LEU C 115 38.93 -57.49 31.50
N TYR C 116 38.71 -57.99 30.13
CA TYR C 116 37.88 -59.10 29.62
C TYR C 116 38.59 -59.56 28.31
N TYR C 117 38.82 -60.86 28.30
CA TYR C 117 39.54 -61.43 27.23
C TYR C 117 38.50 -61.78 26.28
N TYR C 118 38.55 -61.38 24.99
CA TYR C 118 37.36 -61.76 24.14
C TYR C 118 37.50 -63.01 23.20
N GLN C 119 36.53 -63.18 22.22
CA GLN C 119 36.40 -64.25 21.15
C GLN C 119 35.44 -63.81 19.99
N GLN C 120 35.77 -64.18 18.74
CA GLN C 120 34.92 -63.79 17.64
C GLN C 120 33.93 -64.93 17.49
N THR C 121 32.72 -64.64 17.03
CA THR C 121 31.70 -65.65 16.92
C THR C 121 31.47 -66.35 15.57
N ASP C 122 31.36 -65.58 14.50
CA ASP C 122 31.11 -66.15 13.17
C ASP C 122 32.01 -65.54 12.09
N GLU C 123 31.83 -65.96 10.84
CA GLU C 123 32.65 -65.41 9.77
C GLU C 123 32.42 -63.92 9.63
N ALA C 124 31.56 -63.35 10.49
CA ALA C 124 31.24 -61.93 10.39
C ALA C 124 31.60 -61.11 11.61
N ASN C 125 32.24 -61.74 12.60
CA ASN C 125 32.64 -61.02 13.79
C ASN C 125 34.15 -60.79 13.65
N LYS C 126 34.55 -59.53 13.46
CA LYS C 126 35.97 -59.19 13.28
C LYS C 126 36.37 -58.07 14.23
N TRP C 127 37.67 -57.94 14.50
CA TRP C 127 38.11 -56.86 15.39
C TRP C 127 38.77 -55.74 14.59
N ILE C 128 38.06 -54.63 14.41
CA ILE C 128 38.60 -53.52 13.66
C ILE C 128 39.17 -52.46 14.59
N SER C 129 40.49 -52.33 14.54
CA SER C 129 41.23 -51.38 15.35
C SER C 129 41.90 -50.36 14.44
N MET C 130 42.02 -49.10 14.87
CA MET C 130 42.66 -48.06 14.06
C MET C 130 43.15 -46.84 14.87
N GLY C 131 44.22 -46.21 14.41
CA GLY C 131 44.76 -45.06 15.13
C GLY C 131 46.17 -44.68 14.69
N SER C 132 46.88 -43.95 15.56
CA SER C 132 48.26 -43.51 15.28
C SER C 132 49.13 -44.68 14.90
N SER C 133 49.32 -45.60 15.86
CA SER C 133 50.14 -46.77 15.66
C SER C 133 49.48 -47.96 16.33
N CYS C 134 48.87 -48.81 15.53
CA CYS C 134 48.19 -49.97 16.07
C CYS C 134 49.04 -51.25 16.13
N THR C 135 49.42 -51.68 17.34
CA THR C 135 50.21 -52.89 17.52
C THR C 135 49.48 -53.90 18.42
N ILE C 136 48.95 -54.94 17.81
CA ILE C 136 48.17 -55.96 18.50
C ILE C 136 48.82 -57.34 18.69
N LYS C 137 48.98 -57.76 19.95
CA LYS C 137 49.55 -59.05 20.28
C LYS C 137 48.40 -59.88 20.90
N VAL C 138 48.31 -61.15 20.57
CA VAL C 138 47.22 -61.98 21.06
C VAL C 138 47.66 -63.24 21.79
N CYS C 139 46.82 -63.72 22.71
CA CYS C 139 47.10 -64.94 23.45
C CYS C 139 45.83 -65.81 23.65
N PRO C 140 45.68 -66.86 22.85
CA PRO C 140 44.56 -67.80 22.88
C PRO C 140 44.43 -68.53 24.21
N LEU C 141 43.20 -68.59 24.71
CA LEU C 141 42.95 -69.23 25.99
C LEU C 141 42.22 -70.56 25.82
N ASN C 142 42.63 -71.55 26.60
CA ASN C 142 41.95 -72.84 26.56
C ASN C 142 40.77 -72.62 27.49
N THR C 143 39.91 -73.61 27.64
CA THR C 143 38.71 -73.47 28.48
C THR C 143 38.96 -73.27 29.98
N GLN C 144 40.13 -72.79 30.35
CA GLN C 144 40.47 -72.58 31.76
C GLN C 144 40.93 -71.16 32.03
N THR C 145 41.10 -70.38 30.96
CA THR C 145 41.59 -69.01 31.05
C THR C 145 43.12 -69.10 31.13
N LEU C 146 43.66 -70.19 30.60
CA LEU C 146 45.10 -70.41 30.58
C LEU C 146 45.64 -70.25 29.16
N GLY C 147 46.87 -69.79 29.04
CA GLY C 147 47.42 -69.60 27.70
C GLY C 147 47.63 -70.89 26.95
N ILE C 148 47.76 -70.78 25.63
CA ILE C 148 48.03 -71.92 24.77
C ILE C 148 49.19 -71.41 23.92
N GLY C 149 50.41 -71.68 24.39
CA GLY C 149 51.57 -71.18 23.68
C GLY C 149 51.92 -69.83 24.24
N CYS C 150 51.33 -69.50 25.40
CA CYS C 150 51.58 -68.23 26.05
C CYS C 150 51.18 -68.20 27.53
N LEU C 151 51.75 -67.25 28.25
CA LEU C 151 51.44 -67.05 29.65
C LEU C 151 50.64 -65.77 29.74
N THR C 152 49.38 -65.90 30.09
CA THR C 152 48.52 -64.74 30.22
C THR C 152 49.15 -63.66 31.10
N THR C 153 50.34 -63.94 31.64
CA THR C 153 51.01 -62.99 32.51
C THR C 153 52.10 -62.13 31.86
N ASP C 154 52.89 -62.71 30.94
CA ASP C 154 53.97 -61.98 30.27
C ASP C 154 53.71 -61.86 28.76
N THR C 155 53.40 -60.65 28.32
CA THR C 155 53.11 -60.36 26.91
C THR C 155 54.28 -60.59 25.97
N ALA C 156 55.41 -61.04 26.52
CA ALA C 156 56.56 -61.32 25.68
C ALA C 156 56.36 -62.70 25.05
N THR C 157 55.32 -63.40 25.49
CA THR C 157 55.01 -64.71 24.96
C THR C 157 53.80 -64.67 24.05
N PHE C 158 53.20 -63.48 23.91
CA PHE C 158 52.03 -63.32 23.06
C PHE C 158 52.37 -63.51 21.61
N GLU C 159 51.36 -63.52 20.74
CA GLU C 159 51.59 -63.68 19.32
C GLU C 159 51.24 -62.37 18.65
N GLU C 160 52.23 -61.72 18.03
CA GLU C 160 52.01 -60.44 17.36
C GLU C 160 51.32 -60.61 16.01
N VAL C 161 50.20 -59.92 15.81
CA VAL C 161 49.42 -60.03 14.57
C VAL C 161 49.22 -58.70 13.83
N ALA C 162 49.95 -57.67 14.26
CA ALA C 162 49.85 -56.35 13.67
C ALA C 162 50.94 -55.47 14.27
N THR C 163 51.83 -54.97 13.44
CA THR C 163 52.90 -54.14 13.98
C THR C 163 52.83 -52.70 13.50
N ALA C 164 52.17 -51.86 14.28
CA ALA C 164 52.04 -50.45 14.00
C ALA C 164 51.29 -50.05 12.72
N GLU C 165 50.05 -50.50 12.56
CA GLU C 165 49.28 -50.16 11.37
C GLU C 165 48.35 -49.02 11.78
N LYS C 166 47.78 -48.38 10.74
CA LYS C 166 46.87 -47.23 10.85
C LYS C 166 45.41 -47.66 10.80
N LEU C 167 45.16 -48.87 10.29
CA LEU C 167 43.85 -49.51 10.16
C LEU C 167 44.12 -51.01 10.10
N VAL C 168 43.44 -51.77 10.96
CA VAL C 168 43.62 -53.22 11.03
C VAL C 168 42.34 -54.00 11.33
N ILE C 169 42.03 -54.97 10.48
CA ILE C 169 40.86 -55.82 10.70
C ILE C 169 41.46 -57.19 11.04
N THR C 170 41.50 -57.48 12.34
CA THR C 170 42.06 -58.72 12.85
C THR C 170 41.08 -59.88 12.89
N ASP C 171 41.59 -61.05 12.55
CA ASP C 171 40.78 -62.25 12.50
C ASP C 171 41.46 -63.37 13.26
N VAL C 172 40.74 -63.98 14.22
CA VAL C 172 41.27 -65.09 15.00
C VAL C 172 40.38 -66.31 14.86
N VAL C 173 40.91 -67.48 15.20
CA VAL C 173 40.14 -68.72 15.10
C VAL C 173 38.83 -68.56 15.88
N ASP C 174 37.71 -68.63 15.16
CA ASP C 174 36.38 -68.47 15.75
C ASP C 174 36.09 -69.38 16.93
N GLY C 175 35.47 -68.81 17.95
CA GLY C 175 35.09 -69.58 19.12
C GLY C 175 36.21 -69.89 20.09
N VAL C 176 37.13 -68.96 20.27
CA VAL C 176 38.25 -69.16 21.19
C VAL C 176 38.51 -67.85 21.92
N ASN C 177 38.67 -67.91 23.23
CA ASN C 177 38.92 -66.68 23.97
C ASN C 177 40.37 -66.27 23.83
N HIS C 178 40.61 -64.96 23.83
CA HIS C 178 41.96 -64.41 23.69
C HIS C 178 42.24 -63.25 24.62
N LYS C 179 43.39 -63.29 25.38
CA LYS C 179 43.75 -62.09 26.16
C LYS C 179 44.41 -61.21 25.14
N LEU C 180 43.97 -59.96 25.03
CA LEU C 180 44.48 -59.10 23.99
C LEU C 180 45.43 -58.08 24.57
N ASP C 181 46.43 -57.71 23.78
CA ASP C 181 47.36 -56.69 24.22
C ASP C 181 47.59 -55.67 23.13
N VAL C 182 46.74 -54.66 23.09
CA VAL C 182 46.88 -53.61 22.10
C VAL C 182 47.63 -52.46 22.77
N THR C 183 48.13 -51.54 21.96
CA THR C 183 48.83 -50.37 22.47
C THR C 183 47.81 -49.24 22.50
N THR C 184 46.77 -49.43 23.31
CA THR C 184 45.66 -48.49 23.48
C THR C 184 46.03 -47.01 23.55
N ALA C 185 47.29 -46.72 23.85
CA ALA C 185 47.75 -45.34 23.95
C ALA C 185 47.55 -44.64 22.59
N THR C 186 48.05 -45.28 21.56
CA THR C 186 47.91 -44.81 20.18
C THR C 186 46.83 -45.63 19.41
N CYS C 187 46.25 -46.67 19.93
CA CYS C 187 45.26 -47.42 19.18
C CYS C 187 43.91 -47.52 19.91
N THR C 188 42.92 -47.81 19.04
CA THR C 188 41.58 -48.04 19.60
C THR C 188 41.12 -49.36 18.96
N ILE C 189 40.72 -50.37 19.72
CA ILE C 189 40.26 -51.62 19.09
C ILE C 189 38.80 -51.83 19.52
N ARG C 190 37.93 -52.13 18.44
CA ARG C 190 36.51 -52.29 18.68
C ARG C 190 36.03 -53.61 18.03
N ASN C 191 35.04 -54.23 18.66
CA ASN C 191 34.47 -55.48 18.19
C ASN C 191 33.32 -55.31 17.20
N CYS C 192 33.58 -55.53 15.92
CA CYS C 192 32.55 -55.34 14.89
C CYS C 192 31.93 -56.60 14.24
N LYS C 193 30.63 -56.50 13.97
CA LYS C 193 29.88 -57.52 13.27
C LYS C 193 29.60 -56.98 11.86
N LYS C 194 29.91 -57.72 10.78
CA LYS C 194 29.75 -57.18 9.40
C LYS C 194 28.40 -57.37 8.74
N LEU C 195 28.30 -57.09 7.44
CA LEU C 195 26.97 -57.21 6.92
C LEU C 195 26.67 -56.48 5.64
N GLY C 196 25.73 -55.61 5.90
CA GLY C 196 25.27 -54.71 4.96
C GLY C 196 26.49 -54.15 4.34
N PRO C 197 26.31 -53.99 3.04
CA PRO C 197 27.28 -53.43 2.17
C PRO C 197 26.90 -52.01 1.95
N ARG C 198 27.74 -51.41 1.19
CA ARG C 198 27.49 -50.07 1.00
C ARG C 198 27.04 -49.71 -0.33
N GLU C 199 25.89 -49.08 -0.25
CA GLU C 199 25.21 -48.57 -1.37
C GLU C 199 25.72 -47.15 -1.66
N ASN C 200 27.00 -46.88 -1.44
CA ASN C 200 27.59 -45.55 -1.71
C ASN C 200 28.98 -45.68 -2.38
N VAL C 201 30.07 -45.55 -1.60
CA VAL C 201 31.41 -45.70 -2.17
C VAL C 201 31.32 -46.49 -3.45
N ALA C 202 32.67 -46.04 -4.00
CA ALA C 202 32.81 -46.68 -5.26
C ALA C 202 34.26 -46.55 -5.41
N VAL C 203 34.92 -47.39 -4.67
CA VAL C 203 36.32 -47.27 -4.74
C VAL C 203 36.78 -47.36 -6.17
N ILE C 204 37.35 -46.29 -6.72
CA ILE C 204 37.87 -46.38 -8.07
C ILE C 204 39.37 -46.52 -7.93
N GLN C 205 39.89 -47.59 -8.45
CA GLN C 205 41.28 -47.89 -8.36
C GLN C 205 42.11 -47.40 -9.53
N VAL C 206 43.15 -46.61 -9.19
CA VAL C 206 44.16 -46.24 -10.14
C VAL C 206 45.33 -47.09 -9.73
N GLY C 207 45.72 -47.57 -10.96
CA GLY C 207 46.78 -48.40 -11.41
C GLY C 207 46.71 -49.87 -11.12
N GLY C 208 47.84 -50.41 -11.64
CA GLY C 208 48.33 -51.81 -11.54
C GLY C 208 47.92 -52.75 -12.64
N SER C 209 47.19 -53.68 -12.18
CA SER C 209 46.47 -54.69 -12.82
C SER C 209 45.73 -54.91 -11.55
N ASP C 210 44.45 -55.10 -11.50
CA ASP C 210 44.04 -55.55 -10.21
C ASP C 210 43.06 -56.70 -10.49
N VAL C 211 42.77 -57.23 -9.40
CA VAL C 211 41.89 -58.25 -9.03
C VAL C 211 42.13 -57.83 -7.60
N LEU C 212 41.14 -57.95 -6.79
CA LEU C 212 41.22 -57.51 -5.41
C LEU C 212 40.61 -58.65 -4.58
N ASP C 213 41.32 -59.18 -3.60
CA ASP C 213 40.78 -60.22 -2.75
C ASP C 213 40.48 -59.53 -1.41
N ILE C 214 39.23 -59.15 -1.21
CA ILE C 214 38.84 -58.44 -0.01
C ILE C 214 38.16 -59.39 1.01
N THR C 215 38.33 -60.73 0.95
CA THR C 215 37.73 -61.59 1.98
C THR C 215 38.79 -62.01 2.97
N ALA C 216 38.37 -62.39 4.17
CA ALA C 216 39.35 -62.84 5.18
C ALA C 216 39.61 -64.27 4.93
N ASP C 217 38.67 -64.95 4.29
CA ASP C 217 38.87 -66.40 4.07
C ASP C 217 39.70 -66.64 2.75
N PRO C 218 39.75 -67.85 2.27
CA PRO C 218 40.50 -68.16 1.09
C PRO C 218 39.54 -68.69 0.13
N THR C 219 38.37 -68.90 0.67
CA THR C 219 37.48 -69.62 -0.25
C THR C 219 36.75 -68.78 -1.21
N THR C 220 36.36 -67.59 -0.77
CA THR C 220 35.54 -66.65 -1.54
C THR C 220 36.33 -65.45 -2.09
N ALA C 221 35.84 -64.95 -3.17
CA ALA C 221 36.35 -63.72 -3.73
C ALA C 221 35.19 -62.89 -4.24
N PRO C 222 34.79 -61.80 -3.55
CA PRO C 222 33.69 -60.99 -4.05
C PRO C 222 34.16 -59.70 -4.70
N GLN C 223 33.54 -59.59 -5.86
CA GLN C 223 33.63 -58.57 -6.87
C GLN C 223 32.29 -57.86 -6.94
N THR C 224 32.26 -56.62 -6.44
CA THR C 224 31.04 -55.83 -6.45
C THR C 224 31.09 -54.69 -7.45
N GLU C 225 29.94 -54.07 -7.73
CA GLU C 225 29.85 -52.95 -8.68
C GLU C 225 30.49 -51.71 -8.08
N ARG C 226 30.44 -51.58 -6.74
CA ARG C 226 31.02 -50.44 -6.03
C ARG C 226 32.54 -50.58 -5.88
N MET C 227 33.13 -51.32 -6.81
CA MET C 227 34.57 -51.57 -6.84
C MET C 227 35.03 -51.42 -8.29
N MET C 228 35.24 -50.17 -8.74
CA MET C 228 35.64 -49.89 -10.12
C MET C 228 37.13 -49.66 -10.34
N ARG C 229 37.59 -49.69 -11.62
CA ARG C 229 39.04 -49.49 -11.91
C ARG C 229 39.24 -48.62 -13.19
N ILE C 230 40.20 -47.68 -13.10
CA ILE C 230 40.55 -46.74 -14.18
C ILE C 230 42.03 -46.84 -14.56
N ASN C 231 42.32 -46.72 -15.85
CA ASN C 231 43.70 -46.77 -16.35
C ASN C 231 44.39 -45.43 -16.26
N TRP C 232 45.45 -45.38 -15.44
CA TRP C 232 46.21 -44.17 -15.20
C TRP C 232 46.96 -43.59 -16.40
N LYS C 233 46.86 -42.28 -16.52
CA LYS C 233 47.55 -41.54 -17.56
C LYS C 233 48.06 -40.36 -16.78
N LYS C 234 47.16 -39.43 -16.53
CA LYS C 234 47.45 -38.22 -15.78
C LYS C 234 46.26 -38.02 -14.86
N TRP C 235 46.45 -37.29 -13.78
CA TRP C 235 45.35 -37.07 -12.86
C TRP C 235 44.24 -36.23 -13.47
N TRP C 236 44.57 -35.24 -14.29
CA TRP C 236 43.51 -34.45 -14.89
C TRP C 236 42.56 -35.37 -15.66
N GLN C 237 43.13 -36.35 -16.36
CA GLN C 237 42.34 -37.30 -17.14
C GLN C 237 41.43 -38.12 -16.23
N VAL C 238 41.96 -38.58 -15.10
CA VAL C 238 41.17 -39.36 -14.16
C VAL C 238 39.91 -38.58 -13.79
N PHE C 239 40.09 -37.35 -13.33
CA PHE C 239 38.95 -36.53 -12.95
C PHE C 239 38.00 -36.27 -14.11
N TYR C 240 38.54 -36.00 -15.30
CA TYR C 240 37.66 -35.78 -16.44
C TYR C 240 36.75 -36.99 -16.60
N THR C 241 37.33 -38.18 -16.55
CA THR C 241 36.53 -39.41 -16.68
C THR C 241 35.51 -39.55 -15.56
N VAL C 242 35.94 -39.32 -14.32
CA VAL C 242 35.02 -39.42 -13.19
C VAL C 242 33.82 -38.50 -13.45
N VAL C 243 34.08 -37.30 -13.98
CA VAL C 243 33.00 -36.34 -14.28
C VAL C 243 32.23 -36.84 -15.49
N ASP C 244 32.92 -37.16 -16.58
CA ASP C 244 32.22 -37.60 -17.79
C ASP C 244 31.28 -38.83 -17.56
N TYR C 245 31.52 -39.56 -16.44
CA TYR C 245 30.76 -40.79 -16.08
C TYR C 245 30.25 -40.83 -14.65
N VAL C 246 29.92 -39.65 -14.12
CA VAL C 246 29.39 -39.51 -12.77
C VAL C 246 28.15 -40.35 -12.53
N ASN C 247 27.21 -40.29 -13.44
CA ASN C 247 25.96 -40.98 -13.28
C ASN C 247 26.14 -42.49 -13.34
N GLN C 248 27.01 -42.92 -14.21
CA GLN C 248 27.29 -44.32 -14.38
C GLN C 248 27.87 -44.83 -13.06
N ILE C 249 28.77 -44.05 -12.47
CA ILE C 249 29.40 -44.37 -11.19
C ILE C 249 28.38 -44.29 -10.05
N ILE C 250 27.52 -43.27 -10.07
CA ILE C 250 26.50 -43.12 -9.05
C ILE C 250 25.50 -44.27 -9.14
N GLN C 251 25.11 -44.62 -10.36
CA GLN C 251 24.16 -45.69 -10.59
C GLN C 251 24.64 -47.04 -10.06
N ALA C 252 25.95 -47.20 -9.98
CA ALA C 252 26.52 -48.44 -9.45
C ALA C 252 26.48 -48.49 -7.90
N MET C 253 26.03 -47.38 -7.23
CA MET C 253 25.90 -47.22 -5.76
C MET C 253 24.39 -47.12 -5.32
N SER C 254 23.95 -45.91 -4.86
CA SER C 254 22.52 -45.52 -4.55
C SER C 254 21.89 -45.74 -3.19
N LYS C 255 21.63 -44.57 -2.55
CA LYS C 255 20.99 -44.53 -1.26
C LYS C 255 22.02 -44.55 -0.18
N PRO D 1 28.07 -96.60 -14.11
CA PRO D 1 26.70 -96.15 -13.89
C PRO D 1 26.13 -96.67 -12.57
N ILE D 2 25.71 -95.21 -12.44
CA ILE D 2 24.75 -95.29 -11.32
C ILE D 2 23.32 -95.05 -11.79
N THR D 3 22.39 -95.73 -11.12
CA THR D 3 20.96 -95.43 -11.18
C THR D 3 20.73 -93.95 -10.85
N GLY D 4 19.82 -93.33 -11.59
CA GLY D 4 19.63 -91.87 -11.47
C GLY D 4 18.43 -91.43 -10.64
N SER D 5 17.73 -92.39 -10.01
CA SER D 5 16.52 -92.01 -9.26
C SER D 5 16.88 -91.05 -8.12
N MET D 6 15.92 -89.92 -8.07
CA MET D 6 15.97 -88.76 -7.15
C MET D 6 15.24 -89.11 -5.87
N ASP D 7 15.97 -89.89 -5.07
CA ASP D 7 15.39 -90.33 -3.78
C ASP D 7 15.27 -89.20 -2.78
N THR D 8 16.23 -88.64 -3.36
CA THR D 8 16.35 -87.30 -2.81
C THR D 8 16.72 -87.09 -1.38
N ALA D 9 17.60 -87.90 -0.84
CA ALA D 9 18.07 -87.99 0.56
C ALA D 9 19.43 -87.40 1.04
N TYR D 10 19.58 -86.40 1.11
CA TYR D 10 20.99 -86.15 1.42
C TYR D 10 21.33 -86.70 2.80
N ALA D 11 22.42 -87.43 2.83
CA ALA D 11 23.05 -88.02 4.01
C ALA D 11 23.91 -86.96 4.69
N ASN D 12 23.46 -86.64 5.90
CA ASN D 12 23.96 -85.58 6.77
C ASN D 12 25.43 -85.40 7.11
N SER D 13 25.83 -84.12 7.14
CA SER D 13 27.20 -83.76 7.50
C SER D 13 28.25 -83.71 6.39
N THR D 14 29.02 -84.80 6.31
CA THR D 14 30.11 -84.94 5.36
C THR D 14 31.38 -84.56 6.09
N GLN D 15 31.36 -83.41 6.77
CA GLN D 15 32.57 -82.98 7.50
C GLN D 15 32.87 -83.87 8.70
N GLU D 16 31.85 -84.68 9.18
CA GLU D 16 32.05 -85.55 10.39
C GLU D 16 32.55 -86.95 10.08
N GLU D 17 33.00 -87.15 8.86
CA GLU D 17 33.67 -88.39 8.47
C GLU D 17 35.10 -87.97 8.18
N THR D 18 35.25 -86.77 7.63
CA THR D 18 36.59 -86.28 7.31
C THR D 18 37.35 -85.87 8.58
N PHE D 19 36.63 -85.35 9.55
CA PHE D 19 37.30 -85.05 10.84
C PHE D 19 37.84 -86.32 11.49
N LEU D 20 37.04 -87.37 11.41
CA LEU D 20 37.48 -88.61 12.06
C LEU D 20 38.55 -89.36 11.25
N THR D 21 38.31 -89.51 9.97
CA THR D 21 39.17 -90.42 9.21
C THR D 21 40.28 -89.75 8.40
N SER D 22 40.30 -88.46 8.15
CA SER D 22 41.43 -87.93 7.32
C SER D 22 42.57 -87.16 8.03
N THR D 23 43.67 -86.91 7.29
CA THR D 23 44.87 -86.17 7.73
C THR D 23 45.03 -84.87 6.89
N LEU D 24 45.48 -83.82 7.56
CA LEU D 24 45.66 -82.51 6.95
C LEU D 24 47.14 -82.13 7.04
N CYS D 25 47.76 -81.84 5.90
CA CYS D 25 49.18 -81.48 5.81
C CYS D 25 49.33 -80.04 5.31
N LEU D 26 49.93 -79.19 6.14
CA LEU D 26 50.14 -77.78 5.82
C LEU D 26 51.54 -77.52 5.32
N TYR D 27 51.67 -76.98 4.12
CA TYR D 27 52.98 -76.68 3.59
C TYR D 27 53.19 -75.17 3.61
N TYR D 28 54.28 -74.76 4.16
CA TYR D 28 54.61 -73.36 4.20
C TYR D 28 56.09 -73.22 3.90
N PRO D 29 56.54 -72.01 3.63
CA PRO D 29 57.95 -71.64 3.41
C PRO D 29 58.63 -71.35 4.73
N THR D 30 59.96 -71.42 4.75
CA THR D 30 60.69 -71.14 5.97
C THR D 30 60.35 -69.76 6.50
N GLU D 31 60.51 -68.74 5.67
CA GLU D 31 60.22 -67.38 6.10
C GLU D 31 58.94 -67.30 6.94
N ALA D 32 57.93 -68.09 6.58
CA ALA D 32 56.67 -68.12 7.30
C ALA D 32 56.87 -68.45 8.76
N ALA D 33 57.52 -69.57 9.02
CA ALA D 33 57.78 -70.01 10.37
C ALA D 33 58.76 -69.09 11.08
N THR D 34 59.82 -68.64 10.39
CA THR D 34 60.79 -67.75 11.03
C THR D 34 60.12 -66.50 11.60
N GLU D 35 59.14 -65.95 10.88
CA GLU D 35 58.46 -64.76 11.34
C GLU D 35 57.62 -65.01 12.58
N ILE D 36 57.25 -66.27 12.78
CA ILE D 36 56.41 -66.63 13.91
C ILE D 36 57.13 -66.70 15.25
N ASN D 37 58.40 -67.10 15.16
CA ASN D 37 59.40 -67.12 16.19
C ASN D 37 59.11 -67.84 17.51
N ASP D 38 58.30 -68.86 17.44
CA ASP D 38 57.91 -69.60 18.64
C ASP D 38 58.32 -71.08 18.47
N ASN D 39 58.71 -71.70 19.56
CA ASN D 39 59.10 -73.09 19.55
C ASN D 39 57.84 -73.93 19.64
N SER D 40 56.71 -73.32 19.94
CA SER D 40 55.49 -74.10 20.08
C SER D 40 54.37 -73.71 19.14
N TRP D 41 54.69 -73.02 18.06
CA TRP D 41 53.63 -72.60 17.15
C TRP D 41 52.91 -73.78 16.53
N LYS D 42 53.65 -74.80 16.13
CA LYS D 42 53.01 -75.96 15.54
C LYS D 42 52.04 -76.55 16.55
N ASP D 43 52.45 -76.56 17.83
CA ASP D 43 51.61 -77.09 18.91
C ASP D 43 50.36 -76.24 19.19
N THR D 44 50.55 -74.95 19.39
CA THR D 44 49.43 -74.05 19.65
C THR D 44 48.36 -74.19 18.56
N LEU D 45 48.78 -74.09 17.31
CA LEU D 45 47.84 -74.24 16.20
C LEU D 45 47.10 -75.57 16.22
N SER D 46 47.76 -76.60 16.71
CA SER D 46 47.18 -77.94 16.77
C SER D 46 46.02 -78.03 17.74
N GLN D 47 46.15 -77.35 18.88
CA GLN D 47 45.08 -77.34 19.86
C GLN D 47 43.95 -76.53 19.24
N LEU D 48 44.33 -75.47 18.53
CA LEU D 48 43.34 -74.63 17.89
C LEU D 48 42.62 -75.43 16.81
N PHE D 49 43.31 -76.43 16.26
CA PHE D 49 42.71 -77.27 15.23
C PHE D 49 41.67 -78.23 15.80
N LEU D 50 41.70 -78.47 17.10
CA LEU D 50 40.70 -79.36 17.70
C LEU D 50 39.36 -78.64 17.60
N THR D 51 39.39 -77.32 17.75
CA THR D 51 38.19 -76.49 17.67
C THR D 51 37.44 -76.76 16.37
N LYS D 52 38.16 -76.63 15.26
CA LYS D 52 37.60 -76.87 13.94
C LYS D 52 37.29 -78.35 13.72
N GLY D 53 37.64 -79.18 14.70
CA GLY D 53 37.34 -80.60 14.62
C GLY D 53 38.35 -81.62 14.12
N TRP D 54 39.65 -81.39 14.36
CA TRP D 54 40.67 -82.34 13.92
C TRP D 54 41.43 -82.85 15.13
N PRO D 55 41.25 -84.14 15.45
CA PRO D 55 41.89 -84.82 16.59
C PRO D 55 43.38 -84.57 16.62
N THR D 56 43.93 -84.51 17.82
CA THR D 56 45.34 -84.25 18.00
C THR D 56 46.31 -84.80 16.96
N GLY D 57 46.45 -86.13 16.87
CA GLY D 57 47.40 -86.69 15.91
C GLY D 57 47.10 -86.51 14.41
N SER D 58 46.08 -85.72 14.11
CA SER D 58 45.64 -85.48 12.76
C SER D 58 46.40 -84.54 11.83
N VAL D 59 46.74 -83.34 12.30
CA VAL D 59 47.43 -82.35 11.45
C VAL D 59 48.96 -82.34 11.44
N TYR D 60 49.56 -82.32 10.25
CA TYR D 60 51.04 -82.29 10.10
C TYR D 60 51.56 -80.99 9.46
N PHE D 61 52.73 -80.52 9.92
CA PHE D 61 53.32 -79.27 9.40
C PHE D 61 54.65 -79.48 8.65
N LYS D 62 54.63 -79.45 7.24
CA LYS D 62 55.84 -79.64 6.37
C LYS D 62 56.34 -78.24 5.87
N GLU D 63 57.65 -78.02 6.07
CA GLU D 63 58.46 -76.83 5.78
C GLU D 63 59.23 -76.82 4.44
N TYR D 64 58.69 -76.20 3.36
CA TYR D 64 59.51 -76.22 2.17
C TYR D 64 60.49 -75.05 2.21
N THR D 65 61.69 -74.90 2.02
CA THR D 65 62.26 -73.54 2.21
C THR D 65 62.24 -72.70 0.97
N ASP D 66 61.88 -73.27 -0.17
CA ASP D 66 61.80 -72.45 -1.37
C ASP D 66 60.77 -73.05 -2.32
N ILE D 67 60.25 -72.23 -3.21
CA ILE D 67 59.36 -72.79 -4.22
C ILE D 67 60.07 -73.77 -5.14
N ALA D 68 61.36 -73.59 -5.40
CA ALA D 68 62.12 -74.47 -6.28
C ALA D 68 62.34 -75.84 -5.68
N SER D 69 62.77 -75.86 -4.32
CA SER D 69 62.97 -77.19 -3.74
C SER D 69 61.65 -77.93 -3.55
N PHE D 70 60.65 -77.22 -3.03
CA PHE D 70 59.33 -77.77 -2.81
C PHE D 70 58.77 -78.35 -4.10
N SER D 71 58.99 -77.63 -5.19
CA SER D 71 58.51 -78.05 -6.50
C SER D 71 59.06 -79.41 -6.92
N VAL D 72 60.29 -79.70 -6.50
CA VAL D 72 60.93 -80.97 -6.83
C VAL D 72 60.34 -82.16 -6.05
N ASP D 73 60.81 -81.95 -4.57
CA ASP D 73 60.80 -82.89 -3.47
C ASP D 73 59.44 -83.09 -2.77
N PRO D 74 58.48 -82.27 -3.18
CA PRO D 74 57.01 -82.25 -2.90
C PRO D 74 56.23 -83.55 -3.08
N GLN D 75 56.65 -84.59 -2.40
CA GLN D 75 55.77 -85.74 -2.19
C GLN D 75 54.80 -85.45 -1.04
N LEU D 76 53.68 -85.29 -1.48
CA LEU D 76 52.49 -84.95 -0.65
C LEU D 76 52.25 -86.05 0.34
N TYR D 77 52.36 -85.74 1.61
CA TYR D 77 52.27 -86.79 2.64
C TYR D 77 50.86 -87.16 3.12
N CYS D 78 49.99 -86.18 3.25
CA CYS D 78 48.72 -86.46 3.83
C CYS D 78 47.61 -86.46 2.84
N ASP D 79 46.46 -86.95 3.31
CA ASP D 79 45.16 -87.07 2.62
C ASP D 79 44.82 -85.74 1.97
N TYR D 80 44.85 -84.67 2.81
CA TYR D 80 44.56 -83.30 2.34
C TYR D 80 45.79 -82.44 2.47
N ASN D 81 46.17 -81.81 1.37
CA ASN D 81 47.34 -80.95 1.40
C ASN D 81 46.94 -79.51 1.02
N VAL D 82 47.25 -78.56 1.89
CA VAL D 82 46.96 -77.18 1.59
C VAL D 82 48.33 -76.51 1.69
N VAL D 83 48.80 -76.01 0.54
CA VAL D 83 50.12 -75.40 0.45
C VAL D 83 50.06 -73.87 0.38
N LEU D 84 50.81 -73.23 1.27
CA LEU D 84 50.88 -71.77 1.35
C LEU D 84 52.03 -71.24 0.51
N MET D 85 51.70 -70.37 -0.45
CA MET D 85 52.67 -69.75 -1.35
C MET D 85 52.56 -68.24 -1.27
N LYS D 86 53.64 -67.55 -0.87
CA LYS D 86 53.62 -66.10 -0.74
C LYS D 86 54.32 -65.40 -1.91
N TYR D 87 53.54 -64.56 -2.58
CA TYR D 87 54.06 -63.88 -3.72
C TYR D 87 55.47 -63.28 -3.52
N ASP D 88 56.29 -63.74 -4.54
CA ASP D 88 57.65 -63.53 -4.99
C ASP D 88 57.50 -63.37 -6.51
N ALA D 89 57.61 -62.13 -6.94
CA ALA D 89 57.35 -61.71 -8.31
C ALA D 89 58.31 -62.19 -9.35
N THR D 90 59.55 -62.50 -8.95
CA THR D 90 60.55 -62.96 -9.97
C THR D 90 60.38 -64.43 -10.21
N LEU D 91 59.79 -65.17 -9.25
CA LEU D 91 59.69 -66.63 -9.33
C LEU D 91 58.41 -67.17 -9.99
N GLN D 92 57.48 -66.25 -10.26
CA GLN D 92 56.11 -66.49 -10.84
C GLN D 92 55.97 -67.77 -11.65
N LEU D 93 56.77 -67.90 -12.71
CA LEU D 93 56.68 -69.11 -13.53
C LEU D 93 57.14 -70.36 -12.75
N ASP D 94 57.99 -70.14 -11.75
CA ASP D 94 58.50 -71.28 -10.96
C ASP D 94 57.39 -71.96 -10.16
N MET D 95 56.56 -70.86 -9.68
CA MET D 95 55.32 -71.01 -8.95
C MET D 95 54.21 -71.63 -9.82
N SER D 96 54.07 -71.21 -11.06
CA SER D 96 53.09 -71.67 -12.03
C SER D 96 53.30 -73.15 -12.37
N GLU D 97 54.58 -73.47 -12.61
CA GLU D 97 55.03 -74.81 -12.92
C GLU D 97 54.78 -75.71 -11.68
N LEU D 98 55.01 -75.19 -10.48
CA LEU D 98 54.75 -75.98 -9.27
C LEU D 98 53.25 -76.18 -9.04
N ALA D 99 52.47 -75.15 -9.31
CA ALA D 99 51.03 -75.24 -9.13
C ALA D 99 50.50 -76.29 -10.10
N ASP D 100 50.89 -76.15 -11.36
CA ASP D 100 50.48 -77.05 -12.44
C ASP D 100 50.71 -78.52 -12.05
N LEU D 101 51.74 -78.76 -11.24
CA LEU D 101 52.03 -80.12 -10.82
C LEU D 101 51.17 -80.60 -9.64
N ILE D 102 51.01 -79.79 -8.60
CA ILE D 102 50.21 -80.21 -7.45
C ILE D 102 48.73 -80.23 -7.72
N LEU D 103 48.22 -79.13 -8.27
CA LEU D 103 46.81 -78.98 -8.58
C LEU D 103 46.27 -79.98 -9.57
N ASN D 104 47.15 -80.64 -10.32
CA ASN D 104 46.73 -81.61 -11.31
C ASN D 104 47.18 -83.03 -11.08
N GLU D 105 46.53 -83.93 -11.80
CA GLU D 105 46.79 -85.36 -11.75
C GLU D 105 47.77 -85.74 -12.88
N TRP D 106 48.91 -86.36 -12.72
CA TRP D 106 49.95 -86.51 -13.74
C TRP D 106 50.28 -87.99 -13.92
N LEU D 107 50.62 -88.35 -15.15
CA LEU D 107 50.95 -89.75 -15.47
C LEU D 107 52.29 -89.49 -16.19
N CYS D 108 53.39 -90.12 -15.74
CA CYS D 108 54.67 -90.06 -16.42
C CYS D 108 55.40 -91.38 -16.67
N ASN D 109 56.29 -91.35 -17.66
CA ASN D 109 57.13 -92.47 -18.06
C ASN D 109 58.50 -91.86 -18.15
N PRO D 110 59.56 -92.69 -18.14
CA PRO D 110 60.92 -92.15 -18.21
C PRO D 110 61.37 -91.97 -19.65
N MET D 111 62.24 -90.99 -19.88
CA MET D 111 62.76 -90.68 -21.21
C MET D 111 64.27 -90.90 -21.29
N ASP D 112 64.75 -91.50 -22.37
CA ASP D 112 66.18 -91.68 -22.51
C ASP D 112 66.66 -90.73 -23.58
N ILE D 113 67.05 -89.55 -23.14
CA ILE D 113 67.54 -88.51 -24.01
C ILE D 113 68.69 -88.97 -24.88
N THR D 114 69.48 -89.91 -24.36
CA THR D 114 70.66 -90.46 -25.05
C THR D 114 70.37 -91.23 -26.34
N LEU D 115 69.58 -92.30 -26.22
CA LEU D 115 69.28 -93.16 -27.37
C LEU D 115 68.05 -92.77 -28.21
N TYR D 116 66.88 -91.88 -28.04
CA TYR D 116 65.60 -91.84 -28.79
C TYR D 116 65.14 -90.33 -28.67
N TYR D 117 64.87 -89.82 -29.84
CA TYR D 117 64.53 -88.44 -29.93
C TYR D 117 63.10 -88.45 -29.78
N TYR D 118 62.44 -87.68 -28.87
CA TYR D 118 60.92 -87.83 -28.77
C TYR D 118 60.02 -86.77 -29.47
N GLN D 119 58.67 -86.76 -29.17
CA GLN D 119 57.60 -85.85 -29.69
C GLN D 119 56.33 -85.88 -28.78
N GLN D 120 55.68 -84.74 -28.56
CA GLN D 120 54.52 -84.72 -27.69
C GLN D 120 53.35 -85.00 -28.61
N THR D 121 52.31 -85.63 -28.09
CA THR D 121 51.16 -85.99 -28.91
C THR D 121 49.95 -85.06 -28.95
N ASP D 122 49.46 -84.65 -27.79
CA ASP D 122 48.26 -83.80 -27.71
C ASP D 122 48.44 -82.63 -26.74
N GLU D 123 47.41 -81.81 -26.56
CA GLU D 123 47.52 -80.68 -25.65
C GLU D 123 47.75 -81.18 -24.22
N ALA D 124 47.86 -82.50 -24.04
CA ALA D 124 48.06 -83.05 -22.71
C ALA D 124 49.35 -83.83 -22.52
N ASN D 125 50.19 -83.85 -23.53
CA ASN D 125 51.45 -84.56 -23.43
C ASN D 125 52.51 -83.48 -23.24
N LYS D 126 53.10 -83.43 -22.03
CA LYS D 126 54.12 -82.41 -21.71
C LYS D 126 55.37 -83.07 -21.13
N TRP D 127 56.50 -82.37 -21.19
CA TRP D 127 57.72 -82.94 -20.62
C TRP D 127 58.07 -82.27 -19.30
N ILE D 128 57.82 -82.95 -18.20
CA ILE D 128 58.12 -82.40 -16.90
C ILE D 128 59.46 -82.91 -16.37
N SER D 129 60.41 -81.98 -16.30
CA SER D 129 61.75 -82.27 -15.82
C SER D 129 62.00 -81.48 -14.54
N MET D 130 62.78 -82.03 -13.60
CA MET D 130 63.07 -81.34 -12.34
C MET D 130 64.33 -81.88 -11.62
N GLY D 131 65.02 -81.00 -10.90
CA GLY D 131 66.23 -81.41 -10.19
C GLY D 131 67.10 -80.24 -9.74
N SER D 132 68.37 -80.52 -9.49
CA SER D 132 69.34 -79.50 -9.04
C SER D 132 69.34 -78.31 -9.97
N SER D 133 69.76 -78.55 -11.20
CA SER D 133 69.82 -77.52 -12.22
C SER D 133 69.37 -78.09 -13.54
N CYS D 134 68.16 -77.75 -13.95
CA CYS D 134 67.62 -78.26 -15.19
C CYS D 134 67.84 -77.34 -16.41
N THR D 135 68.70 -77.76 -17.33
CA THR D 135 68.99 -76.97 -18.53
C THR D 135 68.67 -77.80 -19.79
N ILE D 136 67.56 -77.47 -20.45
CA ILE D 136 67.10 -78.19 -21.63
C ILE D 136 67.23 -77.48 -22.98
N LYS D 137 67.98 -78.08 -23.91
CA LYS D 137 68.16 -77.53 -25.25
C LYS D 137 67.45 -78.51 -26.20
N VAL D 138 66.76 -78.00 -27.21
CA VAL D 138 66.01 -78.87 -28.11
C VAL D 138 66.36 -78.68 -29.58
N CYS D 139 66.17 -79.74 -30.37
CA CYS D 139 66.41 -79.69 -31.82
C CYS D 139 65.35 -80.46 -32.61
N PRO D 140 64.39 -79.74 -33.21
CA PRO D 140 63.30 -80.30 -34.01
C PRO D 140 63.78 -81.05 -35.23
N LEU D 141 63.20 -82.22 -35.45
CA LEU D 141 63.58 -83.06 -36.57
C LEU D 141 62.53 -83.09 -37.66
N ASN D 142 62.97 -83.03 -38.91
CA ASN D 142 62.03 -83.12 -40.03
C ASN D 142 61.84 -84.62 -40.17
N THR D 143 60.99 -85.05 -41.10
CA THR D 143 60.70 -86.48 -41.28
C THR D 143 61.86 -87.34 -41.76
N GLN D 144 63.10 -86.90 -41.53
CA GLN D 144 64.27 -87.65 -41.97
C GLN D 144 65.25 -87.89 -40.83
N THR D 145 64.97 -87.30 -39.68
CA THR D 145 65.83 -87.39 -38.51
C THR D 145 66.94 -86.35 -38.69
N LEU D 146 66.62 -85.32 -39.47
CA LEU D 146 67.57 -84.24 -39.72
C LEU D 146 67.13 -82.98 -38.99
N GLY D 147 68.08 -82.16 -38.57
CA GLY D 147 67.72 -80.96 -37.86
C GLY D 147 66.97 -79.95 -38.70
N ILE D 148 66.28 -79.02 -38.04
CA ILE D 148 65.57 -77.94 -38.70
C ILE D 148 66.04 -76.72 -37.94
N GLY D 149 67.10 -76.10 -38.42
CA GLY D 149 67.65 -74.96 -37.74
C GLY D 149 68.71 -75.46 -36.77
N CYS D 150 69.10 -76.72 -36.95
CA CYS D 150 70.11 -77.34 -36.10
C CYS D 150 70.75 -78.59 -36.70
N LEU D 151 71.91 -78.93 -36.16
CA LEU D 151 72.63 -80.12 -36.59
C LEU D 151 72.54 -81.10 -35.43
N THR D 152 71.82 -82.18 -35.65
CA THR D 152 71.67 -83.19 -34.62
C THR D 152 73.02 -83.63 -34.06
N THR D 153 74.11 -83.07 -34.59
CA THR D 153 75.44 -83.44 -34.15
C THR D 153 76.11 -82.48 -33.15
N ASP D 154 75.90 -81.18 -33.31
CA ASP D 154 76.50 -80.18 -32.40
C ASP D 154 75.42 -79.39 -31.64
N THR D 155 75.34 -79.67 -30.33
CA THR D 155 74.36 -79.03 -29.45
C THR D 155 74.53 -77.52 -29.31
N ALA D 156 75.52 -76.97 -30.02
CA ALA D 156 75.74 -75.53 -29.95
C ALA D 156 74.74 -74.88 -30.91
N THR D 157 74.04 -75.70 -31.67
CA THR D 157 73.05 -75.20 -32.62
C THR D 157 71.64 -75.46 -32.12
N PHE D 158 71.52 -76.12 -30.97
CA PHE D 158 70.22 -76.44 -30.42
C PHE D 158 69.50 -75.18 -29.96
N GLU D 159 68.25 -75.31 -29.55
CA GLU D 159 67.48 -74.18 -29.10
C GLU D 159 67.25 -74.35 -27.60
N GLU D 160 67.78 -73.42 -26.80
CA GLU D 160 67.66 -73.50 -25.34
C GLU D 160 66.27 -73.05 -24.88
N VAL D 161 65.57 -73.91 -24.13
CA VAL D 161 64.22 -73.60 -23.66
C VAL D 161 64.06 -73.63 -22.12
N ALA D 162 65.19 -73.69 -21.42
CA ALA D 162 65.19 -73.74 -19.96
C ALA D 162 66.63 -73.61 -19.49
N THR D 163 66.92 -72.59 -18.71
CA THR D 163 68.29 -72.42 -18.25
C THR D 163 68.43 -72.55 -16.74
N ALA D 164 68.73 -73.77 -16.30
CA ALA D 164 68.92 -74.06 -14.89
C ALA D 164 67.73 -73.85 -13.95
N GLU D 165 66.60 -74.50 -14.24
CA GLU D 165 65.44 -74.36 -13.37
C GLU D 165 65.40 -75.59 -12.48
N LYS D 166 64.57 -75.49 -11.44
CA LYS D 166 64.37 -76.53 -10.39
C LYS D 166 63.16 -77.39 -10.69
N LEU D 167 62.26 -76.90 -11.55
CA LEU D 167 61.03 -77.55 -12.02
C LEU D 167 60.69 -76.90 -13.36
N VAL D 168 60.49 -77.73 -14.38
CA VAL D 168 60.17 -77.25 -15.72
C VAL D 168 59.19 -78.12 -16.49
N ILE D 169 58.11 -77.51 -16.97
CA ILE D 169 57.13 -78.23 -17.79
C ILE D 169 57.31 -77.66 -19.20
N THR D 170 58.05 -78.40 -20.02
CA THR D 170 58.36 -77.99 -21.39
C THR D 170 57.29 -78.37 -22.41
N ASP D 171 57.05 -77.48 -23.34
CA ASP D 171 56.04 -77.68 -24.35
C ASP D 171 56.63 -77.39 -25.72
N VAL D 172 56.49 -78.35 -26.65
CA VAL D 172 56.99 -78.18 -28.02
C VAL D 172 55.86 -78.37 -29.01
N VAL D 173 56.06 -77.89 -30.24
CA VAL D 173 55.04 -78.02 -31.27
C VAL D 173 54.64 -79.50 -31.41
N ASP D 174 53.38 -79.79 -31.10
CA ASP D 174 52.85 -81.15 -31.15
C ASP D 174 53.05 -81.88 -32.47
N GLY D 175 53.44 -83.14 -32.37
CA GLY D 175 53.64 -83.96 -33.56
C GLY D 175 54.93 -83.72 -34.30
N VAL D 176 56.02 -83.45 -33.59
CA VAL D 176 57.31 -83.22 -34.22
C VAL D 176 58.37 -83.88 -33.37
N ASN D 177 59.28 -84.61 -34.00
CA ASN D 177 60.32 -85.26 -33.20
C ASN D 177 61.41 -84.29 -32.86
N HIS D 178 62.01 -84.47 -31.69
CA HIS D 178 63.07 -83.60 -31.21
C HIS D 178 64.23 -84.32 -30.57
N LYS D 179 65.51 -84.01 -30.98
CA LYS D 179 66.66 -84.60 -30.26
C LYS D 179 66.78 -83.72 -29.06
N LEU D 180 66.81 -84.30 -27.87
CA LEU D 180 66.83 -83.51 -26.65
C LEU D 180 68.20 -83.50 -26.03
N ASP D 181 68.55 -82.38 -25.41
CA ASP D 181 69.83 -82.31 -24.73
C ASP D 181 69.66 -81.72 -23.35
N VAL D 182 69.37 -82.58 -22.38
CA VAL D 182 69.20 -82.12 -21.02
C VAL D 182 70.52 -82.35 -20.30
N THR D 183 70.69 -81.73 -19.14
CA THR D 183 71.90 -81.90 -18.35
C THR D 183 71.56 -82.95 -17.29
N THR D 184 71.26 -84.15 -17.77
CA THR D 184 70.89 -85.30 -16.94
C THR D 184 71.69 -85.52 -15.66
N ALA D 185 72.87 -84.91 -15.59
CA ALA D 185 73.72 -85.03 -14.41
C ALA D 185 72.97 -84.48 -13.18
N THR D 186 72.47 -83.27 -13.33
CA THR D 186 71.68 -82.60 -12.30
C THR D 186 70.15 -82.62 -12.65
N CYS D 187 69.73 -83.08 -13.80
CA CYS D 187 68.30 -83.07 -14.10
C CYS D 187 67.76 -84.46 -14.44
N THR D 188 66.42 -84.50 -14.28
CA THR D 188 65.74 -85.75 -14.67
C THR D 188 64.58 -85.28 -15.56
N ILE D 189 64.42 -85.78 -16.79
CA ILE D 189 63.29 -85.34 -17.62
C ILE D 189 62.43 -86.58 -17.93
N ARG D 190 61.06 -86.39 -17.68
CA ARG D 190 60.14 -87.51 -17.86
C ARG D 190 58.95 -87.05 -18.75
N ASN D 191 58.44 -87.98 -19.53
CA ASN D 191 57.32 -87.71 -20.43
C ASN D 191 55.95 -87.93 -19.79
N CYS D 192 55.26 -86.84 -19.45
CA CYS D 192 53.95 -86.93 -18.79
C CYS D 192 52.70 -86.59 -19.60
N LYS D 193 51.64 -87.36 -19.35
CA LYS D 193 50.34 -87.13 -19.92
C LYS D 193 49.45 -86.56 -18.82
N LYS D 194 48.75 -85.42 -19.02
CA LYS D 194 47.96 -84.77 -17.94
C LYS D 194 46.53 -85.25 -17.76
N LEU D 195 45.75 -84.53 -16.94
CA LEU D 195 44.44 -85.10 -16.76
C LEU D 195 43.68 -84.66 -15.53
N GLY D 196 43.46 -85.74 -14.83
CA GLY D 196 42.85 -85.70 -13.58
C GLY D 196 43.52 -84.58 -12.87
N PRO D 197 42.65 -83.90 -12.15
CA PRO D 197 42.98 -82.80 -11.32
C PRO D 197 43.05 -83.33 -9.94
N ARG D 198 43.38 -82.40 -9.10
CA ARG D 198 43.53 -82.84 -7.80
C ARG D 198 42.51 -82.37 -6.87
N GLU D 199 41.95 -83.40 -6.29
CA GLU D 199 40.95 -83.28 -5.31
C GLU D 199 41.60 -83.16 -3.93
N ASN D 200 42.74 -82.46 -3.85
CA ASN D 200 43.43 -82.25 -2.56
C ASN D 200 43.97 -80.80 -2.45
N VAL D 201 45.27 -80.57 -2.73
CA VAL D 201 45.83 -79.23 -2.68
C VAL D 201 44.70 -78.22 -2.83
N ALA D 202 45.49 -77.04 -2.24
CA ALA D 202 44.59 -75.94 -2.29
C ALA D 202 45.58 -74.86 -2.17
N VAL D 203 46.21 -74.66 -3.28
CA VAL D 203 47.21 -73.66 -3.19
C VAL D 203 46.62 -72.36 -2.69
N ILE D 204 47.05 -71.92 -1.51
CA ILE D 204 46.55 -70.63 -1.03
C ILE D 204 47.66 -69.65 -1.29
N GLN D 205 47.36 -68.63 -2.05
CA GLN D 205 48.30 -67.64 -2.42
C GLN D 205 48.33 -66.42 -1.50
N VAL D 206 49.55 -66.15 -1.00
CA VAL D 206 49.79 -64.92 -0.30
C VAL D 206 50.61 -64.12 -1.29
N GLY D 207 49.98 -62.90 -1.22
CA GLY D 207 50.16 -61.64 -1.82
C GLY D 207 49.81 -61.46 -3.27
N GLY D 208 50.11 -60.19 -3.58
CA GLY D 208 50.04 -59.51 -4.90
C GLY D 208 48.76 -58.82 -5.26
N SER D 209 48.21 -59.38 -6.26
CA SER D 209 46.97 -59.17 -6.85
C SER D 209 47.16 -60.46 -7.56
N ASP D 210 46.22 -61.34 -7.70
CA ASP D 210 46.56 -62.34 -8.65
C ASP D 210 45.32 -62.52 -9.51
N VAL D 211 45.60 -63.30 -10.45
CA VAL D 211 44.87 -63.87 -11.49
C VAL D 211 46.06 -64.77 -11.75
N LEU D 212 45.82 -65.96 -12.15
CA LEU D 212 46.87 -66.93 -12.36
C LEU D 212 46.57 -67.57 -13.71
N ASP D 213 47.50 -67.58 -14.65
CA ASP D 213 47.30 -68.22 -15.93
C ASP D 213 48.15 -69.50 -15.87
N ILE D 214 47.50 -70.62 -15.56
CA ILE D 214 48.20 -71.88 -15.42
C ILE D 214 48.03 -72.75 -16.69
N THR D 215 47.68 -72.23 -17.87
CA THR D 215 47.59 -73.08 -19.08
C THR D 215 48.82 -72.87 -19.92
N ALA D 216 49.14 -73.85 -20.76
CA ALA D 216 50.30 -73.70 -21.65
C ALA D 216 49.87 -72.95 -22.84
N ASP D 217 48.57 -73.00 -23.14
CA ASP D 217 48.09 -72.31 -24.35
C ASP D 217 47.79 -70.80 -24.05
N PRO D 218 47.12 -70.11 -24.92
CA PRO D 218 46.82 -68.72 -24.72
C PRO D 218 45.37 -68.62 -24.75
N THR D 219 44.81 -69.73 -25.11
CA THR D 219 43.37 -69.55 -25.33
C THR D 219 42.53 -69.66 -24.11
N THR D 220 42.91 -70.57 -23.22
CA THR D 220 42.17 -70.89 -21.99
C THR D 220 42.80 -70.31 -20.73
N ALA D 221 41.95 -70.08 -19.77
CA ALA D 221 42.38 -69.70 -18.45
C ALA D 221 41.50 -70.41 -17.44
N PRO D 222 42.01 -71.46 -16.73
CA PRO D 222 41.19 -72.12 -15.74
C PRO D 222 41.55 -71.74 -14.31
N GLN D 223 40.42 -71.42 -13.68
CA GLN D 223 40.22 -70.99 -12.33
C GLN D 223 39.46 -72.07 -11.59
N THR D 224 40.15 -72.78 -10.70
CA THR D 224 39.54 -73.85 -9.93
C THR D 224 39.35 -73.47 -8.46
N GLU D 225 38.55 -74.26 -7.74
CA GLU D 225 38.27 -74.02 -6.32
C GLU D 225 39.52 -74.31 -5.49
N ARG D 226 40.36 -75.26 -5.95
CA ARG D 226 41.59 -75.65 -5.25
C ARG D 226 42.71 -74.63 -5.51
N MET D 227 42.30 -73.40 -5.80
CA MET D 227 43.24 -72.31 -6.08
C MET D 227 42.71 -71.07 -5.33
N MET D 228 43.01 -70.98 -4.04
CA MET D 228 42.53 -69.87 -3.20
C MET D 228 43.52 -68.74 -2.97
N ARG D 229 43.06 -67.58 -2.46
CA ARG D 229 43.98 -66.43 -2.22
C ARG D 229 43.62 -65.69 -0.89
N ILE D 230 44.67 -65.34 -0.13
CA ILE D 230 44.57 -64.65 1.16
C ILE D 230 45.35 -63.34 1.17
N ASN D 231 44.81 -62.32 1.83
CA ASN D 231 45.46 -61.01 1.93
C ASN D 231 46.47 -60.96 3.07
N TRP D 232 47.73 -60.77 2.71
CA TRP D 232 48.83 -60.72 3.66
C TRP D 232 48.82 -59.59 4.66
N LYS D 233 49.10 -59.93 5.90
CA LYS D 233 49.20 -58.98 6.98
C LYS D 233 50.45 -59.46 7.69
N LYS D 234 50.27 -60.52 8.46
CA LYS D 234 51.33 -61.14 9.21
C LYS D 234 51.13 -62.64 9.05
N TRP D 235 52.17 -63.42 9.23
CA TRP D 235 52.03 -64.86 9.09
C TRP D 235 51.13 -65.47 10.14
N TRP D 236 51.20 -64.98 11.38
CA TRP D 236 50.34 -65.55 12.40
C TRP D 236 48.88 -65.45 11.95
N GLN D 237 48.53 -64.32 11.34
CA GLN D 237 47.17 -64.09 10.86
C GLN D 237 46.81 -65.09 9.77
N VAL D 238 47.73 -65.34 8.85
CA VAL D 238 47.49 -66.29 7.77
C VAL D 238 47.07 -67.63 8.36
N PHE D 239 47.89 -68.16 9.27
CA PHE D 239 47.59 -69.43 9.89
C PHE D 239 46.29 -69.40 10.67
N TYR D 240 46.02 -68.33 11.41
CA TYR D 240 44.76 -68.25 12.14
C TYR D 240 43.63 -68.45 11.17
N THR D 241 43.66 -67.74 10.04
CA THR D 241 42.62 -67.87 9.03
C THR D 241 42.53 -69.28 8.46
N VAL D 242 43.68 -69.86 8.11
CA VAL D 242 43.68 -71.21 7.59
C VAL D 242 42.98 -72.14 8.58
N VAL D 243 43.25 -71.95 9.88
CA VAL D 243 42.60 -72.76 10.91
C VAL D 243 41.13 -72.39 11.03
N ASP D 244 40.85 -71.09 11.18
CA ASP D 244 39.45 -70.68 11.34
C ASP D 244 38.52 -71.14 10.18
N TYR D 245 39.13 -71.51 9.03
CA TYR D 245 38.40 -71.93 7.80
C TYR D 245 38.91 -73.21 7.16
N VAL D 246 39.40 -74.12 8.01
CA VAL D 246 39.89 -75.42 7.58
C VAL D 246 38.89 -76.21 6.78
N ASN D 247 37.67 -76.28 7.28
CA ASN D 247 36.65 -77.06 6.64
C ASN D 247 36.25 -76.48 5.30
N GLN D 248 36.18 -75.18 5.24
CA GLN D 248 35.82 -74.48 4.05
C GLN D 248 36.87 -74.80 2.98
N ILE D 249 38.13 -74.78 3.40
CA ILE D 249 39.26 -75.08 2.52
C ILE D 249 39.26 -76.57 2.15
N ILE D 250 38.98 -77.44 3.11
CA ILE D 250 38.94 -78.87 2.85
C ILE D 250 37.79 -79.19 1.90
N GLN D 251 36.64 -78.56 2.13
CA GLN D 251 35.46 -78.79 1.31
C GLN D 251 35.69 -78.41 -0.15
N ALA D 252 36.61 -77.51 -0.39
CA ALA D 252 36.93 -77.11 -1.75
C ALA D 252 37.84 -78.14 -2.48
N MET D 253 38.31 -79.20 -1.75
CA MET D 253 39.18 -80.32 -2.23
C MET D 253 38.39 -81.67 -2.26
N SER D 254 38.77 -82.62 -1.36
CA SER D 254 38.09 -83.94 -1.07
C SER D 254 38.41 -85.21 -1.83
N LYS D 255 39.01 -86.15 -1.04
CA LYS D 255 39.35 -87.44 -1.53
C LYS D 255 40.74 -87.44 -2.07
N PRO E 1 -58.12 47.89 -76.63
CA PRO E 1 -58.08 46.45 -76.87
C PRO E 1 -58.16 46.10 -78.35
N ILE E 2 -57.01 45.18 -77.96
CA ILE E 2 -56.92 44.31 -79.15
C ILE E 2 -57.38 42.89 -78.84
N THR E 3 -57.98 42.26 -79.84
CA THR E 3 -58.21 40.82 -79.87
C THR E 3 -56.89 40.08 -79.65
N GLY E 4 -56.95 39.01 -78.86
CA GLY E 4 -55.74 38.31 -78.43
C GLY E 4 -55.41 37.03 -79.19
N SER E 5 -56.20 36.71 -80.24
CA SER E 5 -55.95 35.45 -80.95
C SER E 5 -54.55 35.44 -81.57
N MET E 6 -53.87 34.14 -81.32
CA MET E 6 -52.49 33.77 -81.70
C MET E 6 -52.49 33.23 -83.11
N ASP E 7 -52.60 34.17 -84.03
CA ASP E 7 -52.63 33.79 -85.45
C ASP E 7 -51.29 33.27 -85.96
N THR E 8 -50.73 33.97 -85.06
CA THR E 8 -49.33 33.61 -85.03
C THR E 8 -48.45 33.88 -86.20
N ALA E 9 -48.63 34.98 -86.88
CA ALA E 9 -47.97 35.46 -88.12
C ALA E 9 -46.83 36.52 -88.13
N TYR E 10 -45.90 36.30 -87.79
CA TYR E 10 -45.11 37.53 -87.77
C TYR E 10 -44.89 38.04 -89.20
N ALA E 11 -45.15 39.32 -89.34
CA ALA E 11 -44.96 40.11 -90.56
C ALA E 11 -43.51 40.54 -90.65
N ASN E 12 -42.87 40.00 -91.68
CA ASN E 12 -41.45 40.10 -92.00
C ASN E 12 -40.68 41.40 -92.02
N SER E 13 -39.46 41.33 -91.50
CA SER E 13 -38.55 42.48 -91.49
C SER E 13 -38.62 43.45 -90.31
N THR E 14 -39.34 44.54 -90.54
CA THR E 14 -39.50 45.62 -89.57
C THR E 14 -38.45 46.68 -89.90
N GLN E 15 -37.21 46.25 -90.09
CA GLN E 15 -36.15 47.22 -90.41
C GLN E 15 -36.31 47.81 -91.80
N GLU E 16 -37.13 47.16 -92.68
CA GLU E 16 -37.27 47.65 -94.08
C GLU E 16 -38.39 48.68 -94.23
N GLU E 17 -38.98 49.06 -93.13
CA GLU E 17 -39.96 50.13 -93.18
C GLU E 17 -39.29 51.36 -92.59
N THR E 18 -38.45 51.10 -91.59
CA THR E 18 -37.72 52.15 -90.94
C THR E 18 -36.61 52.71 -91.83
N PHE E 19 -36.00 51.85 -92.61
CA PHE E 19 -34.99 52.37 -93.57
C PHE E 19 -35.64 53.32 -94.58
N LEU E 20 -36.82 52.95 -95.02
CA LEU E 20 -37.48 53.80 -96.02
C LEU E 20 -38.09 55.06 -95.43
N THR E 21 -38.83 54.89 -94.35
CA THR E 21 -39.63 56.06 -93.87
C THR E 21 -39.06 56.91 -92.78
N SER E 22 -38.20 56.37 -91.98
CA SER E 22 -37.67 57.18 -90.87
C SER E 22 -36.29 57.83 -91.12
N THR E 23 -35.99 58.90 -90.24
CA THR E 23 -34.75 59.79 -90.09
C THR E 23 -33.96 59.51 -88.80
N LEU E 24 -32.64 59.59 -88.92
CA LEU E 24 -31.73 59.29 -87.83
C LEU E 24 -30.89 60.54 -87.56
N CYS E 25 -30.91 61.02 -86.31
CA CYS E 25 -30.18 62.22 -85.89
C CYS E 25 -29.12 61.86 -84.86
N LEU E 26 -27.85 62.11 -85.20
CA LEU E 26 -26.72 61.80 -84.32
C LEU E 26 -26.24 63.01 -83.58
N TYR E 27 -26.24 62.95 -82.26
CA TYR E 27 -25.78 64.08 -81.47
C TYR E 27 -24.42 63.73 -80.87
N TYR E 28 -23.49 64.61 -81.05
CA TYR E 28 -22.17 64.42 -80.51
C TYR E 28 -21.70 65.75 -79.97
N PRO E 29 -20.62 65.75 -79.18
CA PRO E 29 -19.95 66.92 -78.64
C PRO E 29 -18.94 67.46 -79.63
N THR E 30 -18.56 68.72 -79.47
CA THR E 30 -17.57 69.31 -80.38
C THR E 30 -16.30 68.49 -80.38
N GLU E 31 -15.72 68.29 -79.19
CA GLU E 31 -14.48 67.53 -79.12
C GLU E 31 -14.48 66.31 -80.03
N ALA E 32 -15.63 65.66 -80.16
CA ALA E 32 -15.76 64.47 -81.01
C ALA E 32 -15.37 64.78 -82.44
N ALA E 33 -16.02 65.78 -83.01
CA ALA E 33 -15.74 66.17 -84.37
C ALA E 33 -14.35 66.76 -84.52
N THR E 34 -13.91 67.59 -83.57
CA THR E 34 -12.58 68.19 -83.68
C THR E 34 -11.49 67.12 -83.80
N GLU E 35 -11.64 66.01 -83.08
CA GLU E 35 -10.66 64.94 -83.13
C GLU E 35 -10.64 64.24 -84.47
N ILE E 36 -11.74 64.35 -85.20
CA ILE E 36 -11.85 63.69 -86.49
C ILE E 36 -11.13 64.39 -87.63
N ASN E 37 -11.09 65.71 -87.52
CA ASN E 37 -10.36 66.66 -88.32
C ASN E 37 -10.52 66.63 -89.85
N ASP E 38 -11.69 66.24 -90.30
CA ASP E 38 -11.94 66.13 -91.73
C ASP E 38 -13.14 67.04 -92.08
N ASN E 39 -13.09 67.63 -93.26
CA ASN E 39 -14.16 68.49 -93.74
C ASN E 39 -15.24 67.61 -94.33
N SER E 40 -14.97 66.33 -94.52
CA SER E 40 -15.97 65.47 -95.13
C SER E 40 -16.38 64.29 -94.29
N TRP E 41 -16.15 64.34 -92.98
CA TRP E 41 -16.49 63.20 -92.15
C TRP E 41 -17.99 62.95 -92.15
N LYS E 42 -18.78 64.01 -92.06
CA LYS E 42 -20.23 63.82 -92.07
C LYS E 42 -20.62 63.12 -93.37
N ASP E 43 -19.98 63.49 -94.46
CA ASP E 43 -20.26 62.91 -95.78
C ASP E 43 -19.82 61.44 -95.89
N THR E 44 -18.57 61.15 -95.54
CA THR E 44 -18.06 59.78 -95.60
C THR E 44 -18.99 58.85 -94.81
N LEU E 45 -19.28 59.20 -93.57
CA LEU E 45 -20.16 58.38 -92.75
C LEU E 45 -21.52 58.15 -93.39
N SER E 46 -21.99 59.14 -94.13
CA SER E 46 -23.30 59.06 -94.80
C SER E 46 -23.35 58.01 -95.89
N GLN E 47 -22.26 57.89 -96.64
CA GLN E 47 -22.19 56.88 -97.69
C GLN E 47 -22.12 55.55 -96.96
N LEU E 48 -21.39 55.52 -95.86
CA LEU E 48 -21.26 54.30 -95.10
C LEU E 48 -22.63 53.92 -94.53
N PHE E 49 -23.48 54.91 -94.30
CA PHE E 49 -24.80 54.66 -93.78
C PHE E 49 -25.73 54.01 -94.81
N LEU E 50 -25.39 54.14 -96.10
CA LEU E 50 -26.22 53.51 -97.12
C LEU E 50 -26.08 52.01 -96.95
N THR E 51 -24.89 51.56 -96.58
CA THR E 51 -24.61 50.14 -96.36
C THR E 51 -25.62 49.55 -95.39
N LYS E 52 -25.73 50.18 -94.23
CA LYS E 52 -26.66 49.73 -93.20
C LYS E 52 -28.11 49.97 -93.61
N GLY E 53 -28.30 50.60 -94.77
CA GLY E 53 -29.63 50.83 -95.29
C GLY E 53 -30.38 52.13 -95.08
N TRP E 54 -29.67 53.25 -95.02
CA TRP E 54 -30.33 54.55 -94.84
C TRP E 54 -30.02 55.44 -96.03
N PRO E 55 -31.04 55.72 -96.85
CA PRO E 55 -30.95 56.57 -98.05
C PRO E 55 -30.24 57.87 -97.78
N THR E 56 -29.52 58.36 -98.76
CA THR E 56 -28.76 59.59 -98.63
C THR E 56 -29.34 60.70 -97.75
N GLY E 57 -30.46 61.29 -98.16
CA GLY E 57 -31.03 62.38 -97.36
C GLY E 57 -31.59 62.05 -95.97
N SER E 58 -31.37 60.81 -95.54
CA SER E 58 -31.87 60.32 -94.28
C SER E 58 -31.20 60.69 -92.96
N VAL E 59 -29.88 60.59 -92.87
CA VAL E 59 -29.16 60.88 -91.62
C VAL E 59 -28.66 62.31 -91.39
N TYR E 60 -28.94 62.87 -90.20
CA TYR E 60 -28.49 64.23 -89.84
C TYR E 60 -27.48 64.27 -88.68
N PHE E 61 -26.51 65.19 -88.75
CA PHE E 61 -25.49 65.30 -87.71
C PHE E 61 -25.53 66.61 -86.91
N LYS E 62 -26.09 66.59 -85.62
CA LYS E 62 -26.21 67.79 -84.73
C LYS E 62 -25.08 67.77 -83.66
N GLU E 63 -24.39 68.91 -83.57
CA GLU E 63 -23.23 69.24 -82.72
C GLU E 63 -23.53 69.96 -81.38
N TYR E 64 -23.61 69.25 -80.25
CA TYR E 64 -23.86 70.02 -79.04
C TYR E 64 -22.53 70.52 -78.49
N THR E 65 -22.08 71.58 -78.10
CA THR E 65 -20.67 71.63 -77.66
C THR E 65 -20.46 71.32 -76.20
N ASP E 66 -21.53 71.19 -75.44
CA ASP E 66 -21.36 70.83 -74.05
C ASP E 66 -22.59 70.08 -73.56
N ILE E 67 -22.44 69.31 -72.50
CA ILE E 67 -23.62 68.67 -71.93
C ILE E 67 -24.60 69.69 -71.36
N ALA E 68 -24.13 70.82 -70.87
CA ALA E 68 -25.00 71.85 -70.30
C ALA E 68 -25.85 72.54 -71.34
N SER E 69 -25.17 72.94 -72.53
CA SER E 69 -26.00 73.60 -73.54
C SER E 69 -26.98 72.63 -74.20
N PHE E 70 -26.49 71.44 -74.54
CA PHE E 70 -27.29 70.41 -75.15
C PHE E 70 -28.50 70.10 -74.26
N SER E 71 -28.26 70.04 -72.96
CA SER E 71 -29.31 69.74 -72.00
C SER E 71 -30.46 70.74 -72.07
N VAL E 72 -30.14 71.99 -72.39
CA VAL E 72 -31.15 73.04 -72.48
C VAL E 72 -32.03 72.91 -73.73
N ASP E 73 -31.09 73.28 -74.93
CA ASP E 73 -31.44 73.59 -76.30
C ASP E 73 -31.76 72.40 -77.21
N PRO E 74 -31.55 71.20 -76.66
CA PRO E 74 -31.89 69.84 -77.12
C PRO E 74 -33.33 69.57 -77.57
N GLN E 75 -33.79 70.32 -78.54
CA GLN E 75 -34.96 69.90 -79.29
C GLN E 75 -34.57 68.90 -80.37
N LEU E 76 -34.98 67.79 -80.08
CA LEU E 76 -34.73 66.55 -80.86
C LEU E 76 -35.32 66.72 -82.22
N TYR E 77 -34.51 66.71 -83.25
CA TYR E 77 -35.01 67.00 -84.61
C TYR E 77 -35.57 65.82 -85.40
N CYS E 78 -34.97 64.66 -85.26
CA CYS E 78 -35.38 63.56 -86.08
C CYS E 78 -36.15 62.52 -85.33
N ASP E 79 -36.76 61.62 -86.13
CA ASP E 79 -37.57 60.45 -85.73
C ASP E 79 -36.80 59.66 -84.67
N TYR E 80 -35.54 59.30 -85.01
CA TYR E 80 -34.66 58.54 -84.11
C TYR E 80 -33.47 59.39 -83.71
N ASN E 81 -33.27 59.53 -82.41
CA ASN E 81 -32.14 60.30 -81.94
C ASN E 81 -31.21 59.44 -81.09
N VAL E 82 -29.94 59.39 -81.47
CA VAL E 82 -28.98 58.63 -80.70
C VAL E 82 -27.93 59.67 -80.34
N VAL E 83 -27.82 59.93 -79.04
CA VAL E 83 -26.91 60.95 -78.53
C VAL E 83 -25.66 60.36 -77.87
N LEU E 84 -24.50 60.83 -78.33
CA LEU E 84 -23.20 60.37 -77.84
C LEU E 84 -22.71 61.25 -76.69
N MET E 85 -22.49 60.64 -75.54
CA MET E 85 -22.01 61.33 -74.33
C MET E 85 -20.72 60.69 -73.83
N LYS E 86 -19.63 61.46 -73.79
CA LYS E 86 -18.34 60.92 -73.35
C LYS E 86 -18.00 61.32 -71.91
N TYR E 87 -17.86 60.33 -71.05
CA TYR E 87 -17.59 60.59 -69.67
C TYR E 87 -16.59 61.69 -69.31
N ASP E 88 -17.21 62.64 -68.59
CA ASP E 88 -16.69 63.79 -67.92
C ASP E 88 -17.14 63.59 -66.48
N ALA E 89 -16.20 63.23 -65.62
CA ALA E 89 -16.53 62.84 -64.26
C ALA E 89 -17.05 63.95 -63.34
N THR E 90 -16.74 65.21 -63.60
CA THR E 90 -17.23 66.30 -62.73
C THR E 90 -18.64 66.68 -63.09
N LEU E 91 -19.00 66.39 -64.34
CA LEU E 91 -20.34 66.74 -64.86
C LEU E 91 -21.39 65.64 -64.78
N GLN E 92 -21.13 64.57 -64.05
CA GLN E 92 -22.02 63.40 -63.91
C GLN E 92 -23.50 63.71 -63.66
N LEU E 93 -23.80 64.53 -62.69
CA LEU E 93 -25.20 64.88 -62.41
C LEU E 93 -25.78 65.75 -63.53
N ASP E 94 -24.91 66.47 -64.24
CA ASP E 94 -25.39 67.34 -65.32
C ASP E 94 -26.00 66.55 -66.47
N MET E 95 -25.14 65.37 -66.60
CA MET E 95 -25.36 64.27 -67.51
C MET E 95 -26.61 63.46 -67.12
N SER E 96 -26.81 63.18 -65.85
CA SER E 96 -27.91 62.43 -65.29
C SER E 96 -29.24 63.15 -65.51
N GLU E 97 -29.20 64.46 -65.24
CA GLU E 97 -30.33 65.35 -65.41
C GLU E 97 -30.66 65.44 -66.91
N LEU E 98 -29.65 65.47 -67.78
CA LEU E 98 -29.91 65.50 -69.22
C LEU E 98 -30.47 64.18 -69.72
N ALA E 99 -29.96 63.07 -69.20
CA ALA E 99 -30.44 61.76 -69.61
C ALA E 99 -31.89 61.64 -69.21
N ASP E 100 -32.17 61.96 -67.94
CA ASP E 100 -33.51 61.90 -67.37
C ASP E 100 -34.53 62.64 -68.25
N LEU E 101 -34.07 63.67 -68.94
CA LEU E 101 -34.95 64.43 -69.80
C LEU E 101 -35.15 63.80 -71.18
N ILE E 102 -34.09 63.37 -71.85
CA ILE E 102 -34.22 62.76 -73.18
C ILE E 102 -34.84 61.38 -73.14
N LEU E 103 -34.28 60.52 -72.30
CA LEU E 103 -34.75 59.14 -72.16
C LEU E 103 -36.20 59.00 -71.72
N ASN E 104 -36.77 60.06 -71.18
CA ASN E 104 -38.15 60.00 -70.70
C ASN E 104 -39.11 60.93 -71.39
N GLU E 105 -40.40 60.65 -71.17
CA GLU E 105 -41.50 61.41 -71.74
C GLU E 105 -41.98 62.45 -70.72
N TRP E 106 -42.06 63.74 -70.93
CA TRP E 106 -42.28 64.77 -69.91
C TRP E 106 -43.51 65.60 -70.27
N LEU E 107 -44.21 66.04 -69.24
CA LEU E 107 -45.42 66.86 -69.45
C LEU E 107 -45.07 68.00 -68.50
N CYS E 108 -45.05 69.26 -68.98
CA CYS E 108 -44.87 70.44 -68.15
C CYS E 108 -45.86 71.59 -68.34
N ASN E 109 -45.95 72.41 -67.29
CA ASN E 109 -46.80 73.60 -67.23
C ASN E 109 -45.87 74.66 -66.72
N PRO E 110 -46.23 75.94 -66.91
CA PRO E 110 -45.37 77.03 -66.43
C PRO E 110 -45.67 77.40 -64.97
N MET E 111 -44.64 77.86 -64.27
CA MET E 111 -44.75 78.24 -62.86
C MET E 111 -44.49 79.72 -62.66
N ASP E 112 -45.29 80.38 -61.83
CA ASP E 112 -45.04 81.79 -61.57
C ASP E 112 -44.51 81.90 -60.16
N ILE E 113 -43.19 81.84 -60.05
CA ILE E 113 -42.51 81.94 -58.78
C ILE E 113 -42.89 83.18 -57.99
N THR E 114 -43.22 84.25 -58.71
CA THR E 114 -43.59 85.55 -58.14
C THR E 114 -44.87 85.56 -57.30
N LEU E 115 -45.98 85.20 -57.93
CA LEU E 115 -47.29 85.23 -57.26
C LEU E 115 -47.70 83.94 -56.53
N TYR E 116 -47.26 82.53 -56.50
CA TYR E 116 -47.94 81.31 -55.99
C TYR E 116 -46.76 80.36 -55.59
N TYR E 117 -46.89 79.92 -54.36
CA TYR E 117 -45.86 79.11 -53.80
C TYR E 117 -46.27 77.77 -54.14
N TYR E 118 -45.50 76.89 -54.76
CA TYR E 118 -46.08 75.53 -55.10
C TYR E 118 -45.82 74.32 -54.13
N GLN E 119 -46.01 73.05 -54.66
CA GLN E 119 -45.81 71.69 -54.01
C GLN E 119 -45.87 70.54 -55.05
N GLN E 120 -45.03 69.53 -54.89
CA GLN E 120 -45.02 68.43 -55.85
C GLN E 120 -46.01 67.43 -55.29
N THR E 121 -46.67 66.69 -56.16
CA THR E 121 -47.69 65.74 -55.71
C THR E 121 -47.31 64.28 -55.50
N ASP E 122 -46.65 63.66 -56.47
CA ASP E 122 -46.27 62.25 -56.38
C ASP E 122 -44.81 62.00 -56.79
N GLU E 123 -44.39 60.75 -56.78
CA GLU E 123 -43.01 60.45 -57.16
C GLU E 123 -42.77 60.84 -58.62
N ALA E 124 -43.79 61.41 -59.27
CA ALA E 124 -43.65 61.79 -60.68
C ALA E 124 -43.81 63.26 -60.97
N ASN E 125 -43.98 64.07 -59.93
CA ASN E 125 -44.12 65.49 -60.11
C ASN E 125 -42.78 66.10 -59.72
N LYS E 126 -42.05 66.62 -60.71
CA LYS E 126 -40.72 67.22 -60.47
C LYS E 126 -40.63 68.61 -61.06
N TRP E 127 -39.71 69.42 -60.58
CA TRP E 127 -39.55 70.78 -61.13
C TRP E 127 -38.33 70.86 -62.03
N ILE E 128 -38.54 70.86 -63.34
CA ILE E 128 -37.43 70.95 -64.27
C ILE E 128 -37.21 72.37 -64.76
N SER E 129 -36.08 72.95 -64.32
CA SER E 129 -35.70 74.29 -64.67
C SER E 129 -34.41 74.24 -65.50
N MET E 130 -34.24 75.16 -66.45
CA MET E 130 -33.04 75.20 -67.29
C MET E 130 -32.80 76.56 -67.97
N GLY E 131 -31.53 76.90 -68.19
CA GLY E 131 -31.19 78.16 -68.82
C GLY E 131 -29.73 78.56 -68.66
N SER E 132 -29.45 79.85 -68.81
CA SER E 132 -28.08 80.39 -68.68
C SER E 132 -27.45 79.97 -67.38
N SER E 133 -28.03 80.45 -66.28
CA SER E 133 -27.55 80.14 -64.95
C SER E 133 -28.73 79.94 -64.03
N CYS E 134 -29.00 78.67 -63.71
CA CYS E 134 -30.12 78.35 -62.85
C CYS E 134 -29.77 78.24 -61.35
N THR E 135 -30.22 79.19 -60.55
CA THR E 135 -29.96 79.19 -59.11
C THR E 135 -31.28 79.18 -58.33
N ILE E 136 -31.64 78.04 -57.76
CA ILE E 136 -32.89 77.86 -57.02
C ILE E 136 -32.80 77.73 -55.50
N LYS E 137 -33.44 78.64 -54.78
CA LYS E 137 -33.48 78.62 -53.33
C LYS E 137 -34.92 78.30 -52.94
N VAL E 138 -35.14 77.48 -51.92
CA VAL E 138 -36.48 77.09 -51.55
C VAL E 138 -36.82 77.35 -50.09
N CYS E 139 -38.11 77.55 -49.80
CA CYS E 139 -38.58 77.77 -48.43
C CYS E 139 -39.92 77.04 -48.15
N PRO E 140 -39.86 75.90 -47.47
CA PRO E 140 -41.01 75.07 -47.11
C PRO E 140 -42.01 75.80 -46.22
N LEU E 141 -43.29 75.67 -46.55
CA LEU E 141 -44.34 76.33 -45.80
C LEU E 141 -45.15 75.36 -44.98
N ASN E 142 -45.48 75.75 -43.75
CA ASN E 142 -46.31 74.91 -42.91
C ASN E 142 -47.71 75.26 -43.39
N THR E 143 -48.73 74.62 -42.83
CA THR E 143 -50.11 74.86 -43.26
C THR E 143 -50.67 76.25 -42.99
N GLN E 144 -49.80 77.25 -42.84
CA GLN E 144 -50.24 78.62 -42.57
C GLN E 144 -49.67 79.61 -43.55
N THR E 145 -48.77 79.14 -44.41
CA THR E 145 -48.08 79.96 -45.40
C THR E 145 -46.92 80.63 -44.66
N LEU E 146 -46.46 79.97 -43.61
CA LEU E 146 -45.34 80.48 -42.82
C LEU E 146 -44.11 79.62 -43.07
N GLY E 147 -42.93 80.22 -42.98
CA GLY E 147 -41.73 79.45 -43.22
C GLY E 147 -41.47 78.39 -42.17
N ILE E 148 -40.63 77.42 -42.52
CA ILE E 148 -40.21 76.36 -41.60
C ILE E 148 -38.70 76.38 -41.77
N GLY E 149 -38.03 77.15 -40.91
CA GLY E 149 -36.60 77.26 -41.03
C GLY E 149 -36.29 78.42 -41.95
N CYS E 150 -37.30 79.23 -42.22
CA CYS E 150 -37.15 80.40 -43.09
C CYS E 150 -38.26 81.44 -42.94
N LEU E 151 -37.95 82.65 -43.38
CA LEU E 151 -38.91 83.74 -43.35
C LEU E 151 -39.29 84.01 -44.79
N THR E 152 -40.54 83.72 -45.12
CA THR E 152 -41.02 83.93 -46.47
C THR E 152 -40.72 85.35 -46.94
N THR E 153 -40.12 86.17 -46.09
CA THR E 153 -39.81 87.55 -46.44
C THR E 153 -38.37 87.83 -46.89
N ASP E 154 -37.39 87.18 -46.27
CA ASP E 154 -35.98 87.37 -46.62
C ASP E 154 -35.33 86.10 -47.17
N THR E 155 -35.06 86.10 -48.48
CA THR E 155 -34.47 84.96 -49.17
C THR E 155 -33.07 84.59 -48.69
N ALA E 156 -32.56 85.31 -47.71
CA ALA E 156 -31.26 85.01 -47.18
C ALA E 156 -31.41 83.85 -46.20
N THR E 157 -32.66 83.48 -45.91
CA THR E 157 -32.93 82.38 -45.00
C THR E 157 -33.42 81.15 -45.76
N PHE E 158 -33.54 81.28 -47.08
CA PHE E 158 -33.99 80.17 -47.90
C PHE E 158 -32.98 79.05 -47.93
N GLU E 159 -33.34 77.93 -48.53
CA GLU E 159 -32.42 76.80 -48.62
C GLU E 159 -32.03 76.65 -50.09
N GLU E 160 -30.74 76.82 -50.38
CA GLU E 160 -30.24 76.72 -51.76
C GLU E 160 -30.12 75.26 -52.21
N VAL E 161 -30.76 74.91 -53.32
CA VAL E 161 -30.75 73.54 -53.83
C VAL E 161 -30.19 73.39 -55.27
N ALA E 162 -29.59 74.47 -55.76
CA ALA E 162 -29.03 74.49 -57.10
C ALA E 162 -28.26 75.79 -57.28
N THR E 163 -26.96 75.70 -57.55
CA THR E 163 -26.19 76.92 -57.71
C THR E 163 -25.64 77.09 -59.12
N ALA E 164 -26.40 77.80 -59.94
CA ALA E 164 -26.00 78.08 -61.32
C ALA E 164 -25.82 76.89 -62.25
N GLU E 165 -26.85 76.07 -62.41
CA GLU E 165 -26.76 74.93 -63.32
C GLU E 165 -27.45 75.33 -64.61
N LYS E 166 -27.20 74.51 -65.64
CA LYS E 166 -27.72 74.69 -67.01
C LYS E 166 -28.97 73.87 -67.26
N LEU E 167 -29.20 72.85 -66.41
CA LEU E 167 -30.34 71.94 -66.41
C LEU E 167 -30.45 71.39 -65.00
N VAL E 168 -31.64 71.49 -64.42
CA VAL E 168 -31.89 71.03 -63.05
C VAL E 168 -33.27 70.43 -62.83
N ILE E 169 -33.30 69.20 -62.30
CA ILE E 169 -34.57 68.54 -61.99
C ILE E 169 -34.60 68.52 -60.46
N THR E 170 -35.34 69.46 -59.89
CA THR E 170 -35.45 69.62 -58.43
C THR E 170 -36.55 68.76 -57.82
N ASP E 171 -36.23 68.21 -56.66
CA ASP E 171 -37.15 67.34 -55.94
C ASP E 171 -37.28 67.78 -54.50
N VAL E 172 -38.52 68.01 -54.05
CA VAL E 172 -38.78 68.41 -52.66
C VAL E 172 -39.72 67.43 -52.00
N VAL E 173 -39.76 67.44 -50.66
CA VAL E 173 -40.62 66.53 -49.92
C VAL E 173 -42.06 66.69 -50.43
N ASP E 174 -42.60 65.62 -51.01
CA ASP E 174 -43.95 65.61 -51.55
C ASP E 174 -45.04 66.05 -50.60
N GLY E 175 -45.95 66.87 -51.13
CA GLY E 175 -47.08 67.35 -50.34
C GLY E 175 -46.77 68.48 -49.38
N VAL E 176 -45.90 69.39 -49.77
CA VAL E 176 -45.54 70.51 -48.92
C VAL E 176 -45.40 71.75 -49.80
N ASN E 177 -45.98 72.86 -49.37
CA ASN E 177 -45.88 74.05 -50.19
C ASN E 177 -44.55 74.73 -49.98
N HIS E 178 -44.03 75.35 -51.04
CA HIS E 178 -42.74 76.03 -50.98
C HIS E 178 -42.73 77.38 -51.66
N LYS E 179 -42.21 78.46 -50.99
CA LYS E 179 -42.05 79.74 -51.71
C LYS E 179 -40.76 79.55 -52.45
N LEU E 180 -40.76 79.78 -53.75
CA LEU E 180 -39.57 79.51 -54.54
C LEU E 180 -38.87 80.77 -54.91
N ASP E 181 -37.55 80.72 -55.00
CA ASP E 181 -36.79 81.88 -55.41
C ASP E 181 -35.77 81.51 -56.46
N VAL E 182 -36.20 81.54 -57.72
CA VAL E 182 -35.30 81.21 -58.80
C VAL E 182 -34.78 82.53 -59.35
N THR E 183 -33.71 82.47 -60.14
CA THR E 183 -33.13 83.66 -60.75
C THR E 183 -33.70 83.71 -62.17
N THR E 184 -35.02 83.85 -62.25
CA THR E 184 -35.78 83.91 -63.51
C THR E 184 -35.17 84.74 -64.63
N ALA E 185 -34.24 85.62 -64.29
CA ALA E 185 -33.58 86.46 -65.30
C ALA E 185 -32.85 85.56 -66.31
N THR E 186 -32.05 84.66 -65.77
CA THR E 186 -31.31 83.68 -66.56
C THR E 186 -31.96 82.27 -66.48
N CYS E 187 -32.96 82.03 -65.67
CA CYS E 187 -33.54 80.71 -65.60
C CYS E 187 -35.04 80.68 -65.90
N THR E 188 -35.45 79.45 -66.26
CA THR E 188 -36.89 79.25 -66.48
C THR E 188 -37.24 78.00 -65.66
N ILE E 189 -38.22 78.04 -64.76
CA ILE E 189 -38.55 76.82 -64.00
C ILE E 189 -40.02 76.47 -64.32
N ARG E 190 -40.19 75.11 -64.67
CA ARG E 190 -41.52 74.65 -65.07
C ARG E 190 -41.87 73.38 -64.26
N ASN E 191 -43.16 73.23 -63.98
CA ASN E 191 -43.67 72.10 -63.22
C ASN E 191 -44.03 70.89 -64.08
N CYS E 192 -43.18 69.85 -64.07
CA CYS E 192 -43.42 68.67 -64.89
C CYS E 192 -43.87 67.38 -64.20
N LYS E 193 -44.76 66.66 -64.89
CA LYS E 193 -45.23 65.35 -64.46
C LYS E 193 -44.58 64.32 -65.38
N LYS E 194 -43.92 63.26 -64.86
CA LYS E 194 -43.18 62.30 -65.71
C LYS E 194 -43.95 61.12 -66.26
N LEU E 195 -43.26 60.14 -66.84
CA LEU E 195 -44.10 59.12 -67.41
C LEU E 195 -43.47 58.25 -68.47
N GLY E 196 -44.17 58.42 -69.56
CA GLY E 196 -43.82 57.84 -70.77
C GLY E 196 -42.36 58.07 -70.90
N PRO E 197 -41.77 57.01 -71.41
CA PRO E 197 -40.37 56.93 -71.69
C PRO E 197 -40.23 57.18 -73.15
N ARG E 198 -39.00 57.15 -73.50
CA ARG E 198 -38.78 57.45 -74.84
C ARG E 198 -38.33 56.32 -75.65
N GLU E 199 -39.15 56.17 -76.65
CA GLU E 199 -38.98 55.18 -77.65
C GLU E 199 -38.07 55.75 -78.75
N ASN E 200 -37.08 56.57 -78.39
CA ASN E 200 -36.15 57.13 -79.40
C ASN E 200 -34.70 57.13 -78.85
N VAL E 201 -34.20 58.26 -78.32
CA VAL E 201 -32.85 58.29 -77.77
C VAL E 201 -32.43 56.89 -77.41
N ALA E 202 -30.92 57.20 -77.37
CA ALA E 202 -30.29 55.97 -77.04
C ALA E 202 -29.01 56.51 -76.59
N VAL E 203 -29.08 57.04 -75.40
CA VAL E 203 -27.87 57.62 -74.95
C VAL E 203 -26.75 56.61 -75.01
N ILE E 204 -25.75 56.84 -75.84
CA ILE E 204 -24.62 55.92 -75.86
C ILE E 204 -23.52 56.61 -75.07
N GLN E 205 -23.08 55.97 -74.03
CA GLN E 205 -22.07 56.50 -73.17
C GLN E 205 -20.66 56.10 -73.53
N VAL E 206 -19.81 57.12 -73.71
CA VAL E 206 -18.39 56.93 -73.84
C VAL E 206 -17.87 57.40 -72.52
N GLY E 207 -17.00 56.38 -72.20
CA GLY E 207 -16.12 56.10 -71.14
C GLY E 207 -16.68 55.72 -69.81
N GLY E 208 -15.62 55.55 -68.97
CA GLY E 208 -15.62 55.25 -67.53
C GLY E 208 -15.59 53.81 -67.11
N SER E 209 -16.65 53.50 -66.50
CA SER E 209 -17.12 52.26 -66.06
C SER E 209 -18.46 52.90 -65.88
N ASP E 210 -19.55 52.32 -66.23
CA ASP E 210 -20.69 53.01 -65.71
C ASP E 210 -21.61 51.91 -65.18
N VAL E 211 -22.56 52.46 -64.57
CA VAL E 211 -23.72 51.97 -63.96
C VAL E 211 -24.20 53.40 -63.90
N LEU E 212 -25.46 53.60 -64.01
CA LEU E 212 -26.04 54.94 -64.05
C LEU E 212 -27.23 54.88 -63.11
N ASP E 213 -27.33 55.75 -62.13
CA ASP E 213 -28.47 55.80 -61.25
C ASP E 213 -29.26 57.04 -61.66
N ILE E 214 -30.29 56.83 -62.48
CA ILE E 214 -31.08 57.94 -62.98
C ILE E 214 -32.41 58.10 -62.20
N THR E 215 -32.56 57.57 -60.96
CA THR E 215 -33.81 57.81 -60.21
C THR E 215 -33.58 58.88 -59.18
N ALA E 216 -34.65 59.53 -58.74
CA ALA E 216 -34.53 60.56 -57.71
C ALA E 216 -34.51 59.89 -56.40
N ASP E 217 -35.10 58.70 -56.33
CA ASP E 217 -35.16 58.01 -55.03
C ASP E 217 -33.85 57.19 -54.77
N PRO E 218 -33.85 56.32 -53.80
CA PRO E 218 -32.67 55.54 -53.48
C PRO E 218 -33.06 54.15 -53.63
N THR E 219 -34.34 54.02 -53.82
CA THR E 219 -34.75 52.61 -53.76
C THR E 219 -34.61 51.87 -55.02
N THR E 220 -34.90 52.55 -56.13
CA THR E 220 -34.90 51.96 -57.49
C THR E 220 -33.68 52.34 -58.33
N ALA E 221 -33.37 51.46 -59.23
CA ALA E 221 -32.36 51.72 -60.22
C ALA E 221 -32.83 51.16 -61.55
N PRO E 222 -33.26 52.00 -62.52
CA PRO E 222 -33.68 51.48 -63.80
C PRO E 222 -32.65 51.67 -64.90
N GLN E 223 -32.49 50.50 -65.51
CA GLN E 223 -31.63 50.15 -66.61
C GLN E 223 -32.50 49.82 -67.81
N THR E 224 -32.50 50.72 -68.79
CA THR E 224 -33.30 50.53 -70.00
C THR E 224 -32.43 50.21 -71.21
N GLU E 225 -33.06 49.75 -72.29
CA GLU E 225 -32.36 49.40 -73.55
C GLU E 225 -31.86 50.66 -74.23
N ARG E 226 -32.59 51.78 -74.05
CA ARG E 226 -32.24 53.07 -74.66
C ARG E 226 -31.12 53.76 -73.87
N MET E 227 -30.32 52.94 -73.19
CA MET E 227 -29.20 53.43 -72.37
C MET E 227 -28.01 52.50 -72.66
N MET E 228 -27.29 52.74 -73.76
CA MET E 228 -26.17 51.90 -74.16
C MET E 228 -24.79 52.43 -73.79
N ARG E 229 -23.74 51.58 -73.88
CA ARG E 229 -22.36 52.03 -73.52
C ARG E 229 -21.30 51.43 -74.49
N ILE E 230 -20.35 52.29 -74.89
CA ILE E 230 -19.26 51.95 -75.83
C ILE E 230 -17.88 52.21 -75.21
N ASN E 231 -16.92 51.33 -75.50
CA ASN E 231 -15.56 51.48 -74.99
C ASN E 231 -14.72 52.40 -75.87
N TRP E 232 -14.30 53.52 -75.27
CA TRP E 232 -13.51 54.52 -75.97
C TRP E 232 -12.13 54.11 -76.44
N LYS E 233 -11.82 54.49 -77.66
CA LYS E 233 -10.53 54.24 -78.26
C LYS E 233 -10.25 55.58 -78.91
N LYS E 234 -10.89 55.79 -80.05
CA LYS E 234 -10.76 57.00 -80.82
C LYS E 234 -12.17 57.34 -81.29
N TRP E 235 -12.42 58.60 -81.60
CA TRP E 235 -13.75 58.97 -82.04
C TRP E 235 -14.12 58.35 -83.38
N TRP E 236 -13.18 58.24 -84.30
CA TRP E 236 -13.53 57.63 -85.57
C TRP E 236 -14.09 56.23 -85.34
N GLN E 237 -13.49 55.51 -84.40
CA GLN E 237 -13.94 54.16 -84.06
C GLN E 237 -15.37 54.18 -83.52
N VAL E 238 -15.66 55.13 -82.63
CA VAL E 238 -16.98 55.24 -82.05
C VAL E 238 -18.02 55.33 -83.17
N PHE E 239 -17.83 56.28 -84.09
CA PHE E 239 -18.75 56.45 -85.19
C PHE E 239 -18.83 55.21 -86.07
N TYR E 240 -17.69 54.58 -86.37
CA TYR E 240 -17.74 53.38 -87.19
C TYR E 240 -18.67 52.39 -86.54
N THR E 241 -18.53 52.17 -85.24
CA THR E 241 -19.40 51.24 -84.52
C THR E 241 -20.85 51.67 -84.56
N VAL E 242 -21.12 52.94 -84.30
CA VAL E 242 -22.49 53.43 -84.35
C VAL E 242 -23.10 53.10 -85.71
N VAL E 243 -22.32 53.27 -86.78
CA VAL E 243 -22.79 52.96 -88.13
C VAL E 243 -22.89 51.46 -88.30
N ASP E 244 -21.83 50.73 -87.98
CA ASP E 244 -21.85 49.28 -88.16
C ASP E 244 -23.03 48.57 -87.42
N TYR E 245 -23.62 49.27 -86.42
CA TYR E 245 -24.72 48.75 -85.56
C TYR E 245 -25.91 49.68 -85.41
N VAL E 246 -26.18 50.45 -86.47
CA VAL E 246 -27.29 51.38 -86.51
C VAL E 246 -28.62 50.73 -86.23
N ASN E 247 -28.87 49.62 -86.88
CA ASN E 247 -30.14 48.93 -86.74
C ASN E 247 -30.33 48.35 -85.36
N GLN E 248 -29.26 47.82 -84.83
CA GLN E 248 -29.28 47.24 -83.51
C GLN E 248 -29.66 48.33 -82.51
N ILE E 249 -29.05 49.51 -82.70
CA ILE E 249 -29.30 50.68 -81.86
C ILE E 249 -30.73 51.21 -82.09
N ILE E 250 -31.16 51.25 -83.35
CA ILE E 250 -32.50 51.72 -83.67
C ILE E 250 -33.53 50.76 -83.09
N GLN E 251 -33.27 49.47 -83.23
CA GLN E 251 -34.18 48.45 -82.74
C GLN E 251 -34.40 48.53 -81.23
N ALA E 252 -33.43 49.07 -80.52
CA ALA E 252 -33.54 49.23 -79.08
C ALA E 252 -34.42 50.45 -78.69
N MET E 253 -34.89 51.26 -79.70
CA MET E 253 -35.75 52.47 -79.56
C MET E 253 -37.17 52.22 -80.18
N SER E 254 -37.48 52.91 -81.31
CA SER E 254 -38.71 52.73 -82.18
C SER E 254 -40.00 53.48 -81.93
N LYS E 255 -40.28 54.38 -82.92
CA LYS E 255 -41.46 55.17 -82.93
C LYS E 255 -41.24 56.46 -82.24
N PRO F 1 -41.41 26.39 -37.12
CA PRO F 1 -42.53 26.18 -38.03
C PRO F 1 -43.83 26.81 -37.51
N ILE F 2 -43.88 27.33 -38.95
CA ILE F 2 -45.28 27.81 -39.02
C ILE F 2 -46.13 26.91 -39.92
N THR F 3 -47.40 26.80 -39.56
CA THR F 3 -48.45 26.28 -40.44
C THR F 3 -48.46 27.06 -41.75
N GLY F 4 -48.65 26.34 -42.85
CA GLY F 4 -48.51 26.95 -44.18
C GLY F 4 -49.83 27.29 -44.88
N SER F 5 -50.97 27.12 -44.18
CA SER F 5 -52.24 27.38 -44.85
C SER F 5 -52.34 28.84 -45.28
N MET F 6 -52.87 28.95 -46.67
CA MET F 6 -53.05 30.19 -47.45
C MET F 6 -54.40 30.79 -47.14
N ASP F 7 -54.44 31.42 -45.98
CA ASP F 7 -55.69 32.05 -45.53
C ASP F 7 -56.07 33.27 -46.34
N THR F 8 -54.83 33.44 -46.58
CA THR F 8 -54.72 34.47 -47.58
C THR F 8 -55.13 35.87 -47.27
N ALA F 9 -54.91 36.34 -46.07
CA ALA F 9 -55.30 37.65 -45.47
C ALA F 9 -54.32 38.85 -45.32
N TYR F 10 -54.00 39.37 -46.13
CA TYR F 10 -52.96 40.32 -45.69
C TYR F 10 -53.56 41.36 -44.74
N ALA F 11 -52.87 41.53 -43.64
CA ALA F 11 -53.14 42.51 -42.59
C ALA F 11 -52.56 43.86 -43.01
N ASN F 12 -53.49 44.79 -43.21
CA ASN F 12 -53.28 46.12 -43.74
C ASN F 12 -52.24 47.10 -43.21
N SER F 13 -51.62 47.79 -44.16
CA SER F 13 -50.62 48.80 -43.84
C SER F 13 -49.17 48.36 -43.68
N THR F 14 -48.78 48.20 -42.41
CA THR F 14 -47.42 47.80 -42.05
C THR F 14 -46.69 49.10 -41.69
N GLN F 15 -46.79 50.10 -42.56
CA GLN F 15 -46.10 51.38 -42.26
C GLN F 15 -46.73 52.11 -41.08
N GLU F 16 -47.96 51.70 -40.70
CA GLU F 16 -48.71 52.38 -39.61
C GLU F 16 -48.43 51.81 -38.22
N GLU F 17 -47.44 50.94 -38.13
CA GLU F 17 -47.02 50.39 -36.85
C GLU F 17 -45.61 50.93 -36.65
N THR F 18 -44.92 51.08 -37.78
CA THR F 18 -43.54 51.56 -37.73
C THR F 18 -43.52 53.07 -37.49
N PHE F 19 -44.49 53.77 -38.02
CA PHE F 19 -44.57 55.21 -37.71
C PHE F 19 -44.80 55.45 -36.22
N LEU F 20 -45.65 54.62 -35.64
CA LEU F 20 -45.95 54.81 -34.22
C LEU F 20 -44.83 54.31 -33.30
N THR F 21 -44.37 53.10 -33.57
CA THR F 21 -43.45 52.46 -32.61
C THR F 21 -41.96 52.57 -32.87
N SER F 22 -41.49 52.88 -34.11
CA SER F 22 -39.98 52.96 -34.36
C SER F 22 -39.26 54.31 -34.49
N THR F 23 -37.94 54.27 -34.21
CA THR F 23 -36.99 55.40 -34.29
C THR F 23 -36.16 55.31 -35.56
N LEU F 24 -35.89 56.47 -36.15
CA LEU F 24 -35.11 56.59 -37.37
C LEU F 24 -33.87 57.44 -37.06
N CYS F 25 -32.68 56.89 -37.32
CA CYS F 25 -31.41 57.55 -37.07
C CYS F 25 -30.67 57.80 -38.39
N LEU F 26 -30.43 59.07 -38.70
CA LEU F 26 -29.75 59.46 -39.93
C LEU F 26 -28.29 59.76 -39.69
N TYR F 27 -27.40 59.06 -40.38
CA TYR F 27 -25.98 59.30 -40.22
C TYR F 27 -25.47 60.02 -41.46
N TYR F 28 -24.77 61.09 -41.24
CA TYR F 28 -24.20 61.84 -42.33
C TYR F 28 -22.81 62.27 -41.90
N PRO F 29 -22.00 62.73 -42.85
CA PRO F 29 -20.66 63.29 -42.64
C PRO F 29 -20.75 64.76 -42.31
N THR F 30 -19.70 65.30 -41.70
CA THR F 30 -19.69 66.72 -41.35
C THR F 30 -19.93 67.56 -42.58
N GLU F 31 -19.10 67.37 -43.60
CA GLU F 31 -19.25 68.17 -44.82
C GLU F 31 -20.71 68.35 -45.23
N ALA F 32 -21.52 67.30 -45.03
CA ALA F 32 -22.94 67.35 -45.38
C ALA F 32 -23.64 68.49 -44.67
N ALA F 33 -23.52 68.51 -43.34
CA ALA F 33 -24.15 69.54 -42.54
C ALA F 33 -23.51 70.89 -42.78
N THR F 34 -22.18 70.96 -42.90
CA THR F 34 -21.52 72.25 -43.13
C THR F 34 -22.07 72.95 -44.37
N GLU F 35 -22.34 72.18 -45.42
CA GLU F 35 -22.84 72.76 -46.65
C GLU F 35 -24.26 73.30 -46.50
N ILE F 36 -24.95 72.80 -45.50
CA ILE F 36 -26.33 73.22 -45.27
C ILE F 36 -26.48 74.57 -44.60
N ASN F 37 -25.51 74.86 -43.75
CA ASN F 37 -25.25 76.11 -43.07
C ASN F 37 -26.38 76.78 -42.26
N ASP F 38 -27.25 75.96 -41.71
CA ASP F 38 -28.38 76.47 -40.95
C ASP F 38 -28.32 75.89 -39.52
N ASN F 39 -28.73 76.69 -38.54
CA ASN F 39 -28.75 76.27 -37.17
C ASN F 39 -30.03 75.48 -36.93
N SER F 40 -30.94 75.49 -37.88
CA SER F 40 -32.19 74.79 -37.66
C SER F 40 -32.51 73.71 -38.69
N TRP F 41 -31.49 73.25 -39.41
CA TRP F 41 -31.76 72.25 -40.43
C TRP F 41 -32.30 70.96 -39.84
N LYS F 42 -31.72 70.53 -38.72
CA LYS F 42 -32.21 69.31 -38.10
C LYS F 42 -33.68 69.49 -37.75
N ASP F 43 -34.04 70.68 -37.28
CA ASP F 43 -35.42 70.99 -36.92
C ASP F 43 -36.38 71.04 -38.11
N THR F 44 -36.01 71.81 -39.13
CA THR F 44 -36.85 71.93 -40.33
C THR F 44 -37.16 70.54 -40.89
N LEU F 45 -36.13 69.73 -41.10
CA LEU F 45 -36.32 68.39 -41.62
C LEU F 45 -37.26 67.55 -40.75
N SER F 46 -37.23 67.80 -39.44
CA SER F 46 -38.06 67.06 -38.50
C SER F 46 -39.54 67.33 -38.68
N GLN F 47 -39.88 68.58 -38.96
CA GLN F 47 -41.27 68.93 -39.19
C GLN F 47 -41.65 68.30 -40.51
N LEU F 48 -40.72 68.31 -41.45
CA LEU F 48 -40.96 67.71 -42.75
C LEU F 48 -41.16 66.21 -42.59
N PHE F 49 -40.55 65.64 -41.55
CA PHE F 49 -40.68 64.22 -41.30
C PHE F 49 -42.06 63.85 -40.77
N LEU F 50 -42.79 64.82 -40.23
CA LEU F 50 -44.14 64.52 -39.73
C LEU F 50 -44.99 64.18 -40.94
N THR F 51 -44.73 64.86 -42.05
CA THR F 51 -45.47 64.63 -43.31
C THR F 51 -45.43 63.15 -43.67
N LYS F 52 -44.23 62.60 -43.74
CA LYS F 52 -44.03 61.20 -44.07
C LYS F 52 -44.52 60.29 -42.95
N GLY F 53 -44.95 60.90 -41.85
CA GLY F 53 -45.49 60.13 -40.73
C GLY F 53 -44.65 59.72 -39.54
N TRP F 54 -43.68 60.55 -39.14
CA TRP F 54 -42.85 60.23 -37.98
C TRP F 54 -43.01 61.32 -36.94
N PRO F 55 -43.64 60.98 -35.81
CA PRO F 55 -43.89 61.88 -34.69
C PRO F 55 -42.65 62.63 -34.28
N THR F 56 -42.84 63.87 -33.82
CA THR F 56 -41.73 64.72 -33.43
C THR F 56 -40.52 64.04 -32.77
N GLY F 57 -40.68 63.49 -31.57
CA GLY F 57 -39.53 62.87 -30.91
C GLY F 57 -38.92 61.60 -31.53
N SER F 58 -39.40 61.26 -32.72
CA SER F 58 -38.97 60.08 -33.42
C SER F 58 -37.63 60.02 -34.15
N VAL F 59 -37.31 61.03 -34.96
CA VAL F 59 -36.06 61.04 -35.74
C VAL F 59 -34.83 61.68 -35.11
N TYR F 60 -33.69 60.97 -35.15
CA TYR F 60 -32.41 61.47 -34.60
C TYR F 60 -31.33 61.71 -35.68
N PHE F 61 -30.51 62.76 -35.50
CA PHE F 61 -29.45 63.09 -36.46
C PHE F 61 -28.03 62.97 -35.91
N LYS F 62 -27.28 61.82 -36.27
CA LYS F 62 -25.88 61.55 -35.79
C LYS F 62 -24.87 61.91 -36.93
N GLU F 63 -23.88 62.71 -36.53
CA GLU F 63 -22.76 63.30 -37.31
C GLU F 63 -21.43 62.52 -37.31
N TYR F 64 -21.13 61.69 -38.32
CA TYR F 64 -19.82 61.06 -38.25
C TYR F 64 -18.78 61.98 -38.85
N THR F 65 -17.68 62.40 -38.54
CA THR F 65 -16.99 63.34 -39.45
C THR F 65 -16.14 62.66 -40.48
N ASP F 66 -15.95 61.36 -40.39
CA ASP F 66 -15.17 60.69 -41.42
C ASP F 66 -15.65 59.25 -41.54
N ILE F 67 -15.38 58.64 -42.68
CA ILE F 67 -15.70 57.22 -42.79
C ILE F 67 -14.86 56.36 -41.85
N ALA F 68 -13.65 56.77 -41.53
CA ALA F 68 -12.77 56.00 -40.64
C ALA F 68 -13.24 56.02 -39.21
N SER F 69 -13.63 57.30 -38.70
CA SER F 69 -14.11 57.31 -37.31
C SER F 69 -15.45 56.61 -37.15
N PHE F 70 -16.35 56.90 -38.08
CA PHE F 70 -17.69 56.31 -38.09
C PHE F 70 -17.57 54.79 -38.11
N SER F 71 -16.64 54.29 -38.91
CA SER F 71 -16.42 52.85 -39.05
C SER F 71 -16.08 52.20 -37.72
N VAL F 72 -15.39 52.93 -36.85
CA VAL F 72 -15.00 52.40 -35.55
C VAL F 72 -16.18 52.30 -34.57
N ASP F 73 -16.55 53.79 -34.22
CA ASP F 73 -17.37 54.29 -33.14
C ASP F 73 -18.89 54.21 -33.36
N PRO F 74 -19.26 53.81 -34.59
CA PRO F 74 -20.58 53.43 -35.13
C PRO F 74 -21.44 52.43 -34.36
N GLN F 75 -21.72 52.73 -33.12
CA GLN F 75 -22.81 52.07 -32.43
C GLN F 75 -24.15 52.71 -32.82
N LEU F 76 -24.78 51.96 -33.52
CA LEU F 76 -26.10 52.27 -34.13
C LEU F 76 -27.09 52.53 -33.04
N TYR F 77 -27.62 53.72 -32.96
CA TYR F 77 -28.49 54.09 -31.84
C TYR F 77 -29.98 53.75 -31.99
N CYS F 78 -30.51 53.90 -33.18
CA CYS F 78 -31.92 53.72 -33.34
C CYS F 78 -32.27 52.44 -34.03
N ASP F 79 -33.58 52.15 -33.96
CA ASP F 79 -34.30 51.00 -34.55
C ASP F 79 -33.89 50.87 -36.02
N TYR F 80 -34.06 52.00 -36.75
CA TYR F 80 -33.71 52.06 -38.19
C TYR F 80 -32.58 53.03 -38.41
N ASN F 81 -31.53 52.56 -39.05
CA ASN F 81 -30.40 53.42 -39.32
C ASN F 81 -30.17 53.53 -40.83
N VAL F 82 -30.16 54.76 -41.34
CA VAL F 82 -29.89 54.96 -42.75
C VAL F 82 -28.68 55.88 -42.74
N VAL F 83 -27.57 55.35 -43.25
CA VAL F 83 -26.30 56.08 -43.26
C VAL F 83 -25.94 56.62 -44.65
N LEU F 84 -25.66 57.92 -44.70
CA LEU F 84 -25.30 58.61 -45.93
C LEU F 84 -23.78 58.63 -46.12
N MET F 85 -23.33 58.07 -47.24
CA MET F 85 -21.91 58.00 -47.59
C MET F 85 -21.68 58.63 -48.95
N LYS F 86 -20.86 59.69 -49.01
CA LYS F 86 -20.59 60.38 -50.27
C LYS F 86 -19.23 60.01 -50.86
N TYR F 87 -19.25 59.46 -52.07
CA TYR F 87 -18.04 59.09 -52.71
C TYR F 87 -16.88 60.13 -52.62
N ASP F 88 -15.83 59.45 -52.14
CA ASP F 88 -14.42 59.74 -51.87
C ASP F 88 -13.70 58.49 -52.36
N ALA F 89 -13.08 58.68 -53.52
CA ALA F 89 -12.47 57.60 -54.31
C ALA F 89 -11.23 56.97 -53.71
N THR F 90 -10.51 57.67 -52.86
CA THR F 90 -9.28 57.08 -52.27
C THR F 90 -9.63 56.20 -51.10
N LEU F 91 -10.78 56.51 -50.52
CA LEU F 91 -11.24 55.76 -49.35
C LEU F 91 -12.15 54.57 -49.62
N GLN F 92 -12.36 54.18 -50.85
CA GLN F 92 -13.21 53.05 -51.23
C GLN F 92 -13.23 51.80 -50.35
N LEU F 93 -12.06 51.24 -50.12
CA LEU F 93 -11.97 50.04 -49.28
C LEU F 93 -12.32 50.36 -47.82
N ASP F 94 -12.11 51.62 -47.42
CA ASP F 94 -12.41 52.01 -46.03
C ASP F 94 -13.90 51.91 -45.71
N MET F 95 -14.56 52.40 -46.91
CA MET F 95 -15.99 52.42 -47.12
C MET F 95 -16.57 50.99 -47.24
N SER F 96 -15.92 50.11 -47.95
CA SER F 96 -16.30 48.73 -48.18
C SER F 96 -16.30 47.92 -46.88
N GLU F 97 -15.22 48.14 -46.11
CA GLU F 97 -15.01 47.52 -44.81
C GLU F 97 -16.08 48.05 -43.85
N LEU F 98 -16.43 49.35 -43.93
CA LEU F 98 -17.47 49.88 -43.07
C LEU F 98 -18.86 49.38 -43.46
N ALA F 99 -19.11 49.24 -44.75
CA ALA F 99 -20.39 48.75 -45.23
C ALA F 99 -20.55 47.32 -44.75
N ASP F 100 -19.52 46.52 -45.00
CA ASP F 100 -19.48 45.10 -44.62
C ASP F 100 -19.86 44.91 -43.14
N LEU F 101 -19.53 45.89 -42.33
CA LEU F 101 -19.84 45.81 -40.91
C LEU F 101 -21.29 46.20 -40.57
N ILE F 102 -21.77 47.32 -41.10
CA ILE F 102 -23.15 47.75 -40.81
C ILE F 102 -24.21 46.90 -41.47
N LEU F 103 -24.05 46.69 -42.78
CA LEU F 103 -24.99 45.91 -43.56
C LEU F 103 -25.13 44.47 -43.13
N ASN F 104 -24.19 43.96 -42.36
CA ASN F 104 -24.23 42.59 -41.91
C ASN F 104 -24.33 42.38 -40.42
N GLU F 105 -24.68 41.15 -40.06
CA GLU F 105 -24.84 40.72 -38.68
C GLU F 105 -23.53 40.05 -38.20
N TRP F 106 -22.85 40.40 -37.15
CA TRP F 106 -21.49 39.95 -36.82
C TRP F 106 -21.49 39.33 -35.42
N LEU F 107 -20.65 38.32 -35.25
CA LEU F 107 -20.54 37.64 -33.94
C LEU F 107 -19.02 37.72 -33.79
N CYS F 108 -18.51 38.29 -32.68
CA CYS F 108 -17.09 38.30 -32.36
C CYS F 108 -16.70 37.85 -30.95
N ASN F 109 -15.44 37.44 -30.83
CA ASN F 109 -14.81 37.00 -29.59
C ASN F 109 -13.50 37.75 -29.57
N PRO F 110 -12.86 37.86 -28.41
CA PRO F 110 -11.59 38.59 -28.32
C PRO F 110 -10.40 37.68 -28.62
N MET F 111 -9.35 38.27 -29.18
CA MET F 111 -8.14 37.53 -29.54
C MET F 111 -6.93 38.01 -28.74
N ASP F 112 -6.11 37.08 -28.27
CA ASP F 112 -4.92 37.49 -27.54
C ASP F 112 -3.73 37.21 -28.42
N ILE F 113 -3.36 38.22 -29.20
CA ILE F 113 -2.25 38.14 -30.11
C ILE F 113 -0.95 37.72 -29.43
N THR F 114 -0.82 38.08 -28.15
CA THR F 114 0.36 37.79 -27.33
C THR F 114 0.63 36.31 -27.08
N LEU F 115 -0.32 35.64 -26.44
CA LEU F 115 -0.15 34.23 -26.05
C LEU F 115 -0.60 33.20 -27.11
N TYR F 116 -1.42 33.21 -28.35
CA TYR F 116 -2.05 32.10 -29.09
C TYR F 116 -2.12 32.61 -30.57
N TYR F 117 -1.59 31.76 -31.42
CA TYR F 117 -1.48 32.11 -32.78
C TYR F 117 -2.73 31.62 -33.35
N TYR F 118 -3.57 32.42 -33.99
CA TYR F 118 -4.81 31.80 -34.46
C TYR F 118 -4.79 31.41 -35.99
N GLN F 119 -6.07 30.98 -36.52
CA GLN F 119 -6.55 30.48 -37.88
C GLN F 119 -8.06 30.71 -38.15
N GLN F 120 -8.47 31.04 -39.40
CA GLN F 120 -9.88 31.28 -39.70
C GLN F 120 -10.39 29.92 -40.16
N THR F 121 -11.66 29.65 -39.91
CA THR F 121 -12.24 28.36 -40.27
C THR F 121 -12.98 28.20 -41.59
N ASP F 122 -13.90 29.11 -41.89
CA ASP F 122 -14.70 29.02 -43.12
C ASP F 122 -14.79 30.36 -43.85
N GLU F 123 -15.52 30.40 -44.96
CA GLU F 123 -15.65 31.66 -45.69
C GLU F 123 -16.36 32.71 -44.83
N ALA F 124 -16.68 32.36 -43.59
CA ALA F 124 -17.37 33.30 -42.71
C ALA F 124 -16.63 33.67 -41.45
N ASN F 125 -15.40 33.19 -41.31
CA ASN F 125 -14.61 33.51 -40.14
C ASN F 125 -13.60 34.56 -40.61
N LYS F 126 -13.75 35.79 -40.14
CA LYS F 126 -12.86 36.89 -40.53
C LYS F 126 -12.32 37.62 -39.30
N TRP F 127 -11.20 38.33 -39.45
CA TRP F 127 -10.65 39.06 -38.32
C TRP F 127 -10.92 40.56 -38.46
N ILE F 128 -11.88 41.07 -37.70
CA ILE F 128 -12.20 42.49 -37.77
C ILE F 128 -11.53 43.26 -36.64
N SER F 129 -10.57 44.09 -37.04
CA SER F 129 -9.82 44.92 -36.13
C SER F 129 -10.12 46.39 -36.42
N MET F 130 -10.12 47.24 -35.40
CA MET F 130 -10.39 48.68 -35.59
C MET F 130 -9.90 49.56 -34.43
N GLY F 131 -9.51 50.80 -34.75
CA GLY F 131 -9.01 51.71 -33.72
C GLY F 131 -8.28 52.92 -34.29
N SER F 132 -7.45 53.55 -33.46
CA SER F 132 -6.67 54.73 -33.85
C SER F 132 -5.87 54.46 -35.11
N SER F 133 -4.94 53.53 -35.01
CA SER F 133 -4.08 53.16 -36.13
C SER F 133 -3.87 51.66 -36.11
N CYS F 134 -4.56 50.96 -37.00
CA CYS F 134 -4.45 49.52 -37.07
C CYS F 134 -3.40 49.00 -38.07
N THR F 135 -2.30 48.45 -37.55
CA THR F 135 -1.24 47.91 -38.41
C THR F 135 -1.01 46.42 -38.09
N ILE F 136 -1.47 45.55 -39.00
CA ILE F 136 -1.39 44.10 -38.83
C ILE F 136 -0.38 43.36 -39.71
N LYS F 137 0.57 42.67 -39.09
CA LYS F 137 1.56 41.88 -39.80
C LYS F 137 1.27 40.41 -39.46
N VAL F 138 1.37 39.51 -40.42
CA VAL F 138 1.04 38.12 -40.18
C VAL F 138 2.17 37.15 -40.53
N CYS F 139 2.18 35.99 -39.87
CA CYS F 139 3.15 34.95 -40.14
C CYS F 139 2.55 33.53 -40.08
N PRO F 140 2.26 32.94 -41.26
CA PRO F 140 1.69 31.61 -41.41
C PRO F 140 2.55 30.51 -40.82
N LEU F 141 1.92 29.61 -40.09
CA LEU F 141 2.62 28.53 -39.44
C LEU F 141 2.35 27.19 -40.10
N ASN F 142 3.39 26.38 -40.26
CA ASN F 142 3.21 25.05 -40.82
C ASN F 142 2.77 24.24 -39.61
N THR F 143 2.47 22.96 -39.81
CA THR F 143 1.99 22.11 -38.71
C THR F 143 2.98 21.84 -37.58
N GLN F 144 3.96 22.72 -37.40
CA GLN F 144 4.97 22.56 -36.36
C GLN F 144 5.08 23.78 -35.46
N THR F 145 4.38 24.84 -35.84
CA THR F 145 4.42 26.12 -35.14
C THR F 145 5.68 26.86 -35.64
N LEU F 146 6.09 26.52 -36.86
CA LEU F 146 7.25 27.14 -37.47
C LEU F 146 6.80 28.08 -38.60
N GLY F 147 7.55 29.14 -38.83
CA GLY F 147 7.16 30.06 -39.88
C GLY F 147 7.25 29.48 -41.26
N ILE F 148 6.56 30.11 -42.20
CA ILE F 148 6.60 29.71 -43.61
C ILE F 148 6.87 31.03 -44.31
N GLY F 149 8.14 31.33 -44.53
CA GLY F 149 8.49 32.59 -45.15
C GLY F 149 8.70 33.61 -44.04
N CYS F 150 8.81 33.11 -42.81
CA CYS F 150 9.02 33.97 -41.65
C CYS F 150 9.55 33.24 -40.42
N LEU F 151 10.14 34.02 -39.51
CA LEU F 151 10.65 33.48 -38.27
C LEU F 151 9.72 33.99 -37.18
N THR F 152 8.99 33.06 -36.57
CA THR F 152 8.07 33.43 -35.51
C THR F 152 8.76 34.27 -34.44
N THR F 153 10.05 34.51 -34.60
CA THR F 153 10.81 35.28 -33.62
C THR F 153 11.04 36.76 -33.95
N ASP F 154 11.28 37.09 -35.23
CA ASP F 154 11.52 38.47 -35.65
C ASP F 154 10.42 38.97 -36.61
N THR F 155 9.58 39.88 -36.11
CA THR F 155 8.48 40.44 -36.87
C THR F 155 8.92 41.25 -38.09
N ALA F 156 10.21 41.32 -38.32
CA ALA F 156 10.70 42.05 -39.49
C ALA F 156 10.56 41.13 -40.69
N THR F 157 10.22 39.87 -40.45
CA THR F 157 10.04 38.91 -41.51
C THR F 157 8.57 38.61 -41.76
N PHE F 158 7.70 39.22 -40.96
CA PHE F 158 6.27 39.00 -41.10
C PHE F 158 5.76 39.58 -42.40
N GLU F 159 4.49 39.33 -42.70
CA GLU F 159 3.90 39.85 -43.92
C GLU F 159 2.86 40.90 -43.52
N GLU F 160 3.08 42.15 -43.92
CA GLU F 160 2.18 43.24 -43.57
C GLU F 160 0.93 43.22 -44.45
N VAL F 161 -0.25 43.19 -43.81
CA VAL F 161 -1.53 43.14 -44.53
C VAL F 161 -2.48 44.31 -44.22
N ALA F 162 -1.97 45.32 -43.53
CA ALA F 162 -2.76 46.48 -43.16
C ALA F 162 -1.82 47.52 -42.56
N THR F 163 -1.75 48.69 -43.16
CA THR F 163 -0.85 49.71 -42.63
C THR F 163 -1.58 50.94 -42.11
N ALA F 164 -1.88 50.91 -40.82
CA ALA F 164 -2.54 52.02 -40.15
C ALA F 164 -3.96 52.37 -40.62
N GLU F 165 -4.87 51.41 -40.58
CA GLU F 165 -6.25 51.68 -40.99
C GLU F 165 -7.05 51.89 -39.71
N LYS F 166 -8.27 52.43 -39.91
CA LYS F 166 -9.23 52.77 -38.85
C LYS F 166 -10.26 51.67 -38.65
N LEU F 167 -10.40 50.79 -39.66
CA LEU F 167 -11.31 49.63 -39.71
C LEU F 167 -10.71 48.67 -40.73
N VAL F 168 -10.53 47.42 -40.31
CA VAL F 168 -9.94 46.40 -41.18
C VAL F 168 -10.53 45.01 -40.99
N ILE F 169 -11.00 44.41 -42.10
CA ILE F 169 -11.52 43.05 -42.06
C ILE F 169 -10.47 42.22 -42.81
N THR F 170 -9.63 41.55 -42.04
CA THR F 170 -8.54 40.74 -42.58
C THR F 170 -8.94 39.32 -42.91
N ASP F 171 -8.42 38.83 -44.02
CA ASP F 171 -8.74 37.49 -44.50
C ASP F 171 -7.46 36.75 -44.83
N VAL F 172 -7.30 35.55 -44.25
CA VAL F 172 -6.13 34.71 -44.51
C VAL F 172 -6.55 33.36 -45.05
N VAL F 173 -5.61 32.64 -45.66
CA VAL F 173 -5.91 31.32 -46.22
C VAL F 173 -6.52 30.44 -45.11
N ASP F 174 -7.78 30.04 -45.30
CA ASP F 174 -8.51 29.22 -44.34
C ASP F 174 -7.80 27.94 -43.93
N GLY F 175 -7.85 27.66 -42.62
CA GLY F 175 -7.25 26.45 -42.09
C GLY F 175 -5.74 26.48 -41.94
N VAL F 176 -5.19 27.63 -41.55
CA VAL F 176 -3.75 27.75 -41.36
C VAL F 176 -3.51 28.61 -40.14
N ASN F 177 -2.61 28.19 -39.27
CA ASN F 177 -2.35 28.99 -38.09
C ASN F 177 -1.42 30.13 -38.42
N HIS F 178 -1.62 31.25 -37.72
CA HIS F 178 -0.81 32.45 -37.95
C HIS F 178 -0.38 33.15 -36.67
N LYS F 179 0.95 33.48 -36.52
CA LYS F 179 1.34 34.30 -35.35
C LYS F 179 1.01 35.69 -35.80
N LEU F 180 0.25 36.42 -35.00
CA LEU F 180 -0.19 37.74 -35.42
C LEU F 180 0.58 38.82 -34.71
N ASP F 181 0.80 39.93 -35.40
CA ASP F 181 1.48 41.04 -34.78
C ASP F 181 0.75 42.34 -35.04
N VAL F 182 -0.22 42.66 -34.20
CA VAL F 182 -0.97 43.87 -34.36
C VAL F 182 -0.35 44.91 -33.43
N THR F 183 -0.68 46.18 -33.64
CA THR F 183 -0.17 47.26 -32.81
C THR F 183 -1.25 47.54 -31.79
N THR F 184 -1.54 46.54 -30.96
CA THR F 184 -2.56 46.59 -29.92
C THR F 184 -2.66 47.87 -29.10
N ALA F 185 -1.59 48.67 -29.13
CA ALA F 185 -1.58 49.94 -28.40
C ALA F 185 -2.70 50.85 -28.91
N THR F 186 -2.73 51.01 -30.21
CA THR F 186 -3.77 51.77 -30.90
C THR F 186 -4.81 50.86 -31.59
N CYS F 187 -4.65 49.56 -31.63
CA CYS F 187 -5.64 48.73 -32.30
C CYS F 187 -6.23 47.65 -31.39
N THR F 188 -7.41 47.21 -31.87
CA THR F 188 -8.05 46.09 -31.15
C THR F 188 -8.40 45.08 -32.25
N ILE F 189 -7.99 43.82 -32.15
CA ILE F 189 -8.35 42.85 -33.19
C ILE F 189 -9.18 41.74 -32.53
N ARG F 190 -10.38 41.44 -33.21
CA ARG F 190 -11.29 40.44 -32.66
C ARG F 190 -11.66 39.43 -33.76
N ASN F 191 -11.88 38.20 -33.33
CA ASN F 191 -12.23 37.10 -34.24
C ASN F 191 -13.74 36.97 -34.47
N CYS F 192 -14.22 37.39 -35.64
CA CYS F 192 -15.65 37.34 -35.95
C CYS F 192 -16.14 36.31 -36.95
N LYS F 193 -17.32 35.76 -36.66
CA LYS F 193 -18.01 34.83 -37.54
C LYS F 193 -19.19 35.60 -38.16
N LYS F 194 -19.37 35.61 -39.48
CA LYS F 194 -20.43 36.43 -40.14
C LYS F 194 -21.79 35.79 -40.28
N LEU F 195 -22.70 36.42 -41.04
CA LEU F 195 -23.99 35.78 -41.05
C LEU F 195 -25.15 36.64 -41.47
N GLY F 196 -25.97 36.67 -40.44
CA GLY F 196 -27.12 37.44 -40.45
C GLY F 196 -26.70 38.76 -40.99
N PRO F 197 -27.63 39.26 -41.78
CA PRO F 197 -27.54 40.53 -42.42
C PRO F 197 -28.34 41.46 -41.60
N ARG F 198 -28.31 42.65 -42.09
CA ARG F 198 -28.99 43.60 -41.35
C ARG F 198 -30.20 44.11 -41.98
N GLU F 199 -31.21 43.93 -41.16
CA GLU F 199 -32.53 44.35 -41.47
C GLU F 199 -32.70 45.80 -41.00
N ASN F 200 -31.65 46.62 -41.10
CA ASN F 200 -31.75 48.04 -40.70
C ASN F 200 -31.01 48.95 -41.73
N VAL F 201 -29.77 49.36 -41.46
CA VAL F 201 -29.02 50.19 -42.41
C VAL F 201 -29.60 50.01 -43.78
N ALA F 202 -29.00 51.29 -44.37
CA ALA F 202 -29.43 51.33 -45.71
C ALA F 202 -28.44 52.28 -46.23
N VAL F 203 -27.27 51.73 -46.40
CA VAL F 203 -26.27 52.62 -46.84
C VAL F 203 -26.71 53.32 -48.11
N ILE F 204 -26.89 54.63 -48.06
CA ILE F 204 -27.24 55.35 -49.28
C ILE F 204 -25.97 56.00 -49.75
N GLN F 205 -25.56 55.66 -50.94
CA GLN F 205 -24.35 56.17 -51.52
C GLN F 205 -24.53 57.42 -52.35
N VAL F 206 -23.76 58.45 -51.98
CA VAL F 206 -23.63 59.63 -52.80
C VAL F 206 -22.25 59.49 -53.39
N GLY F 207 -22.52 59.78 -54.70
CA GLY F 207 -21.73 59.89 -55.88
C GLY F 207 -21.19 58.63 -56.50
N GLY F 208 -20.47 59.04 -57.58
CA GLY F 208 -19.65 58.21 -58.51
C GLY F 208 -20.33 57.66 -59.73
N SER F 209 -20.37 56.40 -59.70
CA SER F 209 -21.00 55.48 -60.53
C SER F 209 -20.78 54.46 -59.48
N ASP F 210 -21.69 53.59 -59.14
CA ASP F 210 -21.13 52.55 -58.33
C ASP F 210 -21.73 51.27 -58.88
N VAL F 211 -21.16 50.30 -58.30
CA VAL F 211 -21.36 48.92 -58.33
C VAL F 211 -20.46 48.84 -57.11
N LEU F 212 -20.72 47.92 -56.26
CA LEU F 212 -20.00 47.80 -55.01
C LEU F 212 -19.68 46.31 -54.88
N ASP F 213 -18.42 45.94 -54.71
CA ASP F 213 -18.05 44.54 -54.51
C ASP F 213 -17.71 44.43 -53.02
N ILE F 214 -18.67 43.95 -52.24
CA ILE F 214 -18.48 43.84 -50.81
C ILE F 214 -18.15 42.38 -50.39
N THR F 215 -17.67 41.49 -51.28
CA THR F 215 -17.30 40.13 -50.83
C THR F 215 -15.80 40.04 -50.71
N ALA F 216 -15.32 39.10 -49.91
CA ALA F 216 -13.88 38.92 -49.76
C ALA F 216 -13.41 38.08 -50.88
N ASP F 217 -14.30 37.27 -51.44
CA ASP F 217 -13.86 36.37 -52.53
C ASP F 217 -13.92 37.12 -53.91
N PRO F 218 -13.83 36.40 -55.00
CA PRO F 218 -13.83 37.01 -56.30
C PRO F 218 -14.96 36.42 -57.00
N THR F 219 -15.50 35.44 -56.34
CA THR F 219 -16.50 34.74 -57.15
C THR F 219 -17.86 35.33 -57.11
N THR F 220 -18.24 35.84 -55.95
CA THR F 220 -19.58 36.40 -55.70
C THR F 220 -19.62 37.92 -55.65
N ALA F 221 -20.76 38.43 -55.99
CA ALA F 221 -21.04 39.84 -55.85
C ALA F 221 -22.45 40.02 -55.34
N PRO F 222 -22.68 40.38 -54.05
CA PRO F 222 -24.03 40.56 -53.58
C PRO F 222 -24.41 42.03 -53.45
N GLN F 223 -25.59 42.19 -54.04
CA GLN F 223 -26.37 43.39 -54.20
C GLN F 223 -27.65 43.22 -53.39
N THR F 224 -27.73 43.95 -52.28
CA THR F 224 -28.90 43.87 -51.42
C THR F 224 -29.76 45.14 -51.49
N GLU F 225 -30.97 45.08 -50.96
CA GLU F 225 -31.92 46.22 -50.96
C GLU F 225 -31.41 47.29 -50.00
N ARG F 226 -30.72 46.87 -48.91
CA ARG F 226 -30.19 47.80 -47.90
C ARG F 226 -28.90 48.46 -48.39
N MET F 227 -28.78 48.56 -49.70
CA MET F 227 -27.61 49.17 -50.34
C MET F 227 -28.14 50.07 -51.48
N MET F 228 -28.57 51.28 -51.14
CA MET F 228 -29.13 52.22 -52.12
C MET F 228 -28.18 53.27 -52.65
N ARG F 229 -28.55 53.96 -53.74
CA ARG F 229 -27.67 55.03 -54.32
C ARG F 229 -28.49 56.25 -54.82
N ILE F 230 -27.96 57.46 -54.52
CA ILE F 230 -28.58 58.75 -54.87
C ILE F 230 -27.63 59.62 -55.69
N ASN F 231 -28.19 60.34 -56.67
CA ASN F 231 -27.39 61.22 -57.53
C ASN F 231 -27.18 62.59 -56.89
N TRP F 232 -25.92 62.90 -56.61
CA TRP F 232 -25.53 64.16 -55.98
C TRP F 232 -25.80 65.42 -56.75
N LYS F 233 -26.32 66.41 -56.04
CA LYS F 233 -26.59 67.72 -56.61
C LYS F 233 -26.08 68.61 -55.50
N LYS F 234 -26.90 68.72 -54.46
CA LYS F 234 -26.58 69.53 -53.30
C LYS F 234 -27.03 68.70 -52.10
N TRP F 235 -26.47 68.97 -50.93
CA TRP F 235 -26.85 68.20 -49.77
C TRP F 235 -28.30 68.44 -49.35
N TRP F 236 -28.78 69.66 -49.47
CA TRP F 236 -30.17 69.90 -49.10
C TRP F 236 -31.08 68.96 -49.89
N GLN F 237 -30.76 68.79 -51.18
CA GLN F 237 -31.54 67.92 -52.05
C GLN F 237 -31.50 66.49 -51.57
N VAL F 238 -30.31 66.01 -51.18
CA VAL F 238 -30.17 64.65 -50.70
C VAL F 238 -31.14 64.42 -49.55
N PHE F 239 -31.09 65.28 -48.53
CA PHE F 239 -31.98 65.13 -47.40
C PHE F 239 -33.45 65.23 -47.78
N TYR F 240 -33.80 66.17 -48.67
CA TYR F 240 -35.19 66.25 -49.09
C TYR F 240 -35.63 64.90 -49.61
N THR F 241 -34.82 64.30 -50.48
CA THR F 241 -35.16 62.99 -51.04
C THR F 241 -35.26 61.92 -49.97
N VAL F 242 -34.30 61.88 -49.06
CA VAL F 242 -34.33 60.90 -47.98
C VAL F 242 -35.66 61.04 -47.23
N VAL F 243 -36.09 62.27 -46.99
CA VAL F 243 -37.37 62.51 -46.30
C VAL F 243 -38.53 62.15 -47.22
N ASP F 244 -38.53 62.67 -48.44
CA ASP F 244 -39.63 62.40 -49.36
C ASP F 244 -39.87 60.89 -49.60
N TYR F 245 -38.85 60.05 -49.29
CA TYR F 245 -38.88 58.57 -49.50
C TYR F 245 -38.43 57.75 -48.30
N VAL F 246 -38.72 58.27 -47.11
CA VAL F 246 -38.40 57.60 -45.86
C VAL F 246 -38.97 56.20 -45.76
N ASN F 247 -40.24 56.07 -46.09
CA ASN F 247 -40.92 54.80 -45.97
C ASN F 247 -40.37 53.78 -46.97
N GLN F 248 -40.10 54.25 -48.15
CA GLN F 248 -39.57 53.40 -49.19
C GLN F 248 -38.23 52.85 -48.72
N ILE F 249 -37.42 53.72 -48.12
CA ILE F 249 -36.11 53.36 -47.58
C ILE F 249 -36.27 52.45 -46.35
N ILE F 250 -37.23 52.76 -45.49
CA ILE F 250 -37.46 51.95 -44.30
C ILE F 250 -37.96 50.56 -44.72
N GLN F 251 -38.85 50.53 -45.69
CA GLN F 251 -39.42 49.28 -46.18
C GLN F 251 -38.37 48.34 -46.74
N ALA F 252 -37.27 48.90 -47.22
CA ALA F 252 -36.19 48.09 -47.76
C ALA F 252 -35.31 47.47 -46.63
N MET F 253 -35.58 47.81 -45.33
CA MET F 253 -34.89 47.33 -44.10
C MET F 253 -35.83 46.42 -43.24
N SER F 254 -36.24 46.93 -42.03
CA SER F 254 -37.28 46.33 -41.10
C SER F 254 -36.91 45.33 -40.02
N LYS F 255 -37.08 45.84 -38.77
CA LYS F 255 -36.84 45.05 -37.59
C LYS F 255 -35.43 45.21 -37.14
N PRO G 1 -24.09 14.25 -80.19
CA PRO G 1 -25.14 13.74 -79.31
C PRO G 1 -24.68 12.56 -78.44
N ILE G 2 -25.35 13.40 -77.36
CA ILE G 2 -25.42 12.41 -76.26
C ILE G 2 -26.86 11.97 -76.00
N THR G 3 -26.99 10.72 -75.60
CA THR G 3 -28.22 10.18 -74.98
C THR G 3 -28.62 11.05 -73.79
N GLY G 4 -29.92 11.30 -73.66
CA GLY G 4 -30.41 12.25 -72.65
C GLY G 4 -30.98 11.62 -71.39
N SER G 5 -30.89 10.28 -71.26
CA SER G 5 -31.50 9.64 -70.09
C SER G 5 -30.84 10.14 -68.80
N MET G 6 -31.86 10.46 -67.77
CA MET G 6 -31.63 11.02 -66.42
C MET G 6 -31.35 9.91 -65.45
N ASP G 7 -30.13 9.43 -65.56
CA ASP G 7 -29.69 8.31 -64.69
C ASP G 7 -29.53 8.73 -63.24
N THR G 8 -29.29 9.91 -63.65
CA THR G 8 -29.26 10.78 -62.49
C THR G 8 -28.20 10.60 -61.45
N ALA G 9 -26.99 10.28 -61.82
CA ALA G 9 -25.80 9.97 -61.00
C ALA G 9 -24.65 10.99 -60.74
N TYR G 10 -24.78 11.80 -60.15
CA TYR G 10 -23.58 12.65 -60.25
C TYR G 10 -22.37 11.91 -59.65
N ALA G 11 -21.31 11.95 -60.44
CA ALA G 11 -19.99 11.42 -60.12
C ALA G 11 -19.23 12.43 -59.28
N ASN G 12 -18.97 11.99 -58.05
CA ASN G 12 -18.38 12.77 -56.96
C ASN G 12 -17.12 13.60 -57.11
N SER G 13 -17.14 14.76 -56.45
CA SER G 13 -16.02 15.68 -56.41
C SER G 13 -15.87 16.67 -57.56
N THR G 14 -14.99 16.30 -58.49
CA THR G 14 -14.67 17.10 -59.65
C THR G 14 -13.36 17.83 -59.30
N GLN G 15 -13.30 18.44 -58.13
CA GLN G 15 -12.08 19.17 -57.73
C GLN G 15 -10.92 18.22 -57.47
N GLU G 16 -11.20 16.89 -57.27
CA GLU G 16 -10.12 15.92 -56.98
C GLU G 16 -9.40 15.40 -58.19
N GLU G 17 -9.86 15.72 -59.39
CA GLU G 17 -9.17 15.33 -60.61
C GLU G 17 -8.35 16.54 -61.05
N THR G 18 -8.87 17.72 -60.76
CA THR G 18 -8.16 18.94 -61.15
C THR G 18 -6.96 19.14 -60.25
N PHE G 19 -7.11 18.84 -58.96
CA PHE G 19 -5.94 18.97 -58.07
C PHE G 19 -4.79 18.07 -58.51
N LEU G 20 -5.17 16.87 -58.93
CA LEU G 20 -4.11 15.94 -59.34
C LEU G 20 -3.53 16.25 -60.72
N THR G 21 -4.41 16.47 -61.67
CA THR G 21 -3.90 16.55 -63.07
C THR G 21 -3.64 17.94 -63.66
N SER G 22 -4.27 18.98 -63.12
CA SER G 22 -4.07 20.30 -63.72
C SER G 22 -3.01 21.26 -63.09
N THR G 23 -2.52 22.29 -63.87
CA THR G 23 -1.58 23.40 -63.52
C THR G 23 -2.31 24.76 -63.42
N LEU G 24 -1.87 25.57 -62.46
CA LEU G 24 -2.46 26.87 -62.19
C LEU G 24 -1.37 27.93 -62.39
N CYS G 25 -1.63 28.91 -63.26
CA CYS G 25 -0.69 29.98 -63.58
C CYS G 25 -1.26 31.33 -63.15
N LEU G 26 -0.57 32.00 -62.24
CA LEU G 26 -1.00 33.29 -61.71
C LEU G 26 -0.27 34.44 -62.38
N TYR G 27 -1.01 35.34 -62.99
CA TYR G 27 -0.38 36.48 -63.63
C TYR G 27 -0.64 37.73 -62.79
N TYR G 28 0.40 38.44 -62.51
CA TYR G 28 0.28 39.66 -61.75
C TYR G 28 1.21 40.68 -62.39
N PRO G 29 1.06 41.95 -62.02
CA PRO G 29 1.91 43.06 -62.42
C PRO G 29 3.10 43.18 -61.51
N THR G 30 4.16 43.86 -61.98
CA THR G 30 5.35 44.03 -61.15
C THR G 30 4.99 44.69 -59.84
N GLU G 31 4.36 45.85 -59.90
CA GLU G 31 4.00 46.55 -58.68
C GLU G 31 3.48 45.61 -57.60
N ALA G 32 2.73 44.60 -57.99
CA ALA G 32 2.15 43.63 -57.05
C ALA G 32 3.25 42.96 -56.24
N ALA G 33 4.21 42.37 -56.93
CA ALA G 33 5.31 41.69 -56.29
C ALA G 33 6.21 42.66 -55.55
N THR G 34 6.50 43.83 -56.13
CA THR G 34 7.37 44.80 -55.46
C THR G 34 6.83 45.17 -54.08
N GLU G 35 5.52 45.32 -53.97
CA GLU G 35 4.92 45.67 -52.70
C GLU G 35 5.04 44.58 -51.66
N ILE G 36 5.23 43.36 -52.13
CA ILE G 36 5.33 42.22 -51.24
C ILE G 36 6.68 42.07 -50.53
N ASN G 37 7.70 42.50 -51.26
CA ASN G 37 9.07 42.65 -50.85
C ASN G 37 9.81 41.47 -50.19
N ASP G 38 9.44 40.28 -50.58
CA ASP G 38 10.03 39.08 -50.01
C ASP G 38 10.67 38.25 -51.14
N ASN G 39 11.77 37.59 -50.85
CA ASN G 39 12.45 36.76 -51.81
C ASN G 39 11.78 35.40 -51.81
N SER G 40 10.90 35.14 -50.87
CA SER G 40 10.27 33.84 -50.81
C SER G 40 8.75 33.86 -50.90
N TRP G 41 8.19 34.94 -51.40
CA TRP G 41 6.74 35.02 -51.46
C TRP G 41 6.16 33.95 -52.37
N LYS G 42 6.79 33.74 -53.52
CA LYS G 42 6.28 32.72 -54.43
C LYS G 42 6.28 31.38 -53.71
N ASP G 43 7.32 31.13 -52.92
CA ASP G 43 7.45 29.88 -52.16
C ASP G 43 6.42 29.74 -51.04
N THR G 44 6.30 30.75 -50.18
CA THR G 44 5.34 30.72 -49.09
C THR G 44 3.94 30.43 -49.63
N LEU G 45 3.51 31.18 -50.63
CA LEU G 45 2.19 30.97 -51.22
C LEU G 45 2.00 29.55 -51.74
N SER G 46 3.10 28.95 -52.22
CA SER G 46 3.04 27.60 -52.77
C SER G 46 2.74 26.54 -51.73
N GLN G 47 3.31 26.71 -50.52
CA GLN G 47 3.04 25.78 -49.45
C GLN G 47 1.58 26.01 -49.05
N LEU G 48 1.18 27.27 -49.06
CA LEU G 48 -0.20 27.59 -48.72
C LEU G 48 -1.14 26.98 -49.75
N PHE G 49 -0.64 26.80 -50.97
CA PHE G 49 -1.46 26.22 -52.02
C PHE G 49 -1.66 24.72 -51.83
N LEU G 50 -0.82 24.08 -51.02
CA LEU G 50 -1.00 22.65 -50.78
C LEU G 50 -2.29 22.49 -49.99
N THR G 51 -2.55 23.46 -49.10
CA THR G 51 -3.76 23.45 -48.27
C THR G 51 -5.00 23.30 -49.14
N LYS G 52 -5.12 24.19 -50.12
CA LYS G 52 -6.24 24.18 -51.04
C LYS G 52 -6.19 22.98 -51.97
N GLY G 53 -5.12 22.20 -51.87
CA GLY G 53 -4.99 20.99 -52.66
C GLY G 53 -4.22 20.95 -53.97
N TRP G 54 -3.15 21.75 -54.10
CA TRP G 54 -2.34 21.74 -55.32
C TRP G 54 -0.92 21.33 -54.98
N PRO G 55 -0.52 20.15 -55.45
CA PRO G 55 0.82 19.58 -55.22
C PRO G 55 1.92 20.56 -55.55
N THR G 56 3.01 20.47 -54.81
CA THR G 56 4.13 21.38 -54.98
C THR G 56 4.43 21.87 -56.40
N GLY G 57 4.86 20.98 -57.30
CA GLY G 57 5.20 21.41 -58.65
C GLY G 57 4.07 21.93 -59.55
N SER G 58 2.88 22.08 -58.96
CA SER G 58 1.70 22.51 -59.67
C SER G 58 1.49 23.97 -60.05
N VAL G 59 1.68 24.89 -59.11
CA VAL G 59 1.44 26.32 -59.38
C VAL G 59 2.61 27.17 -59.88
N TYR G 60 2.39 27.95 -60.94
CA TYR G 60 3.42 28.83 -61.52
C TYR G 60 3.10 30.33 -61.39
N PHE G 61 4.12 31.16 -61.17
CA PHE G 61 3.93 32.61 -61.02
C PHE G 61 4.58 33.46 -62.11
N LYS G 62 3.76 33.98 -63.13
CA LYS G 62 4.24 34.81 -64.29
C LYS G 62 3.95 36.32 -63.99
N GLU G 63 5.01 37.12 -64.15
CA GLU G 63 5.12 38.57 -63.93
C GLU G 63 4.93 39.48 -65.16
N TYR G 64 3.75 40.05 -65.40
CA TYR G 64 3.69 40.92 -66.57
C TYR G 64 4.14 42.31 -66.17
N THR G 65 4.91 43.15 -66.61
CA THR G 65 5.07 44.42 -65.86
C THR G 65 4.10 45.50 -66.26
N ASP G 66 3.35 45.29 -67.32
CA ASP G 66 2.37 46.29 -67.69
C ASP G 66 1.20 45.62 -68.40
N ILE G 67 0.06 46.28 -68.41
CA ILE G 67 -1.05 45.73 -69.18
C ILE G 67 -0.76 45.72 -70.68
N ALA G 68 0.03 46.65 -71.18
CA ALA G 68 0.35 46.72 -72.61
C ALA G 68 1.26 45.59 -73.04
N SER G 69 2.38 45.31 -72.19
CA SER G 69 3.23 44.21 -72.63
C SER G 69 2.54 42.86 -72.50
N PHE G 70 1.87 42.66 -71.36
CA PHE G 70 1.14 41.44 -71.09
C PHE G 70 0.13 41.16 -72.20
N SER G 71 -0.54 42.22 -72.64
CA SER G 71 -1.54 42.12 -73.70
C SER G 71 -0.97 41.55 -74.99
N VAL G 72 0.30 41.85 -75.25
CA VAL G 72 0.96 41.36 -76.47
C VAL G 72 1.28 39.86 -76.40
N ASP G 73 2.44 39.75 -75.34
CA ASP G 73 3.32 38.62 -75.09
C ASP G 73 2.74 37.48 -74.25
N PRO G 74 1.53 37.72 -73.73
CA PRO G 74 0.57 36.83 -73.04
C PRO G 74 0.22 35.49 -73.68
N GLN G 75 1.22 34.68 -73.92
CA GLN G 75 0.99 33.26 -74.16
C GLN G 75 0.82 32.53 -72.83
N LEU G 76 -0.33 32.19 -72.69
CA LEU G 76 -0.87 31.50 -71.48
C LEU G 76 -0.18 30.19 -71.32
N TYR G 77 0.56 30.01 -70.25
CA TYR G 77 1.37 28.80 -70.08
C TYR G 77 0.67 27.58 -69.47
N CYS G 78 -0.20 27.80 -68.51
CA CYS G 78 -0.78 26.68 -67.83
C CYS G 78 -2.21 26.44 -68.20
N ASP G 79 -2.67 25.26 -67.75
CA ASP G 79 -4.03 24.71 -67.91
C ASP G 79 -5.05 25.77 -67.48
N TYR G 80 -4.85 26.29 -66.25
CA TYR G 80 -5.73 27.34 -65.68
C TYR G 80 -4.96 28.61 -65.49
N ASN G 81 -5.46 29.70 -66.04
CA ASN G 81 -4.79 30.97 -65.90
C ASN G 81 -5.70 31.97 -65.20
N VAL G 82 -5.24 32.55 -64.10
CA VAL G 82 -6.03 33.55 -63.41
C VAL G 82 -5.10 34.76 -63.40
N VAL G 83 -5.54 35.80 -64.10
CA VAL G 83 -4.75 37.03 -64.23
C VAL G 83 -5.27 38.18 -63.37
N LEU G 84 -4.36 38.75 -62.58
CA LEU G 84 -4.67 39.86 -61.67
C LEU G 84 -4.42 41.19 -62.36
N MET G 85 -5.47 42.01 -62.44
CA MET G 85 -5.41 43.34 -63.06
C MET G 85 -5.88 44.40 -62.07
N LYS G 86 -5.01 45.35 -61.73
CA LYS G 86 -5.36 46.40 -60.77
C LYS G 86 -5.69 47.73 -61.44
N TYR G 87 -6.89 48.23 -61.22
CA TYR G 87 -7.36 49.46 -61.86
C TYR G 87 -6.44 50.72 -61.93
N ASP G 88 -6.12 50.91 -63.18
CA ASP G 88 -5.42 52.05 -63.76
C ASP G 88 -6.45 52.68 -64.70
N ALA G 89 -6.97 53.80 -64.25
CA ALA G 89 -8.05 54.50 -64.92
C ALA G 89 -7.76 55.02 -66.34
N THR G 90 -6.52 55.33 -66.63
CA THR G 90 -6.21 55.89 -67.99
C THR G 90 -6.05 54.78 -68.98
N LEU G 91 -5.70 53.62 -68.49
CA LEU G 91 -5.51 52.41 -69.36
C LEU G 91 -6.72 51.50 -69.56
N GLN G 92 -7.88 51.88 -69.14
CA GLN G 92 -9.12 51.14 -69.24
C GLN G 92 -9.35 50.36 -70.54
N LEU G 93 -9.29 51.08 -71.67
CA LEU G 93 -9.49 50.42 -72.97
C LEU G 93 -8.34 49.45 -73.28
N ASP G 94 -7.17 49.72 -72.71
CA ASP G 94 -6.00 48.85 -72.96
C ASP G 94 -6.21 47.43 -72.41
N MET G 95 -6.89 47.64 -71.12
CA MET G 95 -7.37 46.58 -70.27
C MET G 95 -8.55 45.82 -70.91
N SER G 96 -9.48 46.51 -71.52
CA SER G 96 -10.67 45.98 -72.18
C SER G 96 -10.29 45.11 -73.38
N GLU G 97 -9.34 45.64 -74.17
CA GLU G 97 -8.80 44.99 -75.34
C GLU G 97 -8.04 43.73 -74.89
N LEU G 98 -7.30 43.81 -73.77
CA LEU G 98 -6.61 42.64 -73.26
C LEU G 98 -7.56 41.58 -72.71
N ALA G 99 -8.62 42.03 -72.03
CA ALA G 99 -9.59 41.11 -71.48
C ALA G 99 -10.26 40.38 -72.64
N ASP G 100 -10.72 41.16 -73.61
CA ASP G 100 -11.39 40.64 -74.81
C ASP G 100 -10.59 39.52 -75.47
N LEU G 101 -9.26 39.60 -75.35
CA LEU G 101 -8.41 38.59 -75.95
C LEU G 101 -8.27 37.33 -75.08
N ILE G 102 -8.01 37.48 -73.79
CA ILE G 102 -7.85 36.31 -72.91
C ILE G 102 -9.15 35.57 -72.64
N LEU G 103 -10.15 36.34 -72.23
CA LEU G 103 -11.46 35.79 -71.89
C LEU G 103 -12.17 35.08 -73.04
N ASN G 104 -11.73 35.34 -74.26
CA ASN G 104 -12.36 34.74 -75.43
C ASN G 104 -11.48 33.83 -76.25
N GLU G 105 -12.13 33.05 -77.11
CA GLU G 105 -11.49 32.09 -78.01
C GLU G 105 -11.29 32.76 -79.38
N TRP G 106 -10.15 32.85 -80.01
CA TRP G 106 -9.89 33.68 -81.19
C TRP G 106 -9.33 32.80 -82.31
N LEU G 107 -9.66 33.16 -83.54
CA LEU G 107 -9.19 32.40 -84.70
C LEU G 107 -8.65 33.58 -85.52
N CYS G 108 -7.37 33.56 -85.92
CA CYS G 108 -6.79 34.55 -86.82
C CYS G 108 -6.00 34.03 -88.02
N ASN G 109 -5.89 34.90 -89.02
CA ASN G 109 -5.16 34.67 -90.27
C ASN G 109 -4.32 35.90 -90.42
N PRO G 110 -3.28 35.85 -91.25
CA PRO G 110 -2.42 37.03 -91.44
C PRO G 110 -2.95 37.93 -92.55
N MET G 111 -2.69 39.23 -92.42
CA MET G 111 -3.13 40.23 -93.38
C MET G 111 -1.96 40.92 -94.07
N ASP G 112 -2.04 41.11 -95.37
CA ASP G 112 -0.97 41.81 -96.06
C ASP G 112 -1.48 43.18 -96.45
N ILE G 113 -1.26 44.12 -95.55
CA ILE G 113 -1.67 45.50 -95.74
C ILE G 113 -1.15 46.09 -97.04
N THR G 114 0.01 45.62 -97.47
CA THR G 114 0.68 46.09 -98.70
C THR G 114 -0.07 45.83 -100.00
N LEU G 115 -0.31 44.54 -100.29
CA LEU G 115 -0.94 44.15 -101.55
C LEU G 115 -2.49 44.07 -101.51
N TYR G 116 -3.54 44.05 -100.49
CA TYR G 116 -4.97 43.66 -100.58
C TYR G 116 -5.67 44.49 -99.45
N TYR G 117 -6.71 45.16 -99.92
CA TYR G 117 -7.40 46.05 -99.05
C TYR G 117 -8.42 45.20 -98.47
N TYR G 118 -8.67 45.10 -97.13
CA TYR G 118 -9.72 44.14 -96.64
C TYR G 118 -11.06 44.74 -96.11
N GLN G 119 -11.99 43.86 -95.61
CA GLN G 119 -13.35 44.14 -95.06
C GLN G 119 -13.73 43.10 -93.99
N GLN G 120 -14.47 43.51 -92.94
CA GLN G 120 -14.86 42.57 -91.90
C GLN G 120 -16.22 42.06 -92.34
N THR G 121 -16.54 40.83 -92.00
CA THR G 121 -17.79 40.24 -92.43
C THR G 121 -19.02 40.27 -91.51
N ASP G 122 -18.85 39.89 -90.24
CA ASP G 122 -19.95 39.87 -89.28
C ASP G 122 -19.58 40.50 -87.94
N GLU G 123 -20.52 40.49 -86.99
CA GLU G 123 -20.22 41.06 -85.69
C GLU G 123 -19.09 40.30 -85.01
N ALA G 124 -18.53 39.30 -85.70
CA ALA G 124 -17.46 38.50 -85.12
C ALA G 124 -16.14 38.55 -85.85
N ASN G 125 -16.06 39.36 -86.90
CA ASN G 125 -14.83 39.48 -87.65
C ASN G 125 -14.21 40.80 -87.22
N LYS G 126 -13.09 40.73 -86.51
CA LYS G 126 -12.41 41.93 -86.00
C LYS G 126 -10.92 41.91 -86.37
N TRP G 127 -10.29 43.07 -86.38
CA TRP G 127 -8.86 43.11 -86.71
C TRP G 127 -8.01 43.33 -85.46
N ILE G 128 -7.39 42.28 -84.97
CA ILE G 128 -6.56 42.39 -83.78
C ILE G 128 -5.09 42.54 -84.13
N SER G 129 -4.57 43.73 -83.85
CA SER G 129 -3.19 44.08 -84.11
C SER G 129 -2.49 44.35 -82.78
N MET G 130 -1.20 44.02 -82.68
CA MET G 130 -0.44 44.24 -81.44
C MET G 130 1.09 44.27 -81.65
N GLY G 131 1.79 45.04 -80.83
CA GLY G 131 3.24 45.14 -80.95
C GLY G 131 3.84 46.33 -80.21
N SER G 132 5.05 46.73 -80.61
CA SER G 132 5.76 47.86 -79.99
C SER G 132 4.88 49.10 -79.97
N SER G 133 4.56 49.58 -81.17
CA SER G 133 3.74 50.77 -81.32
C SER G 133 2.80 50.58 -82.49
N CYS G 134 1.54 50.31 -82.18
CA CYS G 134 0.55 50.08 -83.22
C CYS G 134 -0.24 51.33 -83.63
N THR G 135 0.02 51.84 -84.85
CA THR G 135 -0.68 53.01 -85.37
C THR G 135 -1.40 52.67 -86.67
N ILE G 136 -2.72 52.56 -86.60
CA ILE G 136 -3.56 52.18 -87.75
C ILE G 136 -4.43 53.28 -88.36
N LYS G 137 -4.23 53.58 -89.64
CA LYS G 137 -5.00 54.57 -90.36
C LYS G 137 -5.82 53.79 -91.41
N VAL G 138 -7.07 54.16 -91.61
CA VAL G 138 -7.92 53.42 -92.54
C VAL G 138 -8.55 54.29 -93.62
N CYS G 139 -8.85 53.67 -94.78
CA CYS G 139 -9.50 54.36 -95.88
C CYS G 139 -10.56 53.49 -96.58
N PRO G 140 -11.84 53.73 -96.27
CA PRO G 140 -12.99 53.00 -96.83
C PRO G 140 -13.10 53.13 -98.34
N LEU G 141 -13.35 52.01 -98.99
CA LEU G 141 -13.45 52.00 -100.44
C LEU G 141 -14.88 51.80 -100.92
N ASN G 142 -15.28 52.53 -101.95
CA ASN G 142 -16.61 52.35 -102.51
C ASN G 142 -16.42 51.16 -103.43
N THR G 143 -17.48 50.71 -104.08
CA THR G 143 -17.40 49.54 -104.97
C THR G 143 -16.54 49.69 -106.22
N GLN G 144 -15.59 50.62 -106.20
CA GLN G 144 -14.73 50.86 -107.35
C GLN G 144 -13.25 50.79 -106.99
N THR G 145 -12.98 50.68 -105.69
CA THR G 145 -11.61 50.65 -105.16
C THR G 145 -11.16 52.11 -105.05
N LEU G 146 -12.13 53.00 -104.91
CA LEU G 146 -11.87 54.42 -104.77
C LEU G 146 -12.14 54.86 -103.34
N GLY G 147 -11.39 55.86 -102.87
CA GLY G 147 -11.61 56.31 -101.51
C GLY G 147 -12.96 56.97 -101.28
N ILE G 148 -13.36 57.05 -100.02
CA ILE G 148 -14.60 57.72 -99.64
C ILE G 148 -14.12 58.62 -98.51
N GLY G 149 -13.77 59.85 -98.85
CA GLY G 149 -13.27 60.76 -97.85
C GLY G 149 -11.77 60.61 -97.79
N CYS G 150 -11.21 59.94 -98.80
CA CYS G 150 -9.77 59.72 -98.87
C CYS G 150 -9.27 59.32 -100.26
N LEU G 151 -7.97 59.52 -100.46
CA LEU G 151 -7.33 59.16 -101.71
C LEU G 151 -6.46 57.95 -101.40
N THR G 152 -6.84 56.82 -101.97
CA THR G 152 -6.08 55.61 -101.76
C THR G 152 -4.60 55.81 -102.06
N THR G 153 -4.22 57.01 -102.47
CA THR G 153 -2.83 57.31 -102.81
C THR G 153 -2.02 58.03 -101.73
N ASP G 154 -2.63 58.97 -101.01
CA ASP G 154 -1.94 59.72 -99.95
C ASP G 154 -2.55 59.45 -98.57
N THR G 155 -1.79 58.72 -97.74
CA THR G 155 -2.22 58.35 -96.38
C THR G 155 -2.42 59.54 -95.45
N ALA G 156 -2.23 60.75 -95.97
CA ALA G 156 -2.43 61.92 -95.14
C ALA G 156 -3.93 62.22 -95.13
N THR G 157 -4.68 61.50 -95.95
CA THR G 157 -6.12 61.68 -96.02
C THR G 157 -6.84 60.52 -95.34
N PHE G 158 -6.09 59.54 -94.84
CA PHE G 158 -6.69 58.40 -94.18
C PHE G 158 -7.33 58.79 -92.88
N GLU G 159 -8.03 57.85 -92.24
CA GLU G 159 -8.68 58.12 -90.97
C GLU G 159 -7.95 57.33 -89.91
N GLU G 160 -7.33 58.02 -88.95
CA GLU G 160 -6.58 57.37 -87.88
C GLU G 160 -7.51 56.79 -86.81
N VAL G 161 -7.37 55.49 -86.53
CA VAL G 161 -8.23 54.81 -85.56
C VAL G 161 -7.46 54.14 -84.40
N ALA G 162 -6.18 54.46 -84.29
CA ALA G 162 -5.33 53.90 -83.25
C ALA G 162 -3.98 54.61 -83.31
N THR G 163 -3.60 55.27 -82.22
CA THR G 163 -2.32 55.97 -82.23
C THR G 163 -1.32 55.40 -81.25
N ALA G 164 -0.50 54.48 -81.75
CA ALA G 164 0.54 53.86 -80.95
C ALA G 164 0.11 53.03 -79.74
N GLU G 165 -0.74 52.03 -79.95
CA GLU G 165 -1.18 51.18 -78.85
C GLU G 165 -0.34 49.91 -78.92
N LYS G 166 -0.43 49.15 -77.81
CA LYS G 166 0.32 47.89 -77.59
C LYS G 166 -0.55 46.68 -77.92
N LEU G 167 -1.87 46.87 -77.97
CA LEU G 167 -2.90 45.88 -78.28
C LEU G 167 -4.11 46.66 -78.77
N VAL G 168 -4.62 46.29 -79.94
CA VAL G 168 -5.77 46.97 -80.54
C VAL G 168 -6.72 46.06 -81.30
N ILE G 169 -8.00 46.11 -80.94
CA ILE G 169 -9.02 45.32 -81.64
C ILE G 169 -9.84 46.36 -82.39
N THR G 170 -9.55 46.50 -83.69
CA THR G 170 -10.20 47.48 -84.54
C THR G 170 -11.48 46.97 -85.18
N ASP G 171 -12.47 47.85 -85.24
CA ASP G 171 -13.78 47.52 -85.77
C ASP G 171 -14.19 48.56 -86.80
N VAL G 172 -14.55 48.09 -88.01
CA VAL G 172 -15.00 48.99 -89.08
C VAL G 172 -16.39 48.58 -89.55
N VAL G 173 -17.08 49.50 -90.24
CA VAL G 173 -18.41 49.22 -90.74
C VAL G 173 -18.38 47.94 -91.57
N ASP G 174 -19.09 46.91 -91.10
CA ASP G 174 -19.15 45.61 -91.77
C ASP G 174 -19.55 45.66 -93.24
N GLY G 175 -18.83 44.87 -94.04
CA GLY G 175 -19.13 44.80 -95.46
C GLY G 175 -18.63 45.96 -96.30
N VAL G 176 -17.46 46.49 -95.98
CA VAL G 176 -16.89 47.60 -96.73
C VAL G 176 -15.39 47.37 -96.85
N ASN G 177 -14.85 47.55 -98.04
CA ASN G 177 -13.42 47.33 -98.19
C ASN G 177 -12.65 48.55 -97.72
N HIS G 178 -11.46 48.30 -97.16
CA HIS G 178 -10.63 49.37 -96.63
C HIS G 178 -9.16 49.22 -97.00
N LYS G 179 -8.50 50.31 -97.53
CA LYS G 179 -7.05 50.22 -97.74
C LYS G 179 -6.49 50.52 -96.37
N LEU G 180 -5.63 49.67 -95.85
CA LEU G 180 -5.15 49.84 -94.49
C LEU G 180 -3.74 50.37 -94.48
N ASP G 181 -3.42 51.17 -93.48
CA ASP G 181 -2.07 51.68 -93.36
C ASP G 181 -1.58 51.53 -91.94
N VAL G 182 -1.01 50.38 -91.64
CA VAL G 182 -0.48 50.15 -90.31
C VAL G 182 1.01 50.43 -90.36
N THR G 183 1.63 50.57 -89.19
CA THR G 183 3.07 50.82 -89.11
C THR G 183 3.71 49.46 -88.84
N THR G 184 3.55 48.55 -89.81
CA THR G 184 4.05 47.19 -89.75
C THR G 184 5.47 47.00 -89.20
N ALA G 185 6.24 48.08 -89.18
CA ALA G 185 7.60 48.02 -88.66
C ALA G 185 7.57 47.59 -87.19
N THR G 186 6.77 48.28 -86.42
CA THR G 186 6.55 47.98 -85.00
C THR G 186 5.18 47.26 -84.77
N CYS G 187 4.33 47.10 -85.74
CA CYS G 187 3.07 46.43 -85.48
C CYS G 187 2.83 45.21 -86.38
N THR G 188 1.91 44.39 -85.84
CA THR G 188 1.51 43.21 -86.64
C THR G 188 -0.03 43.26 -86.63
N ILE G 189 -0.70 43.23 -87.78
CA ILE G 189 -2.17 43.25 -87.76
C ILE G 189 -2.66 41.95 -88.43
N ARG G 190 -3.64 41.26 -87.68
CA ARG G 190 -4.13 39.98 -88.17
C ARG G 190 -5.67 40.00 -88.15
N ASN G 191 -6.26 39.30 -89.11
CA ASN G 191 -7.71 39.21 -89.26
C ASN G 191 -8.34 38.07 -88.46
N CYS G 192 -8.98 38.40 -87.34
CA CYS G 192 -9.58 37.38 -86.48
C CYS G 192 -11.10 37.25 -86.45
N LYS G 193 -11.56 35.99 -86.37
CA LYS G 193 -12.96 35.66 -86.22
C LYS G 193 -13.16 35.20 -84.78
N LYS G 194 -14.14 35.75 -84.02
CA LYS G 194 -14.31 35.42 -82.59
C LYS G 194 -15.17 34.22 -82.26
N LEU G 195 -15.51 34.04 -80.97
CA LEU G 195 -16.26 32.83 -80.74
C LEU G 195 -16.26 32.31 -79.34
N GLY G 196 -15.73 31.11 -79.38
CA GLY G 196 -15.49 30.35 -78.24
C GLY G 196 -14.87 31.31 -77.27
N PRO G 197 -15.33 31.08 -76.06
CA PRO G 197 -14.91 31.80 -74.91
C PRO G 197 -13.90 30.93 -74.22
N ARG G 198 -13.44 31.51 -73.17
CA ARG G 198 -12.45 30.80 -72.52
C ARG G 198 -12.84 30.25 -71.22
N GLU G 199 -12.65 28.95 -71.23
CA GLU G 199 -12.89 28.15 -70.10
C GLU G 199 -11.64 28.10 -69.23
N ASN G 200 -10.91 29.22 -69.14
CA ASN G 200 -9.69 29.28 -68.28
C ASN G 200 -9.63 30.64 -67.53
N VAL G 201 -8.85 31.62 -68.03
CA VAL G 201 -8.77 32.92 -67.39
C VAL G 201 -10.01 33.12 -66.52
N ALA G 202 -9.40 34.23 -65.66
CA ALA G 202 -10.43 34.59 -64.75
C ALA G 202 -9.90 35.90 -64.34
N VAL G 203 -10.11 36.81 -65.25
CA VAL G 203 -9.57 38.07 -64.92
C VAL G 203 -10.09 38.55 -63.59
N ILE G 204 -9.23 38.69 -62.60
CA ILE G 204 -9.69 39.21 -61.32
C ILE G 204 -9.25 40.66 -61.30
N GLN G 205 -10.22 41.53 -61.16
CA GLN G 205 -9.99 42.94 -61.16
C GLN G 205 -9.78 43.54 -59.78
N VAL G 206 -8.63 44.22 -59.64
CA VAL G 206 -8.39 45.04 -58.48
C VAL G 206 -8.55 46.44 -59.00
N GLY G 207 -9.34 46.99 -58.02
CA GLY G 207 -9.90 48.26 -57.77
C GLY G 207 -11.05 48.72 -58.62
N GLY G 208 -11.36 49.97 -58.20
CA GLY G 208 -12.35 50.92 -58.75
C GLY G 208 -13.74 50.87 -58.18
N SER G 209 -14.58 50.52 -59.06
CA SER G 209 -15.93 50.21 -58.96
C SER G 209 -15.83 49.60 -60.32
N ASP G 210 -16.39 48.47 -60.61
CA ASP G 210 -16.38 48.24 -62.02
C ASP G 210 -17.78 47.73 -62.35
N VAL G 211 -17.88 47.65 -63.60
CA VAL G 211 -18.89 47.19 -64.45
C VAL G 211 -17.86 47.25 -65.57
N LEU G 212 -17.94 46.37 -66.49
CA LEU G 212 -16.98 46.28 -67.57
C LEU G 212 -17.81 46.13 -68.84
N ASP G 213 -17.62 46.97 -69.84
CA ASP G 213 -18.33 46.84 -71.10
C ASP G 213 -17.29 46.30 -72.09
N ILE G 214 -17.29 45.00 -72.31
CA ILE G 214 -16.32 44.39 -73.19
C ILE G 214 -16.92 44.09 -74.58
N THR G 215 -18.03 44.72 -75.02
CA THR G 215 -18.54 44.47 -76.38
C THR G 215 -18.14 45.59 -77.29
N ALA G 216 -18.10 45.35 -78.59
CA ALA G 216 -17.76 46.40 -79.53
C ALA G 216 -18.99 47.17 -79.82
N ASP G 217 -20.14 46.53 -79.65
CA ASP G 217 -21.40 47.23 -79.98
C ASP G 217 -21.88 48.09 -78.74
N PRO G 218 -23.10 48.56 -78.77
CA PRO G 218 -23.60 49.38 -77.70
C PRO G 218 -24.77 48.68 -77.18
N THR G 219 -25.09 47.66 -77.92
CA THR G 219 -26.38 47.09 -77.49
C THR G 219 -26.29 46.11 -76.39
N THR G 220 -25.23 45.31 -76.40
CA THR G 220 -25.00 44.22 -75.43
C THR G 220 -23.96 44.53 -74.37
N ALA G 221 -24.13 43.90 -73.25
CA ALA G 221 -23.15 43.94 -72.19
C ALA G 221 -23.04 42.56 -71.58
N PRO G 222 -21.95 41.80 -71.84
CA PRO G 222 -21.82 40.48 -71.24
C PRO G 222 -20.83 40.46 -70.08
N GLN G 223 -21.43 39.84 -69.06
CA GLN G 223 -20.94 39.58 -67.74
C GLN G 223 -20.80 38.07 -67.60
N THR G 224 -19.55 37.60 -67.58
CA THR G 224 -19.28 36.17 -67.45
C THR G 224 -18.70 35.82 -66.08
N GLU G 225 -18.67 34.53 -65.75
CA GLU G 225 -18.14 34.05 -64.47
C GLU G 225 -16.62 34.21 -64.44
N ARG G 226 -15.97 34.12 -65.63
CA ARG G 226 -14.51 34.24 -65.75
C ARG G 226 -14.08 35.71 -65.72
N MET G 227 -14.92 36.52 -65.06
CA MET G 227 -14.67 37.96 -64.93
C MET G 227 -14.99 38.34 -63.48
N MET G 228 -14.04 38.10 -62.56
CA MET G 228 -14.24 38.38 -61.14
C MET G 228 -13.66 39.69 -60.63
N ARG G 229 -14.05 40.13 -59.42
CA ARG G 229 -13.53 41.42 -58.86
C ARG G 229 -13.26 41.30 -57.33
N ILE G 230 -12.11 41.87 -56.91
CA ILE G 230 -11.64 41.86 -55.52
C ILE G 230 -11.40 43.28 -54.99
N ASN G 231 -11.73 43.51 -53.72
CA ASN G 231 -11.55 44.81 -53.09
C ASN G 231 -10.13 44.99 -52.56
N TRP G 232 -9.42 45.96 -53.13
CA TRP G 232 -8.04 46.24 -52.77
C TRP G 232 -7.80 46.74 -51.35
N LYS G 233 -6.77 46.18 -50.75
CA LYS G 233 -6.35 46.57 -49.41
C LYS G 233 -4.85 46.62 -49.60
N LYS G 234 -4.24 45.44 -49.60
CA LYS G 234 -2.81 45.29 -49.77
C LYS G 234 -2.65 44.10 -50.70
N TRP G 235 -1.51 44.02 -51.38
CA TRP G 235 -1.31 42.91 -52.28
C TRP G 235 -1.21 41.57 -51.57
N TRP G 236 -0.59 41.53 -50.39
CA TRP G 236 -0.52 40.26 -49.69
C TRP G 236 -1.92 39.71 -49.48
N GLN G 237 -2.86 40.59 -49.15
CA GLN G 237 -4.24 40.20 -48.92
C GLN G 237 -4.86 39.63 -50.19
N VAL G 238 -4.61 40.28 -51.32
CA VAL G 238 -5.15 39.82 -52.59
C VAL G 238 -4.75 38.36 -52.81
N PHE G 239 -3.44 38.09 -52.73
CA PHE G 239 -2.96 36.73 -52.93
C PHE G 239 -3.53 35.76 -51.90
N TYR G 240 -3.61 36.17 -50.63
CA TYR G 240 -4.19 35.27 -49.64
C TYR G 240 -5.57 34.85 -50.10
N THR G 241 -6.39 35.81 -50.52
CA THR G 241 -7.73 35.51 -50.99
C THR G 241 -7.73 34.60 -52.21
N VAL G 242 -6.88 34.92 -53.18
CA VAL G 242 -6.79 34.09 -54.38
C VAL G 242 -6.50 32.64 -53.97
N VAL G 243 -5.61 32.46 -52.98
CA VAL G 243 -5.28 31.12 -52.50
C VAL G 243 -6.46 30.56 -51.70
N ASP G 244 -6.94 31.33 -50.73
CA ASP G 244 -8.05 30.83 -49.90
C ASP G 244 -9.30 30.39 -50.72
N TYR G 245 -9.40 30.86 -51.98
CA TYR G 245 -10.54 30.59 -52.90
C TYR G 245 -10.14 30.13 -54.30
N VAL G 246 -9.03 29.41 -54.37
CA VAL G 246 -8.53 28.85 -55.61
C VAL G 246 -9.53 28.00 -56.34
N ASN G 247 -10.17 27.09 -55.62
CA ASN G 247 -11.10 26.17 -56.21
C ASN G 247 -12.35 26.87 -56.72
N GLN G 248 -12.79 27.83 -55.96
CA GLN G 248 -13.95 28.61 -56.31
C GLN G 248 -13.67 29.32 -57.64
N ILE G 249 -12.47 29.88 -57.74
CA ILE G 249 -12.01 30.59 -58.94
C ILE G 249 -11.80 29.59 -60.09
N ILE G 250 -11.22 28.44 -59.79
CA ILE G 250 -11.00 27.43 -60.82
C ILE G 250 -12.35 26.91 -61.33
N GLN G 251 -13.26 26.67 -60.41
CA GLN G 251 -14.59 26.16 -60.76
C GLN G 251 -15.35 27.08 -61.68
N ALA G 252 -15.04 28.37 -61.63
CA ALA G 252 -15.68 29.33 -62.50
C ALA G 252 -15.11 29.31 -63.94
N MET G 253 -14.04 28.49 -64.20
CA MET G 253 -13.32 28.31 -65.50
C MET G 253 -13.56 26.86 -66.06
N SER G 254 -12.48 26.03 -66.08
CA SER G 254 -12.48 24.55 -66.42
C SER G 254 -12.30 24.04 -67.84
N LYS G 255 -11.13 23.38 -68.02
CA LYS G 255 -10.77 22.77 -69.26
C LYS G 255 -10.02 23.72 -70.10
N PRO H 1 -44.19 26.39 -27.75
CA PRO H 1 -44.49 25.02 -27.33
C PRO H 1 -43.76 23.97 -28.18
N ILE H 2 -43.46 23.41 -26.80
CA ILE H 2 -42.96 22.06 -27.15
C ILE H 2 -43.95 20.97 -26.74
N THR H 3 -43.97 19.91 -27.54
CA THR H 3 -44.59 18.63 -27.17
C THR H 3 -44.00 18.14 -25.85
N GLY H 4 -44.87 17.60 -25.00
CA GLY H 4 -44.47 17.24 -23.63
C GLY H 4 -44.19 15.75 -23.40
N SER H 5 -44.22 14.94 -24.48
CA SER H 5 -44.03 13.50 -24.27
C SER H 5 -42.65 13.22 -23.69
N MET H 6 -42.72 12.24 -22.58
CA MET H 6 -41.60 11.76 -21.74
C MET H 6 -40.93 10.59 -22.40
N ASP H 7 -40.15 10.95 -23.40
CA ASP H 7 -39.42 9.92 -24.17
C ASP H 7 -38.31 9.25 -23.37
N THR H 8 -38.22 10.32 -22.69
CA THR H 8 -37.34 10.05 -21.58
C THR H 8 -35.90 9.73 -21.80
N ALA H 9 -35.27 10.35 -22.77
CA ALA H 9 -33.89 10.17 -23.26
C ALA H 9 -32.70 11.11 -22.88
N TYR H 10 -32.31 11.11 -21.95
CA TYR H 10 -31.34 12.22 -21.86
C TYR H 10 -30.16 11.96 -22.79
N ALA H 11 -29.84 12.99 -23.53
CA ALA H 11 -28.72 13.08 -24.46
C ALA H 11 -27.46 13.45 -23.67
N ASN H 12 -26.55 12.48 -23.69
CA ASN H 12 -25.29 12.45 -22.93
C ASN H 12 -24.29 13.58 -22.92
N SER H 13 -23.75 13.81 -21.73
CA SER H 13 -22.73 14.84 -21.52
C SER H 13 -23.18 16.27 -21.22
N THR H 14 -23.20 17.09 -22.26
CA THR H 14 -23.56 18.49 -22.18
C THR H 14 -22.26 19.28 -22.06
N GLN H 15 -21.38 18.85 -21.16
CA GLN H 15 -20.09 19.56 -20.99
C GLN H 15 -19.18 19.38 -22.20
N GLU H 16 -19.46 18.35 -23.05
CA GLU H 16 -18.59 18.07 -24.22
C GLU H 16 -18.94 18.89 -25.45
N GLU H 17 -19.96 19.71 -25.37
CA GLU H 17 -20.30 20.62 -26.46
C GLU H 17 -19.73 21.98 -26.06
N THR H 18 -19.81 22.29 -24.77
CA THR H 18 -19.32 23.56 -24.24
C THR H 18 -17.80 23.61 -24.26
N PHE H 19 -17.16 22.49 -24.01
CA PHE H 19 -15.68 22.49 -24.11
C PHE H 19 -15.22 22.81 -25.53
N LEU H 20 -15.94 22.23 -26.48
CA LEU H 20 -15.53 22.45 -27.88
C LEU H 20 -15.93 23.82 -28.41
N THR H 21 -17.17 24.19 -28.18
CA THR H 21 -17.68 25.39 -28.86
C THR H 21 -17.70 26.66 -28.04
N SER H 22 -17.56 26.62 -26.73
CA SER H 22 -17.64 27.94 -26.02
C SER H 22 -16.32 28.62 -25.51
N THR H 23 -16.37 29.95 -25.13
CA THR H 23 -15.24 30.75 -24.59
C THR H 23 -15.51 31.12 -23.13
N LEU H 24 -14.46 31.13 -22.32
CA LEU H 24 -14.55 31.44 -20.90
C LEU H 24 -13.69 32.68 -20.63
N CYS H 25 -14.31 33.71 -20.05
CA CYS H 25 -13.64 34.98 -19.73
C CYS H 25 -13.62 35.21 -18.23
N LEU H 26 -12.41 35.29 -17.67
CA LEU H 26 -12.22 35.48 -16.22
C LEU H 26 -11.93 36.92 -15.89
N TYR H 27 -12.75 37.52 -15.04
CA TYR H 27 -12.53 38.90 -14.66
C TYR H 27 -12.01 38.94 -13.23
N TYR H 28 -10.94 39.64 -13.03
CA TYR H 28 -10.37 39.77 -11.71
C TYR H 28 -9.93 41.21 -11.56
N PRO H 29 -9.62 41.62 -10.33
CA PRO H 29 -9.08 42.93 -9.97
C PRO H 29 -7.58 42.93 -10.09
N THR H 30 -6.98 44.11 -10.21
CA THR H 30 -5.53 44.21 -10.33
C THR H 30 -4.87 43.54 -9.14
N GLU H 31 -5.23 43.96 -7.93
CA GLU H 31 -4.62 43.37 -6.74
C GLU H 31 -4.46 41.85 -6.85
N ALA H 32 -5.43 41.20 -7.47
CA ALA H 32 -5.40 39.74 -7.64
C ALA H 32 -4.16 39.31 -8.39
N ALA H 33 -3.95 39.88 -9.57
CA ALA H 33 -2.79 39.55 -10.38
C ALA H 33 -1.50 40.02 -9.73
N THR H 34 -1.50 41.23 -9.15
CA THR H 34 -0.27 41.73 -8.52
C THR H 34 0.26 40.77 -7.45
N GLU H 35 -0.65 40.16 -6.69
CA GLU H 35 -0.25 39.24 -5.64
C GLU H 35 0.36 37.96 -6.20
N ILE H 36 0.02 37.67 -7.45
CA ILE H 36 0.51 36.45 -8.08
C ILE H 36 1.95 36.51 -8.56
N ASN H 37 2.34 37.71 -8.95
CA ASN H 37 3.67 38.16 -9.32
C ASN H 37 4.47 37.38 -10.36
N ASP H 38 3.76 36.78 -11.30
CA ASP H 38 4.41 35.98 -12.32
C ASP H 38 4.05 36.56 -13.71
N ASN H 39 4.98 36.48 -14.64
CA ASN H 39 4.78 36.97 -15.98
C ASN H 39 4.06 35.88 -16.76
N SER H 40 3.97 34.68 -16.21
CA SER H 40 3.33 33.61 -16.94
C SER H 40 2.14 32.98 -16.26
N TRP H 41 1.54 33.68 -15.32
CA TRP H 41 0.41 33.09 -14.61
C TRP H 41 -0.77 32.84 -15.53
N LYS H 42 -1.04 33.78 -16.43
CA LYS H 42 -2.15 33.57 -17.35
C LYS H 42 -1.89 32.31 -18.16
N ASP H 43 -0.63 32.11 -18.55
CA ASP H 43 -0.22 30.94 -19.33
C ASP H 43 -0.31 29.62 -18.55
N THR H 44 0.29 29.58 -17.37
CA THR H 44 0.25 28.38 -16.53
C THR H 44 -1.20 27.93 -16.33
N LEU H 45 -2.05 28.84 -15.90
CA LEU H 45 -3.45 28.52 -15.67
C LEU H 45 -4.13 27.97 -16.93
N SER H 46 -3.70 28.44 -18.09
CA SER H 46 -4.27 28.01 -19.36
C SER H 46 -3.99 26.56 -19.68
N GLN H 47 -2.77 26.11 -19.36
CA GLN H 47 -2.42 24.71 -19.58
C GLN H 47 -3.24 23.91 -18.58
N LEU H 48 -3.38 24.46 -17.38
CA LEU H 48 -4.16 23.78 -16.36
C LEU H 48 -5.61 23.70 -16.79
N PHE H 49 -6.04 24.65 -17.62
CA PHE H 49 -7.41 24.65 -18.11
C PHE H 49 -7.65 23.56 -19.14
N LEU H 50 -6.60 23.03 -19.75
CA LEU H 50 -6.78 21.95 -20.73
C LEU H 50 -7.28 20.74 -19.96
N THR H 51 -6.77 20.57 -18.75
CA THR H 51 -7.16 19.46 -17.87
C THR H 51 -8.67 19.40 -17.74
N LYS H 52 -9.26 20.52 -17.34
CA LYS H 52 -10.70 20.61 -17.16
C LYS H 52 -11.42 20.57 -18.51
N GLY H 53 -10.66 20.54 -19.59
CA GLY H 53 -11.23 20.44 -20.92
C GLY H 53 -11.49 21.66 -21.80
N TRP H 54 -10.64 22.69 -21.69
CA TRP H 54 -10.82 23.89 -22.51
C TRP H 54 -9.57 24.07 -23.38
N PRO H 55 -9.73 23.89 -24.70
CA PRO H 55 -8.67 24.03 -25.70
C PRO H 55 -7.90 25.31 -25.53
N THR H 56 -6.61 25.27 -25.83
CA THR H 56 -5.74 26.42 -25.69
C THR H 56 -6.35 27.80 -25.96
N GLY H 57 -6.71 28.09 -27.21
CA GLY H 57 -7.27 29.41 -27.51
C GLY H 57 -8.62 29.80 -26.91
N SER H 58 -9.12 28.94 -26.03
CA SER H 58 -10.41 29.13 -25.40
C SER H 58 -10.60 30.12 -24.26
N VAL H 59 -9.73 30.12 -23.26
CA VAL H 59 -9.88 31.01 -22.10
C VAL H 59 -9.19 32.37 -22.14
N TYR H 60 -9.93 33.43 -21.81
CA TYR H 60 -9.38 34.82 -21.79
C TYR H 60 -9.34 35.45 -20.39
N PHE H 61 -8.29 36.24 -20.12
CA PHE H 61 -8.13 36.88 -18.80
C PHE H 61 -8.22 38.41 -18.83
N LYS H 62 -9.42 39.02 -18.40
CA LYS H 62 -9.67 40.50 -18.39
C LYS H 62 -9.49 41.03 -16.93
N GLU H 63 -8.67 42.09 -16.83
CA GLU H 63 -8.24 42.84 -15.63
C GLU H 63 -9.04 44.11 -15.27
N TYR H 64 -10.01 44.05 -14.36
CA TYR H 64 -10.68 45.32 -14.07
C TYR H 64 -9.88 46.05 -13.01
N THR H 65 -9.46 47.20 -12.85
CA THR H 65 -8.68 47.48 -11.62
C THR H 65 -9.52 47.94 -10.46
N ASP H 66 -10.79 48.18 -10.67
CA ASP H 66 -11.62 48.56 -9.55
C ASP H 66 -13.07 48.12 -9.81
N ILE H 67 -13.83 47.97 -8.76
CA ILE H 67 -15.25 47.68 -8.97
C ILE H 67 -15.98 48.82 -9.67
N ALA H 68 -15.57 50.06 -9.49
CA ALA H 68 -16.22 51.21 -10.10
C ALA H 68 -15.98 51.27 -11.60
N SER H 69 -14.62 51.05 -12.02
CA SER H 69 -14.41 51.09 -13.47
C SER H 69 -15.04 49.91 -14.18
N PHE H 70 -14.86 48.72 -13.60
CA PHE H 70 -15.41 47.48 -14.15
C PHE H 70 -16.91 47.63 -14.31
N SER H 71 -17.56 48.23 -13.31
CA SER H 71 -19.00 48.43 -13.32
C SER H 71 -19.47 49.23 -14.53
N VAL H 72 -18.64 50.16 -14.98
CA VAL H 72 -18.98 51.00 -16.13
C VAL H 72 -18.90 50.24 -17.46
N ASP H 73 -17.38 49.99 -17.70
CA ASP H 73 -16.70 49.58 -18.92
C ASP H 73 -16.77 48.07 -19.25
N PRO H 74 -17.33 47.32 -18.31
CA PRO H 74 -17.74 45.89 -18.33
C PRO H 74 -18.60 45.39 -19.48
N GLN H 75 -18.12 45.56 -20.68
CA GLN H 75 -18.64 44.79 -21.80
C GLN H 75 -18.02 43.40 -21.82
N LEU H 76 -18.85 42.58 -21.51
CA LEU H 76 -18.59 41.11 -21.36
C LEU H 76 -18.15 40.57 -22.68
N TYR H 77 -16.94 40.07 -22.76
CA TYR H 77 -16.39 39.64 -24.05
C TYR H 77 -16.70 38.20 -24.49
N CYS H 78 -16.72 37.27 -23.55
CA CYS H 78 -16.88 35.91 -23.92
C CYS H 78 -18.23 35.37 -23.60
N ASP H 79 -18.48 34.17 -24.17
CA ASP H 79 -19.68 33.33 -24.03
C ASP H 79 -20.02 33.18 -22.55
N TYR H 80 -19.02 32.75 -21.77
CA TYR H 80 -19.18 32.56 -20.31
C TYR H 80 -18.28 33.51 -19.57
N ASN H 81 -18.87 34.29 -18.68
CA ASN H 81 -18.08 35.23 -17.90
C ASN H 81 -18.20 34.91 -16.41
N VAL H 82 -17.07 34.72 -15.76
CA VAL H 82 -17.08 34.46 -14.32
C VAL H 82 -16.20 35.58 -13.77
N VAL H 83 -16.82 36.46 -12.99
CA VAL H 83 -16.14 37.61 -12.43
C VAL H 83 -15.82 37.46 -10.94
N LEU H 84 -14.55 37.67 -10.60
CA LEU H 84 -14.05 37.55 -9.24
C LEU H 84 -14.11 38.90 -8.53
N MET H 85 -14.84 38.95 -7.41
CA MET H 85 -15.00 40.15 -6.60
C MET H 85 -14.58 39.88 -5.17
N LYS H 86 -13.56 40.60 -4.67
CA LYS H 86 -13.07 40.39 -3.31
C LYS H 86 -13.56 41.46 -2.34
N TYR H 87 -14.25 40.99 -1.32
CA TYR H 87 -14.80 41.92 -0.35
C TYR H 87 -13.84 42.99 0.09
N ASP H 88 -14.47 44.23 -0.10
CA ASP H 88 -14.15 45.62 0.22
C ASP H 88 -15.45 46.15 0.80
N ALA H 89 -15.47 46.30 2.10
CA ALA H 89 -16.65 46.64 2.89
C ALA H 89 -17.20 48.02 2.66
N THR H 90 -16.42 48.98 2.23
CA THR H 90 -16.95 50.36 2.03
C THR H 90 -17.63 50.46 0.70
N LEU H 91 -17.24 49.57 -0.21
CA LEU H 91 -17.78 49.57 -1.59
C LEU H 91 -19.00 48.70 -1.87
N GLN H 92 -19.49 48.03 -0.84
CA GLN H 92 -20.63 47.11 -0.90
C GLN H 92 -21.75 47.47 -1.92
N LEU H 93 -22.32 48.66 -1.79
CA LEU H 93 -23.39 49.06 -2.70
C LEU H 93 -22.86 49.24 -4.13
N ASP H 94 -21.56 49.55 -4.24
CA ASP H 94 -20.97 49.75 -5.58
C ASP H 94 -20.97 48.47 -6.42
N MET H 95 -20.64 47.41 -5.46
CA MET H 95 -20.61 46.00 -5.77
C MET H 95 -22.03 45.45 -6.08
N SER H 96 -23.03 45.83 -5.31
CA SER H 96 -24.42 45.43 -5.43
C SER H 96 -25.02 45.91 -6.76
N GLU H 97 -24.72 47.19 -7.06
CA GLU H 97 -25.15 47.85 -8.28
C GLU H 97 -24.46 47.17 -9.47
N LEU H 98 -23.18 46.79 -9.33
CA LEU H 98 -22.50 46.10 -10.41
C LEU H 98 -23.02 44.68 -10.61
N ALA H 99 -23.32 44.00 -9.51
CA ALA H 99 -23.85 42.65 -9.60
C ALA H 99 -25.19 42.70 -10.31
N ASP H 100 -26.05 43.59 -9.83
CA ASP H 100 -27.39 43.79 -10.38
C ASP H 100 -27.36 43.97 -11.90
N LEU H 101 -26.27 44.55 -12.40
CA LEU H 101 -26.15 44.75 -13.83
C LEU H 101 -25.67 43.50 -14.59
N ILE H 102 -24.63 42.83 -14.11
CA ILE H 102 -24.12 41.64 -14.81
C ILE H 102 -25.03 40.43 -14.68
N LEU H 103 -25.42 40.13 -13.46
CA LEU H 103 -26.28 39.00 -13.17
C LEU H 103 -27.65 39.05 -13.84
N ASN H 104 -28.05 40.22 -14.29
CA ASN H 104 -29.36 40.38 -14.91
C ASN H 104 -29.35 40.81 -16.36
N GLU H 105 -30.50 40.64 -17.00
CA GLU H 105 -30.72 40.99 -18.39
C GLU H 105 -31.34 42.39 -18.47
N TRP H 106 -30.86 43.39 -19.15
CA TRP H 106 -31.30 44.78 -19.05
C TRP H 106 -31.71 45.30 -20.43
N LEU H 107 -32.70 46.17 -20.45
CA LEU H 107 -33.19 46.74 -21.71
C LEU H 107 -33.13 48.22 -21.31
N CYS H 108 -32.43 49.07 -22.07
CA CYS H 108 -32.41 50.52 -21.88
C CYS H 108 -32.65 51.40 -23.11
N ASN H 109 -33.08 52.62 -22.82
CA ASN H 109 -33.35 53.66 -23.82
C ASN H 109 -32.64 54.87 -23.26
N PRO H 110 -32.38 55.87 -24.10
CA PRO H 110 -31.69 57.07 -23.63
C PRO H 110 -32.66 58.10 -23.07
N MET H 111 -32.19 58.88 -22.09
CA MET H 111 -33.01 59.90 -21.45
C MET H 111 -32.45 61.30 -21.69
N ASP H 112 -33.33 62.26 -21.97
CA ASP H 112 -32.84 63.61 -22.17
C ASP H 112 -33.28 64.44 -20.97
N ILE H 113 -32.41 64.48 -19.98
CA ILE H 113 -32.65 65.21 -18.75
C ILE H 113 -33.00 66.67 -18.99
N THR H 114 -32.46 67.22 -20.07
CA THR H 114 -32.67 68.62 -20.46
C THR H 114 -34.10 69.01 -20.81
N LEU H 115 -34.64 68.36 -21.84
CA LEU H 115 -35.99 68.69 -22.34
C LEU H 115 -37.15 67.92 -21.67
N TYR H 116 -37.30 66.72 -20.82
CA TYR H 116 -38.49 65.90 -20.52
C TYR H 116 -38.19 65.29 -19.09
N TYR H 117 -39.18 65.52 -18.25
CA TYR H 117 -39.02 65.13 -16.90
C TYR H 117 -39.55 63.78 -16.89
N TYR H 118 -38.86 62.76 -16.42
CA TYR H 118 -39.47 61.41 -16.53
C TYR H 118 -40.11 60.88 -15.22
N GLN H 119 -40.52 59.52 -15.24
CA GLN H 119 -41.19 58.65 -14.21
C GLN H 119 -40.96 57.12 -14.46
N GLN H 120 -40.85 56.28 -13.39
CA GLN H 120 -40.63 54.87 -13.57
C GLN H 120 -42.01 54.25 -13.53
N THR H 121 -42.21 53.15 -14.24
CA THR H 121 -43.52 52.53 -14.30
C THR H 121 -43.85 51.37 -13.35
N ASP H 122 -42.97 50.37 -13.27
CA ASP H 122 -43.21 49.20 -12.43
C ASP H 122 -41.99 48.83 -11.59
N GLU H 123 -42.09 47.75 -10.82
CA GLU H 123 -40.95 47.34 -10.01
C GLU H 123 -39.76 46.96 -10.88
N ALA H 124 -39.92 47.11 -12.20
CA ALA H 124 -38.86 46.74 -13.13
C ALA H 124 -38.32 47.87 -13.97
N ASN H 125 -38.81 49.07 -13.75
CA ASN H 125 -38.34 50.23 -14.49
C ASN H 125 -37.41 50.98 -13.56
N LYS H 126 -36.11 50.97 -13.88
CA LYS H 126 -35.10 51.64 -13.03
C LYS H 126 -34.22 52.55 -13.88
N TRP H 127 -33.58 53.53 -13.23
CA TRP H 127 -32.69 54.43 -13.99
C TRP H 127 -31.22 54.09 -13.73
N ILE H 128 -30.60 53.44 -14.70
CA ILE H 128 -29.20 53.09 -14.54
C ILE H 128 -28.28 54.08 -15.23
N SER H 129 -27.54 54.82 -14.41
CA SER H 129 -26.61 55.83 -14.87
C SER H 129 -25.20 55.41 -14.48
N MET H 130 -24.20 55.74 -15.30
CA MET H 130 -22.79 55.39 -15.01
C MET H 130 -21.76 56.24 -15.78
N GLY H 131 -20.61 56.46 -15.17
CA GLY H 131 -19.56 57.26 -15.81
C GLY H 131 -18.48 57.71 -14.86
N SER H 132 -17.76 58.77 -15.24
CA SER H 132 -16.67 59.33 -14.43
C SER H 132 -17.14 59.63 -13.02
N SER H 133 -18.07 60.57 -12.93
CA SER H 133 -18.62 60.99 -11.64
C SER H 133 -20.12 61.23 -11.80
N CYS H 134 -20.91 60.29 -11.32
CA CYS H 134 -22.34 60.41 -11.43
C CYS H 134 -23.03 61.05 -10.21
N THR H 135 -23.54 62.28 -10.38
CA THR H 135 -24.23 62.98 -9.30
C THR H 135 -25.66 63.35 -9.73
N ILE H 136 -26.63 62.62 -9.19
CA ILE H 136 -28.04 62.79 -9.52
C ILE H 136 -28.94 63.44 -8.46
N LYS H 137 -29.55 64.57 -8.80
CA LYS H 137 -30.48 65.26 -7.91
C LYS H 137 -31.86 65.15 -8.54
N VAL H 138 -32.90 64.93 -7.75
CA VAL H 138 -34.23 64.74 -8.29
C VAL H 138 -35.28 65.69 -7.71
N CYS H 139 -36.32 65.97 -8.50
CA CYS H 139 -37.43 66.81 -8.04
C CYS H 139 -38.79 66.29 -8.52
N PRO H 140 -39.54 65.63 -7.62
CA PRO H 140 -40.86 65.06 -7.88
C PRO H 140 -41.90 66.11 -8.28
N LEU H 141 -42.66 65.80 -9.31
CA LEU H 141 -43.66 66.72 -9.82
C LEU H 141 -45.07 66.26 -9.50
N ASN H 142 -45.92 67.20 -9.11
CA ASN H 142 -47.31 66.86 -8.83
C ASN H 142 -47.92 66.89 -10.23
N THR H 143 -49.21 66.58 -10.35
CA THR H 143 -49.88 66.55 -11.65
C THR H 143 -50.00 67.88 -12.39
N GLN H 144 -49.13 68.83 -12.08
CA GLN H 144 -49.17 70.15 -12.72
C GLN H 144 -47.84 70.54 -13.32
N THR H 145 -46.82 69.72 -13.06
CA THR H 145 -45.46 69.98 -13.51
C THR H 145 -44.84 70.96 -12.50
N LEU H 146 -45.36 70.92 -11.28
CA LEU H 146 -44.86 71.78 -10.21
C LEU H 146 -44.09 70.94 -9.20
N GLY H 147 -43.09 71.54 -8.56
CA GLY H 147 -42.32 70.77 -7.60
C GLY H 147 -43.10 70.39 -6.36
N ILE H 148 -42.60 69.39 -5.64
CA ILE H 148 -43.20 68.95 -4.39
C ILE H 148 -42.00 68.92 -3.46
N GLY H 149 -41.78 70.03 -2.76
CA GLY H 149 -40.63 70.10 -1.89
C GLY H 149 -39.47 70.66 -2.68
N CYS H 150 -39.79 71.21 -3.86
CA CYS H 150 -38.76 71.80 -4.72
C CYS H 150 -39.33 72.74 -5.78
N LEU H 151 -38.45 73.58 -6.31
CA LEU H 151 -38.80 74.51 -7.36
C LEU H 151 -38.12 74.03 -8.62
N THR H 152 -38.92 73.58 -9.57
CA THR H 152 -38.39 73.08 -10.82
C THR H 152 -37.43 74.07 -11.44
N THR H 153 -37.23 75.23 -10.81
CA THR H 153 -36.36 76.27 -11.34
C THR H 153 -34.95 76.32 -10.74
N ASP H 154 -34.82 76.08 -9.43
CA ASP H 154 -33.51 76.12 -8.74
C ASP H 154 -33.14 74.75 -8.17
N THR H 155 -32.14 74.12 -8.80
CA THR H 155 -31.65 72.80 -8.39
C THR H 155 -31.05 72.76 -7.00
N ALA H 156 -31.05 73.89 -6.30
CA ALA H 156 -30.52 73.92 -4.96
C ALA H 156 -31.60 73.40 -4.03
N THR H 157 -32.80 73.18 -4.57
CA THR H 157 -33.90 72.68 -3.78
C THR H 157 -34.19 71.22 -4.11
N PHE H 158 -33.44 70.66 -5.07
CA PHE H 158 -33.64 69.29 -5.47
C PHE H 158 -33.24 68.34 -4.37
N GLU H 159 -33.49 67.04 -4.57
CA GLU H 159 -33.15 66.05 -3.57
C GLU H 159 -32.02 65.20 -4.16
N GLU H 160 -30.84 65.24 -3.53
CA GLU H 160 -29.68 64.48 -4.00
C GLU H 160 -29.80 63.00 -3.64
N VAL H 161 -29.71 62.13 -4.64
CA VAL H 161 -29.82 60.67 -4.43
C VAL H 161 -28.60 59.86 -4.89
N ALA H 162 -27.52 60.57 -5.19
CA ALA H 162 -26.28 59.92 -5.65
C ALA H 162 -25.20 60.99 -5.73
N THR H 163 -24.13 60.82 -4.97
CA THR H 163 -23.07 61.81 -5.00
C THR H 163 -21.77 61.28 -5.55
N ALA H 164 -21.58 61.47 -6.86
CA ALA H 164 -20.37 61.04 -7.55
C ALA H 164 -20.05 59.55 -7.56
N GLU H 165 -20.98 58.73 -8.05
CA GLU H 165 -20.73 57.29 -8.12
C GLU H 165 -20.31 56.99 -9.56
N LYS H 166 -19.78 55.76 -9.72
CA LYS H 166 -19.26 55.23 -11.00
C LYS H 166 -20.29 54.36 -11.69
N LEU H 167 -21.30 53.90 -10.94
CA LEU H 167 -22.42 53.06 -11.38
C LEU H 167 -23.54 53.29 -10.38
N VAL H 168 -24.72 53.64 -10.87
CA VAL H 168 -25.88 53.91 -10.02
C VAL H 168 -27.21 53.45 -10.59
N ILE H 169 -27.94 52.65 -9.83
CA ILE H 169 -29.28 52.20 -10.26
C ILE H 169 -30.23 52.94 -9.31
N THR H 170 -30.81 54.02 -9.82
CA THR H 170 -31.72 54.86 -9.05
C THR H 170 -33.17 54.41 -9.10
N ASP H 171 -33.82 54.52 -7.95
CA ASP H 171 -35.21 54.08 -7.81
C ASP H 171 -36.03 55.18 -7.17
N VAL H 172 -37.13 55.56 -7.83
CA VAL H 172 -38.03 56.59 -7.30
C VAL H 172 -39.43 56.04 -7.15
N VAL H 173 -40.27 56.72 -6.36
CA VAL H 173 -41.64 56.28 -6.15
C VAL H 173 -42.33 56.12 -7.51
N ASP H 174 -42.71 54.89 -7.83
CA ASP H 174 -43.36 54.57 -9.10
C ASP H 174 -44.59 55.40 -9.42
N GLY H 175 -44.68 55.82 -10.68
CA GLY H 175 -45.81 56.60 -11.14
C GLY H 175 -45.80 58.07 -10.75
N VAL H 176 -44.63 58.68 -10.75
CA VAL H 176 -44.52 60.10 -10.39
C VAL H 176 -43.49 60.73 -11.31
N ASN H 177 -43.81 61.89 -11.87
CA ASN H 177 -42.86 62.53 -12.75
C ASN H 177 -41.80 63.25 -11.96
N HIS H 178 -40.59 63.29 -12.49
CA HIS H 178 -39.46 63.94 -11.83
C HIS H 178 -38.60 64.76 -12.76
N LYS H 179 -38.28 66.05 -12.39
CA LYS H 179 -37.32 66.81 -13.21
C LYS H 179 -35.99 66.31 -12.71
N LEU H 180 -35.13 65.87 -13.61
CA LEU H 180 -33.87 65.26 -13.18
C LEU H 180 -32.73 66.21 -13.40
N ASP H 181 -31.74 66.15 -12.53
CA ASP H 181 -30.57 66.98 -12.71
C ASP H 181 -29.30 66.16 -12.52
N VAL H 182 -28.84 65.55 -13.60
CA VAL H 182 -27.63 64.76 -13.53
C VAL H 182 -26.50 65.64 -14.02
N THR H 183 -25.26 65.23 -13.77
CA THR H 183 -24.09 65.96 -14.20
C THR H 183 -23.62 65.31 -15.49
N THR H 184 -24.49 65.35 -16.50
CA THR H 184 -24.26 64.76 -17.82
C THR H 184 -22.87 64.93 -18.41
N ALA H 185 -22.11 65.90 -17.90
CA ALA H 185 -20.76 66.13 -18.38
C ALA H 185 -19.90 64.88 -18.17
N THR H 186 -19.93 64.39 -16.95
CA THR H 186 -19.23 63.15 -16.56
C THR H 186 -20.23 61.96 -16.42
N CYS H 187 -21.51 62.13 -16.52
CA CYS H 187 -22.40 60.99 -16.38
C CYS H 187 -23.32 60.79 -17.59
N THR H 188 -23.79 59.52 -17.62
CA THR H 188 -24.78 59.20 -18.68
C THR H 188 -25.92 58.51 -17.94
N ILE H 189 -27.17 58.97 -18.06
CA ILE H 189 -28.27 58.29 -17.36
C ILE H 189 -29.26 57.77 -18.43
N ARG H 190 -29.61 56.41 -18.26
CA ARG H 190 -30.48 55.78 -19.24
C ARG H 190 -31.64 55.08 -18.51
N ASN H 191 -32.80 55.05 -19.16
CA ASN H 191 -33.99 54.43 -18.60
C ASN H 191 -34.13 52.94 -18.93
N CYS H 192 -33.86 52.07 -17.96
CA CYS H 192 -33.91 50.63 -18.19
C CYS H 192 -35.07 49.83 -17.57
N LYS H 193 -35.53 48.85 -18.34
CA LYS H 193 -36.56 47.92 -17.91
C LYS H 193 -35.85 46.58 -17.65
N LYS H 194 -36.04 45.94 -16.47
CA LYS H 194 -35.30 44.70 -16.12
C LYS H 194 -35.91 43.40 -16.56
N LEU H 195 -35.37 42.27 -16.08
CA LEU H 195 -35.97 41.07 -16.62
C LEU H 195 -35.15 39.81 -16.52
N GLY H 196 -34.95 39.41 -17.75
CA GLY H 196 -34.15 38.30 -18.03
C GLY H 196 -32.93 38.48 -17.19
N PRO H 197 -32.53 37.32 -16.72
CA PRO H 197 -31.38 37.16 -15.90
C PRO H 197 -30.31 36.66 -16.81
N ARG H 198 -29.20 36.49 -16.18
CA ARG H 198 -28.14 36.10 -16.96
C ARG H 198 -27.69 34.72 -16.74
N GLU H 199 -27.72 34.07 -17.87
CA GLU H 199 -27.31 32.72 -17.99
C GLU H 199 -25.81 32.68 -18.27
N ASN H 200 -25.03 33.60 -17.68
CA ASN H 200 -23.57 33.63 -17.88
C ASN H 200 -22.84 33.93 -16.54
N VAL H 201 -22.42 35.18 -16.29
CA VAL H 201 -21.78 35.53 -15.03
C VAL H 201 -22.14 34.50 -14.00
N ALA H 202 -20.98 34.83 -13.06
CA ALA H 202 -21.12 33.94 -11.96
C ALA H 202 -20.27 34.67 -10.99
N VAL H 203 -20.88 35.71 -10.50
CA VAL H 203 -20.09 36.47 -9.60
C VAL H 203 -19.57 35.60 -8.50
N ILE H 204 -18.26 35.41 -8.42
CA ILE H 204 -17.72 34.64 -7.30
C ILE H 204 -17.18 35.66 -6.32
N GLN H 205 -17.69 35.62 -5.13
CA GLN H 205 -17.31 36.54 -4.11
C GLN H 205 -16.20 36.05 -3.20
N VAL H 206 -15.13 36.88 -3.13
CA VAL H 206 -14.09 36.67 -2.15
C VAL H 206 -14.37 37.75 -1.14
N GLY H 207 -14.25 37.05 0.02
CA GLY H 207 -14.35 37.36 1.40
C GLY H 207 -15.69 37.67 1.99
N GLY H 208 -15.48 37.96 3.30
CA GLY H 208 -16.44 38.42 4.31
C GLY H 208 -17.14 37.37 5.13
N SER H 209 -18.39 37.38 4.90
CA SER H 209 -19.40 36.52 5.31
C SER H 209 -20.26 37.12 4.27
N ASP H 210 -21.04 36.42 3.51
CA ASP H 210 -21.97 37.24 2.80
C ASP H 210 -23.31 36.53 2.92
N VAL H 211 -24.19 37.27 2.44
CA VAL H 211 -25.56 37.13 2.20
C VAL H 211 -25.49 38.38 1.37
N LEU H 212 -26.25 38.48 0.36
CA LEU H 212 -26.23 39.59 -0.56
C LEU H 212 -27.69 39.97 -0.78
N ASP H 213 -28.07 41.22 -0.56
CA ASP H 213 -29.42 41.67 -0.81
C ASP H 213 -29.33 42.52 -2.08
N ILE H 214 -29.66 41.90 -3.21
CA ILE H 214 -29.57 42.60 -4.48
C ILE H 214 -30.96 43.08 -4.97
N THR H 215 -31.98 43.24 -4.10
CA THR H 215 -33.27 43.78 -4.58
C THR H 215 -33.39 45.23 -4.19
N ALA H 216 -34.22 45.98 -4.90
CA ALA H 216 -34.42 47.39 -4.56
C ALA H 216 -35.42 47.46 -3.48
N ASP H 217 -36.27 46.45 -3.38
CA ASP H 217 -37.33 46.49 -2.36
C ASP H 217 -36.80 45.94 -0.99
N PRO H 218 -37.66 45.65 -0.06
CA PRO H 218 -37.26 45.18 1.24
C PRO H 218 -37.90 43.89 1.39
N THR H 219 -38.76 43.65 0.46
CA THR H 219 -39.54 42.44 0.74
C THR H 219 -38.91 41.17 0.32
N THR H 220 -38.24 41.21 -0.81
CA THR H 220 -37.60 40.02 -1.44
C THR H 220 -36.09 39.97 -1.28
N ALA H 221 -35.60 38.77 -1.29
CA ALA H 221 -34.18 38.53 -1.31
C ALA H 221 -33.90 37.37 -2.24
N PRO H 222 -33.35 37.61 -3.47
CA PRO H 222 -33.05 36.51 -4.35
C PRO H 222 -31.58 36.16 -4.40
N GLN H 223 -31.47 34.84 -4.23
CA GLN H 223 -30.29 34.02 -4.19
C GLN H 223 -30.30 33.11 -5.41
N THR H 224 -29.42 33.42 -6.36
CA THR H 224 -29.32 32.62 -7.59
C THR H 224 -28.07 31.77 -7.63
N GLU H 225 -28.01 30.81 -8.56
CA GLU H 225 -26.86 29.90 -8.72
C GLU H 225 -25.67 30.68 -9.28
N ARG H 226 -25.95 31.72 -10.09
CA ARG H 226 -24.91 32.55 -10.71
C ARG H 226 -24.35 33.57 -9.71
N MET H 227 -24.45 33.22 -8.44
CA MET H 227 -23.97 34.07 -7.34
C MET H 227 -23.23 33.17 -6.36
N MET H 228 -21.97 32.84 -6.64
CA MET H 228 -21.18 31.94 -5.80
C MET H 228 -20.23 32.63 -4.82
N ARG H 229 -19.70 31.87 -3.84
CA ARG H 229 -18.76 32.48 -2.83
C ARG H 229 -17.59 31.50 -2.49
N ILE H 230 -16.37 32.07 -2.41
CA ILE H 230 -15.13 31.34 -2.11
C ILE H 230 -14.42 31.91 -0.89
N ASN H 231 -13.84 31.04 -0.07
CA ASN H 231 -13.11 31.45 1.13
C ASN H 231 -11.67 31.84 0.81
N TRP H 232 -11.35 33.11 1.05
CA TRP H 232 -10.03 33.67 0.78
C TRP H 232 -8.88 33.11 1.59
N LYS H 233 -7.79 32.84 0.89
CA LYS H 233 -6.57 32.36 1.50
C LYS H 233 -5.54 33.21 0.79
N LYS H 234 -5.25 32.80 -0.45
CA LYS H 234 -4.30 33.49 -1.29
C LYS H 234 -4.93 33.51 -2.66
N TRP H 235 -4.51 34.44 -3.52
CA TRP H 235 -5.09 34.51 -4.84
C TRP H 235 -4.75 33.29 -5.69
N TRP H 236 -3.54 32.77 -5.58
CA TRP H 236 -3.22 31.60 -6.38
C TRP H 236 -4.23 30.49 -6.09
N GLN H 237 -4.60 30.34 -4.82
CA GLN H 237 -5.57 29.32 -4.42
C GLN H 237 -6.92 29.58 -5.06
N VAL H 238 -7.36 30.83 -5.07
CA VAL H 238 -8.64 31.17 -5.66
C VAL H 238 -8.68 30.67 -7.10
N PHE H 239 -7.69 31.05 -7.89
CA PHE H 239 -7.63 30.62 -9.29
C PHE H 239 -7.55 29.11 -9.42
N TYR H 240 -6.75 28.45 -8.58
CA TYR H 240 -6.67 27.00 -8.68
C TYR H 240 -8.07 26.43 -8.55
N THR H 241 -8.83 26.90 -7.55
CA THR H 241 -10.19 26.42 -7.35
C THR H 241 -11.09 26.73 -8.53
N VAL H 242 -11.03 27.96 -9.03
CA VAL H 242 -11.84 28.32 -10.18
C VAL H 242 -11.55 27.34 -11.33
N VAL H 243 -10.29 26.99 -11.53
CA VAL H 243 -9.91 26.03 -12.57
C VAL H 243 -10.37 24.64 -12.17
N ASP H 244 -10.03 24.20 -10.97
CA ASP H 244 -10.40 22.84 -10.56
C ASP H 244 -11.94 22.57 -10.64
N TYR H 245 -12.75 23.65 -10.68
CA TYR H 245 -14.23 23.59 -10.71
C TYR H 245 -14.89 24.45 -11.78
N VAL H 246 -14.19 24.59 -12.91
CA VAL H 246 -14.68 25.34 -14.06
C VAL H 246 -16.03 24.88 -14.55
N ASN H 247 -16.18 23.58 -14.71
CA ASN H 247 -17.40 23.02 -15.25
C ASN H 247 -18.57 23.20 -14.28
N GLN H 248 -18.29 23.04 -13.03
CA GLN H 248 -19.28 23.18 -12.00
C GLN H 248 -19.80 24.62 -12.05
N ILE H 249 -18.87 25.56 -12.19
CA ILE H 249 -19.18 26.99 -12.28
C ILE H 249 -19.91 27.30 -13.60
N ILE H 250 -19.45 26.69 -14.69
CA ILE H 250 -20.07 26.91 -15.99
C ILE H 250 -21.49 26.33 -15.99
N GLN H 251 -21.64 25.14 -15.40
CA GLN H 251 -22.93 24.48 -15.34
C GLN H 251 -23.97 25.29 -14.58
N ALA H 252 -23.51 26.14 -13.67
CA ALA H 252 -24.42 26.98 -12.91
C ALA H 252 -24.90 28.21 -13.74
N MET H 253 -24.37 28.41 -14.99
CA MET H 253 -24.68 29.51 -15.95
C MET H 253 -25.42 28.94 -17.21
N SER H 254 -24.74 28.98 -18.40
CA SER H 254 -25.16 28.35 -19.71
C SER H 254 -26.00 29.10 -20.72
N LYS H 255 -25.32 29.38 -21.87
CA LYS H 255 -25.93 30.02 -22.99
C LYS H 255 -25.76 31.50 -22.88
N PRO I 1 -62.95 27.75 16.39
CA PRO I 1 -63.29 27.09 15.14
C PRO I 1 -64.34 27.85 14.33
N ILE I 2 -63.34 27.59 13.21
CA ILE I 2 -64.16 27.93 12.03
C ILE I 2 -64.51 26.68 11.22
N THR I 3 -65.69 26.74 10.62
CA THR I 3 -66.09 25.82 9.54
C THR I 3 -65.05 25.84 8.42
N GLY I 4 -64.75 24.67 7.88
CA GLY I 4 -63.66 24.53 6.91
C GLY I 4 -64.08 24.46 5.44
N SER I 5 -65.38 24.63 5.16
CA SER I 5 -65.83 24.49 3.77
C SER I 5 -65.16 25.54 2.89
N MET I 6 -64.68 24.94 1.62
CA MET I 6 -63.92 25.62 0.54
C MET I 6 -64.89 26.25 -0.42
N ASP I 7 -65.43 27.37 0.05
CA ASP I 7 -66.41 28.10 -0.77
C ASP I 7 -65.78 28.76 -2.00
N THR I 8 -64.70 28.81 -1.35
CA THR I 8 -63.67 29.23 -2.29
C THR I 8 -63.71 30.59 -2.91
N ALA I 9 -64.12 31.59 -2.19
CA ALA I 9 -64.34 33.00 -2.58
C ALA I 9 -63.33 34.15 -2.26
N TYR I 10 -62.44 34.21 -2.74
CA TYR I 10 -61.65 35.28 -2.11
C TYR I 10 -62.32 36.63 -2.33
N ALA I 11 -62.43 37.35 -1.23
CA ALA I 11 -62.95 38.71 -1.13
C ALA I 11 -61.83 39.69 -1.49
N ASN I 12 -62.09 40.37 -2.62
CA ASN I 12 -61.18 41.26 -3.31
C ASN I 12 -60.43 42.41 -2.63
N SER I 13 -59.17 42.56 -3.05
CA SER I 13 -58.33 43.63 -2.55
C SER I 13 -57.51 43.35 -1.29
N THR I 14 -58.04 43.86 -0.18
CA THR I 14 -57.40 43.73 1.14
C THR I 14 -56.68 45.05 1.38
N GLN I 15 -55.89 45.50 0.39
CA GLN I 15 -55.16 46.77 0.57
C GLN I 15 -56.09 47.97 0.60
N GLU I 16 -57.36 47.85 0.11
CA GLU I 16 -58.30 49.00 0.10
C GLU I 16 -59.06 49.12 1.38
N GLU I 17 -58.72 48.34 2.37
CA GLU I 17 -59.38 48.54 3.64
C GLU I 17 -58.35 49.17 4.54
N THR I 18 -57.12 48.76 4.30
CA THR I 18 -55.96 49.24 5.05
C THR I 18 -55.64 50.67 4.67
N PHE I 19 -55.79 50.99 3.40
CA PHE I 19 -55.57 52.39 3.00
C PHE I 19 -56.55 53.33 3.69
N LEU I 20 -57.79 52.87 3.77
CA LEU I 20 -58.80 53.74 4.38
C LEU I 20 -58.72 53.79 5.91
N THR I 21 -58.61 52.62 6.51
CA THR I 21 -58.72 52.58 7.99
C THR I 21 -57.44 52.50 8.76
N SER I 22 -56.30 52.25 8.18
CA SER I 22 -55.15 52.11 9.12
C SER I 22 -54.18 53.33 9.11
N THR I 23 -53.23 53.39 10.12
CA THR I 23 -52.15 54.43 10.22
C THR I 23 -50.77 53.77 10.06
N LEU I 24 -49.80 54.49 9.45
CA LEU I 24 -48.46 54.00 9.20
C LEU I 24 -47.47 54.93 9.92
N CYS I 25 -46.62 54.35 10.78
CA CYS I 25 -45.63 55.09 11.55
C CYS I 25 -44.22 54.67 11.16
N LEU I 26 -43.44 55.63 10.64
CA LEU I 26 -42.07 55.39 10.20
C LEU I 26 -41.06 55.80 11.24
N TYR I 27 -40.23 54.87 11.67
CA TYR I 27 -39.21 55.20 12.66
C TYR I 27 -37.85 55.22 11.97
N TYR I 28 -37.14 56.28 12.18
CA TYR I 28 -35.82 56.40 11.63
C TYR I 28 -34.93 57.02 12.68
N PRO I 29 -33.62 56.98 12.46
CA PRO I 29 -32.60 57.60 13.30
C PRO I 29 -32.38 59.05 12.91
N THR I 30 -31.81 59.85 13.81
CA THR I 30 -31.56 61.25 13.49
C THR I 30 -30.70 61.36 12.24
N GLU I 31 -29.55 60.71 12.25
CA GLU I 31 -28.67 60.79 11.09
C GLU I 31 -29.42 60.71 9.76
N ALA I 32 -30.47 59.88 9.73
CA ALA I 32 -31.27 59.70 8.51
C ALA I 32 -31.85 61.03 8.05
N ALA I 33 -32.55 61.70 8.95
CA ALA I 33 -33.16 62.98 8.62
C ALA I 33 -32.12 64.06 8.40
N THR I 34 -31.06 64.09 9.22
CA THR I 34 -30.02 65.12 9.04
C THR I 34 -29.43 65.09 7.63
N GLU I 35 -29.25 63.89 7.08
CA GLU I 35 -28.68 63.77 5.75
C GLU I 35 -29.62 64.28 4.68
N ILE I 36 -30.91 64.32 5.00
CA ILE I 36 -31.90 64.76 4.04
C ILE I 36 -31.99 66.27 3.84
N ASN I 37 -31.70 66.97 4.93
CA ASN I 37 -31.53 68.39 5.06
C ASN I 37 -32.62 69.34 4.54
N ASP I 38 -33.84 68.88 4.60
CA ASP I 38 -34.96 69.67 4.11
C ASP I 38 -35.97 69.89 5.25
N ASN I 39 -36.61 71.05 5.27
CA ASN I 39 -37.59 71.37 6.27
C ASN I 39 -38.91 70.76 5.84
N SER I 40 -39.01 70.28 4.62
CA SER I 40 -40.27 69.74 4.16
C SER I 40 -40.22 68.30 3.72
N TRP I 41 -39.21 67.56 4.13
CA TRP I 41 -39.10 66.18 3.68
C TRP I 41 -40.27 65.34 4.17
N LYS I 42 -40.67 65.53 5.43
CA LYS I 42 -41.79 64.77 5.94
C LYS I 42 -43.01 65.06 5.08
N ASP I 43 -43.17 66.30 4.68
CA ASP I 43 -44.30 66.73 3.84
C ASP I 43 -44.24 66.15 2.42
N THR I 44 -43.12 66.32 1.74
CA THR I 44 -42.96 65.82 0.39
C THR I 44 -43.30 64.32 0.34
N LEU I 45 -42.69 63.55 1.23
CA LEU I 45 -42.94 62.12 1.28
C LEU I 45 -44.42 61.80 1.49
N SER I 46 -45.11 62.66 2.23
CA SER I 46 -46.53 62.45 2.52
C SER I 46 -47.41 62.56 1.30
N GLN I 47 -47.08 63.51 0.41
CA GLN I 47 -47.84 63.66 -0.82
C GLN I 47 -47.51 62.43 -1.66
N LEU I 48 -46.25 62.01 -1.61
CA LEU I 48 -45.85 60.84 -2.36
C LEU I 48 -46.58 59.61 -1.83
N PHE I 49 -46.95 59.65 -0.55
CA PHE I 49 -47.65 58.54 0.05
C PHE I 49 -49.10 58.45 -0.42
N LEU I 50 -49.64 59.53 -0.97
CA LEU I 50 -51.01 59.48 -1.46
C LEU I 50 -51.01 58.57 -2.68
N THR I 51 -49.93 58.61 -3.44
CA THR I 51 -49.78 57.77 -4.63
C THR I 51 -50.01 56.30 -4.28
N LYS I 52 -49.27 55.83 -3.29
CA LYS I 52 -49.39 54.46 -2.83
C LYS I 52 -50.72 54.20 -2.13
N GLY I 53 -51.50 55.26 -1.97
CA GLY I 53 -52.81 55.13 -1.37
C GLY I 53 -53.06 55.40 0.12
N TRP I 54 -52.32 56.33 0.71
CA TRP I 54 -52.53 56.65 2.12
C TRP I 54 -52.93 58.11 2.26
N PRO I 55 -54.17 58.36 2.65
CA PRO I 55 -54.76 59.70 2.83
C PRO I 55 -53.85 60.59 3.67
N THR I 56 -53.87 61.88 3.35
CA THR I 56 -53.03 62.85 4.04
C THR I 56 -52.76 62.61 5.53
N GLY I 57 -53.78 62.72 6.38
CA GLY I 57 -53.55 62.54 7.82
C GLY I 57 -53.14 61.16 8.32
N SER I 58 -52.87 60.26 7.38
CA SER I 58 -52.52 58.89 7.69
C SER I 58 -51.12 58.52 8.18
N VAL I 59 -50.08 59.01 7.51
CA VAL I 59 -48.70 58.65 7.88
C VAL I 59 -47.96 59.56 8.88
N TYR I 60 -47.35 58.95 9.90
CA TYR I 60 -46.58 59.70 10.93
C TYR I 60 -45.07 59.40 10.92
N PHE I 61 -44.24 60.41 11.19
CA PHE I 61 -42.78 60.25 11.19
C PHE I 61 -42.13 60.45 12.56
N LYS I 62 -41.74 59.31 13.28
CA LYS I 62 -41.10 59.33 14.65
C LYS I 62 -39.56 59.13 14.49
N GLU I 63 -38.81 60.04 15.12
CA GLU I 63 -37.35 60.19 15.17
C GLU I 63 -36.62 59.56 16.38
N TYR I 64 -36.06 58.35 16.27
CA TYR I 64 -35.37 57.86 17.46
C TYR I 64 -33.95 58.39 17.45
N THR I 65 -33.20 58.94 18.25
CA THR I 65 -31.85 59.32 17.79
C THR I 65 -30.80 58.24 17.99
N ASP I 66 -31.14 57.17 18.66
CA ASP I 66 -30.18 56.10 18.81
C ASP I 66 -30.92 54.77 18.95
N ILE I 67 -30.23 53.69 18.66
CA ILE I 67 -30.86 52.39 18.90
C ILE I 67 -31.09 52.14 20.39
N ALA I 68 -30.27 52.68 21.27
CA ALA I 68 -30.42 52.48 22.71
C ALA I 68 -31.62 53.19 23.27
N SER I 69 -31.80 54.55 22.84
CA SER I 69 -32.99 55.23 23.38
C SER I 69 -34.28 54.66 22.81
N PHE I 70 -34.29 54.43 21.50
CA PHE I 70 -35.44 53.88 20.81
C PHE I 70 -35.85 52.55 21.44
N SER I 71 -34.84 51.75 21.77
CA SER I 71 -35.07 50.44 22.38
C SER I 71 -35.84 50.53 23.69
N VAL I 72 -35.62 51.61 24.43
CA VAL I 72 -36.30 51.82 25.71
C VAL I 72 -37.78 52.19 25.55
N ASP I 73 -37.77 53.64 24.95
CA ASP I 73 -38.87 54.58 24.86
C ASP I 73 -39.87 54.36 23.72
N PRO I 74 -39.52 53.40 22.85
CA PRO I 74 -40.27 52.77 21.74
C PRO I 74 -41.68 52.26 22.02
N GLN I 75 -42.54 53.12 22.48
CA GLN I 75 -43.97 52.87 22.40
C GLN I 75 -44.49 53.19 21.01
N LEU I 76 -44.78 52.18 20.42
CA LEU I 76 -45.27 52.10 19.02
C LEU I 76 -46.56 52.85 18.92
N TYR I 77 -46.60 53.91 18.15
CA TYR I 77 -47.80 54.76 18.11
C TYR I 77 -48.89 54.36 17.13
N CYS I 78 -48.52 53.87 15.97
CA CYS I 78 -49.51 53.60 14.97
C CYS I 78 -49.75 52.14 14.77
N ASP I 79 -50.85 51.89 14.04
CA ASP I 79 -51.37 50.57 13.61
C ASP I 79 -50.24 49.75 13.01
N TYR I 80 -49.55 50.36 12.02
CA TYR I 80 -48.41 49.71 11.34
C TYR I 80 -47.14 50.48 11.61
N ASN I 81 -46.14 49.78 12.12
CA ASN I 81 -44.88 50.42 12.40
C ASN I 81 -43.76 49.78 11.58
N VAL I 82 -43.04 50.58 10.81
CA VAL I 82 -41.93 50.07 10.03
C VAL I 82 -40.76 50.90 10.53
N VAL I 83 -39.80 50.23 11.17
CA VAL I 83 -38.65 50.89 11.76
C VAL I 83 -37.36 50.67 10.95
N LEU I 84 -36.71 51.79 10.62
CA LEU I 84 -35.48 51.80 9.83
C LEU I 84 -34.26 51.75 10.75
N MET I 85 -33.44 50.72 10.58
CA MET I 85 -32.21 50.52 11.36
C MET I 85 -31.01 50.41 10.43
N LYS I 86 -30.05 51.32 10.57
CA LYS I 86 -28.85 51.30 9.71
C LYS I 86 -27.63 50.71 10.41
N TYR I 87 -27.09 49.67 9.84
CA TYR I 87 -26.00 48.94 10.47
C TYR I 87 -24.85 49.77 11.06
N ASP I 88 -24.78 49.57 12.38
CA ASP I 88 -23.74 50.04 13.27
C ASP I 88 -23.19 48.74 13.87
N ALA I 89 -21.98 48.38 13.46
CA ALA I 89 -21.39 47.09 13.81
C ALA I 89 -21.06 46.87 15.30
N THR I 90 -20.85 47.92 16.03
CA THR I 90 -20.49 47.73 17.47
C THR I 90 -21.74 47.55 18.28
N LEU I 91 -22.87 48.04 17.75
CA LEU I 91 -24.17 47.99 18.45
C LEU I 91 -25.08 46.83 18.15
N GLN I 92 -24.59 45.87 17.39
CA GLN I 92 -25.32 44.68 16.92
C GLN I 92 -26.23 44.00 17.94
N LEU I 93 -25.70 43.67 19.09
CA LEU I 93 -26.53 43.05 20.13
C LEU I 93 -27.57 44.04 20.67
N ASP I 94 -27.26 45.32 20.59
CA ASP I 94 -28.19 46.35 21.11
C ASP I 94 -29.49 46.38 20.32
N MET I 95 -29.09 46.19 18.93
CA MET I 95 -30.00 46.06 17.81
C MET I 95 -30.82 44.76 17.88
N SER I 96 -30.19 43.66 18.22
CA SER I 96 -30.78 42.33 18.34
C SER I 96 -31.82 42.28 19.45
N GLU I 97 -31.44 42.88 20.59
CA GLU I 97 -32.27 42.99 21.77
C GLU I 97 -33.46 43.90 21.43
N LEU I 98 -33.25 44.96 20.67
CA LEU I 98 -34.35 45.84 20.27
C LEU I 98 -35.29 45.16 19.28
N ALA I 99 -34.72 44.40 18.35
CA ALA I 99 -35.53 43.70 17.36
C ALA I 99 -36.39 42.70 18.09
N ASP I 100 -35.76 41.90 18.95
CA ASP I 100 -36.42 40.86 19.73
C ASP I 100 -37.64 41.42 20.47
N LEU I 101 -37.59 42.69 20.84
CA LEU I 101 -38.70 43.30 21.53
C LEU I 101 -39.83 43.78 20.60
N ILE I 102 -39.50 44.46 19.51
CA ILE I 102 -40.54 44.94 18.59
C ILE I 102 -41.17 43.85 17.77
N LEU I 103 -40.34 43.04 17.15
CA LEU I 103 -40.79 41.94 16.30
C LEU I 103 -41.64 40.89 17.01
N ASN I 104 -41.57 40.87 18.34
CA ASN I 104 -42.32 39.89 19.11
C ASN I 104 -43.37 40.45 20.05
N GLU I 105 -44.23 39.55 20.49
CA GLU I 105 -45.33 39.86 21.40
C GLU I 105 -44.89 39.55 22.85
N TRP I 106 -44.91 40.40 23.84
CA TRP I 106 -44.27 40.20 25.14
C TRP I 106 -45.32 40.35 26.25
N LEU I 107 -45.14 39.59 27.31
CA LEU I 107 -46.06 39.65 28.45
C LEU I 107 -45.04 39.83 29.57
N CYS I 108 -45.15 40.89 30.40
CA CYS I 108 -44.32 41.10 31.57
C CYS I 108 -45.03 41.42 32.88
N ASN I 109 -44.31 41.15 33.96
CA ASN I 109 -44.75 41.40 35.34
C ASN I 109 -43.57 42.10 35.96
N PRO I 110 -43.77 42.79 37.09
CA PRO I 110 -42.66 43.50 37.74
C PRO I 110 -41.91 42.60 38.71
N MET I 111 -40.62 42.85 38.86
CA MET I 111 -39.76 42.07 39.75
C MET I 111 -39.21 42.91 40.90
N ASP I 112 -39.21 42.37 42.11
CA ASP I 112 -38.65 43.11 43.22
C ASP I 112 -37.33 42.47 43.59
N ILE I 113 -36.27 42.97 42.98
CA ILE I 113 -34.93 42.47 43.21
C ILE I 113 -34.55 42.48 44.68
N THR I 114 -35.10 43.43 45.43
CA THR I 114 -34.84 43.62 46.85
C THR I 114 -35.28 42.47 47.76
N LEU I 115 -36.58 42.17 47.75
CA LEU I 115 -37.13 41.15 48.64
C LEU I 115 -37.15 39.72 48.05
N TYR I 116 -37.00 39.08 46.73
CA TYR I 116 -37.37 37.73 46.26
C TYR I 116 -36.35 37.46 45.10
N TYR I 117 -35.73 36.31 45.26
CA TYR I 117 -34.71 35.93 44.34
C TYR I 117 -35.44 35.20 43.32
N TYR I 118 -35.31 35.50 42.02
CA TYR I 118 -36.16 34.71 41.08
C TYR I 118 -35.45 33.60 40.22
N GLN I 119 -36.22 32.96 39.25
CA GLN I 119 -35.85 31.84 38.29
C GLN I 119 -36.72 31.86 36.99
N GLN I 120 -36.13 31.54 35.83
CA GLN I 120 -36.89 31.56 34.59
C GLN I 120 -37.43 30.14 34.47
N THR I 121 -38.59 29.99 33.84
CA THR I 121 -39.21 28.68 33.72
C THR I 121 -38.99 27.87 32.44
N ASP I 122 -39.19 28.47 31.27
CA ASP I 122 -39.05 27.78 30.00
C ASP I 122 -38.24 28.58 28.98
N GLU I 123 -38.09 28.04 27.76
CA GLU I 123 -37.34 28.76 26.75
C GLU I 123 -38.02 30.08 26.41
N ALA I 124 -39.12 30.38 27.10
CA ALA I 124 -39.87 31.61 26.82
C ALA I 124 -39.96 32.58 27.97
N ASN I 125 -39.31 32.27 29.08
CA ASN I 125 -39.34 33.15 30.23
C ASN I 125 -37.99 33.85 30.24
N LYS I 126 -37.98 35.16 29.96
CA LYS I 126 -36.73 35.94 29.91
C LYS I 126 -36.86 37.20 30.77
N TRP I 127 -35.73 37.77 31.18
CA TRP I 127 -35.77 38.99 31.99
C TRP I 127 -35.40 40.21 31.16
N ILE I 128 -36.39 41.00 30.77
CA ILE I 128 -36.13 42.18 29.97
C ILE I 128 -36.07 43.43 30.84
N SER I 129 -34.87 43.98 30.94
CA SER I 129 -34.59 45.18 31.72
C SER I 129 -34.16 46.29 30.78
N MET I 130 -34.51 47.54 31.09
CA MET I 130 -34.12 48.69 30.24
C MET I 130 -34.19 50.05 30.97
N GLY I 131 -33.31 50.96 30.57
CA GLY I 131 -33.28 52.28 31.21
C GLY I 131 -32.02 53.07 30.90
N SER I 132 -31.70 54.04 31.77
CA SER I 132 -30.51 54.90 31.61
C SER I 132 -29.26 54.07 31.47
N SER I 133 -28.94 53.33 32.53
CA SER I 133 -27.77 52.48 32.55
C SER I 133 -28.11 51.19 33.28
N CYS I 134 -28.29 50.12 32.50
CA CYS I 134 -28.64 48.85 33.09
C CYS I 134 -27.44 47.93 33.38
N THR I 135 -27.13 47.73 34.66
CA THR I 135 -26.02 46.87 35.06
C THR I 135 -26.53 45.74 35.98
N ILE I 136 -26.59 44.53 35.42
CA ILE I 136 -27.10 43.35 36.14
C ILE I 136 -26.08 42.30 36.55
N LYS I 137 -25.98 42.03 37.85
CA LYS I 137 -25.09 41.02 38.39
C LYS I 137 -25.99 39.91 38.95
N VAL I 138 -25.61 38.65 38.76
CA VAL I 138 -26.45 37.55 39.22
C VAL I 138 -25.73 36.56 40.13
N CYS I 139 -26.51 35.89 40.99
CA CYS I 139 -25.97 34.87 41.89
C CYS I 139 -26.91 33.66 42.03
N PRO I 140 -26.59 32.56 41.33
CA PRO I 140 -27.36 31.31 41.33
C PRO I 140 -27.43 30.68 42.71
N LEU I 141 -28.63 30.23 43.07
CA LEU I 141 -28.85 29.62 44.37
C LEU I 141 -29.09 28.13 44.27
N ASN I 142 -28.50 27.38 45.19
CA ASN I 142 -28.71 25.94 45.22
C ASN I 142 -30.03 25.83 45.97
N THR I 143 -30.54 24.61 46.13
CA THR I 143 -31.83 24.41 46.80
C THR I 143 -31.89 24.76 48.29
N GLN I 144 -30.99 25.64 48.74
CA GLN I 144 -30.95 26.04 50.14
C GLN I 144 -31.00 27.55 50.32
N THR I 145 -30.94 28.26 49.19
CA THR I 145 -30.93 29.72 49.19
C THR I 145 -29.48 30.15 49.45
N LEU I 146 -28.55 29.26 49.11
CA LEU I 146 -27.13 29.53 49.29
C LEU I 146 -26.48 29.77 47.93
N GLY I 147 -25.45 30.61 47.91
CA GLY I 147 -24.80 30.88 46.63
C GLY I 147 -24.08 29.67 46.05
N ILE I 148 -23.80 29.74 44.75
CA ILE I 148 -23.06 28.70 44.05
C ILE I 148 -22.01 29.51 43.31
N GLY I 149 -20.85 29.70 43.94
CA GLY I 149 -19.82 30.49 43.32
C GLY I 149 -20.00 31.93 43.76
N CYS I 150 -20.83 32.11 44.79
CA CYS I 150 -21.10 33.43 45.33
C CYS I 150 -21.70 33.43 46.74
N LEU I 151 -21.57 34.56 47.41
CA LEU I 151 -22.13 34.74 48.74
C LEU I 151 -23.30 35.69 48.60
N THR I 152 -24.50 35.17 48.81
CA THR I 152 -25.69 35.98 48.71
C THR I 152 -25.57 37.26 49.54
N THR I 153 -24.45 37.43 50.23
CA THR I 153 -24.24 38.61 51.07
C THR I 153 -23.40 39.73 50.46
N ASP I 154 -22.35 39.39 49.71
CA ASP I 154 -21.47 40.39 49.08
C ASP I 154 -21.52 40.31 47.55
N THR I 155 -22.15 41.33 46.94
CA THR I 155 -22.30 41.42 45.50
C THR I 155 -20.99 41.52 44.74
N ALA I 156 -19.87 41.50 45.46
CA ALA I 156 -18.58 41.56 44.79
C ALA I 156 -18.24 40.16 44.29
N THR I 157 -19.06 39.19 44.68
CA THR I 157 -18.84 37.81 44.26
C THR I 157 -19.87 37.39 43.21
N PHE I 158 -20.79 38.29 42.88
CA PHE I 158 -21.82 38.00 41.89
C PHE I 158 -21.21 37.84 40.52
N GLU I 159 -22.02 37.45 39.55
CA GLU I 159 -21.55 37.27 38.19
C GLU I 159 -22.21 38.36 37.35
N GLU I 160 -21.40 39.25 36.77
CA GLU I 160 -21.91 40.35 35.95
C GLU I 160 -22.30 39.86 34.55
N VAL I 161 -23.55 40.13 34.16
CA VAL I 161 -24.06 39.68 32.85
C VAL I 161 -24.57 40.83 31.95
N ALA I 162 -24.28 42.07 32.35
CA ALA I 162 -24.70 43.23 31.61
C ALA I 162 -24.05 44.45 32.23
N THR I 163 -23.25 45.18 31.46
CA THR I 163 -22.59 46.35 32.02
C THR I 163 -23.04 47.65 31.38
N ALA I 164 -24.05 48.26 31.99
CA ALA I 164 -24.58 49.54 31.53
C ALA I 164 -25.21 49.57 30.14
N GLU I 165 -26.21 48.73 29.89
CA GLU I 165 -26.87 48.73 28.59
C GLU I 165 -28.16 49.52 28.77
N LYS I 166 -28.75 49.85 27.60
CA LYS I 166 -29.99 50.65 27.48
C LYS I 166 -31.21 49.77 27.31
N LEU I 167 -30.98 48.51 26.91
CA LEU I 167 -31.98 47.45 26.69
C LEU I 167 -31.25 46.13 26.84
N VAL I 168 -31.77 45.25 27.69
CA VAL I 168 -31.15 43.95 27.93
C VAL I 168 -32.13 42.82 28.17
N ILE I 169 -32.00 41.74 27.39
CA ILE I 169 -32.85 40.56 27.56
C ILE I 169 -31.90 39.50 28.13
N THR I 170 -31.97 39.32 29.44
CA THR I 170 -31.11 38.38 30.15
C THR I 170 -31.66 36.97 30.21
N ASP I 171 -30.77 36.01 30.06
CA ASP I 171 -31.14 34.60 30.04
C ASP I 171 -30.25 33.83 31.00
N VAL I 172 -30.88 33.07 31.92
CA VAL I 172 -30.14 32.25 32.88
C VAL I 172 -30.56 30.81 32.76
N VAL I 173 -29.74 29.90 33.30
CA VAL I 173 -30.05 28.48 33.24
C VAL I 173 -31.45 28.24 33.84
N ASP I 174 -32.38 27.77 33.01
CA ASP I 174 -33.75 27.51 33.42
C ASP I 174 -33.91 26.62 34.65
N GLY I 175 -34.82 27.03 35.52
CA GLY I 175 -35.10 26.26 36.72
C GLY I 175 -34.09 26.40 37.85
N VAL I 176 -33.55 27.60 38.04
CA VAL I 176 -32.57 27.83 39.08
C VAL I 176 -32.85 29.20 39.69
N ASN I 177 -32.88 29.28 41.01
CA ASN I 177 -33.15 30.58 41.62
C ASN I 177 -31.90 31.43 41.63
N HIS I 178 -32.09 32.74 41.49
CA HIS I 178 -30.98 33.68 41.47
C HIS I 178 -31.22 34.94 42.29
N LYS I 179 -30.24 35.33 43.17
CA LYS I 179 -30.39 36.63 43.86
C LYS I 179 -29.92 37.61 42.83
N LEU I 180 -30.71 38.63 42.53
CA LEU I 180 -30.37 39.56 41.47
C LEU I 180 -29.87 40.86 42.03
N ASP I 181 -28.94 41.49 41.33
CA ASP I 181 -28.46 42.78 41.77
C ASP I 181 -28.41 43.75 40.61
N VAL I 182 -29.52 44.42 40.36
CA VAL I 182 -29.58 45.38 39.29
C VAL I 182 -29.35 46.75 39.91
N THR I 183 -29.06 47.74 39.06
CA THR I 183 -28.84 49.10 39.53
C THR I 183 -30.16 49.83 39.31
N THR I 184 -31.19 49.37 40.00
CA THR I 184 -32.55 49.89 39.93
C THR I 184 -32.69 51.41 39.90
N ALA I 185 -31.65 52.12 40.30
CA ALA I 185 -31.67 53.57 40.29
C ALA I 185 -31.89 54.09 38.86
N THR I 186 -31.07 53.57 37.97
CA THR I 186 -31.15 53.88 36.53
C THR I 186 -31.79 52.71 35.74
N CYS I 187 -32.06 51.57 36.31
CA CYS I 187 -32.66 50.49 35.53
C CYS I 187 -33.99 49.99 36.10
N THR I 188 -34.69 49.33 35.16
CA THR I 188 -35.96 48.71 35.59
C THR I 188 -35.88 47.27 35.05
N ILE I 189 -36.04 46.23 35.87
CA ILE I 189 -35.98 44.87 35.33
C ILE I 189 -37.35 44.21 35.60
N ARG I 190 -37.90 43.58 34.45
CA ARG I 190 -39.22 42.97 34.56
C ARG I 190 -39.15 41.54 33.99
N ASN I 191 -39.97 40.67 34.57
CA ASN I 191 -40.03 39.27 34.18
C ASN I 191 -41.03 38.99 33.05
N CYS I 192 -40.53 38.76 31.84
CA CYS I 192 -41.40 38.53 30.68
C CYS I 192 -41.48 37.12 30.10
N LYS I 193 -42.69 36.75 29.69
CA LYS I 193 -42.97 35.51 29.01
C LYS I 193 -43.19 35.83 27.54
N LYS I 194 -42.51 35.16 26.58
CA LYS I 194 -42.63 35.53 25.13
C LYS I 194 -43.74 34.86 24.35
N LEU I 195 -43.73 35.00 23.02
CA LEU I 195 -44.86 34.42 22.37
C LEU I 195 -45.19 34.92 20.99
N GLY I 196 -46.39 35.44 21.05
CA GLY I 196 -46.98 36.08 19.97
C GLY I 196 -45.91 36.97 19.42
N PRO I 197 -45.94 36.98 18.11
CA PRO I 197 -45.08 37.75 17.30
C PRO I 197 -45.86 38.96 16.89
N ARG I 198 -45.16 39.75 16.17
CA ARG I 198 -45.79 40.93 15.81
C ARG I 198 -46.13 41.03 14.39
N GLU I 199 -47.42 41.24 14.27
CA GLU I 199 -48.05 41.43 13.02
C GLU I 199 -48.00 42.91 12.65
N ASN I 200 -46.90 43.59 12.99
CA ASN I 200 -46.75 45.03 12.64
C ASN I 200 -45.30 45.32 12.16
N VAL I 201 -44.43 45.85 13.04
CA VAL I 201 -43.04 46.12 12.66
C VAL I 201 -42.70 45.26 11.46
N ALA I 202 -41.49 46.11 11.03
CA ALA I 202 -40.97 45.46 9.88
C ALA I 202 -39.63 46.05 9.89
N VAL I 203 -38.85 45.53 10.78
CA VAL I 203 -37.57 46.11 10.85
C VAL I 203 -36.91 46.08 9.51
N ILE I 204 -36.63 47.23 8.92
CA ILE I 204 -35.92 47.24 7.65
C ILE I 204 -34.50 47.61 7.99
N GLN I 205 -33.58 46.73 7.66
CA GLN I 205 -32.21 46.92 7.93
C GLN I 205 -31.41 47.59 6.82
N VAL I 206 -30.75 48.69 7.19
CA VAL I 206 -29.77 49.31 6.33
C VAL I 206 -28.47 48.93 6.96
N GLY I 207 -27.76 48.52 5.85
CA GLY I 207 -26.45 48.06 5.62
C GLY I 207 -26.08 46.67 6.06
N GLY I 208 -24.78 46.50 5.74
CA GLY I 208 -23.90 45.35 6.04
C GLY I 208 -23.81 44.26 5.02
N SER I 209 -24.27 43.16 5.49
CA SER I 209 -24.53 41.94 4.88
C SER I 209 -25.33 41.58 6.07
N ASP I 210 -26.47 40.98 5.99
CA ASP I 210 -26.91 40.50 7.26
C ASP I 210 -27.42 39.09 7.00
N VAL I 211 -27.67 38.56 8.10
CA VAL I 211 -28.23 37.34 8.48
C VAL I 211 -28.35 37.89 9.88
N LEU I 212 -29.35 37.52 10.58
CA LEU I 212 -29.63 38.04 11.90
C LEU I 212 -29.94 36.82 12.76
N ASP I 213 -29.27 36.61 13.87
CA ASP I 213 -29.56 35.52 14.77
C ASP I 213 -30.25 36.16 15.98
N ILE I 214 -31.58 36.11 15.98
CA ILE I 214 -32.35 36.72 17.05
C ILE I 214 -32.83 35.68 18.08
N THR I 215 -32.23 34.47 18.19
CA THR I 215 -32.67 33.53 19.23
C THR I 215 -31.69 33.55 20.38
N ALA I 216 -32.13 33.13 21.56
CA ALA I 216 -31.23 33.09 22.71
C ALA I 216 -30.48 31.83 22.65
N ASP I 217 -31.06 30.83 21.99
CA ASP I 217 -30.37 29.52 21.96
C ASP I 217 -29.33 29.47 20.78
N PRO I 218 -28.83 28.32 20.43
CA PRO I 218 -27.85 28.20 19.39
C PRO I 218 -28.44 27.31 18.40
N THR I 219 -29.55 26.78 18.82
CA THR I 219 -30.01 25.75 17.88
C THR I 219 -30.82 26.23 16.76
N THR I 220 -31.64 27.24 17.02
CA THR I 220 -32.60 27.81 16.05
C THR I 220 -32.16 29.16 15.48
N ALA I 221 -32.62 29.40 14.29
CA ALA I 221 -32.44 30.69 13.66
C ALA I 221 -33.72 31.05 12.93
N PRO I 222 -34.55 31.99 13.45
CA PRO I 222 -35.77 32.36 12.74
C PRO I 222 -35.64 33.69 12.01
N GLN I 223 -36.09 33.50 10.77
CA GLN I 223 -36.17 34.44 9.68
C GLN I 223 -37.65 34.67 9.38
N THR I 224 -38.14 35.84 9.74
CA THR I 224 -39.55 36.18 9.49
C THR I 224 -39.71 37.21 8.39
N GLU I 225 -40.94 37.39 7.91
CA GLU I 225 -41.25 38.36 6.84
C GLU I 225 -41.12 39.77 7.37
N ARG I 226 -41.41 39.96 8.67
CA ARG I 226 -41.34 41.29 9.32
C ARG I 226 -39.90 41.66 9.66
N MET I 227 -38.98 41.10 8.88
CA MET I 227 -37.54 41.34 9.06
C MET I 227 -36.94 41.54 7.65
N MET I 228 -37.07 42.76 7.11
CA MET I 228 -36.59 43.06 5.75
C MET I 228 -35.23 43.75 5.68
N ARG I 229 -34.61 43.79 4.49
CA ARG I 229 -33.27 44.45 4.34
C ARG I 229 -33.18 45.25 3.01
N ILE I 230 -32.59 46.45 3.11
CA ILE I 230 -32.41 47.38 1.97
C ILE I 230 -30.93 47.75 1.79
N ASN I 231 -30.51 47.88 0.53
CA ASN I 231 -29.12 48.24 0.20
C ASN I 231 -28.92 49.75 0.23
N TRP I 232 -28.07 50.20 1.16
CA TRP I 232 -27.77 51.61 1.34
C TRP I 232 -27.09 52.32 0.19
N LYS I 233 -27.57 53.51 -0.09
CA LYS I 233 -27.01 54.36 -1.12
C LYS I 233 -27.02 55.70 -0.41
N LYS I 234 -28.20 56.30 -0.36
CA LYS I 234 -28.42 57.58 0.27
C LYS I 234 -29.73 57.44 1.02
N TRP I 235 -29.95 58.26 2.03
CA TRP I 235 -31.19 58.16 2.77
C TRP I 235 -32.41 58.54 1.95
N TRP I 236 -32.28 59.53 1.08
CA TRP I 236 -33.45 59.88 0.27
C TRP I 236 -33.93 58.65 -0.50
N GLN I 237 -32.98 57.88 -1.01
CA GLN I 237 -33.30 56.67 -1.76
C GLN I 237 -34.03 55.66 -0.89
N VAL I 238 -33.55 55.47 0.34
CA VAL I 238 -34.18 54.53 1.25
C VAL I 238 -35.66 54.87 1.39
N PHE I 239 -35.96 56.13 1.73
CA PHE I 239 -37.34 56.55 1.89
C PHE I 239 -38.13 56.39 0.60
N TYR I 240 -37.55 56.75 -0.54
CA TYR I 240 -38.28 56.59 -1.80
C TYR I 240 -38.72 55.15 -1.91
N THR I 241 -37.81 54.21 -1.67
CA THR I 241 -38.13 52.79 -1.76
C THR I 241 -39.21 52.39 -0.76
N VAL I 242 -39.07 52.83 0.49
CA VAL I 242 -40.07 52.51 1.50
C VAL I 242 -41.44 52.97 1.01
N VAL I 243 -41.50 54.15 0.39
CA VAL I 243 -42.76 54.66 -0.14
C VAL I 243 -43.17 53.87 -1.37
N ASP I 244 -42.26 53.72 -2.33
CA ASP I 244 -42.60 53.00 -3.55
C ASP I 244 -43.11 51.55 -3.31
N TYR I 245 -42.82 51.00 -2.09
CA TYR I 245 -43.20 49.62 -1.69
C TYR I 245 -43.87 49.50 -0.33
N VAL I 246 -44.62 50.54 0.02
CA VAL I 246 -45.38 50.59 1.27
C VAL I 246 -46.29 49.41 1.47
N ASN I 247 -47.07 49.10 0.44
CA ASN I 247 -48.04 48.03 0.53
C ASN I 247 -47.37 46.67 0.66
N GLN I 248 -46.31 46.50 -0.05
CA GLN I 248 -45.56 45.26 -0.02
C GLN I 248 -45.06 45.05 1.40
N ILE I 249 -44.56 46.12 1.99
CA ILE I 249 -44.04 46.13 3.37
C ILE I 249 -45.19 45.93 4.36
N ILE I 250 -46.31 46.61 4.13
CA ILE I 250 -47.47 46.48 5.01
C ILE I 250 -48.02 45.06 4.93
N GLN I 251 -48.09 44.52 3.71
CA GLN I 251 -48.61 43.19 3.50
C GLN I 251 -47.80 42.11 4.22
N ALA I 252 -46.54 42.39 4.48
CA ALA I 252 -45.69 41.46 5.19
C ALA I 252 -45.95 41.49 6.72
N MET I 253 -46.82 42.42 7.22
CA MET I 253 -47.21 42.64 8.64
C MET I 253 -48.71 42.26 8.87
N SER I 254 -49.58 43.28 9.15
CA SER I 254 -51.08 43.20 9.24
C SER I 254 -51.80 42.88 10.55
N LYS I 255 -52.51 43.94 11.02
CA LYS I 255 -53.31 43.84 12.21
C LYS I 255 -52.51 44.23 13.40
N PRO J 1 -28.20 -3.68 6.06
CA PRO J 1 -29.66 -3.70 6.07
C PRO J 1 -30.22 -4.29 7.37
N ILE J 2 -31.10 -3.04 7.28
CA ILE J 2 -32.14 -3.36 8.27
C ILE J 2 -33.49 -3.65 7.62
N THR J 3 -34.23 -4.54 8.25
CA THR J 3 -35.66 -4.73 7.99
C THR J 3 -36.40 -3.40 8.14
N GLY J 4 -37.33 -3.16 7.23
CA GLY J 4 -38.00 -1.84 7.16
C GLY J 4 -39.39 -1.78 7.79
N SER J 5 -39.84 -2.88 8.44
CA SER J 5 -41.19 -2.86 8.99
C SER J 5 -41.33 -1.78 10.05
N MET J 6 -42.60 -1.02 9.87
CA MET J 6 -43.06 0.15 10.66
C MET J 6 -43.80 -0.33 11.87
N ASP J 7 -43.00 -0.78 12.83
CA ASP J 7 -43.58 -1.30 14.09
C ASP J 7 -44.20 -0.21 14.94
N THR J 8 -43.40 0.61 14.41
CA THR J 8 -43.80 1.94 14.83
C THR J 8 -43.72 2.34 16.26
N ALA J 9 -42.72 1.91 16.99
CA ALA J 9 -42.46 2.08 18.43
C ALA J 9 -41.44 3.12 19.00
N TYR J 10 -41.63 4.11 18.97
CA TYR J 10 -40.43 4.83 19.41
C TYR J 10 -40.15 4.52 20.89
N ALA J 11 -38.89 4.20 21.11
CA ALA J 11 -38.29 3.92 22.41
C ALA J 11 -37.92 5.25 23.08
N ASN J 12 -38.63 5.49 24.18
CA ASN J 12 -38.61 6.72 24.96
C ASN J 12 -37.35 7.40 25.47
N SER J 13 -37.38 8.73 25.38
CA SER J 13 -36.28 9.55 25.85
C SER J 13 -35.14 9.84 24.88
N THR J 14 -34.07 9.09 25.05
CA THR J 14 -32.85 9.24 24.24
C THR J 14 -31.89 10.07 25.07
N GLN J 15 -32.37 11.19 25.61
CA GLN J 15 -31.49 12.04 26.42
C GLN J 15 -31.10 11.38 27.74
N GLU J 16 -31.88 10.33 28.16
CA GLU J 16 -31.59 9.65 29.47
C GLU J 16 -30.44 8.66 29.38
N GLU J 17 -30.05 8.30 28.19
CA GLU J 17 -28.91 7.40 28.05
C GLU J 17 -27.62 8.23 27.94
N THR J 18 -27.76 9.39 27.27
CA THR J 18 -26.64 10.29 27.09
C THR J 18 -26.24 10.98 28.37
N PHE J 19 -27.22 11.29 29.19
CA PHE J 19 -26.88 11.89 30.50
C PHE J 19 -26.07 10.90 31.34
N LEU J 20 -26.47 9.65 31.28
CA LEU J 20 -25.76 8.67 32.11
C LEU J 20 -24.41 8.27 31.53
N THR J 21 -24.40 7.96 30.24
CA THR J 21 -23.17 7.36 29.66
C THR J 21 -22.26 8.28 28.91
N SER J 22 -22.62 9.55 28.61
CA SER J 22 -21.65 10.30 27.80
C SER J 22 -20.84 11.38 28.58
N THR J 23 -19.83 12.04 27.89
CA THR J 23 -18.98 13.14 28.43
C THR J 23 -19.13 14.35 27.48
N LEU J 24 -19.13 15.53 28.08
CA LEU J 24 -19.30 16.78 27.35
C LEU J 24 -18.04 17.64 27.57
N CYS J 25 -17.38 18.04 26.48
CA CYS J 25 -16.16 18.85 26.53
C CYS J 25 -16.40 20.21 25.89
N LEU J 26 -16.25 21.27 26.69
CA LEU J 26 -16.45 22.64 26.23
C LEU J 26 -15.15 23.32 25.89
N TYR J 27 -15.02 23.78 24.66
CA TYR J 27 -13.81 24.47 24.26
C TYR J 27 -14.10 25.96 24.13
N TYR J 28 -13.28 26.75 24.75
CA TYR J 28 -13.44 28.18 24.68
C TYR J 28 -12.05 28.77 24.54
N PRO J 29 -11.97 30.06 24.20
CA PRO J 29 -10.75 30.85 24.10
C PRO J 29 -10.39 31.44 25.45
N THR J 30 -9.12 31.82 25.63
CA THR J 30 -8.70 32.39 26.90
C THR J 30 -9.55 33.61 27.22
N GLU J 31 -9.60 34.58 26.30
CA GLU J 31 -10.37 35.78 26.56
C GLU J 31 -11.71 35.49 27.22
N ALA J 32 -12.34 34.38 26.84
CA ALA J 32 -13.63 34.00 27.40
C ALA J 32 -13.54 33.85 28.91
N ALA J 33 -12.61 33.02 29.36
CA ALA J 33 -12.44 32.79 30.78
C ALA J 33 -11.91 34.02 31.49
N THR J 34 -10.97 34.75 30.89
CA THR J 34 -10.44 35.95 31.53
C THR J 34 -11.53 36.94 31.87
N GLU J 35 -12.52 37.08 31.00
CA GLU J 35 -13.61 38.01 31.24
C GLU J 35 -14.51 37.58 32.39
N ILE J 36 -14.47 36.29 32.68
CA ILE J 36 -15.31 35.74 33.73
C ILE J 36 -14.81 36.00 35.14
N ASN J 37 -13.48 36.05 35.25
CA ASN J 37 -12.69 36.41 36.38
C ASN J 37 -12.93 35.73 37.74
N ASP J 38 -13.34 34.50 37.69
CA ASP J 38 -13.65 33.75 38.90
C ASP J 38 -12.77 32.48 38.95
N ASN J 39 -12.37 32.10 40.14
CA ASN J 39 -11.55 30.91 40.33
C ASN J 39 -12.49 29.71 40.36
N SER J 40 -13.78 29.94 40.45
CA SER J 40 -14.68 28.81 40.53
C SER J 40 -15.73 28.75 39.44
N TRP J 41 -15.49 29.43 38.32
CA TRP J 41 -16.49 29.41 37.27
C TRP J 41 -16.70 28.03 36.71
N LYS J 42 -15.61 27.29 36.51
CA LYS J 42 -15.75 25.95 35.97
C LYS J 42 -16.62 25.13 36.92
N ASP J 43 -16.43 25.34 38.22
CA ASP J 43 -17.20 24.63 39.25
C ASP J 43 -18.68 25.04 39.29
N THR J 44 -18.95 26.34 39.38
CA THR J 44 -20.32 26.83 39.41
C THR J 44 -21.11 26.26 38.22
N LEU J 45 -20.57 26.42 37.01
CA LEU J 45 -21.25 25.91 35.83
C LEU J 45 -21.52 24.41 35.91
N SER J 46 -20.63 23.68 36.58
CA SER J 46 -20.77 22.23 36.71
C SER J 46 -21.96 21.83 37.55
N GLN J 47 -22.22 22.58 38.62
CA GLN J 47 -23.38 22.30 39.46
C GLN J 47 -24.60 22.65 38.62
N LEU J 48 -24.49 23.74 37.86
CA LEU J 48 -25.58 24.14 37.01
C LEU J 48 -25.84 23.08 35.96
N PHE J 49 -24.80 22.33 35.60
CA PHE J 49 -24.94 21.28 34.61
C PHE J 49 -25.69 20.08 35.15
N LEU J 50 -25.78 19.93 36.47
CA LEU J 50 -26.52 18.81 37.03
C LEU J 50 -27.99 19.04 36.71
N THR J 51 -28.41 20.30 36.72
CA THR J 51 -29.78 20.68 36.40
C THR J 51 -30.21 20.09 35.07
N LYS J 52 -29.41 20.37 34.04
CA LYS J 52 -29.67 19.88 32.70
C LYS J 52 -29.46 18.37 32.61
N GLY J 53 -29.00 17.77 33.71
CA GLY J 53 -28.82 16.33 33.75
C GLY J 53 -27.46 15.67 33.48
N TRP J 54 -26.36 16.33 33.84
CA TRP J 54 -25.04 15.75 33.63
C TRP J 54 -24.34 15.59 34.97
N PRO J 55 -24.15 14.35 35.41
CA PRO J 55 -23.50 13.99 36.67
C PRO J 55 -22.18 14.72 36.86
N THR J 56 -21.87 15.03 38.11
CA THR J 56 -20.65 15.76 38.42
C THR J 56 -19.42 15.49 37.57
N GLY J 57 -18.85 14.29 37.64
CA GLY J 57 -17.65 14.01 36.86
C GLY J 57 -17.76 13.98 35.33
N SER J 58 -18.92 14.37 34.83
CA SER J 58 -19.22 14.36 33.41
C SER J 58 -18.67 15.44 32.48
N VAL J 59 -18.79 16.70 32.85
CA VAL J 59 -18.34 17.80 31.97
C VAL J 59 -16.91 18.32 32.15
N TYR J 60 -16.19 18.47 31.05
CA TYR J 60 -14.79 18.98 31.06
C TYR J 60 -14.63 20.33 30.35
N PHE J 61 -13.74 21.19 30.88
CA PHE J 61 -13.51 22.52 30.30
C PHE J 61 -12.10 22.73 29.74
N LYS J 62 -11.91 22.66 28.35
CA LYS J 62 -10.59 22.82 27.65
C LYS J 62 -10.50 24.26 27.06
N GLU J 63 -9.37 24.91 27.39
CA GLU J 63 -8.95 26.29 27.06
C GLU J 63 -8.05 26.46 25.82
N TYR J 64 -8.58 26.80 24.63
CA TYR J 64 -7.63 26.98 23.55
C TYR J 64 -7.09 28.40 23.59
N THR J 65 -6.00 28.92 23.52
CA THR J 65 -5.92 30.40 23.62
C THR J 65 -6.03 31.12 22.30
N ASP J 66 -6.01 30.39 21.21
CA ASP J 66 -6.17 31.05 19.92
C ASP J 66 -6.81 30.08 18.94
N ILE J 67 -7.42 30.62 17.91
CA ILE J 67 -7.94 29.73 16.87
C ILE J 67 -6.82 28.99 16.14
N ALA J 68 -5.64 29.56 16.02
CA ALA J 68 -4.52 28.93 15.33
C ALA J 68 -3.96 27.75 16.09
N SER J 69 -3.75 27.96 17.50
CA SER J 69 -3.23 26.81 18.24
C SER J 69 -4.25 25.69 18.35
N PHE J 70 -5.49 26.06 18.67
CA PHE J 70 -6.58 25.12 18.80
C PHE J 70 -6.73 24.31 17.51
N SER J 71 -6.60 24.98 16.38
CA SER J 71 -6.72 24.35 15.08
C SER J 71 -5.71 23.23 14.89
N VAL J 72 -4.53 23.39 15.48
CA VAL J 72 -3.48 22.38 15.36
C VAL J 72 -3.77 21.12 16.19
N ASP J 73 -3.61 21.57 17.68
CA ASP J 73 -3.48 20.75 18.87
C ASP J 73 -4.79 20.16 19.43
N PRO J 74 -5.90 20.59 18.82
CA PRO J 74 -7.30 20.13 18.92
C PRO J 74 -7.60 18.64 18.80
N GLN J 75 -6.99 17.84 19.63
CA GLN J 75 -7.47 16.49 19.86
C GLN J 75 -8.64 16.51 20.85
N LEU J 76 -9.66 16.26 20.28
CA LEU J 76 -11.02 16.25 20.91
C LEU J 76 -11.03 15.20 21.98
N TYR J 77 -11.22 15.60 23.22
CA TYR J 77 -11.11 14.65 24.34
C TYR J 77 -12.38 13.88 24.70
N CYS J 78 -13.52 14.52 24.61
CA CYS J 78 -14.73 13.88 25.06
C CYS J 78 -15.62 13.45 23.95
N ASP J 79 -16.60 12.62 24.35
CA ASP J 79 -17.68 12.04 23.52
C ASP J 79 -18.33 13.14 22.69
N TYR J 80 -18.77 14.21 23.40
CA TYR J 80 -19.41 15.38 22.76
C TYR J 80 -18.55 16.60 22.93
N ASN J 81 -18.23 17.24 21.83
CA ASN J 81 -17.42 18.44 21.90
C ASN J 81 -18.19 19.64 21.33
N VAL J 82 -18.32 20.69 22.11
CA VAL J 82 -19.00 21.88 21.63
C VAL J 82 -17.94 22.96 21.81
N VAL J 83 -17.50 23.51 20.69
CA VAL J 83 -16.44 24.53 20.68
C VAL J 83 -16.97 25.94 20.43
N LEU J 84 -16.60 26.85 21.32
CA LEU J 84 -17.02 28.25 21.26
C LEU J 84 -15.99 29.08 20.50
N MET J 85 -16.43 29.72 19.42
CA MET J 85 -15.59 30.57 18.58
C MET J 85 -16.19 31.97 18.48
N LYS J 86 -15.46 32.99 18.93
CA LYS J 86 -15.95 34.37 18.89
C LYS J 86 -15.36 35.17 17.75
N TYR J 87 -16.22 35.68 16.86
CA TYR J 87 -15.78 36.41 15.69
C TYR J 87 -14.66 37.44 16.00
N ASP J 88 -13.62 37.19 15.16
CA ASP J 88 -12.35 37.85 14.85
C ASP J 88 -12.35 37.83 13.34
N ALA J 89 -12.58 39.00 12.82
CA ALA J 89 -12.77 39.20 11.40
C ALA J 89 -11.53 39.00 10.52
N THR J 90 -10.35 39.17 11.08
CA THR J 90 -9.12 39.00 10.25
C THR J 90 -8.77 37.55 10.15
N LEU J 91 -9.18 36.78 11.13
CA LEU J 91 -8.91 35.35 11.18
C LEU J 91 -9.97 34.45 10.55
N GLN J 92 -10.96 34.97 9.86
CA GLN J 92 -12.05 34.21 9.22
C GLN J 92 -11.64 32.88 8.57
N LEU J 93 -10.68 32.91 7.65
CA LEU J 93 -10.25 31.69 6.95
C LEU J 93 -9.54 30.73 7.91
N ASP J 94 -8.96 31.28 8.97
CA ASP J 94 -8.24 30.43 9.95
C ASP J 94 -9.17 29.47 10.67
N MET J 95 -10.38 30.27 10.93
CA MET J 95 -11.60 29.76 11.52
C MET J 95 -12.31 28.75 10.60
N SER J 96 -12.39 29.02 9.33
CA SER J 96 -13.03 28.20 8.30
C SER J 96 -12.31 26.86 8.14
N GLU J 97 -10.97 26.97 8.10
CA GLU J 97 -10.08 25.83 7.99
C GLU J 97 -10.21 24.98 9.27
N LEU J 98 -10.33 25.63 10.44
CA LEU J 98 -10.50 24.87 11.67
C LEU J 98 -11.88 24.20 11.76
N ALA J 99 -12.90 24.90 11.29
CA ALA J 99 -14.25 24.34 11.31
C ALA J 99 -14.26 23.12 10.41
N ASP J 100 -13.75 23.30 9.20
CA ASP J 100 -13.69 22.25 8.18
C ASP J 100 -13.07 20.96 8.75
N LEU J 101 -12.15 21.13 9.69
CA LEU J 101 -11.50 19.98 10.29
C LEU J 101 -12.32 19.32 11.40
N ILE J 102 -12.88 20.09 12.34
CA ILE J 102 -13.67 19.51 13.42
C ILE J 102 -15.02 18.98 12.98
N LEU J 103 -15.75 19.82 12.27
CA LEU J 103 -17.07 19.48 11.78
C LEU J 103 -17.12 18.28 10.84
N ASN J 104 -15.98 17.90 10.29
CA ASN J 104 -15.92 16.78 9.35
C ASN J 104 -15.08 15.61 9.79
N GLU J 105 -15.29 14.50 9.10
CA GLU J 105 -14.59 13.24 9.34
C GLU J 105 -13.40 13.13 8.38
N TRP J 106 -12.16 12.94 8.73
CA TRP J 106 -10.98 13.08 7.86
C TRP J 106 -10.18 11.78 7.89
N LEU J 107 -9.57 11.47 6.75
CA LEU J 107 -8.75 10.25 6.64
C LEU J 107 -7.49 10.88 6.06
N CYS J 108 -6.32 10.69 6.69
CA CYS J 108 -5.04 11.13 6.16
C CYS J 108 -3.90 10.11 6.14
N ASN J 109 -2.94 10.37 5.27
CA ASN J 109 -1.73 9.57 5.09
C ASN J 109 -0.62 10.59 5.10
N PRO J 110 0.61 10.15 5.32
CA PRO J 110 1.74 11.10 5.35
C PRO J 110 2.32 11.33 3.96
N MET J 111 2.85 12.53 3.73
CA MET J 111 3.44 12.90 2.45
C MET J 111 4.93 13.20 2.56
N ASP J 112 5.73 12.70 1.62
CA ASP J 112 7.14 13.00 1.67
C ASP J 112 7.45 13.99 0.56
N ILE J 113 7.37 15.26 0.92
CA ILE J 113 7.63 16.35 -0.01
C ILE J 113 8.98 16.24 -0.69
N THR J 114 9.94 15.64 0.03
CA THR J 114 11.32 15.46 -0.45
C THR J 114 11.48 14.57 -1.67
N LEU J 115 11.07 13.31 -1.53
CA LEU J 115 11.24 12.32 -2.61
C LEU J 115 10.08 12.22 -3.61
N TYR J 116 8.67 12.68 -3.69
CA TYR J 116 7.57 12.26 -4.58
C TYR J 116 6.65 13.53 -4.67
N TYR J 117 6.39 13.85 -5.93
CA TYR J 117 5.65 15.02 -6.20
C TYR J 117 4.28 14.56 -6.22
N TYR J 118 3.33 15.11 -5.47
CA TYR J 118 1.98 14.53 -5.55
C TYR J 118 0.95 15.25 -6.46
N GLN J 119 -0.40 14.76 -6.34
CA GLN J 119 -1.68 15.18 -7.07
C GLN J 119 -2.96 14.80 -6.28
N GLN J 120 -4.02 15.67 -6.29
CA GLN J 120 -5.24 15.36 -5.56
C GLN J 120 -6.11 14.66 -6.58
N THR J 121 -6.96 13.75 -6.12
CA THR J 121 -7.80 12.98 -7.03
C THR J 121 -9.22 13.45 -7.30
N ASP J 122 -9.99 13.75 -6.26
CA ASP J 122 -11.39 14.16 -6.41
C ASP J 122 -11.74 15.39 -5.56
N GLU J 123 -12.99 15.82 -5.61
CA GLU J 123 -13.38 16.98 -4.81
C GLU J 123 -13.21 16.69 -3.32
N ALA J 124 -12.72 15.50 -2.99
CA ALA J 124 -12.55 15.12 -1.59
C ALA J 124 -11.12 14.82 -1.16
N ASN J 125 -10.17 15.01 -2.06
CA ASN J 125 -8.78 14.78 -1.74
C ASN J 125 -8.17 16.16 -1.54
N LYS J 126 -7.81 16.48 -0.30
CA LYS J 126 -7.22 17.79 0.04
C LYS J 126 -5.94 17.63 0.83
N TRP J 127 -5.09 18.65 0.83
CA TRP J 127 -3.84 18.56 1.59
C TRP J 127 -3.92 19.40 2.86
N ILE J 128 -4.09 18.73 3.99
CA ILE J 128 -4.18 19.44 5.26
C ILE J 128 -2.85 19.45 5.98
N SER J 129 -2.25 20.63 6.07
CA SER J 129 -0.97 20.84 6.72
C SER J 129 -1.19 21.75 7.93
N MET J 130 -0.43 21.55 9.01
CA MET J 130 -0.55 22.38 10.21
C MET J 130 0.69 22.33 11.13
N GLY J 131 0.96 23.44 11.82
CA GLY J 131 2.12 23.49 12.71
C GLY J 131 2.49 24.91 13.14
N SER J 132 3.74 25.10 13.56
CA SER J 132 4.25 26.40 14.01
C SER J 132 4.01 27.46 12.95
N SER J 133 4.65 27.28 11.81
CA SER J 133 4.54 28.22 10.70
C SER J 133 4.49 27.44 9.40
N CYS J 134 3.31 27.33 8.82
CA CYS J 134 3.15 26.60 7.59
C CYS J 134 3.23 27.45 6.31
N THR J 135 4.31 27.29 5.56
CA THR J 135 4.49 28.04 4.31
C THR J 135 4.66 27.08 3.12
N ILE J 136 3.62 26.97 2.30
CA ILE J 136 3.58 26.06 1.16
C ILE J 136 3.67 26.70 -0.23
N LYS J 137 4.69 26.32 -1.00
CA LYS J 137 4.88 26.80 -2.36
C LYS J 137 4.67 25.59 -3.27
N VAL J 138 4.01 25.76 -4.41
CA VAL J 138 3.71 24.65 -5.28
C VAL J 138 4.20 24.84 -6.71
N CYS J 139 4.47 23.73 -7.40
CA CYS J 139 4.89 23.76 -8.80
C CYS J 139 4.26 22.63 -9.63
N PRO J 140 3.22 22.95 -10.41
CA PRO J 140 2.49 22.02 -11.27
C PRO J 140 3.37 21.39 -12.34
N LEU J 141 3.22 20.08 -12.49
CA LEU J 141 4.01 19.34 -13.46
C LEU J 141 3.20 18.89 -14.66
N ASN J 142 3.77 19.01 -15.85
CA ASN J 142 3.09 18.55 -17.05
C ASN J 142 3.41 17.06 -17.04
N THR J 143 2.88 16.31 -18.01
CA THR J 143 3.10 14.87 -18.06
C THR J 143 4.53 14.40 -18.31
N GLN J 144 5.50 15.24 -17.99
CA GLN J 144 6.91 14.89 -18.20
C GLN J 144 7.74 15.05 -16.93
N THR J 145 7.12 15.60 -15.90
CA THR J 145 7.77 15.89 -14.63
C THR J 145 8.52 17.21 -14.80
N LEU J 146 8.00 18.03 -15.71
CA LEU J 146 8.58 19.35 -15.97
C LEU J 146 7.67 20.43 -15.44
N GLY J 147 8.24 21.55 -15.01
CA GLY J 147 7.40 22.61 -14.48
C GLY J 147 6.49 23.26 -15.51
N ILE J 148 5.47 23.94 -15.04
CA ILE J 148 4.55 24.67 -15.90
C ILE J 148 4.49 26.03 -15.21
N GLY J 149 5.36 26.93 -15.65
CA GLY J 149 5.41 28.24 -15.02
C GLY J 149 6.42 28.18 -13.89
N CYS J 150 7.22 27.11 -13.88
CA CYS J 150 8.24 26.92 -12.87
C CYS J 150 9.32 25.90 -13.24
N LEU J 151 10.45 26.01 -12.54
CA LEU J 151 11.55 25.10 -12.74
C LEU J 151 11.62 24.23 -11.51
N THR J 152 11.31 22.95 -11.68
CA THR J 152 11.34 22.02 -10.58
C THR J 152 12.67 22.09 -9.82
N THR J 153 13.59 22.94 -10.27
CA THR J 153 14.90 23.07 -9.65
C THR J 153 15.06 24.25 -8.68
N ASP J 154 14.48 25.41 -9.01
CA ASP J 154 14.59 26.61 -8.15
C ASP J 154 13.22 27.03 -7.61
N THR J 155 13.03 26.84 -6.31
CA THR J 155 11.78 27.17 -5.61
C THR J 155 11.46 28.66 -5.62
N ALA J 156 12.30 29.46 -6.26
CA ALA J 156 12.03 30.88 -6.33
C ALA J 156 11.03 31.10 -7.46
N THR J 157 10.74 30.05 -8.22
CA THR J 157 9.80 30.14 -9.31
C THR J 157 8.49 29.45 -8.96
N PHE J 158 8.43 28.86 -7.77
CA PHE J 158 7.21 28.18 -7.33
C PHE J 158 6.08 29.15 -7.11
N GLU J 159 4.89 28.63 -6.84
CA GLU J 159 3.73 29.48 -6.61
C GLU J 159 3.37 29.34 -5.13
N GLU J 160 3.45 30.43 -4.37
CA GLU J 160 3.14 30.42 -2.94
C GLU J 160 1.62 30.42 -2.71
N VAL J 161 1.14 29.43 -1.95
CA VAL J 161 -0.29 29.30 -1.67
C VAL J 161 -0.65 29.32 -0.17
N ALA J 162 0.32 29.68 0.65
CA ALA J 162 0.12 29.74 2.10
C ALA J 162 1.37 30.36 2.72
N THR J 163 1.20 31.48 3.41
CA THR J 163 2.35 32.12 4.01
C THR J 163 2.31 32.13 5.53
N ALA J 164 2.91 31.11 6.13
CA ALA J 164 2.98 30.99 7.57
C ALA J 164 1.67 30.86 8.35
N GLU J 165 0.85 29.87 8.00
CA GLU J 165 -0.41 29.66 8.71
C GLU J 165 -0.17 28.55 9.72
N LYS J 166 -1.15 28.44 10.64
CA LYS J 166 -1.15 27.47 11.76
C LYS J 166 -1.96 26.24 11.42
N LEU J 167 -2.84 26.34 10.40
CA LEU J 167 -3.72 25.30 9.87
C LEU J 167 -4.05 25.70 8.45
N VAL J 168 -3.83 24.79 7.51
CA VAL J 168 -4.08 25.05 6.09
C VAL J 168 -4.61 23.85 5.31
N ILE J 169 -5.74 24.04 4.64
CA ILE J 169 -6.31 22.98 3.80
C ILE J 169 -6.11 23.49 2.37
N THR J 170 -5.07 22.98 1.72
CA THR J 170 -4.70 23.38 0.36
C THR J 170 -5.43 22.60 -0.72
N ASP J 171 -5.82 23.31 -1.77
CA ASP J 171 -6.55 22.72 -2.87
C ASP J 171 -5.90 23.10 -4.19
N VAL J 172 -5.57 22.09 -5.01
CA VAL J 172 -4.96 22.32 -6.32
C VAL J 172 -5.82 21.70 -7.41
N VAL J 173 -5.60 22.13 -8.65
CA VAL J 173 -6.37 21.61 -9.78
C VAL J 173 -6.25 20.08 -9.79
N ASP J 174 -7.39 19.40 -9.61
CA ASP J 174 -7.44 17.94 -9.58
C ASP J 174 -6.82 17.25 -10.78
N GLY J 175 -6.07 16.18 -10.49
CA GLY J 175 -5.45 15.41 -11.55
C GLY J 175 -4.20 16.00 -12.16
N VAL J 176 -3.38 16.66 -11.35
CA VAL J 176 -2.15 17.26 -11.85
C VAL J 176 -1.06 17.06 -10.81
N ASN J 177 0.11 16.63 -11.24
CA ASN J 177 1.17 16.41 -10.27
C ASN J 177 1.84 17.72 -9.91
N HIS J 178 2.28 17.81 -8.66
CA HIS J 178 2.92 19.03 -8.17
C HIS J 178 4.16 18.75 -7.32
N LYS J 179 5.31 19.45 -7.61
CA LYS J 179 6.46 19.32 -6.70
C LYS J 179 6.13 20.27 -5.59
N LEU J 180 6.17 19.81 -4.35
CA LEU J 180 5.76 20.65 -3.24
C LEU J 180 6.94 21.15 -2.47
N ASP J 181 6.82 22.35 -1.94
CA ASP J 181 7.89 22.88 -1.12
C ASP J 181 7.35 23.48 0.16
N VAL J 182 7.20 22.64 1.17
CA VAL J 182 6.71 23.11 2.44
C VAL J 182 7.92 23.36 3.33
N THR J 183 7.71 24.08 4.43
CA THR J 183 8.77 24.38 5.37
C THR J 183 8.65 23.35 6.49
N THR J 184 8.82 22.08 6.11
CA THR J 184 8.70 20.94 7.02
C THR J 184 9.34 21.09 8.39
N ALA J 185 10.24 22.04 8.54
CA ALA J 185 10.90 22.29 9.82
C ALA J 185 9.85 22.64 10.89
N THR J 186 9.01 23.60 10.54
CA THR J 186 7.90 24.04 11.39
C THR J 186 6.54 23.49 10.87
N CYS J 187 6.45 22.85 9.74
CA CYS J 187 5.16 22.37 9.28
C CYS J 187 5.14 20.85 9.03
N THR J 188 3.88 20.38 9.03
CA THR J 188 3.69 18.96 8.70
C THR J 188 2.58 18.95 7.64
N ILE J 189 2.78 18.36 6.47
CA ILE J 189 1.71 18.34 5.47
C ILE J 189 1.34 16.86 5.20
N ARG J 190 -0.04 16.61 5.26
CA ARG J 190 -0.52 15.24 5.10
C ARG J 190 -1.65 15.23 4.04
N ASN J 191 -1.72 14.12 3.31
CA ASN J 191 -2.72 13.94 2.26
C ASN J 191 -4.03 13.33 2.75
N CYS J 192 -5.07 14.16 2.89
CA CYS J 192 -6.36 13.68 3.40
C CYS J 192 -7.53 13.53 2.41
N LYS J 193 -8.31 12.47 2.63
CA LYS J 193 -9.52 12.21 1.88
C LYS J 193 -10.69 12.53 2.81
N LYS J 194 -11.68 13.36 2.40
CA LYS J 194 -12.79 13.78 3.30
C LYS J 194 -14.00 12.88 3.37
N LEU J 195 -15.08 13.34 4.00
CA LEU J 195 -16.16 12.40 4.09
C LEU J 195 -17.19 12.63 5.16
N GLY J 196 -17.14 11.58 5.95
CA GLY J 196 -17.92 11.50 7.11
C GLY J 196 -17.75 12.82 7.77
N PRO J 197 -18.88 13.22 8.30
CA PRO J 197 -19.04 14.42 9.03
C PRO J 197 -19.01 14.04 10.47
N ARG J 198 -19.12 15.07 11.23
CA ARG J 198 -19.03 14.80 12.59
C ARG J 198 -20.27 14.97 13.33
N GLU J 199 -20.55 13.85 13.95
CA GLU J 199 -21.68 13.69 14.78
C GLU J 199 -21.30 14.12 16.20
N ASN J 200 -20.47 15.16 16.34
CA ASN J 200 -20.08 15.67 17.68
C ASN J 200 -20.05 17.22 17.69
N VAL J 201 -18.87 17.85 17.54
CA VAL J 201 -18.79 19.30 17.51
C VAL J 201 -20.14 19.86 17.13
N ALA J 202 -19.86 21.27 17.65
CA ALA J 202 -21.05 22.01 17.39
C ALA J 202 -20.49 23.35 17.50
N VAL J 203 -19.79 23.68 16.46
CA VAL J 203 -19.18 24.97 16.55
C VAL J 203 -20.23 26.02 16.84
N ILE J 204 -20.14 26.66 18.00
CA ILE J 204 -21.09 27.74 18.28
C ILE J 204 -20.32 29.02 18.05
N GLN J 205 -20.82 29.81 17.14
CA GLN J 205 -20.20 31.05 16.78
C GLN J 205 -20.70 32.25 17.55
N VAL J 206 -19.72 32.95 18.17
CA VAL J 206 -19.98 34.24 18.75
C VAL J 206 -19.33 35.19 17.78
N GLY J 207 -20.32 36.13 17.65
CA GLY J 207 -20.46 37.35 16.94
C GLY J 207 -20.63 37.29 15.45
N GLY J 208 -20.71 38.58 15.02
CA GLY J 208 -20.80 39.11 13.65
C GLY J 208 -22.16 39.31 13.06
N SER J 209 -22.35 38.54 12.07
CA SER J 209 -23.49 38.28 11.32
C SER J 209 -22.80 37.08 10.78
N ASP J 210 -23.39 35.94 10.63
CA ASP J 210 -22.61 35.05 9.85
C ASP J 210 -23.59 34.40 8.88
N VAL J 211 -22.93 33.71 8.06
CA VAL J 211 -23.30 32.85 7.02
C VAL J 211 -21.85 32.39 7.00
N LEU J 212 -21.63 31.17 6.70
CA LEU J 212 -20.31 30.58 6.72
C LEU J 212 -20.19 29.79 5.42
N ASP J 213 -19.18 30.03 4.61
CA ASP J 213 -18.97 29.27 3.39
C ASP J 213 -17.79 28.35 3.69
N ILE J 214 -18.08 27.11 4.05
CA ILE J 214 -17.04 26.17 4.39
C ILE J 214 -16.74 25.20 3.23
N THR J 215 -17.07 25.50 1.96
CA THR J 215 -16.69 24.59 0.86
C THR J 215 -15.48 25.14 0.15
N ALA J 216 -14.75 24.27 -0.55
CA ALA J 216 -13.59 24.73 -1.30
C ALA J 216 -14.05 25.22 -2.61
N ASP J 217 -15.20 24.72 -3.05
CA ASP J 217 -15.70 25.14 -4.38
C ASP J 217 -16.51 26.48 -4.27
N PRO J 218 -17.24 26.85 -5.29
CA PRO J 218 -17.98 28.07 -5.30
C PRO J 218 -19.37 27.68 -5.50
N THR J 219 -19.49 26.43 -5.79
CA THR J 219 -20.87 26.11 -6.20
C THR J 219 -21.79 25.81 -5.09
N THR J 220 -21.27 25.14 -4.06
CA THR J 220 -22.05 24.68 -2.90
C THR J 220 -21.83 25.50 -1.64
N ALA J 221 -22.84 25.50 -0.82
CA ALA J 221 -22.75 26.10 0.49
C ALA J 221 -23.49 25.20 1.47
N PRO J 222 -22.78 24.43 2.35
CA PRO J 222 -23.48 23.60 3.30
C PRO J 222 -23.48 24.17 4.71
N GLN J 223 -24.73 24.13 5.15
CA GLN J 223 -25.26 24.57 6.42
C GLN J 223 -25.73 23.34 7.18
N THR J 224 -24.98 22.97 8.22
CA THR J 224 -25.32 21.81 9.03
C THR J 224 -25.85 22.20 10.41
N GLU J 225 -26.44 21.24 11.13
CA GLU J 225 -26.98 21.46 12.47
C GLU J 225 -25.85 21.66 13.46
N ARG J 226 -24.69 21.01 13.21
CA ARG J 226 -23.52 21.09 14.08
C ARG J 226 -22.75 22.40 13.85
N MET J 227 -23.48 23.40 13.37
CA MET J 227 -22.91 24.73 13.09
C MET J 227 -23.91 25.77 13.64
N MET J 228 -23.85 26.04 14.94
CA MET J 228 -24.77 26.98 15.58
C MET J 228 -24.23 28.38 15.80
N ARG J 229 -25.11 29.36 16.12
CA ARG J 229 -24.66 30.77 16.34
C ARG J 229 -25.43 31.43 17.53
N ILE J 230 -24.66 32.16 18.36
CA ILE J 230 -25.17 32.86 19.56
C ILE J 230 -24.85 34.35 19.51
N ASN J 231 -25.79 35.18 19.99
CA ASN J 231 -25.61 36.62 20.01
C ASN J 231 -24.84 37.08 21.25
N TRP J 232 -23.67 37.66 21.02
CA TRP J 232 -22.79 38.12 22.09
C TRP J 232 -23.32 39.26 22.95
N LYS J 233 -23.12 39.10 24.24
CA LYS J 233 -23.49 40.12 25.21
C LYS J 233 -22.27 40.11 26.11
N LYS J 234 -22.21 39.10 26.97
CA LYS J 234 -21.13 38.92 27.90
C LYS J 234 -20.82 37.43 27.88
N TRP J 235 -19.62 37.05 28.28
CA TRP J 235 -19.28 35.65 28.26
C TRP J 235 -20.08 34.85 29.28
N TRP J 236 -20.34 35.41 30.45
CA TRP J 236 -21.13 34.65 31.42
C TRP J 236 -22.46 34.24 30.79
N GLN J 237 -23.05 35.15 30.03
CA GLN J 237 -24.33 34.88 29.37
C GLN J 237 -24.19 33.74 28.37
N VAL J 238 -23.11 33.76 27.58
CA VAL J 238 -22.88 32.71 26.60
C VAL J 238 -22.93 31.35 27.29
N PHE J 239 -22.12 31.18 28.33
CA PHE J 239 -22.08 29.92 29.05
C PHE J 239 -23.43 29.58 29.66
N TYR J 240 -24.14 30.56 30.24
CA TYR J 240 -25.44 30.25 30.81
C TYR J 240 -26.31 29.62 29.73
N THR J 241 -26.33 30.23 28.55
CA THR J 241 -27.12 29.70 27.45
C THR J 241 -26.67 28.30 27.03
N VAL J 242 -25.36 28.11 26.89
CA VAL J 242 -24.85 26.80 26.52
C VAL J 242 -25.35 25.76 27.52
N VAL J 243 -25.36 26.11 28.81
CA VAL J 243 -25.85 25.19 29.84
C VAL J 243 -27.36 25.08 29.74
N ASP J 244 -28.06 26.21 29.72
CA ASP J 244 -29.53 26.16 29.67
C ASP J 244 -30.08 25.34 28.46
N TYR J 245 -29.23 25.12 27.43
CA TYR J 245 -29.60 24.40 26.18
C TYR J 245 -28.61 23.32 25.75
N VAL J 246 -28.00 22.68 26.75
CA VAL J 246 -27.04 21.60 26.53
C VAL J 246 -27.62 20.47 25.70
N ASN J 247 -28.80 20.03 26.06
CA ASN J 247 -29.42 18.91 25.39
C ASN J 247 -29.80 19.24 23.96
N GLN J 248 -30.27 20.43 23.76
CA GLN J 248 -30.65 20.89 22.45
C GLN J 248 -29.42 20.87 21.56
N ILE J 249 -28.30 21.33 22.11
CA ILE J 249 -27.01 21.37 21.42
C ILE J 249 -26.48 19.95 21.21
N ILE J 250 -26.61 19.09 22.23
CA ILE J 250 -26.15 17.72 22.12
C ILE J 250 -26.99 16.97 21.09
N GLN J 251 -28.30 17.20 21.12
CA GLN J 251 -29.20 16.55 20.19
C GLN J 251 -28.91 16.88 18.74
N ALA J 252 -28.29 18.02 18.50
CA ALA J 252 -27.93 18.42 17.14
C ALA J 252 -26.63 17.69 16.66
N MET J 253 -25.98 16.89 17.54
CA MET J 253 -24.72 16.10 17.29
C MET J 253 -25.02 14.56 17.32
N SER J 254 -24.49 13.85 18.37
CA SER J 254 -24.76 12.41 18.71
C SER J 254 -23.94 11.27 18.14
N LYS J 255 -23.20 10.64 19.08
CA LYS J 255 -22.39 9.50 18.79
C LYS J 255 -21.01 9.92 18.42
N PRO K 1 2.32 -49.27 6.99
CA PRO K 1 1.04 -49.68 7.55
C PRO K 1 1.10 -51.06 8.20
N ILE K 2 0.38 -50.31 9.32
CA ILE K 2 -0.10 -51.45 10.14
C ILE K 2 -1.61 -51.59 10.06
N THR K 3 -2.05 -52.84 10.15
CA THR K 3 -3.45 -53.20 10.42
C THR K 3 -3.93 -52.49 11.69
N GLY K 4 -5.16 -52.00 11.64
CA GLY K 4 -5.67 -51.16 12.74
C GLY K 4 -6.60 -51.86 13.73
N SER K 5 -6.78 -53.20 13.58
CA SER K 5 -7.72 -53.88 14.46
C SER K 5 -7.27 -53.78 15.91
N MET K 6 -8.41 -53.43 16.80
CA MET K 6 -8.37 -53.18 18.27
C MET K 6 -8.49 -54.49 19.00
N ASP K 7 -7.38 -55.21 18.99
CA ASP K 7 -7.35 -56.52 19.66
C ASP K 7 -7.42 -56.42 21.17
N THR K 8 -6.88 -55.27 21.07
CA THR K 8 -6.95 -54.65 22.38
C THR K 8 -6.18 -55.22 23.53
N ALA K 9 -5.00 -55.74 23.30
CA ALA K 9 -4.08 -56.44 24.23
C ALA K 9 -2.85 -55.76 24.88
N TYR K 10 -2.95 -55.06 25.60
CA TYR K 10 -1.62 -54.50 25.90
C TYR K 10 -0.71 -55.57 26.50
N ALA K 11 0.47 -55.63 25.94
CA ALA K 11 1.58 -56.48 26.35
C ALA K 11 2.33 -55.82 27.51
N ASN K 12 2.23 -56.51 28.65
CA ASN K 12 2.72 -56.10 29.96
C ASN K 12 4.13 -55.57 30.21
N SER K 13 4.19 -54.59 31.11
CA SER K 13 5.43 -53.95 31.53
C SER K 13 5.98 -52.83 30.67
N THR K 14 6.96 -53.19 29.82
CA THR K 14 7.64 -52.27 28.95
C THR K 14 8.94 -51.91 29.64
N GLN K 15 8.86 -51.57 30.92
CA GLN K 15 10.08 -51.21 31.66
C GLN K 15 10.98 -52.41 31.90
N GLU K 16 10.43 -53.64 31.78
CA GLU K 16 11.24 -54.84 32.04
C GLU K 16 11.99 -55.35 30.80
N GLU K 17 11.99 -54.58 29.76
CA GLU K 17 12.78 -54.95 28.58
C GLU K 17 13.89 -53.96 28.55
N THR K 18 13.57 -52.73 28.96
CA THR K 18 14.53 -51.66 28.99
C THR K 18 15.53 -51.89 30.10
N PHE K 19 15.06 -52.37 31.24
CA PHE K 19 16.02 -52.67 32.33
C PHE K 19 17.05 -53.70 31.89
N LEU K 20 16.57 -54.70 31.17
CA LEU K 20 17.51 -55.75 30.75
C LEU K 20 18.41 -55.33 29.59
N THR K 21 17.80 -54.76 28.57
CA THR K 21 18.55 -54.51 27.33
C THR K 21 19.12 -53.15 27.15
N SER K 22 18.64 -52.09 27.83
CA SER K 22 19.27 -50.78 27.57
C SER K 22 20.27 -50.22 28.60
N THR K 23 21.02 -49.19 28.11
CA THR K 23 22.09 -48.39 28.84
C THR K 23 21.67 -46.94 29.05
N LEU K 24 22.03 -46.44 30.22
CA LEU K 24 21.66 -45.11 30.67
C LEU K 24 22.93 -44.29 30.89
N CYS K 25 23.03 -43.14 30.22
CA CYS K 25 24.20 -42.26 30.31
C CYS K 25 23.80 -40.93 30.92
N LEU K 26 24.40 -40.59 32.06
CA LEU K 26 24.11 -39.35 32.78
C LEU K 26 25.15 -38.30 32.51
N TYR K 27 24.73 -37.16 32.00
CA TYR K 27 25.67 -36.08 31.73
C TYR K 27 25.47 -34.99 32.77
N TYR K 28 26.54 -34.58 33.36
CA TYR K 28 26.49 -33.52 34.34
C TYR K 28 27.70 -32.62 34.12
N PRO K 29 27.70 -31.45 34.72
CA PRO K 29 28.81 -30.48 34.72
C PRO K 29 29.79 -30.80 35.81
N THR K 30 31.01 -30.30 35.70
CA THR K 30 32.02 -30.55 36.72
C THR K 30 31.52 -30.07 38.07
N GLU K 31 31.13 -28.81 38.15
CA GLU K 31 30.66 -28.28 39.43
C GLU K 31 29.76 -29.25 40.17
N ALA K 32 28.94 -30.00 39.44
CA ALA K 32 28.02 -30.97 40.04
C ALA K 32 28.79 -32.00 40.86
N ALA K 33 29.75 -32.64 40.22
CA ALA K 33 30.55 -33.66 40.88
C ALA K 33 31.43 -33.05 41.96
N THR K 34 32.05 -31.89 41.70
CA THR K 34 32.91 -31.27 42.70
C THR K 34 32.18 -31.04 44.02
N GLU K 35 30.91 -30.64 43.94
CA GLU K 35 30.13 -30.39 45.14
C GLU K 35 29.84 -31.65 45.92
N ILE K 36 29.91 -32.78 45.22
CA ILE K 36 29.61 -34.07 45.86
C ILE K 36 30.73 -34.62 46.72
N ASN K 37 31.95 -34.30 46.30
CA ASN K 37 33.21 -34.53 46.95
C ASN K 37 33.57 -35.94 47.45
N ASP K 38 33.08 -36.93 46.75
CA ASP K 38 33.31 -38.31 47.14
C ASP K 38 34.01 -39.05 45.97
N ASN K 39 34.90 -39.98 46.30
CA ASN K 39 35.61 -40.75 45.32
C ASN K 39 34.71 -41.90 44.90
N SER K 40 33.61 -42.13 45.61
CA SER K 40 32.77 -43.25 45.26
C SER K 40 31.33 -42.88 44.93
N TRP K 41 31.08 -41.63 44.60
CA TRP K 41 29.71 -41.23 44.31
C TRP K 41 29.16 -41.96 43.10
N LYS K 42 29.96 -42.10 42.05
CA LYS K 42 29.49 -42.80 40.87
C LYS K 42 29.09 -44.22 41.27
N ASP K 43 29.88 -44.83 42.15
CA ASP K 43 29.63 -46.19 42.63
C ASP K 43 28.37 -46.30 43.50
N THR K 44 28.27 -45.46 44.52
CA THR K 44 27.11 -45.47 45.42
C THR K 44 25.83 -45.36 44.60
N LEU K 45 25.76 -44.36 43.73
CA LEU K 45 24.57 -44.17 42.90
C LEU K 45 24.24 -45.40 42.05
N SER K 46 25.28 -46.12 41.63
CA SER K 46 25.12 -47.31 40.81
C SER K 46 24.41 -48.45 41.53
N GLN K 47 24.73 -48.62 42.81
CA GLN K 47 24.09 -49.64 43.61
C GLN K 47 22.65 -49.19 43.80
N LEU K 48 22.48 -47.89 43.99
CA LEU K 48 21.15 -47.33 44.16
C LEU K 48 20.35 -47.54 42.88
N PHE K 49 21.04 -47.59 41.75
CA PHE K 49 20.38 -47.79 40.47
C PHE K 49 19.87 -49.21 40.29
N LEU K 50 20.40 -50.16 41.07
CA LEU K 50 19.91 -51.52 40.96
C LEU K 50 18.48 -51.54 41.48
N THR K 51 18.22 -50.72 42.50
CA THR K 51 16.89 -50.61 43.08
C THR K 51 15.85 -50.33 42.02
N LYS K 52 16.10 -49.26 41.24
CA LYS K 52 15.20 -48.87 40.17
C LYS K 52 15.23 -49.87 39.02
N GLY K 53 16.10 -50.87 39.14
CA GLY K 53 16.17 -51.91 38.13
C GLY K 53 17.18 -51.88 36.99
N TRP K 54 18.38 -51.34 37.22
CA TRP K 54 19.41 -51.29 36.18
C TRP K 54 20.63 -52.05 36.65
N PRO K 55 20.89 -53.19 36.02
CA PRO K 55 22.03 -54.08 36.32
C PRO K 55 23.33 -53.32 36.41
N THR K 56 24.22 -53.77 37.29
CA THR K 56 25.49 -53.12 37.51
C THR K 56 26.16 -52.46 36.30
N GLY K 57 26.60 -53.24 35.31
CA GLY K 57 27.29 -52.65 34.17
C GLY K 57 26.48 -51.74 33.23
N SER K 58 25.24 -51.46 33.63
CA SER K 58 24.33 -50.65 32.84
C SER K 58 24.47 -49.14 32.75
N VAL K 59 24.63 -48.46 33.89
CA VAL K 59 24.71 -46.99 33.91
C VAL K 59 26.10 -46.35 33.81
N TYR K 60 26.24 -45.35 32.92
CA TYR K 60 27.51 -44.63 32.73
C TYR K 60 27.45 -43.15 33.12
N PHE K 61 28.54 -42.61 33.69
CA PHE K 61 28.58 -41.21 34.13
C PHE K 61 29.58 -40.35 33.37
N LYS K 62 29.09 -39.48 32.36
CA LYS K 62 29.96 -38.58 31.51
C LYS K 62 29.88 -37.12 32.08
N GLU K 63 31.07 -36.56 32.28
CA GLU K 63 31.39 -35.22 32.83
C GLU K 63 31.64 -34.09 31.81
N TYR K 64 30.64 -33.24 31.50
CA TYR K 64 30.99 -32.19 30.56
C TYR K 64 31.59 -31.02 31.32
N THR K 65 32.58 -30.31 31.21
CA THR K 65 32.81 -29.27 32.24
C THR K 65 32.15 -27.94 31.92
N ASP K 66 31.61 -27.79 30.74
CA ASP K 66 30.92 -26.55 30.43
C ASP K 66 29.82 -26.81 29.40
N ILE K 67 28.85 -25.93 29.35
CA ILE K 67 27.85 -26.07 28.31
C ILE K 67 28.43 -25.88 26.91
N ALA K 68 29.47 -25.07 26.76
CA ALA K 68 30.10 -24.82 25.46
C ALA K 68 30.84 -26.02 24.95
N SER K 69 31.70 -26.67 25.89
CA SER K 69 32.41 -27.85 25.37
C SER K 69 31.47 -29.01 25.09
N PHE K 70 30.55 -29.26 26.03
CA PHE K 70 29.58 -30.32 25.91
C PHE K 70 28.79 -30.17 24.61
N SER K 71 28.43 -28.92 24.30
CA SER K 71 27.67 -28.61 23.10
C SER K 71 28.39 -29.06 21.83
N VAL K 72 29.70 -29.00 21.84
CA VAL K 72 30.50 -29.39 20.69
C VAL K 72 30.54 -30.91 20.48
N ASP K 73 31.40 -31.47 21.66
CA ASP K 73 32.00 -32.78 21.81
C ASP K 73 31.06 -33.91 22.27
N PRO K 74 29.84 -33.50 22.61
CA PRO K 74 28.60 -34.27 22.92
C PRO K 74 28.17 -35.36 21.95
N GLN K 75 29.04 -36.32 21.71
CA GLN K 75 28.61 -37.58 21.13
C GLN K 75 28.03 -38.48 22.22
N LEU K 76 26.83 -38.59 22.09
CA LEU K 76 25.94 -39.34 23.02
C LEU K 76 26.34 -40.78 23.00
N TYR K 77 26.78 -41.30 24.12
CA TYR K 77 27.31 -42.67 24.15
C TYR K 77 26.30 -43.81 24.35
N CYS K 78 25.30 -43.58 25.18
CA CYS K 78 24.40 -44.65 25.50
C CYS K 78 23.07 -44.50 24.85
N ASP K 79 22.31 -45.61 24.94
CA ASP K 79 20.94 -45.81 24.45
C ASP K 79 20.06 -44.65 24.91
N TYR K 80 20.09 -44.41 26.25
CA TYR K 80 19.32 -43.32 26.87
C TYR K 80 20.25 -42.30 27.47
N ASN K 81 20.08 -41.06 27.09
CA ASN K 81 20.91 -40.01 27.62
C ASN K 81 20.07 -38.98 28.35
N VAL K 82 20.39 -38.72 29.61
CA VAL K 82 19.66 -37.71 30.37
C VAL K 82 20.76 -36.75 30.79
N VAL K 83 20.69 -35.53 30.28
CA VAL K 83 21.69 -34.51 30.54
C VAL K 83 21.22 -33.44 31.53
N LEU K 84 22.04 -33.23 32.57
CA LEU K 84 21.75 -32.27 33.63
C LEU K 84 22.37 -30.91 33.31
N MET K 85 21.52 -29.88 33.23
CA MET K 85 21.95 -28.51 32.94
C MET K 85 21.48 -27.58 34.04
N LYS K 86 22.42 -26.92 34.72
CA LYS K 86 22.07 -26.00 35.82
C LYS K 86 22.13 -24.54 35.41
N TYR K 87 21.02 -23.84 35.57
CA TYR K 87 20.90 -22.49 35.11
C TYR K 87 22.00 -21.52 35.50
N ASP K 88 22.55 -21.06 34.38
CA ASP K 88 23.59 -20.08 34.16
C ASP K 88 22.93 -19.03 33.23
N ALA K 89 22.55 -17.91 33.81
CA ALA K 89 21.76 -16.94 33.10
C ALA K 89 22.47 -16.21 31.95
N THR K 90 23.78 -16.13 31.93
CA THR K 90 24.47 -15.42 30.81
C THR K 90 24.62 -16.34 29.64
N LEU K 91 24.65 -17.64 29.91
CA LEU K 91 24.80 -18.64 28.87
C LEU K 91 23.50 -19.21 28.26
N GLN K 92 22.38 -18.65 28.55
CA GLN K 92 21.07 -19.10 28.08
C GLN K 92 20.99 -19.57 26.62
N LEU K 93 21.41 -18.69 25.69
CA LEU K 93 21.37 -19.05 24.27
C LEU K 93 22.36 -20.17 23.96
N ASP K 94 23.41 -20.28 24.76
CA ASP K 94 24.44 -21.32 24.52
C ASP K 94 23.86 -22.73 24.71
N MET K 95 22.98 -22.62 25.87
CA MET K 95 22.15 -23.67 26.38
C MET K 95 21.01 -24.04 25.40
N SER K 96 20.37 -23.06 24.82
CA SER K 96 19.26 -23.19 23.86
C SER K 96 19.73 -23.89 22.58
N GLU K 97 20.90 -23.45 22.10
CA GLU K 97 21.54 -23.98 20.92
C GLU K 97 21.96 -25.44 21.22
N LEU K 98 22.44 -25.72 22.42
CA LEU K 98 22.80 -27.09 22.78
C LEU K 98 21.58 -27.99 22.91
N ALA K 99 20.50 -27.46 23.49
CA ALA K 99 19.28 -28.23 23.65
C ALA K 99 18.76 -28.57 22.27
N ASP K 100 18.65 -27.55 21.42
CA ASP K 100 18.16 -27.68 20.06
C ASP K 100 18.88 -28.81 19.31
N LEU K 101 20.14 -29.05 19.66
CA LEU K 101 20.89 -30.10 19.01
C LEU K 101 20.62 -31.50 19.59
N ILE K 102 20.63 -31.64 20.91
CA ILE K 102 20.39 -32.96 21.51
C ILE K 102 18.96 -33.43 21.41
N LEU K 103 18.03 -32.56 21.81
CA LEU K 103 16.61 -32.84 21.78
C LEU K 103 16.05 -33.16 20.41
N ASN K 104 16.78 -32.79 19.35
CA ASN K 104 16.30 -33.02 18.00
C ASN K 104 17.15 -33.94 17.16
N GLU K 105 16.57 -34.38 16.06
CA GLU K 105 17.19 -35.28 15.10
C GLU K 105 17.80 -34.45 13.95
N TRP K 106 19.04 -34.49 13.57
CA TRP K 106 19.69 -33.54 12.65
C TRP K 106 20.30 -34.30 11.47
N LEU K 107 20.29 -33.67 10.32
CA LEU K 107 20.86 -34.29 9.11
C LEU K 107 21.76 -33.13 8.67
N CYS K 108 23.07 -33.35 8.49
CA CYS K 108 23.99 -32.37 7.95
C CYS K 108 24.91 -32.82 6.81
N ASN K 109 25.38 -31.83 6.06
CA ASN K 109 26.29 -32.00 4.93
C ASN K 109 27.35 -30.96 5.18
N PRO K 110 28.53 -31.09 4.56
CA PRO K 110 29.60 -30.12 4.77
C PRO K 110 29.49 -28.94 3.82
N MET K 111 29.94 -27.77 4.27
CA MET K 111 29.89 -26.54 3.49
C MET K 111 31.29 -26.01 3.17
N ASP K 112 31.52 -25.57 1.95
CA ASP K 112 32.82 -25.02 1.62
C ASP K 112 32.65 -23.52 1.46
N ILE K 113 32.84 -22.82 2.57
CA ILE K 113 32.73 -21.38 2.61
C ILE K 113 33.61 -20.69 1.58
N THR K 114 34.74 -21.32 1.26
CA THR K 114 35.71 -20.80 0.30
C THR K 114 35.23 -20.65 -1.14
N LEU K 115 34.82 -21.77 -1.73
CA LEU K 115 34.40 -21.80 -3.14
C LEU K 115 32.90 -21.53 -3.38
N TYR K 116 31.67 -21.51 -2.58
CA TYR K 116 30.25 -21.57 -2.99
C TYR K 116 29.49 -20.81 -1.84
N TYR K 117 28.71 -19.86 -2.31
CA TYR K 117 28.02 -19.02 -1.40
C TYR K 117 26.77 -19.71 -1.21
N TYR K 118 26.34 -20.04 0.00
CA TYR K 118 25.04 -20.78 0.08
C TYR K 118 23.78 -19.91 0.41
N GLN K 119 22.60 -20.67 0.62
CA GLN K 119 21.20 -20.24 0.98
C GLN K 119 20.37 -21.35 1.73
N GLN K 120 19.49 -21.00 2.74
CA GLN K 120 18.73 -22.00 3.46
C GLN K 120 17.42 -22.12 2.69
N THR K 121 16.83 -23.29 2.71
CA THR K 121 15.60 -23.51 1.95
C THR K 121 14.25 -23.37 2.64
N ASP K 122 14.07 -24.00 3.80
CA ASP K 122 12.81 -23.95 4.53
C ASP K 122 12.99 -23.67 6.02
N GLU K 123 11.90 -23.65 6.78
CA GLU K 123 12.01 -23.40 8.20
C GLU K 123 12.82 -24.50 8.89
N ALA K 124 13.33 -25.46 8.10
CA ALA K 124 14.09 -26.56 8.66
C ALA K 124 15.52 -26.67 8.18
N ASN K 125 15.96 -25.72 7.37
CA ASN K 125 17.32 -25.74 6.87
C ASN K 125 18.06 -24.68 7.69
N LYS K 126 18.98 -25.13 8.54
CA LYS K 126 19.75 -24.22 9.41
C LYS K 126 21.25 -24.49 9.29
N TRP K 127 22.07 -23.51 9.64
CA TRP K 127 23.52 -23.72 9.58
C TRP K 127 24.11 -23.92 10.97
N ILE K 128 24.41 -25.17 11.31
CA ILE K 128 24.99 -25.45 12.61
C ILE K 128 26.50 -25.55 12.56
N SER K 129 27.16 -24.58 13.18
CA SER K 129 28.60 -24.50 13.23
C SER K 129 29.05 -24.63 14.69
N MET K 130 30.21 -25.25 14.93
CA MET K 130 30.72 -25.42 16.30
C MET K 130 32.23 -25.70 16.35
N GLY K 131 32.88 -25.25 17.43
CA GLY K 131 34.31 -25.47 17.58
C GLY K 131 34.95 -24.59 18.65
N SER K 132 36.27 -24.39 18.55
CA SER K 132 37.02 -23.57 19.51
C SER K 132 36.41 -22.19 19.66
N SER K 133 36.43 -21.44 18.57
CA SER K 133 35.88 -20.10 18.54
C SER K 133 35.19 -19.87 17.20
N CYS K 134 33.86 -19.90 17.24
CA CYS K 134 33.10 -19.72 16.02
C CYS K 134 32.64 -18.27 15.76
N THR K 135 33.24 -17.63 14.76
CA THR K 135 32.88 -16.26 14.40
C THR K 135 32.40 -16.19 12.94
N ILE K 136 31.10 -16.03 12.77
CA ILE K 136 30.47 -15.99 11.45
C ILE K 136 29.95 -14.64 10.96
N LYS K 137 30.47 -14.17 9.82
CA LYS K 137 30.04 -12.92 9.22
C LYS K 137 29.33 -13.30 7.90
N VAL K 138 28.25 -12.64 7.57
CA VAL K 138 27.49 -12.99 6.38
C VAL K 138 27.26 -11.83 5.41
N CYS K 139 27.11 -12.15 4.13
CA CYS K 139 26.83 -11.14 3.11
C CYS K 139 25.80 -11.63 2.06
N PRO K 140 24.55 -11.18 2.20
CA PRO K 140 23.43 -11.52 1.31
C PRO K 140 23.66 -11.10 -0.13
N LEU K 141 23.35 -12.00 -1.05
CA LEU K 141 23.55 -11.73 -2.46
C LEU K 141 22.25 -11.53 -3.19
N ASN K 142 22.21 -10.55 -4.10
CA ASN K 142 21.02 -10.33 -4.89
C ASN K 142 21.18 -11.34 -6.01
N THR K 143 20.21 -11.43 -6.91
CA THR K 143 20.26 -12.41 -8.01
C THR K 143 21.37 -12.23 -9.03
N GLN K 144 22.45 -11.55 -8.65
CA GLN K 144 23.57 -11.31 -9.56
C GLN K 144 24.90 -11.76 -8.99
N THR K 145 24.87 -12.16 -7.71
CA THR K 145 26.07 -12.57 -6.98
C THR K 145 26.74 -11.30 -6.49
N LEU K 146 25.93 -10.26 -6.31
CA LEU K 146 26.42 -8.97 -5.82
C LEU K 146 25.94 -8.75 -4.40
N GLY K 147 26.74 -8.03 -3.61
CA GLY K 147 26.33 -7.81 -2.23
C GLY K 147 25.10 -6.92 -2.10
N ILE K 148 24.47 -6.98 -0.93
CA ILE K 148 23.32 -6.14 -0.63
C ILE K 148 23.70 -5.58 0.74
N GLY K 149 24.33 -4.43 0.73
CA GLY K 149 24.76 -3.84 1.98
C GLY K 149 26.17 -4.32 2.26
N CYS K 150 26.80 -4.91 1.23
CA CYS K 150 28.15 -5.42 1.36
C CYS K 150 28.86 -5.65 0.02
N LEU K 151 30.18 -5.71 0.08
CA LEU K 151 31.00 -5.97 -1.09
C LEU K 151 31.55 -7.37 -0.91
N THR K 152 31.11 -8.28 -1.77
CA THR K 152 31.57 -9.64 -1.70
C THR K 152 33.09 -9.72 -1.70
N THR K 153 33.77 -8.57 -1.77
CA THR K 153 35.22 -8.53 -1.80
C THR K 153 35.90 -8.21 -0.46
N ASP K 154 35.33 -7.30 0.34
CA ASP K 154 35.91 -6.93 1.63
C ASP K 154 34.99 -7.30 2.80
N THR K 155 35.41 -8.31 3.56
CA THR K 155 34.66 -8.82 4.71
C THR K 155 34.48 -7.81 5.83
N ALA K 156 35.00 -6.60 5.63
CA ALA K 156 34.84 -5.58 6.65
C ALA K 156 33.45 -4.96 6.48
N THR K 157 32.77 -5.35 5.41
CA THR K 157 31.43 -4.84 5.14
C THR K 157 30.38 -5.91 5.42
N PHE K 158 30.82 -7.10 5.80
CA PHE K 158 29.91 -8.20 6.08
C PHE K 158 29.09 -7.91 7.32
N GLU K 159 28.12 -8.78 7.61
CA GLU K 159 27.28 -8.60 8.78
C GLU K 159 27.62 -9.71 9.76
N GLU K 160 28.13 -9.35 10.94
CA GLU K 160 28.51 -10.34 11.94
C GLU K 160 27.29 -10.88 12.68
N VAL K 161 27.14 -12.20 12.69
CA VAL K 161 25.99 -12.85 13.34
C VAL K 161 26.36 -13.86 14.44
N ALA K 162 27.63 -13.86 14.83
CA ALA K 162 28.13 -14.77 15.84
C ALA K 162 29.56 -14.37 16.18
N THR K 163 29.83 -14.02 17.43
CA THR K 163 31.18 -13.62 17.77
C THR K 163 31.83 -14.57 18.77
N ALA K 164 32.56 -15.54 18.22
CA ALA K 164 33.29 -16.51 19.04
C ALA K 164 32.47 -17.43 19.94
N GLU K 165 31.51 -18.16 19.37
CA GLU K 165 30.71 -19.07 20.17
C GLU K 165 31.30 -20.47 19.97
N LYS K 166 30.86 -21.38 20.86
CA LYS K 166 31.29 -22.79 20.92
C LYS K 166 30.33 -23.70 20.19
N LEU K 167 29.10 -23.22 19.97
CA LEU K 167 27.99 -23.88 19.27
C LEU K 167 27.07 -22.79 18.78
N VAL K 168 26.75 -22.81 17.48
CA VAL K 168 25.90 -21.81 16.87
C VAL K 168 24.98 -22.34 15.77
N ILE K 169 23.68 -22.08 15.92
CA ILE K 169 22.71 -22.48 14.90
C ILE K 169 22.26 -21.17 14.27
N THR K 170 22.84 -20.87 13.10
CA THR K 170 22.56 -19.63 12.38
C THR K 170 21.36 -19.72 11.45
N ASP K 171 20.60 -18.65 11.41
CA ASP K 171 19.39 -18.59 10.60
C ASP K 171 19.39 -17.32 9.77
N VAL K 172 19.21 -17.47 8.46
CA VAL K 172 19.16 -16.32 7.55
C VAL K 172 17.85 -16.32 6.78
N VAL K 173 17.50 -15.17 6.20
CA VAL K 173 16.26 -15.06 5.44
C VAL K 173 16.24 -16.15 4.36
N ASP K 174 15.28 -17.06 4.46
CA ASP K 174 15.13 -18.17 3.53
C ASP K 174 15.06 -17.78 2.06
N GLY K 175 15.78 -18.54 1.23
CA GLY K 175 15.77 -18.30 -0.20
C GLY K 175 16.63 -17.15 -0.67
N VAL K 176 17.78 -16.95 -0.04
CA VAL K 176 18.69 -15.87 -0.43
C VAL K 176 20.11 -16.39 -0.34
N ASN K 177 20.92 -16.14 -1.36
CA ASN K 177 22.29 -16.62 -1.31
C ASN K 177 23.14 -15.71 -0.46
N HIS K 178 24.12 -16.30 0.21
CA HIS K 178 25.01 -15.55 1.10
C HIS K 178 26.48 -15.95 0.97
N LYS K 179 27.41 -14.95 0.80
CA LYS K 179 28.84 -15.32 0.83
C LYS K 179 29.13 -15.40 2.30
N LEU K 180 29.71 -16.50 2.76
CA LEU K 180 29.92 -16.68 4.18
C LEU K 180 31.36 -16.49 4.55
N ASP K 181 31.60 -15.96 5.74
CA ASP K 181 32.96 -15.79 6.18
C ASP K 181 33.12 -16.29 7.60
N VAL K 182 33.40 -17.58 7.74
CA VAL K 182 33.59 -18.16 9.05
C VAL K 182 35.08 -18.21 9.31
N THR K 183 35.46 -18.42 10.56
CA THR K 183 36.86 -18.51 10.94
C THR K 183 37.18 -20.00 11.01
N THR K 184 37.07 -20.65 9.86
CA THR K 184 37.29 -22.09 9.70
C THR K 184 38.51 -22.67 10.43
N ALA K 185 39.44 -21.82 10.80
CA ALA K 185 40.63 -22.26 11.52
C ALA K 185 40.23 -22.93 12.85
N THR K 186 39.40 -22.23 13.60
CA THR K 186 38.85 -22.72 14.85
C THR K 186 37.36 -23.16 14.69
N CYS K 187 36.72 -22.96 13.59
CA CYS K 187 35.33 -23.37 13.47
C CYS K 187 35.07 -24.33 12.30
N THR K 188 33.92 -25.01 12.48
CA THR K 188 33.50 -25.91 11.39
C THR K 188 32.02 -25.53 11.16
N ILE K 189 31.60 -25.20 9.93
CA ILE K 189 30.19 -24.86 9.72
C ILE K 189 29.64 -25.89 8.70
N ARG K 190 28.42 -26.47 9.11
CA ARG K 190 27.81 -27.50 8.27
C ARG K 190 26.33 -27.14 8.03
N ASN K 191 25.83 -27.52 6.86
CA ASN K 191 24.45 -27.26 6.47
C ASN K 191 23.48 -28.36 6.87
N CYS K 192 22.68 -28.11 7.93
CA CYS K 192 21.75 -29.11 8.43
C CYS K 192 20.25 -28.91 8.17
N LYS K 193 19.58 -30.03 7.89
CA LYS K 193 18.14 -30.07 7.72
C LYS K 193 17.56 -30.72 8.98
N LYS K 194 16.56 -30.12 9.66
CA LYS K 194 16.03 -30.66 10.94
C LYS K 194 14.92 -31.68 10.86
N LEU K 195 14.30 -32.01 11.99
CA LEU K 195 13.32 -33.05 11.82
C LEU K 195 12.93 -33.81 13.06
N GLY K 196 13.23 -35.06 12.84
CA GLY K 196 13.09 -36.04 13.82
C GLY K 196 13.65 -35.44 15.07
N PRO K 197 12.92 -35.77 16.10
CA PRO K 197 13.21 -35.39 17.43
C PRO K 197 13.88 -36.55 18.08
N ARG K 198 14.21 -36.29 19.29
CA ARG K 198 14.90 -37.31 19.92
C ARG K 198 14.16 -37.97 20.99
N GLU K 199 14.10 -39.26 20.74
CA GLU K 199 13.48 -40.19 21.60
C GLU K 199 14.50 -40.66 22.64
N ASN K 200 15.40 -39.76 23.10
CA ASN K 200 16.40 -40.12 24.13
C ASN K 200 16.55 -38.96 25.16
N VAL K 201 17.57 -38.11 25.03
CA VAL K 201 17.75 -37.00 25.94
C VAL K 201 16.42 -36.69 26.61
N ALA K 202 17.01 -35.92 27.79
CA ALA K 202 15.91 -35.51 28.57
C ALA K 202 16.56 -34.45 29.33
N VAL K 203 16.71 -33.37 28.62
CA VAL K 203 17.39 -32.32 29.31
C VAL K 203 16.70 -32.00 30.60
N ILE K 204 17.35 -32.22 31.73
CA ILE K 204 16.74 -31.85 32.99
C ILE K 204 17.40 -30.56 33.40
N GLN K 205 16.61 -29.53 33.56
CA GLN K 205 17.08 -28.25 33.91
C GLN K 205 17.10 -27.96 35.41
N VAL K 206 18.29 -27.58 35.88
CA VAL K 206 18.45 -27.05 37.22
C VAL K 206 18.64 -25.59 36.99
N GLY K 207 17.78 -25.06 37.92
CA GLY K 207 17.41 -23.76 38.34
C GLY K 207 16.57 -22.92 37.44
N GLY K 208 16.41 -21.72 38.07
CA GLY K 208 15.74 -20.50 37.58
C GLY K 208 14.28 -20.34 37.88
N SER K 209 13.59 -20.34 36.81
CA SER K 209 12.22 -20.37 36.61
C SER K 209 12.49 -20.73 35.20
N ASP K 210 11.81 -21.64 34.57
CA ASP K 210 12.06 -21.60 33.17
C ASP K 210 10.70 -21.73 32.51
N VAL K 211 10.84 -21.56 31.27
CA VAL K 211 9.98 -21.64 30.18
C VAL K 211 11.20 -21.58 29.30
N LEU K 212 11.16 -22.24 28.20
CA LEU K 212 12.30 -22.35 27.31
C LEU K 212 11.73 -22.09 25.91
N ASP K 213 12.26 -21.15 25.16
CA ASP K 213 11.83 -20.89 23.80
C ASP K 213 12.95 -21.45 22.91
N ILE K 214 12.76 -22.67 22.42
CA ILE K 214 13.76 -23.31 21.60
C ILE K 214 13.42 -23.22 20.10
N THR K 215 12.56 -22.28 19.63
CA THR K 215 12.31 -22.18 18.18
C THR K 215 13.08 -21.01 17.62
N ALA K 216 13.34 -21.03 16.32
CA ALA K 216 14.06 -19.92 15.70
C ALA K 216 13.08 -18.87 15.38
N ASP K 217 11.82 -19.25 15.22
CA ASP K 217 10.81 -18.25 14.85
C ASP K 217 10.23 -17.54 16.13
N PRO K 218 9.16 -16.81 16.02
CA PRO K 218 8.59 -16.12 17.13
C PRO K 218 7.24 -16.63 17.29
N THR K 219 6.90 -17.41 16.30
CA THR K 219 5.47 -17.75 16.38
C THR K 219 5.15 -18.90 17.23
N THR K 220 6.03 -19.90 17.23
CA THR K 220 5.85 -21.17 17.95
C THR K 220 6.69 -21.29 19.22
N ALA K 221 6.17 -22.06 20.12
CA ALA K 221 6.91 -22.42 21.32
C ALA K 221 6.64 -23.88 21.63
N PRO K 222 7.60 -24.81 21.38
CA PRO K 222 7.36 -26.20 21.70
C PRO K 222 8.06 -26.64 22.98
N GLN K 223 7.17 -27.28 23.72
CA GLN K 223 7.32 -27.89 25.01
C GLN K 223 7.15 -29.39 24.86
N THR K 224 8.27 -30.12 24.97
CA THR K 224 8.24 -31.57 24.83
C THR K 224 8.45 -32.28 26.16
N GLU K 225 8.19 -33.59 26.20
CA GLU K 225 8.34 -34.40 27.42
C GLU K 225 9.82 -34.57 27.74
N ARG K 226 10.67 -34.60 26.69
CA ARG K 226 12.13 -34.77 26.84
C ARG K 226 12.79 -33.46 27.27
N MET K 227 12.00 -32.62 27.93
CA MET K 227 12.47 -31.32 28.41
C MET K 227 11.94 -31.14 29.85
N MET K 228 12.61 -31.74 30.82
CA MET K 228 12.17 -31.69 32.22
C MET K 228 12.86 -30.65 33.09
N ARG K 229 12.30 -30.36 34.29
CA ARG K 229 12.92 -29.34 35.20
C ARG K 229 12.84 -29.80 36.69
N ILE K 230 13.96 -29.57 37.40
CA ILE K 230 14.13 -29.94 38.82
C ILE K 230 14.49 -28.72 39.68
N ASN K 231 13.95 -28.65 40.90
CA ASN K 231 14.23 -27.55 41.81
C ASN K 231 15.52 -27.79 42.60
N TRP K 232 16.50 -26.91 42.38
CA TRP K 232 17.80 -27.01 43.03
C TRP K 232 17.83 -26.84 44.53
N LYS K 233 18.59 -27.70 45.17
CA LYS K 233 18.79 -27.67 46.60
C LYS K 233 20.28 -27.91 46.69
N LYS K 234 20.65 -29.17 46.53
CA LYS K 234 22.02 -29.60 46.58
C LYS K 234 22.17 -30.60 45.45
N TRP K 235 23.38 -30.81 44.97
CA TRP K 235 23.58 -31.76 43.89
C TRP K 235 23.28 -33.19 44.31
N TRP K 236 23.62 -33.57 45.53
CA TRP K 236 23.32 -34.94 45.93
C TRP K 236 21.83 -35.20 45.78
N GLN K 237 21.01 -34.21 46.14
CA GLN K 237 19.56 -34.33 46.04
C GLN K 237 19.14 -34.51 44.59
N VAL K 238 19.72 -33.73 43.69
CA VAL K 238 19.39 -33.83 42.28
C VAL K 238 19.56 -35.27 41.81
N PHE K 239 20.74 -35.83 42.05
CA PHE K 239 21.00 -37.21 41.65
C PHE K 239 20.07 -38.19 42.32
N TYR K 240 19.80 -38.02 43.62
CA TYR K 240 18.88 -38.94 44.29
C TYR K 240 17.57 -38.95 43.52
N THR K 241 17.05 -37.78 43.18
CA THR K 241 15.79 -37.69 42.44
C THR K 241 15.89 -38.33 41.07
N VAL K 242 16.96 -38.05 40.35
CA VAL K 242 17.15 -38.65 39.04
C VAL K 242 17.08 -40.17 39.16
N VAL K 243 17.71 -40.72 40.21
CA VAL K 243 17.68 -42.16 40.45
C VAL K 243 16.28 -42.58 40.89
N ASP K 244 15.74 -41.92 41.91
CA ASP K 244 14.43 -42.30 42.42
C ASP K 244 13.32 -42.31 41.32
N TYR K 245 13.57 -41.59 40.19
CA TYR K 245 12.62 -41.45 39.06
C TYR K 245 13.20 -41.72 37.69
N VAL K 246 14.15 -42.66 37.64
CA VAL K 246 14.80 -43.07 36.40
C VAL K 246 13.83 -43.54 35.35
N ASN K 247 12.91 -44.40 35.74
CA ASN K 247 11.97 -44.98 34.82
C ASN K 247 11.00 -43.92 34.27
N GLN K 248 10.58 -43.05 35.14
CA GLN K 248 9.69 -41.99 34.78
C GLN K 248 10.36 -41.14 33.71
N ILE K 249 11.64 -40.84 33.94
CA ILE K 249 12.46 -40.06 33.02
C ILE K 249 12.72 -40.84 31.72
N ILE K 250 13.00 -42.13 31.85
CA ILE K 250 13.25 -42.96 30.67
C ILE K 250 11.97 -43.08 29.85
N GLN K 251 10.85 -43.27 30.53
CA GLN K 251 9.56 -43.41 29.86
C GLN K 251 9.19 -42.18 29.05
N ALA K 252 9.71 -41.03 29.43
CA ALA K 252 9.44 -39.81 28.69
C ALA K 252 10.29 -39.70 27.41
N MET K 253 11.23 -40.67 27.16
CA MET K 253 12.15 -40.77 25.99
C MET K 253 11.78 -42.00 25.09
N SER K 254 12.68 -43.04 25.06
CA SER K 254 12.48 -44.38 24.42
C SER K 254 12.85 -44.66 22.97
N LYS K 255 13.89 -45.52 22.86
CA LYS K 255 14.38 -45.96 21.59
C LYS K 255 15.46 -45.05 21.10
N PRO L 1 -25.08 -10.20 12.06
CA PRO L 1 -25.25 -11.55 11.53
C PRO L 1 -25.08 -11.61 10.01
N ILE L 2 -24.22 -12.80 10.38
CA ILE L 2 -24.05 -13.45 9.06
C ILE L 2 -24.82 -14.76 8.98
N THR L 3 -25.29 -15.05 7.77
CA THR L 3 -25.76 -16.39 7.38
C THR L 3 -24.68 -17.42 7.66
N GLY L 4 -25.10 -18.57 8.17
CA GLY L 4 -24.14 -19.59 8.64
C GLY L 4 -23.90 -20.75 7.67
N SER L 5 -24.49 -20.70 6.47
CA SER L 5 -24.33 -21.83 5.55
C SER L 5 -22.87 -22.04 5.19
N MET L 6 -22.50 -23.48 5.26
CA MET L 6 -21.15 -24.07 5.05
C MET L 6 -20.96 -24.33 3.57
N ASP L 7 -20.70 -23.24 2.88
CA ASP L 7 -20.50 -23.34 1.41
C ASP L 7 -19.21 -24.04 1.05
N THR L 8 -18.72 -23.65 2.16
CA THR L 8 -17.45 -24.32 2.33
C THR L 8 -16.31 -24.03 1.42
N ALA L 9 -16.14 -22.81 0.98
CA ALA L 9 -15.17 -22.28 0.00
C ALA L 9 -13.88 -21.51 0.41
N TYR L 10 -13.09 -21.99 0.84
CA TYR L 10 -12.11 -20.98 1.27
C TYR L 10 -11.52 -20.28 0.04
N ALA L 11 -11.51 -18.97 0.14
CA ALA L 11 -10.93 -18.04 -0.83
C ALA L 11 -9.43 -17.93 -0.57
N ASN L 12 -8.70 -18.41 -1.58
CA ASN L 12 -7.26 -18.57 -1.60
C ASN L 12 -6.26 -17.48 -1.22
N SER L 13 -5.22 -17.91 -0.53
CA SER L 13 -4.15 -17.02 -0.11
C SER L 13 -4.31 -16.27 1.20
N THR L 14 -4.72 -15.02 1.09
CA THR L 14 -4.90 -14.13 2.23
C THR L 14 -3.64 -13.28 2.32
N GLN L 15 -2.46 -13.92 2.26
CA GLN L 15 -1.20 -13.17 2.34
C GLN L 15 -0.97 -12.32 1.11
N GLU L 16 -1.69 -12.61 -0.02
CA GLU L 16 -1.50 -11.85 -1.30
C GLU L 16 -2.31 -10.59 -1.37
N GLU L 17 -3.02 -10.28 -0.32
CA GLU L 17 -3.77 -9.03 -0.32
C GLU L 17 -3.03 -8.12 0.63
N THR L 18 -2.48 -8.73 1.67
CA THR L 18 -1.73 -8.00 2.65
C THR L 18 -0.40 -7.52 2.06
N PHE L 19 0.23 -8.36 1.26
CA PHE L 19 1.48 -7.91 0.62
C PHE L 19 1.25 -6.68 -0.25
N LEU L 20 0.13 -6.69 -0.95
CA LEU L 20 -0.13 -5.56 -1.84
C LEU L 20 -0.62 -4.31 -1.11
N THR L 21 -1.58 -4.51 -0.22
CA THR L 21 -2.25 -3.33 0.34
C THR L 21 -1.80 -2.84 1.70
N SER L 22 -1.15 -3.65 2.51
CA SER L 22 -0.74 -3.20 3.83
C SER L 22 0.78 -2.78 4.06
N THR L 23 1.03 -1.97 5.18
CA THR L 23 2.33 -1.43 5.68
C THR L 23 2.76 -2.11 6.96
N LEU L 24 4.07 -2.34 7.06
CA LEU L 24 4.68 -3.01 8.19
C LEU L 24 5.65 -2.05 8.88
N CYS L 25 5.45 -1.81 10.17
CA CYS L 25 6.29 -0.90 10.96
C CYS L 25 7.02 -1.67 12.05
N LEU L 26 8.35 -1.63 11.99
CA LEU L 26 9.20 -2.33 12.95
C LEU L 26 9.73 -1.40 14.02
N TYR L 27 9.44 -1.70 15.27
CA TYR L 27 9.93 -0.87 16.36
C TYR L 27 11.05 -1.60 17.07
N TYR L 28 12.14 -0.94 17.26
CA TYR L 28 13.25 -1.50 17.96
C TYR L 28 13.84 -0.42 18.85
N PRO L 29 14.71 -0.80 19.78
CA PRO L 29 15.45 0.09 20.67
C PRO L 29 16.73 0.56 20.01
N THR L 30 17.29 1.65 20.50
CA THR L 30 18.53 2.17 19.92
C THR L 30 19.61 1.11 19.97
N GLU L 31 19.88 0.57 21.14
CA GLU L 31 20.92 -0.45 21.25
C GLU L 31 20.90 -1.45 20.11
N ALA L 32 19.69 -1.80 19.66
CA ALA L 32 19.53 -2.77 18.56
C ALA L 32 20.26 -2.30 17.32
N ALA L 33 19.93 -1.09 16.88
CA ALA L 33 20.56 -0.52 15.70
C ALA L 33 22.03 -0.23 15.92
N THR L 34 22.41 0.29 17.08
CA THR L 34 23.82 0.60 17.34
C THR L 34 24.69 -0.65 17.17
N GLU L 35 24.20 -1.80 17.59
CA GLU L 35 24.97 -3.03 17.48
C GLU L 35 25.14 -3.48 16.04
N ILE L 36 24.25 -3.00 15.19
CA ILE L 36 24.29 -3.38 13.77
C ILE L 36 25.35 -2.66 12.95
N ASN L 37 25.60 -1.42 13.36
CA ASN L 37 26.63 -0.53 12.91
C ASN L 37 26.80 -0.23 11.41
N ASP L 38 25.70 -0.28 10.70
CA ASP L 38 25.74 -0.06 9.26
C ASP L 38 24.82 1.13 8.91
N ASN L 39 25.21 1.90 7.91
CA ASN L 39 24.44 3.04 7.47
C ASN L 39 23.37 2.53 6.53
N SER L 40 23.44 1.28 6.11
CA SER L 40 22.45 0.79 5.17
C SER L 40 21.67 -0.42 5.65
N TRP L 41 21.63 -0.65 6.96
CA TRP L 41 20.92 -1.81 7.45
C TRP L 41 19.44 -1.73 7.15
N LYS L 42 18.85 -0.56 7.32
CA LYS L 42 17.43 -0.42 7.03
C LYS L 42 17.19 -0.77 5.57
N ASP L 43 18.10 -0.36 4.70
CA ASP L 43 18.00 -0.62 3.27
C ASP L 43 18.18 -2.11 2.92
N THR L 44 19.26 -2.71 3.40
CA THR L 44 19.52 -4.13 3.13
C THR L 44 18.30 -4.97 3.52
N LEU L 45 17.82 -4.78 4.75
CA LEU L 45 16.65 -5.53 5.21
C LEU L 45 15.44 -5.34 4.31
N SER L 46 15.32 -4.14 3.73
CA SER L 46 14.18 -3.83 2.87
C SER L 46 14.18 -4.62 1.58
N GLN L 47 15.36 -4.84 1.00
CA GLN L 47 15.46 -5.63 -0.21
C GLN L 47 15.13 -7.07 0.20
N LEU L 48 15.61 -7.44 1.38
CA LEU L 48 15.35 -8.78 1.88
C LEU L 48 13.85 -8.95 2.11
N PHE L 49 13.16 -7.85 2.40
CA PHE L 49 11.73 -7.91 2.62
C PHE L 49 10.95 -8.13 1.34
N LEU L 50 11.56 -7.86 0.19
CA LEU L 50 10.86 -8.09 -1.08
C LEU L 50 10.69 -9.59 -1.22
N THR L 51 11.69 -10.35 -0.75
CA THR L 51 11.65 -11.81 -0.81
C THR L 51 10.37 -12.33 -0.17
N LYS L 52 10.13 -11.91 1.06
CA LYS L 52 8.95 -12.32 1.80
C LYS L 52 7.68 -11.70 1.21
N GLY L 53 7.86 -10.86 0.20
CA GLY L 53 6.72 -10.25 -0.47
C GLY L 53 6.19 -8.87 -0.12
N TRP L 54 7.06 -7.96 0.31
CA TRP L 54 6.63 -6.61 0.67
C TRP L 54 7.33 -5.61 -0.24
N PRO L 55 6.57 -4.96 -1.13
CA PRO L 55 7.06 -3.97 -2.09
C PRO L 55 7.92 -2.92 -1.42
N THR L 56 8.91 -2.42 -2.15
CA THR L 56 9.83 -1.43 -1.62
C THR L 56 9.28 -0.41 -0.64
N GLY L 57 8.40 0.49 -1.08
CA GLY L 57 7.88 1.51 -0.17
C GLY L 57 7.00 1.06 1.00
N SER L 58 6.90 -0.25 1.18
CA SER L 58 6.06 -0.85 2.20
C SER L 58 6.50 -0.86 3.66
N VAL L 59 7.73 -1.27 3.95
CA VAL L 59 8.21 -1.37 5.34
C VAL L 59 8.90 -0.15 5.95
N TYR L 60 8.49 0.23 7.16
CA TYR L 60 9.09 1.37 7.89
C TYR L 60 9.83 0.98 9.18
N PHE L 61 10.93 1.66 9.48
CA PHE L 61 11.73 1.36 10.67
C PHE L 61 11.76 2.49 11.72
N LYS L 62 10.94 2.36 12.86
CA LYS L 62 10.85 3.38 13.97
C LYS L 62 11.72 2.91 15.17
N GLU L 63 12.57 3.84 15.62
CA GLU L 63 13.57 3.75 16.71
C GLU L 63 13.13 4.27 18.09
N TYR L 64 12.69 3.40 19.02
CA TYR L 64 12.33 3.98 20.31
C TYR L 64 13.59 4.07 21.17
N THR L 65 14.13 4.92 21.86
CA THR L 65 15.41 4.58 22.52
C THR L 65 15.24 3.97 23.89
N ASP L 66 14.03 3.95 24.42
CA ASP L 66 13.84 3.31 25.71
C ASP L 66 12.42 2.77 25.80
N ILE L 67 12.21 1.81 26.68
CA ILE L 67 10.85 1.35 26.88
C ILE L 67 9.96 2.44 27.50
N ALA L 68 10.51 3.34 28.29
CA ALA L 68 9.74 4.41 28.92
C ALA L 68 9.27 5.45 27.92
N SER L 69 10.24 5.90 26.99
CA SER L 69 9.77 6.89 26.02
C SER L 69 8.79 6.30 25.02
N PHE L 70 9.13 5.11 24.51
CA PHE L 70 8.29 4.40 23.56
C PHE L 70 6.89 4.21 24.15
N SER L 71 6.84 3.87 25.42
CA SER L 71 5.58 3.64 26.11
C SER L 71 4.67 4.86 26.07
N VAL L 72 5.27 6.04 26.09
CA VAL L 72 4.50 7.29 26.05
C VAL L 72 3.89 7.58 24.68
N ASP L 73 5.11 7.94 23.76
CA ASP L 73 5.12 8.56 22.46
C ASP L 73 4.78 7.66 21.27
N PRO L 74 4.66 6.36 21.57
CA PRO L 74 4.17 5.21 20.77
C PRO L 74 2.84 5.35 20.04
N GLN L 75 2.73 6.34 19.20
CA GLN L 75 1.69 6.34 18.18
C GLN L 75 2.11 5.48 17.00
N LEU L 76 1.46 4.45 16.97
CA LEU L 76 1.64 3.35 15.98
C LEU L 76 1.38 3.89 14.61
N TYR L 77 2.37 3.89 13.75
CA TYR L 77 2.23 4.51 12.43
C TYR L 77 1.64 3.64 11.32
N CYS L 78 1.98 2.38 11.30
CA CYS L 78 1.56 1.56 10.20
C CYS L 78 0.48 0.59 10.57
N ASP L 79 -0.09 0.01 9.50
CA ASP L 79 -1.16 -1.01 9.49
C ASP L 79 -0.80 -2.13 10.47
N TYR L 80 0.42 -2.68 10.27
CA TYR L 80 0.94 -3.77 11.13
C TYR L 80 2.15 -3.28 11.89
N ASN L 81 2.11 -3.43 13.20
CA ASN L 81 3.23 -3.01 14.02
C ASN L 81 3.80 -4.20 14.79
N VAL L 82 5.08 -4.45 14.63
CA VAL L 82 5.71 -5.54 15.37
C VAL L 82 6.83 -4.83 16.12
N VAL L 83 6.71 -4.83 17.45
CA VAL L 83 7.66 -4.15 18.32
C VAL L 83 8.62 -5.11 19.02
N LEU L 84 9.92 -4.83 18.88
CA LEU L 84 10.99 -5.63 19.47
C LEU L 84 11.37 -5.10 20.84
N MET L 85 11.24 -5.95 21.86
CA MET L 85 11.57 -5.60 23.25
C MET L 85 12.58 -6.59 23.80
N LYS L 86 13.76 -6.10 24.20
CA LYS L 86 14.81 -6.98 24.73
C LYS L 86 14.91 -6.92 26.25
N TYR L 87 14.77 -8.07 26.86
CA TYR L 87 14.73 -8.10 28.33
C TYR L 87 15.82 -7.34 29.11
N ASP L 88 15.21 -6.43 29.87
CA ASP L 88 15.79 -5.54 30.86
C ASP L 88 15.01 -5.89 32.11
N ALA L 89 15.68 -6.59 33.03
CA ALA L 89 15.01 -7.14 34.19
C ALA L 89 14.50 -6.16 35.25
N THR L 90 15.09 -4.97 35.29
CA THR L 90 14.64 -3.97 36.29
C THR L 90 13.43 -3.24 35.78
N LEU L 91 13.29 -3.20 34.45
CA LEU L 91 12.17 -2.48 33.82
C LEU L 91 10.92 -3.32 33.46
N GLN L 92 10.86 -4.52 34.00
CA GLN L 92 9.79 -5.50 33.75
C GLN L 92 8.33 -4.91 33.75
N LEU L 93 8.00 -4.24 34.84
CA LEU L 93 6.66 -3.65 34.95
C LEU L 93 6.49 -2.49 33.97
N ASP L 94 7.60 -1.86 33.59
CA ASP L 94 7.52 -0.72 32.66
C ASP L 94 7.03 -1.14 31.27
N MET L 95 7.68 -2.43 31.03
CA MET L 95 7.45 -3.28 29.88
C MET L 95 6.02 -3.86 29.87
N SER L 96 5.53 -4.31 31.00
CA SER L 96 4.21 -4.89 31.20
C SER L 96 3.10 -3.87 30.91
N GLU L 97 3.33 -2.67 31.47
CA GLU L 97 2.43 -1.53 31.32
C GLU L 97 2.45 -1.11 29.83
N LEU L 98 3.60 -1.14 29.17
CA LEU L 98 3.65 -0.81 27.76
C LEU L 98 2.99 -1.86 26.88
N ALA L 99 3.17 -3.13 27.24
CA ALA L 99 2.56 -4.21 26.47
C ALA L 99 1.06 -4.08 26.59
N ASP L 100 0.58 -3.93 27.83
CA ASP L 100 -0.84 -3.81 28.14
C ASP L 100 -1.49 -2.72 27.28
N LEU L 101 -0.72 -1.70 26.92
CA LEU L 101 -1.25 -0.62 26.12
C LEU L 101 -1.28 -0.94 24.61
N ILE L 102 -0.20 -1.47 24.06
CA ILE L 102 -0.16 -1.78 22.62
C ILE L 102 -1.00 -2.98 22.25
N LEU L 103 -0.80 -4.07 22.97
CA LEU L 103 -1.52 -5.32 22.73
C LEU L 103 -3.03 -5.22 22.88
N ASN L 104 -3.51 -4.17 23.53
CA ASN L 104 -4.94 -4.01 23.76
C ASN L 104 -5.56 -2.78 23.12
N GLU L 105 -6.88 -2.82 23.06
CA GLU L 105 -7.70 -1.75 22.49
C GLU L 105 -8.17 -0.82 23.63
N TRP L 106 -7.99 0.46 23.69
CA TRP L 106 -8.22 1.32 24.86
C TRP L 106 -9.18 2.45 24.49
N LEU L 107 -9.99 2.84 25.45
CA LEU L 107 -10.96 3.92 25.23
C LEU L 107 -10.62 4.79 26.45
N CYS L 108 -10.27 6.07 26.27
CA CYS L 108 -10.05 7.02 27.35
C CYS L 108 -10.77 8.36 27.26
N ASN L 109 -10.92 8.98 28.42
CA ASN L 109 -11.54 10.29 28.60
C ASN L 109 -10.57 11.03 29.49
N PRO L 110 -10.64 12.36 29.52
CA PRO L 110 -9.71 13.13 30.36
C PRO L 110 -10.23 13.28 31.79
N MET L 111 -9.31 13.37 32.74
CA MET L 111 -9.64 13.51 34.16
C MET L 111 -9.16 14.84 34.72
N ASP L 112 -10.00 15.50 35.52
CA ASP L 112 -9.55 16.74 36.12
C ASP L 112 -9.31 16.49 37.60
N ILE L 113 -8.08 16.13 37.91
CA ILE L 113 -7.67 15.84 39.27
C ILE L 113 -7.98 16.98 40.23
N THR L 114 -7.96 18.20 39.71
CA THR L 114 -8.20 19.42 40.50
C THR L 114 -9.61 19.55 41.08
N LEU L 115 -10.61 19.56 40.20
CA LEU L 115 -12.00 19.77 40.64
C LEU L 115 -12.77 18.48 41.00
N TYR L 116 -12.61 17.03 40.79
CA TYR L 116 -13.58 15.93 40.90
C TYR L 116 -12.71 14.67 41.28
N TYR L 117 -13.17 14.05 42.34
CA TYR L 117 -12.44 12.96 42.87
C TYR L 117 -13.01 11.82 42.18
N TYR L 118 -12.25 10.98 41.49
CA TYR L 118 -12.97 9.86 40.79
C TYR L 118 -12.94 8.49 41.53
N GLN L 119 -13.49 7.41 40.80
CA GLN L 119 -13.66 5.95 41.13
C GLN L 119 -13.70 5.03 39.82
N GLN L 120 -13.13 3.78 39.87
CA GLN L 120 -13.13 2.90 38.71
C GLN L 120 -14.38 2.06 38.88
N THR L 121 -14.97 1.65 37.76
CA THR L 121 -16.20 0.88 37.82
C THR L 121 -16.15 -0.65 37.76
N ASP L 122 -15.41 -1.21 36.81
CA ASP L 122 -15.32 -2.66 36.64
C ASP L 122 -13.89 -3.14 36.45
N GLU L 123 -13.70 -4.44 36.25
CA GLU L 123 -12.35 -4.95 36.04
C GLU L 123 -11.75 -4.38 34.77
N ALA L 124 -12.48 -3.48 34.09
CA ALA L 124 -12.00 -2.91 32.85
C ALA L 124 -11.82 -1.40 32.87
N ASN L 125 -12.06 -0.78 34.02
CA ASN L 125 -11.90 0.66 34.13
C ASN L 125 -10.58 0.87 34.86
N LYS L 126 -9.58 1.40 34.15
CA LYS L 126 -8.25 1.63 34.73
C LYS L 126 -7.79 3.06 34.48
N TRP L 127 -6.85 3.55 35.28
CA TRP L 127 -6.35 4.91 35.06
C TRP L 127 -4.96 4.89 34.43
N ILE L 128 -4.89 5.17 33.13
CA ILE L 128 -3.62 5.18 32.44
C ILE L 128 -3.04 6.57 32.32
N SER L 129 -1.96 6.80 33.05
CA SER L 129 -1.27 8.08 33.07
C SER L 129 0.12 7.90 32.48
N MET L 130 0.64 8.91 31.79
CA MET L 130 1.99 8.84 31.20
C MET L 130 2.61 10.21 30.88
N GLY L 131 3.94 10.30 30.96
CA GLY L 131 4.62 11.55 30.68
C GLY L 131 6.06 11.58 31.17
N SER L 132 6.60 12.79 31.36
CA SER L 132 7.98 12.98 31.82
C SER L 132 8.25 12.20 33.09
N SER L 133 7.54 12.60 34.15
CA SER L 133 7.68 11.96 35.44
C SER L 133 6.30 11.85 36.09
N CYS L 134 5.75 10.65 36.08
CA CYS L 134 4.44 10.42 36.65
C CYS L 134 4.45 9.96 38.11
N THR L 135 4.01 10.84 39.03
CA THR L 135 3.96 10.51 40.46
C THR L 135 2.53 10.67 40.98
N ILE L 136 1.86 9.54 41.21
CA ILE L 136 0.48 9.51 41.67
C ILE L 136 0.23 9.10 43.12
N LYS L 137 -0.38 9.98 43.92
CA LYS L 137 -0.72 9.70 45.30
C LYS L 137 -2.26 9.64 45.36
N VAL L 138 -2.81 8.72 46.12
CA VAL L 138 -4.26 8.57 46.17
C VAL L 138 -4.84 8.63 47.58
N CYS L 139 -6.10 9.05 47.68
CA CYS L 139 -6.81 9.12 48.97
C CYS L 139 -8.28 8.68 48.85
N PRO L 140 -8.56 7.43 49.26
CA PRO L 140 -9.90 6.82 49.23
C PRO L 140 -10.91 7.58 50.08
N LEU L 141 -12.09 7.79 49.53
CA LEU L 141 -13.13 8.52 50.21
C LEU L 141 -14.27 7.62 50.66
N ASN L 142 -14.76 7.85 51.87
CA ASN L 142 -15.89 7.07 52.36
C ASN L 142 -17.08 7.80 51.74
N THR L 143 -18.30 7.30 51.96
CA THR L 143 -19.49 7.91 51.37
C THR L 143 -19.84 9.33 51.84
N GLN L 144 -18.85 10.06 52.34
CA GLN L 144 -19.08 11.41 52.84
C GLN L 144 -18.15 12.42 52.20
N THR L 145 -17.20 11.93 51.42
CA THR L 145 -16.17 12.76 50.77
C THR L 145 -15.09 13.01 51.82
N LEU L 146 -14.99 12.08 52.77
CA LEU L 146 -13.98 12.19 53.82
C LEU L 146 -12.91 11.13 53.60
N GLY L 147 -11.68 11.44 54.02
CA GLY L 147 -10.61 10.48 53.81
C GLY L 147 -10.76 9.21 54.64
N ILE L 148 -10.07 8.17 54.23
CA ILE L 148 -10.05 6.90 54.95
C ILE L 148 -8.56 6.61 55.05
N GLY L 149 -7.95 7.06 56.15
CA GLY L 149 -6.53 6.87 56.30
C GLY L 149 -5.83 8.08 55.72
N CYS L 150 -6.60 9.13 55.47
CA CYS L 150 -6.07 10.37 54.92
C CYS L 150 -6.97 11.58 55.10
N LEU L 151 -6.37 12.76 55.00
CA LEU L 151 -7.10 14.00 55.10
C LEU L 151 -7.12 14.60 53.71
N THR L 152 -8.31 14.66 53.12
CA THR L 152 -8.44 15.21 51.79
C THR L 152 -7.81 16.59 51.69
N THR L 153 -7.26 17.09 52.79
CA THR L 153 -6.65 18.41 52.81
C THR L 153 -5.11 18.45 52.67
N ASP L 154 -4.41 17.49 53.30
CA ASP L 154 -2.95 17.43 53.23
C ASP L 154 -2.45 16.17 52.54
N THR L 155 -1.91 16.34 51.33
CA THR L 155 -1.40 15.25 50.50
C THR L 155 -0.23 14.51 51.12
N ALA L 156 0.18 14.92 52.32
CA ALA L 156 1.28 14.24 52.98
C ALA L 156 0.71 12.98 53.64
N THR L 157 -0.61 12.85 53.63
CA THR L 157 -1.26 11.70 54.21
C THR L 157 -1.79 10.75 53.13
N PHE L 158 -1.61 11.14 51.87
CA PHE L 158 -2.08 10.32 50.76
C PHE L 158 -1.29 9.03 50.67
N GLU L 159 -1.71 8.15 49.78
CA GLU L 159 -1.02 6.88 49.60
C GLU L 159 -0.37 6.92 48.22
N GLU L 160 0.97 6.85 48.19
CA GLU L 160 1.71 6.89 46.93
C GLU L 160 1.67 5.54 46.21
N VAL L 161 1.22 5.55 44.95
CA VAL L 161 1.09 4.32 44.16
C VAL L 161 1.90 4.32 42.84
N ALA L 162 2.77 5.31 42.70
CA ALA L 162 3.59 5.44 41.51
C ALA L 162 4.61 6.56 41.75
N THR L 163 5.89 6.24 41.69
CA THR L 163 6.89 7.26 41.93
C THR L 163 7.74 7.57 40.71
N ALA L 164 7.31 8.55 39.94
CA ALA L 164 8.03 8.99 38.75
C ALA L 164 8.18 7.98 37.62
N GLU L 165 7.07 7.44 37.11
CA GLU L 165 7.15 6.49 36.02
C GLU L 165 6.82 7.26 34.74
N LYS L 166 7.14 6.60 33.61
CA LYS L 166 6.96 7.14 32.25
C LYS L 166 5.66 6.66 31.62
N LEU L 167 5.07 5.59 32.18
CA LEU L 167 3.81 4.96 31.78
C LEU L 167 3.32 4.20 33.00
N VAL L 168 2.07 4.46 33.39
CA VAL L 168 1.46 3.82 34.55
C VAL L 168 -0.01 3.50 34.41
N ILE L 169 -0.37 2.25 34.64
CA ILE L 169 -1.77 1.83 34.59
C ILE L 169 -2.13 1.54 36.04
N THR L 170 -2.79 2.50 36.68
CA THR L 170 -3.17 2.42 38.08
C THR L 170 -4.50 1.73 38.31
N ASP L 171 -4.55 0.92 39.37
CA ASP L 171 -5.75 0.15 39.70
C ASP L 171 -6.08 0.35 41.17
N VAL L 172 -7.33 0.75 41.44
CA VAL L 172 -7.80 0.95 42.82
C VAL L 172 -9.01 0.09 43.09
N VAL L 173 -9.32 -0.12 44.37
CA VAL L 173 -10.47 -0.94 44.73
C VAL L 173 -11.73 -0.39 44.04
N ASP L 174 -12.32 -1.20 43.16
CA ASP L 174 -13.50 -0.82 42.41
C ASP L 174 -14.67 -0.31 43.24
N GLY L 175 -15.29 0.76 42.76
CA GLY L 175 -16.45 1.32 43.43
C GLY L 175 -16.15 2.16 44.66
N VAL L 176 -15.05 2.92 44.62
CA VAL L 176 -14.69 3.77 45.75
C VAL L 176 -14.16 5.08 45.19
N ASN L 177 -14.61 6.19 45.75
CA ASN L 177 -14.12 7.46 45.24
C ASN L 177 -12.76 7.78 45.82
N HIS L 178 -11.94 8.46 45.02
CA HIS L 178 -10.58 8.81 45.44
C HIS L 178 -10.18 10.23 45.07
N LYS L 179 -9.64 11.02 46.05
CA LYS L 179 -9.10 12.35 45.66
C LYS L 179 -7.74 12.02 45.12
N LEU L 180 -7.42 12.47 43.93
CA LEU L 180 -6.17 12.10 43.30
C LEU L 180 -5.18 13.23 43.35
N ASP L 181 -3.91 12.89 43.47
CA ASP L 181 -2.89 13.92 43.45
C ASP L 181 -1.75 13.54 42.53
N VAL L 182 -1.90 13.88 41.26
CA VAL L 182 -0.86 13.57 40.30
C VAL L 182 -0.01 14.83 40.14
N THR L 183 1.17 14.67 39.54
CA THR L 183 2.06 15.79 39.31
C THR L 183 1.82 16.23 37.87
N THR L 184 0.59 16.67 37.60
CA THR L 184 0.14 17.11 36.29
C THR L 184 1.11 17.98 35.48
N ALA L 185 2.09 18.56 36.16
CA ALA L 185 3.07 19.39 35.48
C ALA L 185 3.83 18.56 34.44
N THR L 186 4.33 17.43 34.88
CA THR L 186 5.03 16.46 34.04
C THR L 186 4.12 15.24 33.71
N CYS L 187 2.96 15.08 34.26
CA CYS L 187 2.15 13.92 33.93
C CYS L 187 0.76 14.28 33.39
N THR L 188 0.23 13.26 32.72
CA THR L 188 -1.15 13.41 32.21
C THR L 188 -1.88 12.15 32.67
N ILE L 189 -3.00 12.23 33.38
CA ILE L 189 -3.70 11.01 33.80
C ILE L 189 -5.10 11.04 33.16
N ARG L 190 -5.45 9.84 32.50
CA ARG L 190 -6.73 9.76 31.80
C ARG L 190 -7.46 8.48 32.24
N ASN L 191 -8.79 8.56 32.26
CA ASN L 191 -9.63 7.45 32.66
C ASN L 191 -10.02 6.53 31.50
N CYS L 192 -9.40 5.34 31.44
CA CYS L 192 -9.67 4.41 30.34
C CYS L 192 -10.47 3.14 30.64
N LYS L 193 -11.31 2.77 29.69
CA LYS L 193 -12.09 1.55 29.73
C LYS L 193 -11.45 0.57 28.73
N LYS L 194 -11.12 -0.67 29.12
CA LYS L 194 -10.40 -1.61 28.21
C LYS L 194 -11.25 -2.47 27.29
N LEU L 195 -10.64 -3.46 26.64
CA LEU L 195 -11.51 -4.16 25.72
C LEU L 195 -10.83 -4.94 24.62
N GLY L 196 -11.26 -4.42 23.49
CA GLY L 196 -10.77 -4.84 22.27
C GLY L 196 -9.29 -4.92 22.43
N PRO L 197 -8.81 -5.97 21.81
CA PRO L 197 -7.43 -6.30 21.75
C PRO L 197 -6.95 -5.82 20.43
N ARG L 198 -5.68 -6.06 20.28
CA ARG L 198 -5.14 -5.58 19.11
C ARG L 198 -4.75 -6.61 18.16
N GLU L 199 -5.36 -6.40 17.02
CA GLU L 199 -5.15 -7.21 15.88
C GLU L 199 -3.96 -6.67 15.08
N ASN L 200 -2.93 -6.16 15.78
CA ASN L 200 -1.72 -5.64 15.09
C ASN L 200 -0.44 -6.06 15.86
N VAL L 201 0.13 -5.17 16.69
CA VAL L 201 1.32 -5.53 17.47
C VAL L 201 1.40 -7.04 17.57
N ALA L 202 2.89 -7.08 17.93
CA ALA L 202 3.21 -8.45 18.09
C ALA L 202 4.45 -8.29 18.85
N VAL L 203 4.23 -7.99 20.10
CA VAL L 203 5.40 -7.78 20.86
C VAL L 203 6.30 -8.98 20.78
N ILE L 204 7.48 -8.83 20.19
CA ILE L 204 8.40 -9.95 20.16
C ILE L 204 9.42 -9.67 21.25
N GLN L 205 9.51 -10.57 22.18
CA GLN L 205 10.40 -10.44 23.29
C GLN L 205 11.76 -11.07 23.10
N VAL L 206 12.80 -10.22 23.29
CA VAL L 206 14.15 -10.72 23.37
C VAL L 206 14.46 -10.61 24.83
N GLY L 207 15.05 -11.84 25.05
CA GLY L 207 15.64 -12.49 26.16
C GLY L 207 14.74 -12.96 27.27
N GLY L 208 15.56 -13.51 28.21
CA GLY L 208 15.21 -14.06 29.54
C GLY L 208 14.89 -15.53 29.62
N SER L 209 13.68 -15.71 29.97
CA SER L 209 12.91 -16.86 30.04
C SER L 209 11.71 -15.99 30.13
N ASP L 210 10.62 -16.24 29.47
CA ASP L 210 9.54 -15.43 29.95
C ASP L 210 8.36 -16.38 30.06
N VAL L 211 7.40 -15.75 30.60
CA VAL L 211 6.08 -16.08 30.88
C VAL L 211 5.86 -14.61 31.19
N LEU L 212 4.72 -14.12 30.90
CA LEU L 212 4.41 -12.71 31.06
C LEU L 212 3.05 -12.68 31.76
N ASP L 213 2.91 -11.99 32.87
CA ASP L 213 1.64 -11.85 33.55
C ASP L 213 1.19 -10.42 33.28
N ILE L 214 0.33 -10.25 32.28
CA ILE L 214 -0.12 -8.92 31.90
C ILE L 214 -1.53 -8.62 32.48
N THR L 215 -2.03 -9.31 33.51
CA THR L 215 -3.35 -8.95 34.09
C THR L 215 -3.16 -8.16 35.34
N ALA L 216 -4.16 -7.38 35.73
CA ALA L 216 -4.05 -6.60 36.96
C ALA L 216 -4.44 -7.49 38.08
N ASP L 217 -5.23 -8.52 37.79
CA ASP L 217 -5.70 -9.40 38.88
C ASP L 217 -4.62 -10.51 39.17
N PRO L 218 -4.98 -11.53 39.91
CA PRO L 218 -4.06 -12.58 40.24
C PRO L 218 -4.66 -13.80 39.73
N THR L 219 -5.87 -13.61 39.31
CA THR L 219 -6.53 -14.90 38.99
C THR L 219 -6.26 -15.41 37.63
N THR L 220 -6.18 -14.50 36.68
CA THR L 220 -6.01 -14.81 35.24
C THR L 220 -4.61 -14.56 34.72
N ALA L 221 -4.27 -15.32 33.71
CA ALA L 221 -3.05 -15.10 32.98
C ALA L 221 -3.32 -15.30 31.50
N PRO L 222 -3.38 -14.22 30.68
CA PRO L 222 -3.62 -14.40 29.26
C PRO L 222 -2.36 -14.24 28.42
N GLN L 223 -2.29 -15.30 27.61
CA GLN L 223 -1.30 -15.62 26.62
C GLN L 223 -1.94 -15.53 25.25
N THR L 224 -1.58 -14.49 24.51
CA THR L 224 -2.13 -14.29 23.15
C THR L 224 -1.10 -14.56 22.07
N GLU L 225 -1.56 -14.67 20.82
CA GLU L 225 -0.70 -14.93 19.66
C GLU L 225 0.16 -13.70 19.37
N ARG L 226 -0.38 -12.51 19.66
CA ARG L 226 0.33 -11.24 19.41
C ARG L 226 1.35 -10.97 20.51
N MET L 227 1.83 -12.04 21.12
CA MET L 227 2.83 -11.97 22.20
C MET L 227 3.87 -13.07 21.92
N MET L 228 4.82 -12.79 21.04
CA MET L 228 5.84 -13.78 20.66
C MET L 228 7.19 -13.63 21.36
N ARG L 229 8.06 -14.66 21.27
CA ARG L 229 9.39 -14.60 21.94
C ARG L 229 10.50 -15.23 21.05
N ILE L 230 11.66 -14.54 21.01
CA ILE L 230 12.84 -14.94 20.22
C ILE L 230 14.08 -15.09 21.10
N ASN L 231 14.91 -16.09 20.80
CA ASN L 231 16.14 -16.35 21.55
C ASN L 231 17.29 -15.49 21.04
N TRP L 232 17.77 -14.62 21.93
CA TRP L 232 18.85 -13.69 21.61
C TRP L 232 20.21 -14.31 21.29
N LYS L 233 20.83 -13.79 20.26
CA LYS L 233 22.15 -14.21 19.84
C LYS L 233 22.80 -12.87 19.56
N LYS L 234 22.45 -12.32 18.40
CA LYS L 234 22.95 -11.05 17.95
C LYS L 234 21.76 -10.33 17.35
N TRP L 235 21.81 -9.01 17.27
CA TRP L 235 20.69 -8.29 16.71
C TRP L 235 20.50 -8.56 15.23
N TRP L 236 21.58 -8.70 14.47
CA TRP L 236 21.41 -8.99 13.05
C TRP L 236 20.56 -10.24 12.88
N GLN L 237 20.81 -11.24 13.73
CA GLN L 237 20.07 -12.50 13.68
C GLN L 237 18.59 -12.26 13.97
N VAL L 238 18.30 -11.45 14.98
CA VAL L 238 16.91 -11.17 15.33
C VAL L 238 16.17 -10.65 14.10
N PHE L 239 16.72 -9.61 13.47
CA PHE L 239 16.08 -9.05 12.29
C PHE L 239 15.98 -10.05 11.16
N TYR L 240 17.01 -10.86 10.92
CA TYR L 240 16.93 -11.85 9.87
C TYR L 240 15.71 -12.72 10.11
N THR L 241 15.54 -13.19 11.35
CA THR L 241 14.39 -14.02 11.69
C THR L 241 13.08 -13.30 11.50
N VAL L 242 12.99 -12.05 11.98
CA VAL L 242 11.78 -11.28 11.82
C VAL L 242 11.42 -11.22 10.33
N VAL L 243 12.42 -11.03 9.47
CA VAL L 243 12.19 -10.98 8.02
C VAL L 243 11.85 -12.37 7.51
N ASP L 244 12.68 -13.36 7.84
CA ASP L 244 12.43 -14.72 7.35
C ASP L 244 11.03 -15.27 7.71
N TYR L 245 10.38 -14.65 8.73
CA TYR L 245 9.04 -15.07 9.24
C TYR L 245 8.04 -13.94 9.40
N VAL L 246 8.14 -12.95 8.51
CA VAL L 246 7.24 -11.81 8.48
C VAL L 246 5.79 -12.20 8.39
N ASN L 247 5.48 -13.09 7.47
CA ASN L 247 4.11 -13.49 7.24
C ASN L 247 3.54 -14.26 8.42
N GLN L 248 4.36 -15.09 9.00
CA GLN L 248 3.96 -15.89 10.13
C GLN L 248 3.59 -14.93 11.26
N ILE L 249 4.42 -13.90 11.44
CA ILE L 249 4.21 -12.87 12.46
C ILE L 249 2.99 -12.01 12.12
N ILE L 250 2.84 -11.66 10.85
CA ILE L 250 1.71 -10.86 10.42
C ILE L 250 0.42 -11.65 10.59
N GLN L 251 0.46 -12.93 10.22
CA GLN L 251 -0.70 -13.80 10.32
C GLN L 251 -1.20 -13.94 11.75
N ALA L 252 -0.33 -13.76 12.71
CA ALA L 252 -0.70 -13.85 14.11
C ALA L 252 -1.41 -12.55 14.60
N MET L 253 -1.51 -11.49 13.73
CA MET L 253 -2.14 -10.17 13.99
C MET L 253 -3.42 -9.98 13.11
N SER L 254 -3.37 -9.05 12.10
CA SER L 254 -4.39 -8.80 11.03
C SER L 254 -5.55 -7.84 11.22
N LYS L 255 -5.45 -6.74 10.42
CA LYS L 255 -6.45 -5.72 10.38
C LYS L 255 -6.14 -4.65 11.36
N PRO M 1 -21.11 -41.58 48.15
CA PRO M 1 -22.03 -41.37 47.04
C PRO M 1 -23.28 -40.58 47.46
N ILE M 2 -22.94 -39.82 46.19
CA ILE M 2 -24.18 -39.04 45.99
C ILE M 2 -24.97 -39.54 44.78
N THR M 3 -26.28 -39.44 44.89
CA THR M 3 -27.21 -39.55 43.76
C THR M 3 -26.80 -38.56 42.66
N GLY M 4 -26.88 -39.02 41.42
CA GLY M 4 -26.36 -38.23 40.29
C GLY M 4 -27.42 -37.48 39.47
N SER M 5 -28.70 -37.53 39.92
CA SER M 5 -29.74 -36.87 39.13
C SER M 5 -29.48 -35.37 39.02
N MET M 6 -29.68 -34.91 37.61
CA MET M 6 -29.46 -33.53 37.10
C MET M 6 -30.72 -32.73 37.29
N ASP M 7 -30.89 -32.32 38.54
CA ASP M 7 -32.08 -31.52 38.91
C ASP M 7 -32.04 -30.13 38.33
N THR M 8 -30.77 -30.19 38.34
CA THR M 8 -30.27 -29.04 37.63
C THR M 8 -30.49 -27.67 38.16
N ALA M 9 -30.43 -27.47 39.46
CA ALA M 9 -30.70 -26.25 40.24
C ALA M 9 -29.58 -25.35 40.81
N TYR M 10 -29.00 -24.76 40.22
CA TYR M 10 -27.93 -24.16 41.02
C TYR M 10 -28.51 -23.21 42.05
N ALA M 11 -28.05 -23.38 43.27
CA ALA M 11 -28.35 -22.57 44.45
C ALA M 11 -27.45 -21.33 44.44
N ASN M 12 -28.15 -20.22 44.30
CA ASN M 12 -27.63 -18.86 44.13
C ASN M 12 -26.54 -18.26 45.02
N SER M 13 -25.63 -17.54 44.37
CA SER M 13 -24.56 -16.85 45.08
C SER M 13 -23.26 -17.60 45.36
N THR M 14 -23.17 -18.12 46.58
CA THR M 14 -21.99 -18.84 47.07
C THR M 14 -21.14 -17.83 47.82
N GLN M 15 -20.89 -16.68 47.20
CA GLN M 15 -20.06 -15.67 47.87
C GLN M 15 -20.77 -15.04 49.06
N GLU M 16 -22.11 -15.19 49.18
CA GLU M 16 -22.89 -14.58 50.28
C GLU M 16 -22.96 -15.43 51.52
N GLU M 17 -22.30 -16.56 51.51
CA GLU M 17 -22.25 -17.38 52.70
C GLU M 17 -20.84 -17.19 53.23
N THR M 18 -19.89 -17.04 52.32
CA THR M 18 -18.49 -16.85 52.68
C THR M 18 -18.27 -15.47 53.27
N PHE M 19 -18.97 -14.48 52.74
CA PHE M 19 -18.84 -13.13 53.35
C PHE M 19 -19.33 -13.13 54.79
N LEU M 20 -20.42 -13.85 55.02
CA LEU M 20 -20.96 -13.85 56.38
C LEU M 20 -20.17 -14.74 57.34
N THR M 21 -19.92 -15.96 56.91
CA THR M 21 -19.33 -16.91 57.85
C THR M 21 -17.83 -17.07 57.80
N SER M 22 -17.08 -16.54 56.83
CA SER M 22 -15.59 -16.83 56.88
C SER M 22 -14.56 -15.74 57.16
N THR M 23 -13.37 -16.15 57.65
CA THR M 23 -12.24 -15.23 57.95
C THR M 23 -11.19 -15.27 56.83
N LEU M 24 -10.61 -14.10 56.57
CA LEU M 24 -9.57 -13.95 55.56
C LEU M 24 -8.29 -13.45 56.24
N CYS M 25 -7.20 -14.20 56.07
CA CYS M 25 -5.90 -13.87 56.67
C CYS M 25 -4.88 -13.58 55.59
N LEU M 26 -4.35 -12.34 55.60
CA LEU M 26 -3.37 -11.90 54.62
C LEU M 26 -1.97 -11.97 55.16
N TYR M 27 -1.09 -12.72 54.49
CA TYR M 27 0.27 -12.81 54.93
C TYR M 27 1.16 -12.02 53.99
N TYR M 28 1.98 -11.19 54.55
CA TYR M 28 2.89 -10.40 53.76
C TYR M 28 4.22 -10.36 54.50
N PRO M 29 5.27 -9.92 53.82
CA PRO M 29 6.61 -9.72 54.37
C PRO M 29 6.73 -8.34 55.00
N THR M 30 7.71 -8.17 55.88
CA THR M 30 7.90 -6.87 56.52
C THR M 30 8.08 -5.79 55.48
N GLU M 31 9.06 -5.97 54.59
CA GLU M 31 9.31 -4.96 53.57
C GLU M 31 8.02 -4.40 52.98
N ALA M 32 7.02 -5.25 52.81
CA ALA M 32 5.73 -4.84 52.24
C ALA M 32 5.11 -3.72 53.06
N ALA M 33 4.96 -3.97 54.36
CA ALA M 33 4.38 -2.99 55.25
C ALA M 33 5.27 -1.78 55.42
N THR M 34 6.59 -1.99 55.55
CA THR M 34 7.50 -0.85 55.72
C THR M 34 7.36 0.16 54.59
N GLU M 35 7.18 -0.33 53.36
CA GLU M 35 7.05 0.56 52.21
C GLU M 35 5.78 1.36 52.24
N ILE M 36 4.80 0.84 52.98
CA ILE M 36 3.49 1.50 53.06
C ILE M 36 3.46 2.72 53.98
N ASN M 37 4.27 2.64 55.02
CA ASN M 37 4.59 3.66 55.98
C ASN M 37 3.46 4.39 56.73
N ASP M 38 2.37 3.70 56.93
CA ASP M 38 1.22 4.31 57.58
C ASP M 38 0.88 3.48 58.84
N ASN M 39 0.41 4.16 59.88
CA ASN M 39 0.04 3.51 61.11
C ASN M 39 -1.38 2.99 60.96
N SER M 40 -2.06 3.38 59.89
CA SER M 40 -3.44 2.93 59.74
C SER M 40 -3.72 2.15 58.47
N TRP M 41 -2.68 1.61 57.84
CA TRP M 41 -2.91 0.90 56.60
C TRP M 41 -3.78 -0.33 56.80
N LYS M 42 -3.53 -1.07 57.87
CA LYS M 42 -4.35 -2.24 58.12
C LYS M 42 -5.80 -1.82 58.24
N ASP M 43 -6.03 -0.68 58.89
CA ASP M 43 -7.38 -0.15 59.09
C ASP M 43 -8.04 0.33 57.79
N THR M 44 -7.34 1.18 57.03
CA THR M 44 -7.88 1.69 55.77
C THR M 44 -8.31 0.52 54.87
N LEU M 45 -7.41 -0.44 54.68
CA LEU M 45 -7.73 -1.60 53.85
C LEU M 45 -8.97 -2.35 54.35
N SER M 46 -9.16 -2.36 55.65
CA SER M 46 -10.29 -3.05 56.26
C SER M 46 -11.63 -2.45 55.90
N GLN M 47 -11.68 -1.11 55.85
CA GLN M 47 -12.91 -0.43 55.47
C GLN M 47 -13.10 -0.72 54.00
N LEU M 48 -12.00 -0.73 53.25
CA LEU M 48 -12.08 -1.03 51.83
C LEU M 48 -12.58 -2.45 51.63
N PHE M 49 -12.31 -3.31 52.60
CA PHE M 49 -12.74 -4.70 52.51
C PHE M 49 -14.24 -4.85 52.71
N LEU M 50 -14.89 -3.85 53.32
CA LEU M 50 -16.34 -3.94 53.50
C LEU M 50 -16.97 -3.87 52.13
N THR M 51 -16.36 -3.07 51.24
CA THR M 51 -16.85 -2.90 49.87
C THR M 51 -17.01 -4.26 49.20
N LYS M 52 -15.93 -5.04 49.22
CA LYS M 52 -15.93 -6.37 48.63
C LYS M 52 -16.79 -7.34 49.43
N GLY M 53 -17.33 -6.86 50.54
CA GLY M 53 -18.22 -7.68 51.36
C GLY M 53 -17.74 -8.46 52.56
N TRP M 54 -16.74 -7.96 53.28
CA TRP M 54 -16.23 -8.66 54.46
C TRP M 54 -16.41 -7.76 55.68
N PRO M 55 -17.31 -8.16 56.59
CA PRO M 55 -17.63 -7.43 57.82
C PRO M 55 -16.39 -7.05 58.60
N THR M 56 -16.43 -5.91 59.26
CA THR M 56 -15.30 -5.41 60.02
C THR M 56 -14.40 -6.44 60.69
N GLY M 57 -14.90 -7.16 61.70
CA GLY M 57 -14.05 -8.12 62.40
C GLY M 57 -13.56 -9.34 61.62
N SER M 58 -13.82 -9.36 60.33
CA SER M 58 -13.48 -10.47 59.47
C SER M 58 -12.04 -10.68 58.98
N VAL M 59 -11.39 -9.63 58.49
CA VAL M 59 -10.03 -9.76 57.94
C VAL M 59 -8.85 -9.54 58.88
N TYR M 60 -7.88 -10.45 58.89
CA TYR M 60 -6.67 -10.34 59.73
C TYR M 60 -5.36 -10.16 58.94
N PHE M 61 -4.43 -9.37 59.47
CA PHE M 61 -3.16 -9.11 58.79
C PHE M 61 -1.93 -9.64 59.53
N LYS M 62 -1.33 -10.83 59.07
CA LYS M 62 -0.14 -11.49 59.70
C LYS M 62 1.13 -11.14 58.85
N GLU M 63 2.15 -10.68 59.59
CA GLU M 63 3.49 -10.21 59.14
C GLU M 63 4.64 -11.24 59.19
N TYR M 64 4.98 -11.92 58.09
CA TYR M 64 6.11 -12.84 58.25
C TYR M 64 7.40 -12.07 58.05
N THR M 65 8.47 -11.97 58.62
CA THR M 65 9.49 -11.06 58.07
C THR M 65 10.41 -11.69 57.06
N ASP M 66 10.34 -13.00 56.90
CA ASP M 66 11.17 -13.63 55.89
C ASP M 66 10.49 -14.89 55.38
N ILE M 67 10.86 -15.33 54.20
CA ILE M 67 10.33 -16.60 53.73
C ILE M 67 10.79 -17.78 54.59
N ALA M 68 11.96 -17.71 55.18
CA ALA M 68 12.48 -18.79 56.02
C ALA M 68 11.74 -18.93 57.33
N SER M 69 11.49 -17.70 58.03
CA SER M 69 10.73 -17.85 59.29
C SER M 69 9.29 -18.25 59.05
N PHE M 70 8.66 -17.60 58.09
CA PHE M 70 7.28 -17.89 57.72
C PHE M 70 7.12 -19.36 57.39
N SER M 71 8.09 -19.90 56.66
CA SER M 71 8.07 -21.31 56.26
C SER M 71 8.00 -22.25 57.45
N VAL M 72 8.62 -21.85 58.55
CA VAL M 72 8.63 -22.67 59.76
C VAL M 72 7.27 -22.68 60.49
N ASP M 73 7.12 -21.25 61.08
CA ASP M 73 6.19 -20.79 62.09
C ASP M 73 4.75 -20.49 61.61
N PRO M 74 4.59 -20.57 60.28
CA PRO M 74 3.36 -20.54 59.45
C PRO M 74 2.20 -21.46 59.83
N GLN M 75 1.72 -21.33 61.05
CA GLN M 75 0.40 -21.85 61.37
C GLN M 75 -0.67 -20.88 60.93
N LEU M 76 -1.28 -21.33 59.98
CA LEU M 76 -2.37 -20.63 59.23
C LEU M 76 -3.49 -20.37 60.18
N TYR M 77 -3.80 -19.12 60.42
CA TYR M 77 -4.81 -18.78 61.43
C TYR M 77 -6.27 -18.75 60.96
N CYS M 78 -6.51 -18.29 59.77
CA CYS M 78 -7.86 -18.12 59.34
C CYS M 78 -8.29 -19.14 58.34
N ASP M 79 -9.62 -19.14 58.12
CA ASP M 79 -10.37 -19.99 57.18
C ASP M 79 -9.71 -19.94 55.80
N TYR M 80 -9.52 -18.68 55.32
CA TYR M 80 -8.88 -18.44 54.01
C TYR M 80 -7.57 -17.72 54.20
N ASN M 81 -6.51 -18.28 53.65
CA ASN M 81 -5.21 -17.66 53.77
C ASN M 81 -4.65 -17.32 52.39
N VAL M 82 -4.32 -16.07 52.17
CA VAL M 82 -3.73 -15.67 50.90
C VAL M 82 -2.40 -15.06 51.31
N VAL M 83 -1.31 -15.71 50.90
CA VAL M 83 0.03 -15.29 51.25
C VAL M 83 0.77 -14.60 50.10
N LEU M 84 1.28 -13.41 50.39
CA LEU M 84 2.01 -12.60 49.41
C LEU M 84 3.50 -12.88 49.49
N MET M 85 4.08 -13.32 48.36
CA MET M 85 5.50 -13.63 48.24
C MET M 85 6.12 -12.82 47.12
N LYS M 86 7.11 -11.98 47.43
CA LYS M 86 7.76 -11.15 46.42
C LYS M 86 9.12 -11.70 45.99
N TYR M 87 9.26 -11.93 44.71
CA TYR M 87 10.50 -12.55 44.22
C TYR M 87 11.82 -11.98 44.72
N ASP M 88 12.51 -12.97 45.33
CA ASP M 88 13.86 -12.94 45.84
C ASP M 88 14.48 -14.14 45.10
N ALA M 89 15.34 -13.84 44.17
CA ALA M 89 15.89 -14.87 43.28
C ALA M 89 16.86 -15.87 43.90
N THR M 90 17.49 -15.50 45.01
CA THR M 90 18.45 -16.44 45.66
C THR M 90 17.72 -17.41 46.54
N LEU M 91 16.55 -17.00 47.00
CA LEU M 91 15.69 -17.81 47.87
C LEU M 91 14.61 -18.68 47.15
N GLN M 92 14.68 -18.82 45.87
CA GLN M 92 13.71 -19.58 45.11
C GLN M 92 13.30 -20.95 45.71
N LEU M 93 14.29 -21.81 45.99
CA LEU M 93 13.98 -23.14 46.55
C LEU M 93 13.40 -23.00 47.96
N ASP M 94 13.74 -21.93 48.66
CA ASP M 94 13.24 -21.74 50.03
C ASP M 94 11.72 -21.56 50.07
N MET M 95 11.41 -20.72 48.91
CA MET M 95 10.09 -20.36 48.47
C MET M 95 9.30 -21.59 47.95
N SER M 96 9.91 -22.44 47.18
CA SER M 96 9.35 -23.65 46.59
C SER M 96 8.94 -24.65 47.67
N GLU M 97 9.86 -24.82 48.64
CA GLU M 97 9.67 -25.69 49.79
C GLU M 97 8.53 -25.12 50.65
N LEU M 98 8.45 -23.79 50.80
CA LEU M 98 7.36 -23.20 51.57
C LEU M 98 6.01 -23.32 50.85
N ALA M 99 6.04 -23.15 49.53
CA ALA M 99 4.81 -23.26 48.76
C ALA M 99 4.30 -24.68 48.87
N ASP M 100 5.20 -25.64 48.64
CA ASP M 100 4.90 -27.07 48.69
C ASP M 100 4.20 -27.43 50.01
N LEU M 101 4.52 -26.71 51.07
CA LEU M 101 3.91 -26.98 52.36
C LEU M 101 2.52 -26.35 52.53
N ILE M 102 2.35 -25.08 52.17
CA ILE M 102 1.06 -24.41 52.32
C ILE M 102 0.03 -24.89 51.32
N LEU M 103 0.41 -24.87 50.05
CA LEU M 103 -0.47 -25.28 48.96
C LEU M 103 -0.97 -26.71 49.04
N ASN M 104 -0.30 -27.54 49.83
CA ASN M 104 -0.68 -28.94 49.94
C ASN M 104 -1.13 -29.38 51.32
N GLU M 105 -1.76 -30.55 51.34
CA GLU M 105 -2.28 -31.17 52.54
C GLU M 105 -1.24 -32.18 53.09
N TRP M 106 -0.74 -32.18 54.28
CA TRP M 106 0.42 -32.97 54.73
C TRP M 106 0.02 -33.82 55.94
N LEU M 107 0.60 -35.00 56.03
CA LEU M 107 0.32 -35.91 57.16
C LEU M 107 1.76 -36.20 57.58
N CYS M 108 2.12 -35.97 58.85
CA CYS M 108 3.42 -36.32 59.41
C CYS M 108 3.42 -37.09 60.73
N ASN M 109 4.54 -37.78 60.95
CA ASN M 109 4.81 -38.56 62.16
C ASN M 109 6.19 -38.12 62.56
N PRO M 110 6.58 -38.37 63.81
CA PRO M 110 7.92 -37.97 64.26
C PRO M 110 8.96 -39.04 63.97
N MET M 111 10.20 -38.61 63.74
CA MET M 111 11.30 -39.51 63.44
C MET M 111 12.39 -39.47 64.51
N ASP M 112 12.91 -40.62 64.91
CA ASP M 112 13.97 -40.62 65.89
C ASP M 112 15.25 -40.99 65.18
N ILE M 113 15.95 -39.96 64.72
CA ILE M 113 17.20 -40.12 64.01
C ILE M 113 18.22 -40.92 64.79
N THR M 114 18.15 -40.83 66.12
CA THR M 114 19.07 -41.52 67.04
C THR M 114 19.00 -43.04 67.01
N LEU M 115 17.84 -43.60 67.32
CA LEU M 115 17.66 -45.05 67.40
C LEU M 115 17.26 -45.75 66.09
N TYR M 116 16.74 -45.35 64.77
CA TYR M 116 16.09 -46.15 63.71
C TYR M 116 16.42 -45.36 62.39
N TYR M 117 16.95 -46.15 61.47
CA TYR M 117 17.40 -45.58 60.25
C TYR M 117 16.24 -45.68 59.40
N TYR M 118 15.70 -44.62 58.81
CA TYR M 118 14.46 -44.86 58.03
C TYR M 118 14.65 -45.00 56.48
N GLN M 119 13.46 -44.99 55.67
CA GLN M 119 13.28 -45.13 54.15
C GLN M 119 11.91 -44.55 53.67
N GLN M 120 11.87 -43.90 52.48
CA GLN M 120 10.62 -43.32 52.02
C GLN M 120 9.98 -44.42 51.19
N THR M 121 8.66 -44.44 51.15
CA THR M 121 7.95 -45.49 50.44
C THR M 121 7.49 -45.24 49.01
N ASP M 122 6.82 -44.12 48.75
CA ASP M 122 6.30 -43.80 47.42
C ASP M 122 6.60 -42.36 47.00
N GLU M 123 6.13 -41.97 45.82
CA GLU M 123 6.39 -40.60 45.37
C GLU M 123 5.72 -39.60 46.31
N ALA M 124 5.09 -40.08 47.37
CA ALA M 124 4.40 -39.20 48.30
C ALA M 124 4.93 -39.22 49.73
N ASN M 125 5.99 -39.98 49.96
CA ASN M 125 6.57 -40.06 51.28
C ASN M 125 7.82 -39.18 51.23
N LYS M 126 7.80 -38.05 51.93
CA LYS M 126 8.94 -37.12 51.95
C LYS M 126 9.33 -36.76 53.37
N TRP M 127 10.56 -36.30 53.57
CA TRP M 127 10.99 -35.91 54.92
C TRP M 127 11.03 -34.40 55.07
N ILE M 128 10.03 -33.84 55.73
CA ILE M 128 9.99 -32.41 55.93
C ILE M 128 10.56 -32.00 57.29
N SER M 129 11.70 -31.34 57.26
CA SER M 129 12.39 -30.87 58.44
C SER M 129 12.43 -29.35 58.42
N MET M 130 12.36 -28.72 59.60
CA MET M 130 12.40 -27.25 59.68
C MET M 130 12.79 -26.71 61.07
N GLY M 131 13.45 -25.56 61.10
CA GLY M 131 13.87 -24.97 62.37
C GLY M 131 14.91 -23.87 62.21
N SER M 132 15.67 -23.61 63.28
CA SER M 132 16.71 -22.56 63.30
C SER M 132 17.68 -22.77 62.15
N SER M 133 18.40 -23.89 62.21
CA SER M 133 19.38 -24.23 61.19
C SER M 133 19.31 -25.71 60.92
N CYS M 134 18.71 -26.07 59.80
CA CYS M 134 18.57 -27.47 59.43
C CYS M 134 19.70 -28.01 58.54
N THR M 135 20.55 -28.88 59.09
CA THR M 135 21.64 -29.48 58.33
C THR M 135 21.54 -31.01 58.35
N ILE M 136 21.12 -31.57 57.22
CA ILE M 136 20.91 -33.01 57.08
C ILE M 136 21.92 -33.79 56.23
N LYS M 137 22.59 -34.77 56.83
CA LYS M 137 23.55 -35.62 56.14
C LYS M 137 22.93 -37.02 56.11
N VAL M 138 23.07 -37.73 55.00
CA VAL M 138 22.46 -39.05 54.88
C VAL M 138 23.42 -40.16 54.51
N CYS M 139 23.09 -41.39 54.90
CA CYS M 139 23.91 -42.55 54.57
C CYS M 139 23.05 -43.79 54.22
N PRO M 140 22.92 -44.08 52.92
CA PRO M 140 22.15 -45.20 52.38
C PRO M 140 22.66 -46.56 52.85
N LEU M 141 21.74 -47.42 53.25
CA LEU M 141 22.10 -48.73 53.75
C LEU M 141 21.73 -49.82 52.78
N ASN M 142 22.61 -50.80 52.63
CA ASN M 142 22.32 -51.93 51.77
C ASN M 142 21.49 -52.83 52.68
N THR M 143 21.02 -53.97 52.17
CA THR M 143 20.19 -54.87 52.95
C THR M 143 20.85 -55.54 54.15
N GLN M 144 21.91 -54.95 54.67
CA GLN M 144 22.63 -55.52 55.81
C GLN M 144 22.78 -54.53 56.95
N THR M 145 22.38 -53.29 56.70
CA THR M 145 22.50 -52.19 57.66
C THR M 145 23.94 -51.67 57.55
N LEU M 146 24.53 -51.87 56.38
CA LEU M 146 25.88 -51.41 56.12
C LEU M 146 25.85 -50.22 55.17
N GLY M 147 26.82 -49.32 55.30
CA GLY M 147 26.82 -48.16 54.44
C GLY M 147 27.09 -48.49 52.99
N ILE M 148 26.74 -47.56 52.09
CA ILE M 148 27.00 -47.71 50.67
C ILE M 148 27.63 -46.36 50.34
N GLY M 149 28.96 -46.33 50.40
CA GLY M 149 29.65 -45.07 50.15
C GLY M 149 29.81 -44.34 51.46
N CYS M 150 29.56 -45.06 52.55
CA CYS M 150 29.69 -44.49 53.89
C CYS M 150 29.81 -45.54 55.00
N LEU M 151 30.31 -45.08 56.14
CA LEU M 151 30.45 -45.93 57.31
C LEU M 151 29.43 -45.44 58.31
N THR M 152 28.43 -46.27 58.57
CA THR M 152 27.40 -45.92 59.52
C THR M 152 27.99 -45.45 60.84
N THR M 153 29.30 -45.47 60.97
CA THR M 153 29.97 -45.08 62.21
C THR M 153 30.52 -43.65 62.24
N ASP M 154 31.08 -43.16 61.13
CA ASP M 154 31.64 -41.80 61.07
C ASP M 154 30.88 -40.92 60.07
N THR M 155 30.13 -39.96 60.61
CA THR M 155 29.33 -39.02 59.81
C THR M 155 30.14 -38.13 58.89
N ALA M 156 31.46 -38.30 58.88
CA ALA M 156 32.29 -37.50 58.01
C ALA M 156 32.26 -38.14 56.62
N THR M 157 31.64 -39.32 56.54
CA THR M 157 31.52 -40.02 55.26
C THR M 157 30.11 -39.94 54.72
N PHE M 158 29.22 -39.30 55.48
CA PHE M 158 27.83 -39.17 55.06
C PHE M 158 27.71 -38.27 53.86
N GLU M 159 26.51 -38.18 53.30
CA GLU M 159 26.28 -37.33 52.13
C GLU M 159 25.40 -36.18 52.58
N GLU M 160 25.92 -34.95 52.50
CA GLU M 160 25.17 -33.76 52.92
C GLU M 160 24.14 -33.36 51.86
N VAL M 161 22.88 -33.24 52.28
CA VAL M 161 21.79 -32.89 51.36
C VAL M 161 21.01 -31.61 51.76
N ALA M 162 21.55 -30.88 52.72
CA ALA M 162 20.92 -29.66 53.20
C ALA M 162 21.89 -28.98 54.16
N THR M 163 22.29 -27.76 53.85
CA THR M 163 23.22 -27.07 54.73
C THR M 163 22.63 -25.83 55.38
N ALA M 164 22.07 -26.02 56.57
CA ALA M 164 21.50 -24.93 57.34
C ALA M 164 20.30 -24.20 56.74
N GLU M 165 19.24 -24.93 56.40
CA GLU M 165 18.05 -24.29 55.84
C GLU M 165 17.05 -24.16 56.98
N LYS M 166 16.02 -23.34 56.70
CA LYS M 166 14.93 -22.99 57.64
C LYS M 166 13.71 -23.86 57.41
N LEU M 167 13.62 -24.48 56.22
CA LEU M 167 12.55 -25.39 55.77
C LEU M 167 13.17 -26.25 54.69
N VAL M 168 13.04 -27.57 54.84
CA VAL M 168 13.59 -28.53 53.88
C VAL M 168 12.73 -29.76 53.65
N ILE M 169 12.41 -30.03 52.39
CA ILE M 169 11.65 -31.24 52.05
C ILE M 169 12.66 -32.13 51.31
N THR M 170 13.20 -33.09 52.05
CA THR M 170 14.21 -34.01 51.54
C THR M 170 13.64 -35.23 50.83
N ASP M 171 14.28 -35.61 49.75
CA ASP M 171 13.84 -36.73 48.94
C ASP M 171 15.00 -37.67 48.67
N VAL M 172 14.82 -38.95 49.00
CA VAL M 172 15.85 -39.97 48.76
C VAL M 172 15.30 -41.08 47.89
N VAL M 173 16.21 -41.86 47.29
CA VAL M 173 15.79 -42.96 46.43
C VAL M 173 14.82 -43.87 47.20
N ASP M 174 13.59 -43.94 46.71
CA ASP M 174 12.54 -44.75 47.33
C ASP M 174 12.89 -46.20 47.58
N GLY M 175 12.53 -46.70 48.75
CA GLY M 175 12.78 -48.09 49.10
C GLY M 175 14.20 -48.41 49.52
N VAL M 176 14.85 -47.50 50.23
CA VAL M 176 16.23 -47.74 50.67
C VAL M 176 16.36 -47.18 52.08
N ASN M 177 16.97 -47.93 52.98
CA ASN M 177 17.11 -47.43 54.32
C ASN M 177 18.28 -46.48 54.42
N HIS M 178 18.15 -45.49 55.29
CA HIS M 178 19.19 -44.49 55.47
C HIS M 178 19.46 -44.13 56.93
N LYS M 179 20.76 -44.13 57.37
CA LYS M 179 21.05 -43.64 58.73
C LYS M 179 21.07 -42.16 58.55
N LEU M 180 20.31 -41.43 59.35
CA LEU M 180 20.20 -39.99 59.17
C LEU M 180 20.99 -39.25 60.21
N ASP M 181 21.55 -38.11 59.83
CA ASP M 181 22.27 -37.30 60.79
C ASP M 181 21.85 -35.85 60.68
N VAL M 182 20.81 -35.49 61.40
CA VAL M 182 20.34 -34.13 61.38
C VAL M 182 20.94 -33.44 62.61
N THR M 183 20.88 -32.11 62.62
CA THR M 183 21.39 -31.34 63.74
C THR M 183 20.18 -31.01 64.61
N THR M 184 19.56 -32.06 65.15
CA THR M 184 18.36 -31.98 65.98
C THR M 184 18.34 -30.87 67.03
N ALA M 185 19.52 -30.33 67.36
CA ALA M 185 19.61 -29.26 68.34
C ALA M 185 18.79 -28.04 67.86
N THR M 186 19.06 -27.65 66.64
CA THR M 186 18.35 -26.55 65.97
C THR M 186 17.32 -27.10 64.92
N CYS M 187 17.25 -28.37 64.64
CA CYS M 187 16.29 -28.82 63.65
C CYS M 187 15.34 -29.90 64.19
N THR M 188 14.22 -29.98 63.43
CA THR M 188 13.26 -31.03 63.78
C THR M 188 12.96 -31.73 62.44
N ILE M 189 13.12 -33.05 62.33
CA ILE M 189 12.82 -33.71 61.05
C ILE M 189 11.68 -34.72 61.31
N ARG M 190 10.61 -34.61 60.38
CA ARG M 190 9.45 -35.47 60.55
C ARG M 190 9.13 -36.17 59.20
N ASN M 191 8.61 -37.39 59.31
CA ASN M 191 8.27 -38.19 58.14
C ASN M 191 6.84 -37.95 57.64
N CYS M 192 6.70 -37.23 56.53
CA CYS M 192 5.38 -36.91 55.99
C CYS M 192 4.94 -37.61 54.70
N LYS M 193 3.64 -37.93 54.67
CA LYS M 193 2.99 -38.51 53.51
C LYS M 193 2.12 -37.41 52.89
N LYS M 194 2.23 -37.12 51.57
CA LYS M 194 1.49 -35.99 50.95
C LYS M 194 0.09 -36.28 50.44
N LEU M 195 -0.49 -35.34 49.69
CA LEU M 195 -1.86 -35.67 49.33
C LEU M 195 -2.73 -34.52 48.92
N GLY M 196 -3.72 -34.49 49.78
CA GLY M 196 -4.69 -33.49 49.75
C GLY M 196 -3.93 -32.22 49.60
N PRO M 197 -4.57 -31.41 48.78
CA PRO M 197 -4.12 -30.10 48.46
C PRO M 197 -4.90 -29.17 49.32
N ARG M 198 -4.55 -27.95 49.11
CA ARG M 198 -5.19 -27.02 49.91
C ARG M 198 -6.14 -26.15 49.22
N GLU M 199 -7.31 -26.25 49.80
CA GLU M 199 -8.43 -25.50 49.38
C GLU M 199 -8.44 -24.17 50.11
N ASN M 200 -7.26 -23.59 50.37
CA ASN M 200 -7.18 -22.27 51.05
C ASN M 200 -6.09 -21.38 50.38
N VAL M 201 -4.88 -21.30 50.95
CA VAL M 201 -3.82 -20.51 50.33
C VAL M 201 -4.13 -20.31 48.88
N ALA M 202 -3.19 -19.10 48.69
CA ALA M 202 -3.32 -18.73 47.33
C ALA M 202 -2.10 -17.94 47.22
N VAL M 203 -1.03 -18.69 47.13
CA VAL M 203 0.18 -17.97 47.06
C VAL M 203 0.15 -16.98 45.93
N ILE M 204 0.20 -15.69 46.23
CA ILE M 204 0.25 -14.71 45.15
C ILE M 204 1.70 -14.28 45.06
N GLN M 205 2.27 -14.48 43.91
CA GLN M 205 3.64 -14.16 43.67
C GLN M 205 3.87 -12.77 43.10
N VAL M 206 4.72 -12.01 43.82
CA VAL M 206 5.22 -10.75 43.31
C VAL M 206 6.64 -11.10 42.94
N GLY M 207 6.72 -10.52 41.70
CA GLY M 207 7.73 -10.36 40.72
C GLY M 207 8.16 -11.58 39.93
N GLY M 208 9.15 -11.16 39.10
CA GLY M 208 9.97 -11.96 38.18
C GLY M 208 9.48 -12.12 36.77
N SER M 209 9.22 -13.33 36.51
CA SER M 209 8.61 -13.92 35.41
C SER M 209 8.42 -15.14 36.23
N ASP M 210 7.33 -15.83 36.22
CA ASP M 210 7.50 -17.10 36.87
C ASP M 210 6.82 -18.10 35.96
N VAL M 211 7.06 -19.25 36.40
CA VAL M 211 6.64 -20.53 36.03
C VAL M 211 7.23 -21.02 37.33
N LEU M 212 6.63 -21.99 37.91
CA LEU M 212 7.05 -22.51 39.21
C LEU M 212 7.07 -24.03 39.05
N ASP M 213 8.16 -24.69 39.36
CA ASP M 213 8.23 -26.13 39.30
C ASP M 213 8.23 -26.59 40.76
N ILE M 214 7.06 -26.97 41.25
CA ILE M 214 6.93 -27.39 42.64
C ILE M 214 6.90 -28.92 42.78
N THR M 215 7.39 -29.73 41.80
CA THR M 215 7.40 -31.19 42.00
C THR M 215 8.79 -31.63 42.35
N ALA M 216 8.92 -32.79 42.99
CA ALA M 216 10.25 -33.30 43.34
C ALA M 216 10.78 -34.00 42.16
N ASP M 217 9.89 -34.48 41.30
CA ASP M 217 10.37 -35.25 40.13
C ASP M 217 10.75 -34.27 38.95
N PRO M 218 10.93 -34.78 37.76
CA PRO M 218 11.31 -33.97 36.64
C PRO M 218 10.26 -34.15 35.65
N THR M 219 9.43 -35.10 35.99
CA THR M 219 8.50 -35.40 34.88
C THR M 219 7.31 -34.55 34.82
N THR M 220 6.79 -34.18 35.98
CA THR M 220 5.55 -33.40 36.13
C THR M 220 5.77 -31.95 36.50
N ALA M 221 4.83 -31.14 36.09
CA ALA M 221 4.80 -29.75 36.50
C ALA M 221 3.36 -29.37 36.77
N PRO M 222 2.95 -29.21 38.06
CA PRO M 222 1.58 -28.82 38.33
C PRO M 222 1.45 -27.36 38.71
N GLN M 223 0.47 -26.83 37.98
CA GLN M 223 -0.04 -25.49 37.95
C GLN M 223 -1.47 -25.51 38.48
N THR M 224 -1.64 -25.00 39.70
CA THR M 224 -2.97 -24.96 40.32
C THR M 224 -3.55 -23.55 40.37
N GLU M 225 -4.84 -23.45 40.68
CA GLU M 225 -5.53 -22.15 40.76
C GLU M 225 -5.06 -21.40 42.00
N ARG M 226 -4.70 -22.14 43.06
CA ARG M 226 -4.24 -21.56 44.33
C ARG M 226 -2.77 -21.11 44.23
N MET M 227 -2.36 -20.80 43.01
CA MET M 227 -0.99 -20.36 42.72
C MET M 227 -1.10 -19.18 41.74
N MET M 228 -1.37 -17.98 42.25
CA MET M 228 -1.55 -16.79 41.42
C MET M 228 -0.33 -15.89 41.30
N ARG M 229 -0.33 -14.95 40.33
CA ARG M 229 0.83 -14.02 40.16
C ARG M 229 0.36 -12.57 39.82
N ILE M 230 1.03 -11.59 40.46
CA ILE M 230 0.74 -10.16 40.30
C ILE M 230 1.98 -9.38 39.85
N ASN M 231 1.78 -8.39 38.98
CA ASN M 231 2.88 -7.56 38.48
C ASN M 231 3.19 -6.41 39.43
N TRP M 232 4.41 -6.44 39.97
CA TRP M 232 4.87 -5.44 40.92
C TRP M 232 5.00 -4.02 40.41
N LYS M 233 4.53 -3.09 41.21
CA LYS M 233 4.62 -1.67 40.92
C LYS M 233 5.04 -1.12 42.27
N LYS M 234 4.06 -1.02 43.16
CA LYS M 234 4.27 -0.53 44.50
C LYS M 234 3.44 -1.45 45.39
N TRP M 235 3.79 -1.52 46.67
CA TRP M 235 3.03 -2.38 47.56
C TRP M 235 1.60 -1.91 47.76
N TRP M 236 1.38 -0.61 47.83
CA TRP M 236 0.00 -0.14 48.02
C TRP M 236 -0.86 -0.69 46.89
N GLN M 237 -0.33 -0.70 45.68
CA GLN M 237 -1.06 -1.21 44.51
C GLN M 237 -1.37 -2.69 44.67
N VAL M 238 -0.40 -3.46 45.14
CA VAL M 238 -0.60 -4.89 45.33
C VAL M 238 -1.82 -5.11 46.22
N PHE M 239 -1.83 -4.48 47.39
CA PHE M 239 -2.95 -4.63 48.31
C PHE M 239 -4.26 -4.15 47.71
N TYR M 240 -4.23 -3.02 47.00
CA TYR M 240 -5.48 -2.55 46.38
C TYR M 240 -6.03 -3.65 45.51
N THR M 241 -5.18 -4.25 44.68
CA THR M 241 -5.62 -5.33 43.81
C THR M 241 -6.14 -6.53 44.59
N VAL M 242 -5.41 -6.94 45.61
CA VAL M 242 -5.84 -8.07 46.43
C VAL M 242 -7.25 -7.79 46.96
N VAL M 243 -7.49 -6.54 47.39
CA VAL M 243 -8.82 -6.17 47.89
C VAL M 243 -9.81 -6.09 46.73
N ASP M 244 -9.46 -5.36 45.68
CA ASP M 244 -10.38 -5.23 44.55
C ASP M 244 -10.84 -6.59 43.94
N TYR M 245 -10.06 -7.67 44.22
CA TYR M 245 -10.31 -9.03 43.70
C TYR M 245 -10.29 -10.14 44.74
N VAL M 246 -10.71 -9.80 45.95
CA VAL M 246 -10.79 -10.73 47.07
C VAL M 246 -11.60 -11.96 46.75
N ASN M 247 -12.78 -11.75 46.21
CA ASN M 247 -13.68 -12.85 45.92
C ASN M 247 -13.15 -13.76 44.83
N GLN M 248 -12.54 -13.17 43.85
CA GLN M 248 -11.97 -13.90 42.75
C GLN M 248 -10.89 -14.81 43.31
N ILE M 249 -10.07 -14.26 44.21
CA ILE M 249 -8.99 -14.98 44.87
C ILE M 249 -9.55 -16.05 45.82
N ILE M 250 -10.60 -15.70 46.56
CA ILE M 250 -11.23 -16.64 47.48
C ILE M 250 -11.86 -17.77 46.69
N GLN M 251 -12.54 -17.44 45.60
CA GLN M 251 -13.20 -18.43 44.77
C GLN M 251 -12.24 -19.46 44.19
N ALA M 252 -10.98 -19.08 44.04
CA ALA M 252 -9.97 -19.99 43.54
C ALA M 252 -9.48 -20.98 44.62
N MET M 253 -9.96 -20.83 45.90
CA MET M 253 -9.62 -21.66 47.10
C MET M 253 -10.88 -22.48 47.57
N SER M 254 -11.43 -22.13 48.77
CA SER M 254 -12.72 -22.64 49.36
C SER M 254 -12.77 -23.87 50.25
N LYS M 255 -13.10 -23.58 51.54
CA LYS M 255 -13.26 -24.59 52.53
C LYS M 255 -11.98 -24.83 53.24
#